data_8BU2
#
_entry.id   8BU2
#
_cell.length_a   249.896
_cell.length_b   249.896
_cell.length_c   218.570
_cell.angle_alpha   90.000
_cell.angle_beta   90.000
_cell.angle_gamma   120.000
#
_symmetry.space_group_name_H-M   'P 31 2 1'
#
loop_
_entity.id
_entity.type
_entity.pdbx_description
1 polymer 'DNA damage-binding protein 1'
2 polymer 'Cyclin-dependent kinase 12'
3 polymer Cyclin-K
4 non-polymer 'SULFATE ION'
5 non-polymer ~{N}-[[5,6-bis(chloranyl)-1~{H}-benzimidazol-2-yl]methyl]-2-morpholin-4-yl-9-propan-2-yl-purin-6-amine
#
loop_
_entity_poly.entity_id
_entity_poly.type
_entity_poly.pdbx_seq_one_letter_code
_entity_poly.pdbx_strand_id
1 'polypeptide(L)'
;GGGRMSYNYVVTAQKPTAVNGCVTGHFTSAEDLNLLIAKNTRLEIYVVTAEGLRPVKEVGMYGKIAVMELFRPKGESKDL
LFILTAKYNACILEYKQSGESIDIITRAHGNVQDRIGRPSETGIIGIIDPECRMIGLRLYDGLFKVIPLDRDNKELKAFN
IRLEELHVIDVKFLYGCQAPTICFVYQDPQGRHVKTYEVSLREKEFNKGPWKQENVEAEASMVIAVPEPFGGAIIIGQES
ITYHNGDKYLAIAPPIIKQSTIVCHNRVDPNGSRYLLGDMEGRLFMLLLEKEEQMDGTVTLKDLRVELLGETSIAECLTY
LDNGVVFVGSRLGDSQLVKLNVDSNEQGSYVVAMETFTNLGPIVDMCVVDLERQGQGQLVTCSGAFKEGSLRIIRNGIGG
NGNSGEIQKLHIRTVPLYESPRKICYQEVSQCFGVLSSRIEVQDTSGGTTALRPSASTQALSSSVSSSKLFSSSTAPHET
SFGEEVEVHNLLIIDQHTFEVLHAHQFLQNEYALSLVSCKLGKDPNTYFIVGTAMVYPEEAEPKQGRIVVFQYSDGKLQT
VAEKEVKGAVYSMVEFNGKLLASINSTVRLYEWTTEKELRTECNHYNNIMALYLKTKGDFILVGDLMRSVLLLAYKPMEG
NFEEIARDFNPNWMSAVEILDDDNFLGAENAFNLFVCQKDSAATTDEERQHLQEVGLFHLGEFVNVFCHGSLVMQNLGET
STPTQGSVLFGTVNGMIGLVTSLSESWYNLLLDMQNRLNKVIKSVGKIEHSFWRSFHTERKTEPATGFIDGDLIESFLDI
SRPKMQEVVANLQYDDGSGMKREATADDLIKVVEELTRIH
;
A,D,G
2 'polypeptide(L)'
;GGGRRQTESDWGKRCVDKFDIIGIIGEGTYGQVYKAKDKDTGELVALKKVRLDNEKEGFPITAIREIKILRQLIHRSVVN
MKEIVTDKQDALDFKKDKGAFYLVFEYMDHDLMGLLESGLVHFSEDHIKSFMKQLMEGLEYCHKKNFLHRDIKCSNILLN
NSGQIKLADFGLARLYNSEESRPY(TPO)NKVITLWYRPPELLLGEERYTPAIDVWSCGCILGELFTKKPIFQANLELAQ
LELISRLCGSPCPAVWPDVIRLPYFNTMKPKKQYRRRLREEFSFIPSAALDLLDHMLTLDPSKRCTAEQTLQSDFLKDVE
LSKMAPPDLPHWQDCHELWSKKRRRQRQ
;
B,E,H
3 'polypeptide(L)'
;GGGRMKENKENSSPSVTSANLDHTKPCWYWDKKDLAHTPSQLEGLDPATEARYRREGARFIFDVGTRLGLHYDTLATGII
YFHRFYMFHSFKQFPRYVTGACCLFLAGKVEETPKKCKDIIKTARSLLNDVQFGQFGDDPKEEVMVLERILLQTIKFDLQ
VEHPYQFLLKYAKQLKGDKNKIQKLVQMAWTFVNDSLCTTLSLQWEPEIIAVAVMYLAGRLCKFEIQEWTSKPMYRRWWE
QFVQDVPVDVLEDICHQILDLYSQGKQQMPH
;
C,F,I
#
# COMPACT_ATOMS: atom_id res chain seq x y z
N MET A 5 -45.57 40.43 -9.55
CA MET A 5 -46.57 39.73 -8.68
C MET A 5 -47.10 38.52 -9.46
N SER A 6 -47.72 37.57 -8.78
CA SER A 6 -48.33 36.40 -9.41
C SER A 6 -49.79 36.27 -9.02
N TYR A 7 -50.58 35.66 -9.91
CA TYR A 7 -52.02 35.54 -9.75
C TYR A 7 -52.42 34.09 -9.96
N ASN A 8 -53.06 33.49 -8.95
CA ASN A 8 -53.43 32.08 -9.00
C ASN A 8 -54.81 31.88 -8.37
N TYR A 9 -55.42 30.74 -8.69
CA TYR A 9 -56.78 30.37 -8.33
C TYR A 9 -56.76 28.96 -7.74
N VAL A 10 -57.46 28.75 -6.62
CA VAL A 10 -57.46 27.47 -5.94
C VAL A 10 -58.89 27.02 -5.70
N VAL A 11 -59.23 25.81 -6.15
CA VAL A 11 -60.57 25.24 -5.99
C VAL A 11 -60.49 23.86 -5.38
N THR A 12 -61.57 23.46 -4.71
CA THR A 12 -61.75 22.10 -4.22
C THR A 12 -62.42 21.24 -5.29
N ALA A 13 -61.80 20.11 -5.61
CA ALA A 13 -62.43 19.13 -6.50
C ALA A 13 -63.17 18.05 -5.72
N GLN A 14 -62.67 17.66 -4.55
CA GLN A 14 -63.35 16.75 -3.64
C GLN A 14 -63.21 17.35 -2.25
N LYS A 15 -64.32 17.47 -1.53
CA LYS A 15 -64.26 18.02 -0.19
C LYS A 15 -63.58 17.03 0.75
N PRO A 16 -63.10 17.53 1.89
CA PRO A 16 -62.52 16.63 2.90
C PRO A 16 -63.47 15.52 3.28
N THR A 17 -62.95 14.29 3.34
CA THR A 17 -63.75 13.11 3.63
C THR A 17 -63.46 12.45 4.98
N ALA A 18 -62.31 12.73 5.60
CA ALA A 18 -61.99 12.11 6.87
C ALA A 18 -62.82 12.73 7.97
N VAL A 19 -63.29 11.90 8.90
CA VAL A 19 -64.16 12.36 9.97
C VAL A 19 -63.29 12.79 11.15
N ASN A 20 -63.41 14.07 11.52
CA ASN A 20 -62.64 14.64 12.61
C ASN A 20 -63.35 14.52 13.94
N GLY A 21 -64.66 14.40 13.92
CA GLY A 21 -65.41 14.20 15.15
C GLY A 21 -66.88 13.94 14.85
N CYS A 22 -67.56 13.38 15.84
CA CYS A 22 -68.98 13.08 15.71
C CYS A 22 -69.64 13.11 17.08
N VAL A 23 -70.79 13.79 17.13
CA VAL A 23 -71.60 13.95 18.34
C VAL A 23 -73.03 13.61 18.00
N THR A 24 -73.81 13.31 19.03
CA THR A 24 -75.24 13.11 18.90
C THR A 24 -75.97 14.02 19.87
N GLY A 25 -77.25 14.23 19.57
CA GLY A 25 -78.08 15.06 20.42
C GLY A 25 -79.36 15.43 19.72
N HIS A 26 -79.94 16.54 20.18
CA HIS A 26 -81.24 17.01 19.73
C HIS A 26 -81.04 18.45 19.26
N PHE A 27 -80.38 18.59 18.11
CA PHE A 27 -79.95 19.88 17.60
C PHE A 27 -80.97 20.51 16.65
N THR A 28 -81.52 19.73 15.71
CA THR A 28 -82.44 20.29 14.74
C THR A 28 -83.83 20.49 15.33
N SER A 29 -84.24 19.62 16.24
CA SER A 29 -85.51 19.73 16.93
C SER A 29 -85.35 19.04 18.29
N ALA A 30 -86.10 19.50 19.28
CA ALA A 30 -86.01 18.84 20.58
C ALA A 30 -86.46 17.38 20.51
N GLU A 31 -87.07 16.99 19.41
CA GLU A 31 -87.67 15.67 19.19
C GLU A 31 -86.78 14.71 18.42
N ASP A 32 -86.12 15.18 17.36
CA ASP A 32 -85.28 14.32 16.54
C ASP A 32 -83.99 13.90 17.25
N LEU A 33 -83.47 12.75 16.85
CA LEU A 33 -82.12 12.34 17.22
C LEU A 33 -81.19 12.70 16.06
N ASN A 34 -80.21 13.55 16.35
CA ASN A 34 -79.30 14.06 15.35
C ASN A 34 -77.94 13.39 15.46
N LEU A 35 -77.25 13.31 14.34
CA LEU A 35 -75.84 12.97 14.29
C LEU A 35 -75.12 14.10 13.56
N LEU A 36 -74.24 14.79 14.27
CA LEU A 36 -73.42 15.84 13.65
C LEU A 36 -72.03 15.27 13.40
N ILE A 37 -71.61 15.27 12.14
CA ILE A 37 -70.31 14.76 11.73
C ILE A 37 -69.47 15.95 11.29
N ALA A 38 -68.26 16.05 11.82
CA ALA A 38 -67.35 17.14 11.50
C ALA A 38 -66.22 16.63 10.63
N LYS A 39 -66.14 17.12 9.40
CA LYS A 39 -64.95 16.97 8.57
C LYS A 39 -64.24 18.31 8.52
N ASN A 40 -62.96 18.30 8.15
CA ASN A 40 -62.19 19.53 8.25
C ASN A 40 -62.95 20.65 7.51
N THR A 41 -63.31 21.71 8.23
CA THR A 41 -64.02 22.88 7.72
C THR A 41 -65.47 22.61 7.32
N ARG A 42 -65.94 21.36 7.41
CA ARG A 42 -67.29 20.99 6.98
C ARG A 42 -68.06 20.37 8.15
N LEU A 43 -69.32 20.80 8.33
CA LEU A 43 -70.23 20.22 9.30
C LEU A 43 -71.41 19.55 8.58
N GLU A 44 -71.64 18.27 8.87
CA GLU A 44 -72.75 17.52 8.28
C GLU A 44 -73.77 17.18 9.37
N ILE A 45 -75.03 17.50 9.12
CA ILE A 45 -76.11 17.27 10.08
C ILE A 45 -77.04 16.20 9.51
N TYR A 46 -77.25 15.14 10.29
CA TYR A 46 -78.11 14.03 9.90
C TYR A 46 -79.22 13.85 10.94
N VAL A 47 -80.26 13.11 10.56
CA VAL A 47 -81.30 12.71 11.49
C VAL A 47 -81.37 11.19 11.50
N VAL A 48 -81.39 10.61 12.69
CA VAL A 48 -81.31 9.16 12.86
C VAL A 48 -82.67 8.54 12.60
N THR A 49 -82.72 7.60 11.67
CA THR A 49 -83.90 6.83 11.32
C THR A 49 -83.68 5.38 11.74
N ALA A 50 -84.63 4.51 11.39
CA ALA A 50 -84.46 3.10 11.66
C ALA A 50 -83.66 2.34 10.60
N GLU A 51 -83.37 2.95 9.44
CA GLU A 51 -82.55 2.30 8.42
C GLU A 51 -81.14 2.84 8.34
N GLY A 52 -80.93 4.06 8.80
CA GLY A 52 -79.67 4.74 8.66
C GLY A 52 -79.82 6.20 8.99
N LEU A 53 -79.20 7.06 8.19
CA LEU A 53 -79.19 8.48 8.43
C LEU A 53 -79.92 9.22 7.31
N ARG A 54 -80.70 10.21 7.68
CA ARG A 54 -81.30 11.09 6.70
C ARG A 54 -80.51 12.39 6.71
N PRO A 55 -79.78 12.74 5.65
CA PRO A 55 -79.09 14.05 5.66
C PRO A 55 -80.12 15.16 5.63
N VAL A 56 -79.80 16.27 6.31
CA VAL A 56 -80.73 17.40 6.38
C VAL A 56 -80.02 18.69 5.99
N LYS A 57 -78.74 18.83 6.36
CA LYS A 57 -78.05 20.09 6.13
C LYS A 57 -76.55 19.89 6.17
N GLU A 58 -75.84 20.64 5.34
CA GLU A 58 -74.38 20.73 5.42
C GLU A 58 -73.96 22.18 5.25
N VAL A 59 -73.08 22.65 6.15
CA VAL A 59 -72.54 23.99 6.06
C VAL A 59 -71.02 23.89 6.06
N GLY A 60 -70.37 24.90 5.48
CA GLY A 60 -68.96 25.11 5.65
C GLY A 60 -68.71 26.23 6.63
N MET A 61 -67.55 26.17 7.29
CA MET A 61 -67.10 27.22 8.19
C MET A 61 -65.73 27.70 7.74
N TYR A 62 -65.44 28.97 8.00
CA TYR A 62 -64.15 29.55 7.62
C TYR A 62 -63.12 29.27 8.72
N GLY A 63 -62.84 27.97 8.90
CA GLY A 63 -61.97 27.50 9.96
C GLY A 63 -61.97 25.98 10.10
N LYS A 64 -60.89 25.43 10.64
CA LYS A 64 -60.82 24.02 10.97
C LYS A 64 -61.56 23.76 12.28
N ILE A 65 -62.48 22.80 12.26
CA ILE A 65 -63.30 22.54 13.44
C ILE A 65 -62.47 21.77 14.46
N ALA A 66 -62.13 22.42 15.57
CA ALA A 66 -61.32 21.82 16.62
C ALA A 66 -62.16 21.27 17.77
N VAL A 67 -63.16 22.01 18.22
CA VAL A 67 -64.08 21.55 19.26
C VAL A 67 -65.49 21.54 18.68
N MET A 68 -66.24 20.49 18.99
CA MET A 68 -67.64 20.38 18.59
C MET A 68 -68.40 19.67 19.70
N GLU A 69 -69.39 20.35 20.28
CA GLU A 69 -70.14 19.81 21.39
C GLU A 69 -71.56 20.34 21.37
N LEU A 70 -72.51 19.50 21.76
CA LEU A 70 -73.91 19.90 21.91
C LEU A 70 -74.23 20.02 23.40
N PHE A 71 -75.04 21.03 23.73
CA PHE A 71 -75.47 21.28 25.10
C PHE A 71 -76.84 21.96 25.05
N ARG A 72 -77.56 21.91 26.17
CA ARG A 72 -78.90 22.49 26.25
C ARG A 72 -79.06 23.26 27.55
N PRO A 73 -78.82 24.57 27.53
CA PRO A 73 -78.94 25.34 28.78
C PRO A 73 -80.39 25.49 29.20
N LYS A 74 -80.61 25.57 30.51
CA LYS A 74 -81.97 25.74 31.03
C LYS A 74 -82.64 26.92 30.33
N GLY A 75 -83.85 26.67 29.83
CA GLY A 75 -84.61 27.66 29.10
C GLY A 75 -84.66 27.44 27.61
N GLU A 76 -83.77 26.60 27.08
CA GLU A 76 -83.78 26.28 25.66
C GLU A 76 -84.62 25.01 25.44
N SER A 77 -85.34 24.96 24.32
CA SER A 77 -86.11 23.77 23.98
C SER A 77 -85.23 22.66 23.44
N LYS A 78 -84.11 23.01 22.80
CA LYS A 78 -83.32 22.05 22.05
C LYS A 78 -81.85 22.39 22.23
N ASP A 79 -81.01 21.46 21.77
CA ASP A 79 -79.58 21.58 21.98
C ASP A 79 -79.00 22.72 21.15
N LEU A 80 -78.02 23.40 21.71
CA LEU A 80 -77.21 24.37 20.99
C LEU A 80 -75.85 23.75 20.71
N LEU A 81 -75.17 24.29 19.71
CA LEU A 81 -73.91 23.72 19.23
C LEU A 81 -72.78 24.71 19.51
N PHE A 82 -71.73 24.21 20.16
CA PHE A 82 -70.52 24.98 20.35
C PHE A 82 -69.44 24.48 19.40
N ILE A 83 -68.78 25.39 18.72
CA ILE A 83 -67.66 25.07 17.85
C ILE A 83 -66.54 26.06 18.12
N LEU A 84 -65.31 25.56 18.16
CA LEU A 84 -64.10 26.38 18.26
C LEU A 84 -63.20 25.97 17.11
N THR A 85 -62.71 26.95 16.35
CA THR A 85 -61.86 26.60 15.24
C THR A 85 -60.41 26.56 15.72
N ALA A 86 -59.54 25.98 14.88
CA ALA A 86 -58.14 25.87 15.24
C ALA A 86 -57.44 27.23 15.30
N LYS A 87 -58.04 28.28 14.71
CA LYS A 87 -57.52 29.65 14.88
C LYS A 87 -58.14 30.35 16.08
N TYR A 88 -58.80 29.61 16.96
CA TYR A 88 -59.36 30.09 18.21
C TYR A 88 -60.59 30.97 17.97
N ASN A 89 -61.33 30.70 16.90
CA ASN A 89 -62.63 31.33 16.65
C ASN A 89 -63.70 30.49 17.33
N ALA A 90 -64.43 31.10 18.28
CA ALA A 90 -65.49 30.41 19.01
C ALA A 90 -66.86 30.94 18.60
N CYS A 91 -67.87 30.09 18.73
CA CYS A 91 -69.24 30.50 18.45
C CYS A 91 -70.22 29.50 19.02
N ILE A 92 -71.45 29.98 19.26
CA ILE A 92 -72.58 29.13 19.63
C ILE A 92 -73.60 29.22 18.51
N LEU A 93 -74.06 28.07 18.03
CA LEU A 93 -74.90 27.99 16.85
C LEU A 93 -76.26 27.37 17.17
N GLU A 94 -77.27 27.81 16.42
CA GLU A 94 -78.63 27.27 16.52
C GLU A 94 -79.20 26.94 15.15
N TYR A 95 -79.86 25.79 15.07
CA TYR A 95 -80.61 25.36 13.89
C TYR A 95 -81.99 26.00 13.91
N LYS A 96 -82.40 26.58 12.79
CA LYS A 96 -83.72 27.18 12.64
C LYS A 96 -84.27 26.83 11.27
N GLN A 97 -85.51 26.37 11.23
CA GLN A 97 -86.14 25.90 9.99
C GLN A 97 -87.49 26.59 9.86
N SER A 98 -87.74 27.17 8.69
CA SER A 98 -88.99 27.85 8.40
C SER A 98 -89.58 27.13 7.19
N GLY A 99 -90.35 26.08 7.44
CA GLY A 99 -90.86 25.32 6.31
C GLY A 99 -89.69 24.69 5.57
N GLU A 100 -89.54 25.10 4.31
CA GLU A 100 -88.51 24.61 3.42
C GLU A 100 -87.17 25.32 3.60
N SER A 101 -87.13 26.43 4.32
CA SER A 101 -85.92 27.24 4.47
C SER A 101 -85.14 26.83 5.72
N ILE A 102 -83.94 26.28 5.54
CA ILE A 102 -83.08 25.87 6.65
C ILE A 102 -81.88 26.81 6.74
N ASP A 103 -81.64 27.39 7.92
CA ASP A 103 -80.50 28.28 8.14
C ASP A 103 -79.90 28.01 9.52
N ILE A 104 -78.65 28.46 9.69
CA ILE A 104 -77.90 28.29 10.93
C ILE A 104 -77.63 29.65 11.57
N ILE A 105 -78.10 29.82 12.81
CA ILE A 105 -78.05 31.08 13.53
C ILE A 105 -76.76 31.15 14.33
N THR A 106 -76.09 32.31 14.30
CA THR A 106 -74.92 32.55 15.15
C THR A 106 -75.42 33.30 16.39
N ARG A 107 -75.51 32.58 17.51
CA ARG A 107 -76.06 33.17 18.74
C ARG A 107 -75.02 33.96 19.52
N ALA A 108 -73.77 33.51 19.52
CA ALA A 108 -72.68 34.18 20.20
C ALA A 108 -71.40 33.85 19.43
N HIS A 109 -70.45 34.77 19.47
CA HIS A 109 -69.19 34.52 18.76
C HIS A 109 -68.09 35.46 19.24
N GLY A 110 -66.86 34.99 19.08
CA GLY A 110 -65.68 35.78 19.40
C GLY A 110 -64.44 34.92 19.29
N ASN A 111 -63.28 35.59 19.30
CA ASN A 111 -61.99 34.91 19.20
C ASN A 111 -61.31 34.92 20.56
N VAL A 112 -60.94 33.74 21.05
CA VAL A 112 -60.51 33.57 22.43
C VAL A 112 -58.98 33.47 22.53
N GLN A 113 -58.26 33.83 21.49
CA GLN A 113 -56.81 33.71 21.49
C GLN A 113 -56.20 34.64 22.53
N ASP A 114 -55.17 34.14 23.22
CA ASP A 114 -54.44 34.92 24.20
C ASP A 114 -53.17 35.49 23.56
N ARG A 115 -52.83 36.72 23.95
CA ARG A 115 -51.61 37.35 23.46
C ARG A 115 -50.39 36.53 23.82
N ILE A 116 -50.38 35.93 25.02
CA ILE A 116 -49.26 35.15 25.50
C ILE A 116 -49.76 33.79 25.95
N GLY A 117 -49.10 32.73 25.46
CA GLY A 117 -49.44 31.37 25.86
C GLY A 117 -48.70 30.32 25.05
N ARG A 118 -48.50 29.14 25.65
CA ARG A 118 -47.86 28.04 24.95
C ARG A 118 -48.90 27.03 24.49
N PRO A 119 -49.03 26.80 23.20
CA PRO A 119 -49.94 25.73 22.72
C PRO A 119 -49.58 24.39 23.32
N SER A 120 -50.59 23.68 23.83
CA SER A 120 -50.36 22.44 24.56
C SER A 120 -50.10 21.26 23.62
N GLU A 121 -49.35 20.28 24.13
CA GLU A 121 -48.96 19.13 23.31
C GLU A 121 -50.18 18.31 22.90
N THR A 122 -51.10 18.07 23.82
CA THR A 122 -52.29 17.28 23.52
C THR A 122 -53.39 18.11 22.87
N GLY A 123 -53.06 19.30 22.40
CA GLY A 123 -53.96 20.05 21.55
C GLY A 123 -55.06 20.74 22.33
N ILE A 124 -55.90 21.45 21.57
CA ILE A 124 -57.05 22.13 22.15
C ILE A 124 -57.99 21.08 22.73
N ILE A 125 -58.46 21.31 23.96
CA ILE A 125 -59.51 20.49 24.55
C ILE A 125 -60.66 21.41 24.93
N GLY A 126 -61.87 21.02 24.57
CA GLY A 126 -63.05 21.75 24.95
C GLY A 126 -64.10 20.87 25.59
N ILE A 127 -64.61 21.27 26.75
CA ILE A 127 -65.61 20.52 27.49
C ILE A 127 -66.67 21.48 28.01
N ILE A 128 -67.84 20.94 28.31
CA ILE A 128 -68.95 21.74 28.82
C ILE A 128 -69.53 21.09 30.07
N ASP A 129 -69.85 21.93 31.03
CA ASP A 129 -70.39 21.53 32.31
C ASP A 129 -71.70 20.76 32.15
N PRO A 130 -71.95 19.75 32.99
CA PRO A 130 -73.25 19.05 32.91
C PRO A 130 -74.46 19.93 33.16
N GLU A 131 -74.32 20.96 33.99
CA GLU A 131 -75.39 21.93 34.17
C GLU A 131 -75.31 23.06 33.16
N CYS A 132 -74.45 22.92 32.14
CA CYS A 132 -74.28 23.93 31.11
C CYS A 132 -74.09 25.32 31.73
N ARG A 133 -73.32 25.36 32.82
CA ARG A 133 -73.00 26.65 33.41
C ARG A 133 -71.83 27.33 32.70
N MET A 134 -70.92 26.56 32.09
CA MET A 134 -69.74 27.13 31.49
C MET A 134 -69.13 26.19 30.46
N ILE A 135 -68.27 26.76 29.62
CA ILE A 135 -67.43 26.02 28.67
C ILE A 135 -66.00 26.08 29.19
N GLY A 136 -65.36 24.91 29.29
CA GLY A 136 -63.94 24.83 29.63
C GLY A 136 -63.11 24.64 28.38
N LEU A 137 -62.02 25.40 28.30
CA LEU A 137 -61.06 25.28 27.21
C LEU A 137 -59.66 25.10 27.77
N ARG A 138 -58.93 24.11 27.25
CA ARG A 138 -57.51 23.93 27.53
C ARG A 138 -56.78 24.28 26.23
N LEU A 139 -56.36 25.53 26.12
CA LEU A 139 -55.65 25.99 24.93
C LEU A 139 -54.14 26.05 25.15
N TYR A 140 -53.70 26.45 26.34
CA TYR A 140 -52.29 26.66 26.61
C TYR A 140 -51.84 25.93 27.86
N ASP A 141 -50.58 25.54 27.86
CA ASP A 141 -49.98 24.90 29.04
C ASP A 141 -50.06 25.87 30.21
N GLY A 142 -50.50 25.35 31.36
CA GLY A 142 -50.54 26.14 32.57
C GLY A 142 -51.71 27.07 32.69
N LEU A 143 -52.68 27.00 31.79
CA LEU A 143 -53.85 27.85 31.86
C LEU A 143 -55.12 27.10 31.53
N PHE A 144 -56.21 27.46 32.22
CA PHE A 144 -57.55 26.94 31.97
C PHE A 144 -58.46 28.14 31.72
N LYS A 145 -59.05 28.19 30.52
CA LYS A 145 -59.90 29.30 30.13
C LYS A 145 -61.36 28.93 30.33
N VAL A 146 -62.12 29.84 30.93
CA VAL A 146 -63.52 29.64 31.23
C VAL A 146 -64.34 30.66 30.47
N ILE A 147 -65.25 30.18 29.63
CA ILE A 147 -66.32 31.01 29.06
C ILE A 147 -67.57 30.71 29.85
N PRO A 148 -68.04 31.61 30.73
CA PRO A 148 -69.29 31.34 31.44
C PRO A 148 -70.48 31.49 30.51
N LEU A 149 -71.41 30.55 30.62
CA LEU A 149 -72.57 30.53 29.71
C LEU A 149 -73.74 31.30 30.30
N ASP A 150 -73.56 32.60 30.50
CA ASP A 150 -74.67 33.46 30.88
C ASP A 150 -75.33 34.01 29.61
N ARG A 151 -76.61 34.39 29.76
CA ARG A 151 -77.38 34.89 28.62
C ARG A 151 -76.73 36.10 27.98
N ASP A 152 -76.01 36.91 28.77
CA ASP A 152 -75.51 38.17 28.27
C ASP A 152 -74.19 38.04 27.52
N ASN A 153 -73.51 36.90 27.64
CA ASN A 153 -72.17 36.76 27.08
C ASN A 153 -72.23 36.45 25.59
N LYS A 154 -72.79 37.39 24.83
CA LYS A 154 -72.96 37.17 23.41
C LYS A 154 -71.62 37.24 22.68
N GLU A 155 -70.60 37.82 23.30
CA GLU A 155 -69.27 37.91 22.71
C GLU A 155 -68.34 36.79 23.22
N LEU A 156 -68.84 35.90 24.06
CA LEU A 156 -68.06 34.80 24.62
C LEU A 156 -66.78 35.30 25.29
N LYS A 157 -66.93 36.32 26.13
CA LYS A 157 -65.80 36.80 26.93
C LYS A 157 -65.43 35.77 27.99
N ALA A 158 -64.14 35.69 28.30
CA ALA A 158 -63.64 34.63 29.15
C ALA A 158 -62.45 35.12 29.98
N PHE A 159 -62.12 34.33 31.00
CA PHE A 159 -60.98 34.58 31.88
C PHE A 159 -60.16 33.32 32.07
N ASN A 160 -58.92 33.51 32.48
CA ASN A 160 -57.98 32.42 32.70
C ASN A 160 -57.72 32.19 34.18
N ILE A 161 -57.74 30.93 34.57
CA ILE A 161 -57.38 30.50 35.91
C ILE A 161 -56.00 29.87 35.83
N ARG A 162 -55.08 30.33 36.68
CA ARG A 162 -53.77 29.72 36.69
C ARG A 162 -53.90 28.25 37.05
N LEU A 163 -53.20 27.41 36.30
CA LEU A 163 -53.18 25.97 36.50
C LEU A 163 -51.75 25.57 36.80
N GLU A 164 -51.55 24.91 37.95
CA GLU A 164 -50.19 24.56 38.36
C GLU A 164 -49.65 23.39 37.55
N GLU A 165 -50.52 22.50 37.08
CA GLU A 165 -50.11 21.31 36.33
C GLU A 165 -49.94 21.69 34.86
N LEU A 166 -48.68 21.85 34.43
CA LEU A 166 -48.43 22.43 33.12
C LEU A 166 -48.74 21.45 31.99
N HIS A 167 -48.51 20.16 32.20
CA HIS A 167 -48.63 19.17 31.14
C HIS A 167 -49.87 18.32 31.42
N VAL A 168 -51.00 18.74 30.85
CA VAL A 168 -52.28 18.07 31.02
C VAL A 168 -52.51 17.15 29.84
N ILE A 169 -52.88 15.91 30.13
CA ILE A 169 -53.18 14.95 29.07
C ILE A 169 -54.61 15.08 28.60
N ASP A 170 -55.59 15.00 29.52
CA ASP A 170 -56.99 15.10 29.15
C ASP A 170 -57.80 15.57 30.35
N VAL A 171 -58.93 16.23 30.07
CA VAL A 171 -59.78 16.76 31.12
C VAL A 171 -61.25 16.65 30.73
N LYS A 172 -62.09 16.40 31.73
CA LYS A 172 -63.54 16.33 31.56
C LYS A 172 -64.21 17.00 32.76
N PHE A 173 -65.42 17.50 32.54
CA PHE A 173 -66.27 17.96 33.63
C PHE A 173 -66.97 16.75 34.24
N LEU A 174 -66.91 16.62 35.57
CA LEU A 174 -67.43 15.44 36.23
C LEU A 174 -68.93 15.57 36.48
N TYR A 175 -69.57 14.44 36.71
CA TYR A 175 -71.00 14.35 36.97
C TYR A 175 -71.19 14.12 38.46
N GLY A 176 -72.25 14.71 39.02
CA GLY A 176 -72.59 14.44 40.40
C GLY A 176 -71.89 15.30 41.45
N CYS A 177 -71.55 16.53 41.14
CA CYS A 177 -70.75 17.36 42.01
C CYS A 177 -71.52 18.60 42.48
N GLN A 178 -71.24 18.98 43.73
CA GLN A 178 -71.92 20.13 44.33
C GLN A 178 -71.58 21.43 43.61
N ALA A 179 -70.40 21.50 43.01
CA ALA A 179 -69.96 22.63 42.20
C ALA A 179 -69.39 22.10 40.90
N PRO A 180 -69.28 22.96 39.87
CA PRO A 180 -68.60 22.53 38.63
C PRO A 180 -67.21 21.99 38.93
N THR A 181 -66.94 20.74 38.52
CA THR A 181 -65.70 20.06 38.85
C THR A 181 -65.06 19.45 37.63
N ILE A 182 -63.73 19.56 37.55
CA ILE A 182 -62.95 18.96 36.48
C ILE A 182 -62.11 17.81 37.02
N CYS A 183 -61.98 16.76 36.21
CA CYS A 183 -61.07 15.66 36.48
C CYS A 183 -60.10 15.60 35.31
N PHE A 184 -58.80 15.64 35.62
CA PHE A 184 -57.79 15.71 34.58
C PHE A 184 -56.60 14.83 34.94
N VAL A 185 -56.05 14.18 33.92
CA VAL A 185 -54.78 13.47 34.05
C VAL A 185 -53.66 14.40 33.62
N TYR A 186 -52.58 14.45 34.39
CA TYR A 186 -51.48 15.33 34.08
C TYR A 186 -50.18 14.56 34.23
N GLN A 187 -49.13 15.13 33.65
CA GLN A 187 -47.80 14.53 33.69
C GLN A 187 -46.80 15.52 34.27
N ASP A 188 -46.01 15.05 35.22
CA ASP A 188 -44.88 15.76 35.81
C ASP A 188 -43.77 14.71 35.90
N PRO A 189 -42.59 15.06 36.43
CA PRO A 189 -41.48 14.09 36.39
C PRO A 189 -41.73 12.81 37.15
N GLN A 190 -42.69 12.79 38.08
CA GLN A 190 -42.90 11.60 38.91
C GLN A 190 -43.87 10.62 38.26
N GLY A 191 -44.29 10.87 37.03
CA GLY A 191 -45.24 10.01 36.37
C GLY A 191 -46.52 10.75 36.04
N ARG A 192 -47.61 10.01 35.83
CA ARG A 192 -48.91 10.59 35.57
C ARG A 192 -49.81 10.43 36.79
N HIS A 193 -50.76 11.35 36.90
CA HIS A 193 -51.63 11.45 38.06
C HIS A 193 -53.00 11.88 37.58
N VAL A 194 -54.01 11.57 38.38
CA VAL A 194 -55.37 12.04 38.18
C VAL A 194 -55.67 12.99 39.34
N LYS A 195 -56.23 14.15 39.03
CA LYS A 195 -56.46 15.19 40.03
C LYS A 195 -57.80 15.85 39.73
N THR A 196 -58.42 16.42 40.76
CA THR A 196 -59.71 17.08 40.61
C THR A 196 -59.65 18.49 41.22
N TYR A 197 -60.37 19.43 40.59
CA TYR A 197 -60.51 20.79 41.06
C TYR A 197 -61.97 21.21 40.89
N GLU A 198 -62.43 22.17 41.69
CA GLU A 198 -63.72 22.83 41.49
C GLU A 198 -63.51 24.22 40.90
N VAL A 199 -64.42 24.65 40.04
CA VAL A 199 -64.30 25.92 39.32
C VAL A 199 -65.37 26.88 39.85
N SER A 200 -64.93 28.00 40.40
CA SER A 200 -65.84 28.99 40.98
C SER A 200 -65.93 30.22 40.08
N LEU A 201 -67.09 30.39 39.43
CA LEU A 201 -67.31 31.59 38.63
C LEU A 201 -67.31 32.84 39.49
N ARG A 202 -67.81 32.74 40.72
CA ARG A 202 -67.86 33.89 41.62
C ARG A 202 -66.45 34.34 41.97
N GLU A 203 -65.59 33.40 42.36
CA GLU A 203 -64.21 33.73 42.72
C GLU A 203 -63.26 33.73 41.52
N LYS A 204 -63.66 33.17 40.38
CA LYS A 204 -62.79 33.12 39.20
C LYS A 204 -61.44 32.49 39.55
N GLU A 205 -61.50 31.32 40.20
CA GLU A 205 -60.31 30.57 40.57
C GLU A 205 -60.73 29.12 40.83
N PHE A 206 -59.72 28.26 41.02
CA PHE A 206 -59.95 26.89 41.43
C PHE A 206 -60.03 26.81 42.95
N ASN A 207 -60.86 25.88 43.46
CA ASN A 207 -60.88 25.49 44.86
C ASN A 207 -60.59 24.00 44.92
N LYS A 208 -60.22 23.50 46.10
CA LYS A 208 -59.87 22.09 46.18
C LYS A 208 -61.02 21.21 45.72
N GLY A 209 -60.68 20.18 44.95
CA GLY A 209 -61.66 19.34 44.30
C GLY A 209 -62.17 18.23 45.19
N PRO A 210 -63.22 17.54 44.73
CA PRO A 210 -63.89 16.58 45.62
C PRO A 210 -62.96 15.50 46.13
N TRP A 211 -62.19 14.86 45.26
CA TRP A 211 -61.44 13.70 45.71
C TRP A 211 -59.95 13.78 45.46
N LYS A 212 -59.25 12.92 46.20
CA LYS A 212 -57.81 12.84 46.27
C LYS A 212 -57.21 12.42 44.94
N GLN A 213 -55.95 12.83 44.75
CA GLN A 213 -55.20 12.39 43.59
C GLN A 213 -54.85 10.91 43.75
N GLU A 214 -54.70 10.22 42.63
CA GLU A 214 -54.11 8.90 42.61
C GLU A 214 -53.06 8.85 41.50
N ASN A 215 -52.02 8.05 41.73
CA ASN A 215 -51.05 7.77 40.69
C ASN A 215 -51.66 6.81 39.69
N VAL A 216 -51.50 7.12 38.41
CA VAL A 216 -52.12 6.34 37.34
C VAL A 216 -51.05 5.81 36.41
N GLU A 217 -51.50 4.96 35.49
CA GLU A 217 -50.63 4.35 34.50
C GLU A 217 -49.82 5.41 33.75
N ALA A 218 -48.57 5.05 33.43
CA ALA A 218 -47.67 5.99 32.78
C ALA A 218 -48.21 6.46 31.43
N GLU A 219 -48.99 5.63 30.74
CA GLU A 219 -49.59 6.00 29.46
C GLU A 219 -51.10 6.18 29.56
N ALA A 220 -51.58 6.66 30.71
CA ALA A 220 -52.98 7.06 30.86
C ALA A 220 -53.36 8.09 29.82
N SER A 221 -54.33 7.78 28.96
CA SER A 221 -54.63 8.59 27.79
C SER A 221 -55.95 9.34 27.82
N MET A 222 -57.05 8.74 28.32
CA MET A 222 -58.37 9.35 28.17
C MET A 222 -59.14 9.34 29.49
N VAL A 223 -59.95 10.37 29.68
CA VAL A 223 -60.79 10.54 30.87
C VAL A 223 -62.25 10.42 30.43
N ILE A 224 -63.01 9.56 31.11
CA ILE A 224 -64.43 9.38 30.84
C ILE A 224 -65.20 9.86 32.06
N ALA A 225 -66.16 10.76 31.86
CA ALA A 225 -66.99 11.26 32.95
C ALA A 225 -68.19 10.32 33.07
N VAL A 226 -68.16 9.44 34.06
CA VAL A 226 -69.21 8.45 34.22
C VAL A 226 -70.42 9.17 34.81
N PRO A 227 -71.63 8.89 34.29
CA PRO A 227 -72.82 9.68 34.68
C PRO A 227 -73.44 9.27 36.01
N GLU A 228 -74.60 9.86 36.34
CA GLU A 228 -75.00 9.97 37.74
C GLU A 228 -75.20 8.66 38.48
N PRO A 229 -75.74 7.57 37.91
CA PRO A 229 -75.92 6.37 38.75
C PRO A 229 -74.65 5.96 39.47
N PHE A 230 -73.53 5.87 38.74
CA PHE A 230 -72.19 5.78 39.31
C PHE A 230 -71.46 7.06 38.88
N GLY A 231 -71.26 8.01 39.79
CA GLY A 231 -70.55 9.22 39.40
C GLY A 231 -69.06 9.04 39.66
N GLY A 232 -68.24 9.52 38.75
CA GLY A 232 -66.81 9.34 38.90
C GLY A 232 -66.13 9.52 37.53
N ALA A 233 -64.98 8.87 37.40
CA ALA A 233 -64.21 8.91 36.16
C ALA A 233 -63.64 7.53 35.85
N ILE A 234 -63.49 7.24 34.57
CA ILE A 234 -62.80 6.04 34.12
C ILE A 234 -61.58 6.51 33.33
N ILE A 235 -60.40 6.00 33.69
CA ILE A 235 -59.14 6.39 33.09
C ILE A 235 -58.67 5.23 32.23
N ILE A 236 -58.54 5.46 30.93
CA ILE A 236 -58.15 4.44 29.96
C ILE A 236 -56.64 4.57 29.71
N GLY A 237 -55.94 3.45 29.73
CA GLY A 237 -54.51 3.45 29.40
C GLY A 237 -54.11 2.53 28.26
N GLN A 238 -52.84 2.12 28.25
CA GLN A 238 -52.37 1.11 27.31
C GLN A 238 -52.63 -0.29 27.85
N GLU A 239 -52.43 -0.49 29.15
CA GLU A 239 -52.61 -1.81 29.76
C GLU A 239 -53.81 -1.91 30.70
N SER A 240 -54.30 -0.81 31.27
CA SER A 240 -55.31 -0.91 32.32
C SER A 240 -56.40 0.15 32.17
N ILE A 241 -57.57 -0.17 32.73
CA ILE A 241 -58.71 0.73 32.86
C ILE A 241 -59.04 0.85 34.35
N THR A 242 -59.11 2.09 34.85
CA THR A 242 -59.27 2.34 36.28
C THR A 242 -60.45 3.29 36.52
N TYR A 243 -61.28 2.96 37.51
CA TYR A 243 -62.40 3.79 37.94
C TYR A 243 -62.06 4.47 39.27
N HIS A 244 -62.30 5.78 39.37
CA HIS A 244 -62.04 6.55 40.57
C HIS A 244 -63.30 7.32 40.93
N ASN A 245 -63.75 7.22 42.19
CA ASN A 245 -64.85 8.06 42.64
C ASN A 245 -64.56 8.86 43.90
N GLY A 246 -63.43 8.65 44.55
CA GLY A 246 -63.07 9.48 45.68
C GLY A 246 -62.45 8.66 46.79
N ASP A 247 -63.20 7.65 47.22
CA ASP A 247 -62.70 6.58 48.06
C ASP A 247 -62.64 5.24 47.33
N LYS A 248 -63.08 5.21 46.08
CA LYS A 248 -63.19 3.99 45.29
C LYS A 248 -62.05 3.88 44.29
N TYR A 249 -61.41 2.71 44.25
CA TYR A 249 -60.43 2.39 43.22
C TYR A 249 -60.76 1.00 42.71
N LEU A 250 -60.92 0.87 41.40
CA LEU A 250 -61.19 -0.39 40.71
C LEU A 250 -60.28 -0.41 39.49
N ALA A 251 -59.57 -1.52 39.29
CA ALA A 251 -58.63 -1.62 38.18
C ALA A 251 -58.74 -2.98 37.51
N ILE A 252 -59.10 -2.98 36.24
CA ILE A 252 -59.07 -4.17 35.39
C ILE A 252 -57.95 -4.02 34.38
N ALA A 253 -57.16 -5.08 34.18
CA ALA A 253 -56.03 -5.06 33.26
C ALA A 253 -56.07 -6.30 32.40
N PRO A 254 -57.08 -6.42 31.55
CA PRO A 254 -57.23 -7.62 30.71
C PRO A 254 -56.17 -7.64 29.64
N PRO A 255 -55.54 -8.80 29.39
CA PRO A 255 -54.44 -8.83 28.40
C PRO A 255 -54.85 -8.47 26.98
N ILE A 256 -56.13 -8.41 26.66
CA ILE A 256 -56.51 -8.23 25.27
C ILE A 256 -56.22 -6.79 24.82
N ILE A 257 -56.40 -5.82 25.72
CA ILE A 257 -56.21 -4.43 25.33
C ILE A 257 -54.73 -4.01 25.23
N LYS A 258 -53.82 -4.74 25.87
CA LYS A 258 -52.40 -4.42 25.76
C LYS A 258 -51.89 -4.50 24.33
N GLN A 259 -52.57 -5.27 23.48
CA GLN A 259 -52.07 -5.52 22.13
C GLN A 259 -52.18 -4.31 21.23
N SER A 260 -53.18 -3.45 21.42
CA SER A 260 -53.36 -2.29 20.57
C SER A 260 -53.90 -1.11 21.37
N THR A 261 -53.38 0.07 21.07
CA THR A 261 -53.72 1.28 21.82
C THR A 261 -55.19 1.64 21.59
N ILE A 262 -55.91 1.89 22.68
CA ILE A 262 -57.29 2.36 22.60
C ILE A 262 -57.30 3.86 22.37
N VAL A 263 -58.12 4.31 21.44
CA VAL A 263 -58.10 5.71 21.00
C VAL A 263 -59.46 6.41 21.06
N CYS A 264 -60.58 5.71 21.18
CA CYS A 264 -61.86 6.39 21.26
C CYS A 264 -62.78 5.68 22.24
N HIS A 265 -63.69 6.47 22.83
CA HIS A 265 -64.68 5.96 23.77
C HIS A 265 -65.99 6.69 23.53
N ASN A 266 -67.10 6.04 23.88
CA ASN A 266 -68.40 6.70 23.82
C ASN A 266 -69.38 5.94 24.70
N ARG A 267 -70.35 6.66 25.25
CA ARG A 267 -71.35 6.09 26.16
C ARG A 267 -72.51 5.46 25.40
N VAL A 268 -72.86 4.23 25.79
CA VAL A 268 -73.95 3.51 25.15
C VAL A 268 -75.22 3.77 25.96
N ASP A 269 -75.21 3.32 27.22
CA ASP A 269 -76.35 3.45 28.11
C ASP A 269 -76.25 4.76 28.86
N PRO A 270 -77.25 5.64 28.80
CA PRO A 270 -77.11 6.95 29.49
C PRO A 270 -76.88 6.82 30.98
N ASN A 271 -77.15 5.65 31.58
CA ASN A 271 -76.85 5.47 33.00
C ASN A 271 -75.38 5.14 33.26
N GLY A 272 -74.57 4.99 32.22
CA GLY A 272 -73.15 4.72 32.38
C GLY A 272 -72.79 3.26 32.50
N SER A 273 -73.77 2.37 32.37
CA SER A 273 -73.52 0.95 32.58
C SER A 273 -72.66 0.35 31.48
N ARG A 274 -72.73 0.90 30.27
CA ARG A 274 -71.98 0.36 29.13
C ARG A 274 -71.31 1.48 28.35
N TYR A 275 -70.04 1.27 28.02
CA TYR A 275 -69.25 2.18 27.20
C TYR A 275 -68.62 1.41 26.05
N LEU A 276 -68.38 2.11 24.94
CA LEU A 276 -67.68 1.53 23.80
C LEU A 276 -66.25 2.04 23.76
N LEU A 277 -65.32 1.12 23.44
CA LEU A 277 -63.91 1.43 23.30
C LEU A 277 -63.45 0.89 21.95
N GLY A 278 -62.63 1.69 21.27
CA GLY A 278 -62.06 1.28 20.00
C GLY A 278 -60.56 1.44 20.01
N ASP A 279 -59.89 0.63 19.18
CA ASP A 279 -58.44 0.58 19.17
C ASP A 279 -57.92 0.73 17.74
N MET A 280 -56.60 0.84 17.63
CA MET A 280 -55.96 1.21 16.38
C MET A 280 -55.83 0.05 15.40
N GLU A 281 -56.22 -1.15 15.79
CA GLU A 281 -56.31 -2.30 14.88
C GLU A 281 -57.73 -2.59 14.46
N GLY A 282 -58.65 -1.66 14.71
CA GLY A 282 -60.02 -1.80 14.32
C GLY A 282 -60.88 -2.52 15.33
N ARG A 283 -60.31 -2.98 16.44
CA ARG A 283 -61.11 -3.74 17.38
C ARG A 283 -62.08 -2.82 18.12
N LEU A 284 -63.28 -3.31 18.34
CA LEU A 284 -64.32 -2.60 19.06
C LEU A 284 -64.65 -3.40 20.31
N PHE A 285 -64.54 -2.75 21.47
CA PHE A 285 -64.79 -3.40 22.75
C PHE A 285 -66.04 -2.81 23.40
N MET A 286 -66.60 -3.59 24.33
CA MET A 286 -67.64 -3.09 25.23
C MET A 286 -67.05 -3.05 26.64
N LEU A 287 -67.09 -1.88 27.26
CA LEU A 287 -66.68 -1.73 28.64
C LEU A 287 -67.96 -1.74 29.47
N LEU A 288 -68.12 -2.75 30.31
CA LEU A 288 -69.35 -2.96 31.06
C LEU A 288 -69.10 -2.66 32.53
N LEU A 289 -69.97 -1.82 33.10
CA LEU A 289 -69.89 -1.43 34.50
C LEU A 289 -70.90 -2.22 35.31
N GLU A 290 -70.38 -3.12 36.16
CA GLU A 290 -71.18 -4.02 36.99
C GLU A 290 -71.63 -3.31 38.26
N LYS A 291 -72.94 -3.22 38.49
CA LYS A 291 -73.47 -2.50 39.64
C LYS A 291 -73.96 -3.42 40.76
N GLU A 292 -73.65 -3.03 41.99
CA GLU A 292 -74.18 -3.63 43.20
C GLU A 292 -75.00 -2.56 43.92
N GLU A 293 -76.24 -2.87 44.28
CA GLU A 293 -77.06 -1.94 45.03
C GLU A 293 -77.00 -2.26 46.53
N GLN A 294 -76.98 -1.20 47.34
CA GLN A 294 -76.98 -1.33 48.79
C GLN A 294 -78.36 -0.99 49.31
N MET A 295 -78.78 -1.68 50.37
CA MET A 295 -80.06 -1.34 50.98
C MET A 295 -80.08 0.09 51.48
N ASP A 296 -78.92 0.73 51.61
CA ASP A 296 -78.86 2.15 51.90
C ASP A 296 -79.72 2.90 50.89
N GLY A 297 -79.98 2.28 49.74
CA GLY A 297 -80.67 2.89 48.62
C GLY A 297 -79.71 3.36 47.56
N THR A 298 -78.43 3.24 47.84
CA THR A 298 -77.34 3.69 46.98
C THR A 298 -76.76 2.58 46.11
N VAL A 299 -76.41 2.93 44.89
CA VAL A 299 -75.76 2.05 43.93
C VAL A 299 -74.27 2.26 43.97
N THR A 300 -73.51 1.18 43.82
CA THR A 300 -72.06 1.22 43.80
C THR A 300 -71.56 0.48 42.56
N LEU A 301 -70.31 0.75 42.17
CA LEU A 301 -69.66 0.03 41.09
C LEU A 301 -68.99 -1.19 41.68
N LYS A 302 -69.38 -2.37 41.21
CA LYS A 302 -68.85 -3.62 41.75
C LYS A 302 -67.56 -4.05 41.05
N ASP A 303 -67.53 -3.98 39.73
CA ASP A 303 -66.38 -4.44 38.97
C ASP A 303 -66.50 -3.90 37.56
N LEU A 304 -65.39 -3.97 36.83
CA LEU A 304 -65.36 -3.60 35.42
C LEU A 304 -65.02 -4.86 34.61
N ARG A 305 -65.61 -4.96 33.43
CA ARG A 305 -65.42 -6.07 32.51
C ARG A 305 -65.19 -5.49 31.12
N VAL A 306 -64.38 -6.16 30.31
CA VAL A 306 -64.15 -5.75 28.94
C VAL A 306 -64.45 -6.94 28.04
N GLU A 307 -65.30 -6.73 27.03
CA GLU A 307 -65.72 -7.79 26.12
C GLU A 307 -65.49 -7.33 24.68
N LEU A 308 -64.83 -8.17 23.89
CA LEU A 308 -64.55 -7.87 22.48
C LEU A 308 -65.80 -8.12 21.63
N LEU A 309 -66.18 -7.14 20.83
CA LEU A 309 -67.35 -7.24 19.96
C LEU A 309 -67.02 -7.64 18.53
N GLY A 310 -65.97 -7.07 17.93
CA GLY A 310 -65.64 -7.39 16.55
C GLY A 310 -64.68 -6.39 15.95
N GLU A 311 -64.82 -6.17 14.65
CA GLU A 311 -63.94 -5.26 13.92
C GLU A 311 -64.75 -4.17 13.23
N THR A 312 -64.18 -2.95 13.28
CA THR A 312 -64.64 -1.77 12.57
C THR A 312 -63.44 -1.21 11.81
N SER A 313 -63.64 -0.07 11.15
CA SER A 313 -62.49 0.66 10.62
C SER A 313 -61.74 1.34 11.76
N ILE A 314 -60.43 1.49 11.59
CA ILE A 314 -59.62 2.20 12.57
C ILE A 314 -60.26 3.58 12.75
N ALA A 315 -60.89 3.82 13.90
CA ALA A 315 -61.81 4.94 14.05
C ALA A 315 -61.28 6.03 14.97
N GLU A 316 -61.37 7.29 14.48
CA GLU A 316 -61.06 8.45 15.31
C GLU A 316 -62.17 8.75 16.33
N CYS A 317 -63.42 8.61 15.91
CA CYS A 317 -64.54 8.92 16.78
C CYS A 317 -65.57 7.80 16.64
N LEU A 318 -66.21 7.45 17.75
CA LEU A 318 -67.31 6.52 17.79
C LEU A 318 -68.53 7.25 18.33
N THR A 319 -69.70 6.91 17.81
CA THR A 319 -70.91 7.40 18.44
C THR A 319 -72.00 6.36 18.24
N TYR A 320 -72.62 5.96 19.35
CA TYR A 320 -73.74 5.02 19.34
C TYR A 320 -75.01 5.80 19.06
N LEU A 321 -75.78 5.35 18.08
CA LEU A 321 -77.02 6.05 17.74
C LEU A 321 -78.22 5.48 18.47
N ASP A 322 -78.73 4.36 18.00
CA ASP A 322 -79.90 3.77 18.65
C ASP A 322 -80.03 2.33 18.23
N ASN A 323 -80.75 1.57 19.06
CA ASN A 323 -80.99 0.16 18.77
C ASN A 323 -79.59 -0.45 18.78
N GLY A 324 -79.17 -1.14 17.73
CA GLY A 324 -77.82 -1.68 17.67
C GLY A 324 -76.85 -0.89 16.79
N VAL A 325 -77.21 0.30 16.34
CA VAL A 325 -76.46 1.00 15.30
C VAL A 325 -75.46 1.98 15.90
N VAL A 326 -74.22 1.90 15.38
CA VAL A 326 -73.09 2.70 15.83
C VAL A 326 -72.49 3.39 14.61
N PHE A 327 -72.16 4.67 14.75
CA PHE A 327 -71.43 5.35 13.69
C PHE A 327 -69.93 5.33 13.98
N VAL A 328 -69.16 4.79 13.05
CA VAL A 328 -67.70 4.69 13.14
C VAL A 328 -67.11 5.78 12.27
N GLY A 329 -66.58 6.83 12.89
CA GLY A 329 -65.96 7.88 12.12
C GLY A 329 -64.46 7.67 11.99
N SER A 330 -63.99 7.36 10.78
CA SER A 330 -62.58 7.07 10.58
C SER A 330 -61.91 8.19 9.80
N ARG A 331 -60.64 8.39 10.14
CA ARG A 331 -59.72 9.33 9.52
C ARG A 331 -58.66 8.63 8.70
N LEU A 332 -58.52 7.32 8.86
CA LEU A 332 -57.54 6.51 8.17
C LEU A 332 -58.17 5.52 7.21
N GLY A 333 -59.48 5.33 7.28
CA GLY A 333 -60.20 4.43 6.39
C GLY A 333 -61.62 4.90 6.20
N ASP A 334 -62.43 4.09 5.52
CA ASP A 334 -63.83 4.42 5.32
C ASP A 334 -64.55 4.48 6.67
N SER A 335 -65.48 5.43 6.79
CA SER A 335 -66.37 5.48 7.93
C SER A 335 -67.52 4.50 7.74
N GLN A 336 -68.24 4.21 8.83
CA GLN A 336 -69.24 3.16 8.73
C GLN A 336 -70.44 3.38 9.63
N LEU A 337 -71.52 2.70 9.27
CA LEU A 337 -72.59 2.30 10.17
C LEU A 337 -72.44 0.80 10.39
N VAL A 338 -72.42 0.37 11.64
CA VAL A 338 -72.33 -1.04 11.97
C VAL A 338 -73.43 -1.33 13.00
N LYS A 339 -73.95 -2.55 12.97
CA LYS A 339 -74.96 -2.98 13.93
C LYS A 339 -74.35 -3.96 14.91
N LEU A 340 -74.58 -3.73 16.20
CA LEU A 340 -74.14 -4.63 17.25
C LEU A 340 -75.27 -5.60 17.56
N ASN A 341 -74.98 -6.90 17.47
CA ASN A 341 -75.98 -7.91 17.70
C ASN A 341 -75.79 -8.53 19.08
N VAL A 342 -76.90 -9.00 19.66
CA VAL A 342 -76.82 -9.68 20.94
C VAL A 342 -76.18 -11.05 20.78
N ASP A 343 -76.49 -11.72 19.68
CA ASP A 343 -75.91 -13.02 19.34
C ASP A 343 -74.76 -12.83 18.37
N SER A 344 -73.68 -13.55 18.63
CA SER A 344 -72.54 -13.54 17.74
C SER A 344 -72.86 -14.34 16.47
N ASN A 345 -72.13 -14.05 15.40
CA ASN A 345 -72.28 -14.84 14.19
C ASN A 345 -71.39 -16.08 14.32
N GLU A 346 -71.34 -16.90 13.27
CA GLU A 346 -70.60 -18.16 13.36
C GLU A 346 -69.10 -17.97 13.49
N GLN A 347 -68.58 -16.79 13.23
CA GLN A 347 -67.16 -16.49 13.38
C GLN A 347 -66.84 -15.96 14.76
N GLY A 348 -67.85 -15.74 15.61
CA GLY A 348 -67.67 -15.18 16.92
C GLY A 348 -67.86 -13.68 17.04
N SER A 349 -68.24 -13.00 15.97
CA SER A 349 -68.35 -11.55 15.96
C SER A 349 -69.77 -11.09 16.24
N TYR A 350 -69.89 -10.00 17.00
CA TYR A 350 -71.17 -9.35 17.24
C TYR A 350 -71.39 -8.14 16.34
N VAL A 351 -70.45 -7.84 15.44
CA VAL A 351 -70.48 -6.62 14.65
C VAL A 351 -70.67 -7.02 13.19
N VAL A 352 -71.64 -6.39 12.53
CA VAL A 352 -71.91 -6.63 11.12
C VAL A 352 -72.08 -5.27 10.44
N ALA A 353 -71.32 -5.05 9.37
CA ALA A 353 -71.33 -3.76 8.70
C ALA A 353 -72.65 -3.53 7.97
N MET A 354 -73.17 -2.30 8.09
CA MET A 354 -74.36 -1.90 7.35
C MET A 354 -74.04 -1.10 6.10
N GLU A 355 -73.41 0.06 6.27
CA GLU A 355 -73.09 0.95 5.18
C GLU A 355 -71.62 1.35 5.28
N THR A 356 -71.06 1.73 4.15
CA THR A 356 -69.67 2.18 4.10
C THR A 356 -69.61 3.51 3.38
N PHE A 357 -69.06 4.51 4.07
CA PHE A 357 -68.97 5.88 3.58
C PHE A 357 -67.54 6.14 3.10
N THR A 358 -67.39 6.51 1.84
CA THR A 358 -66.07 6.65 1.25
C THR A 358 -65.23 7.70 1.98
N ASN A 359 -64.01 7.33 2.31
CA ASN A 359 -62.99 8.23 2.84
C ASN A 359 -61.73 8.06 2.01
N LEU A 360 -61.35 9.11 1.27
CA LEU A 360 -60.08 9.02 0.55
C LEU A 360 -58.87 9.00 1.48
N GLY A 361 -59.11 9.01 2.79
CA GLY A 361 -58.08 8.78 3.78
C GLY A 361 -56.91 9.72 3.57
N PRO A 362 -55.80 9.47 4.25
CA PRO A 362 -54.57 10.19 3.91
C PRO A 362 -54.17 9.84 2.48
N ILE A 363 -53.95 10.86 1.66
CA ILE A 363 -53.44 10.66 0.31
C ILE A 363 -51.92 10.83 0.42
N VAL A 364 -51.21 9.71 0.48
CA VAL A 364 -49.77 9.78 0.68
C VAL A 364 -49.06 10.14 -0.63
N ASP A 365 -49.62 9.71 -1.75
CA ASP A 365 -49.09 9.98 -3.07
C ASP A 365 -50.23 9.75 -4.05
N MET A 366 -50.04 10.20 -5.28
CA MET A 366 -51.02 9.95 -6.33
C MET A 366 -50.41 10.30 -7.68
N CYS A 367 -51.02 9.77 -8.74
CA CYS A 367 -50.60 10.08 -10.09
C CYS A 367 -51.82 10.12 -11.00
N VAL A 368 -51.71 10.85 -12.10
CA VAL A 368 -52.78 10.96 -13.09
C VAL A 368 -52.37 10.15 -14.31
N VAL A 369 -53.23 9.22 -14.71
CA VAL A 369 -53.03 8.32 -15.84
C VAL A 369 -54.37 8.11 -16.52
N ASP A 370 -54.32 7.86 -17.82
CA ASP A 370 -55.50 7.67 -18.66
C ASP A 370 -55.64 6.19 -18.99
N LEU A 371 -56.32 5.46 -18.09
CA LEU A 371 -56.49 4.03 -18.23
C LEU A 371 -57.44 3.69 -19.38
N GLU A 372 -58.54 4.43 -19.47
CA GLU A 372 -59.57 4.26 -20.49
C GLU A 372 -59.18 4.83 -21.86
N ARG A 373 -58.07 5.58 -21.96
CA ARG A 373 -57.64 6.23 -23.20
C ARG A 373 -58.72 7.13 -23.79
N GLN A 374 -59.54 7.73 -22.91
CA GLN A 374 -60.65 8.60 -23.27
C GLN A 374 -60.29 10.09 -23.29
N GLY A 375 -59.00 10.41 -23.39
CA GLY A 375 -58.56 11.79 -23.37
C GLY A 375 -58.84 12.53 -22.08
N GLN A 376 -59.51 11.86 -21.15
CA GLN A 376 -59.75 12.39 -19.80
C GLN A 376 -58.85 11.67 -18.79
N GLY A 377 -58.47 12.38 -17.74
CA GLY A 377 -57.57 11.84 -16.75
C GLY A 377 -58.25 11.07 -15.63
N GLN A 378 -57.55 10.05 -15.13
CA GLN A 378 -57.94 9.29 -13.96
C GLN A 378 -56.86 9.55 -12.91
N LEU A 379 -57.27 9.65 -11.65
CA LEU A 379 -56.36 9.87 -10.54
C LEU A 379 -56.27 8.57 -9.75
N VAL A 380 -55.08 7.99 -9.67
CA VAL A 380 -54.86 6.82 -8.84
C VAL A 380 -54.11 7.30 -7.61
N THR A 381 -54.68 7.10 -6.43
CA THR A 381 -54.13 7.65 -5.19
C THR A 381 -53.61 6.53 -4.30
N CYS A 382 -52.63 6.87 -3.47
CA CYS A 382 -52.24 6.05 -2.34
C CYS A 382 -53.01 6.58 -1.13
N SER A 383 -54.04 5.86 -0.71
CA SER A 383 -54.97 6.35 0.30
C SER A 383 -55.03 5.38 1.47
N GLY A 384 -55.14 5.94 2.66
CA GLY A 384 -55.33 5.17 3.87
C GLY A 384 -54.03 4.76 4.55
N ALA A 385 -54.21 4.10 5.70
CA ALA A 385 -53.11 3.60 6.49
C ALA A 385 -53.47 2.25 7.08
N PHE A 386 -52.43 1.42 7.25
CA PHE A 386 -52.53 0.12 7.94
C PHE A 386 -53.55 -0.75 7.22
N LYS A 387 -54.47 -1.41 7.97
CA LYS A 387 -55.44 -2.32 7.38
C LYS A 387 -56.44 -1.62 6.47
N GLU A 388 -56.56 -0.31 6.60
CA GLU A 388 -57.44 0.51 5.80
C GLU A 388 -56.73 1.06 4.56
N GLY A 389 -55.48 0.66 4.34
CA GLY A 389 -54.75 1.13 3.17
C GLY A 389 -55.40 0.65 1.88
N SER A 390 -55.36 1.51 0.87
CA SER A 390 -56.05 1.22 -0.37
C SER A 390 -55.46 2.08 -1.49
N LEU A 391 -55.71 1.63 -2.72
CA LEU A 391 -55.62 2.47 -3.90
C LEU A 391 -57.04 2.87 -4.27
N ARG A 392 -57.20 4.13 -4.68
CA ARG A 392 -58.49 4.64 -5.10
C ARG A 392 -58.33 5.23 -6.49
N ILE A 393 -59.22 4.86 -7.40
CA ILE A 393 -59.20 5.37 -8.75
C ILE A 393 -60.37 6.34 -8.91
N ILE A 394 -60.07 7.60 -9.18
CA ILE A 394 -61.07 8.67 -9.23
C ILE A 394 -61.17 9.20 -10.65
N ARG A 395 -62.40 9.25 -11.17
CA ARG A 395 -62.66 9.79 -12.50
C ARG A 395 -63.90 10.68 -12.41
N ASN A 396 -63.99 11.65 -13.33
CA ASN A 396 -65.15 12.52 -13.43
C ASN A 396 -66.25 11.95 -14.32
N GLY A 397 -67.49 12.11 -13.86
CA GLY A 397 -68.65 11.61 -14.59
C GLY A 397 -69.97 11.86 -13.87
N GLN A 408 -73.69 14.81 -11.92
CA GLN A 408 -72.41 15.43 -11.59
C GLN A 408 -71.86 14.93 -10.25
N LYS A 409 -70.94 13.96 -10.32
CA LYS A 409 -70.29 13.39 -9.15
C LYS A 409 -69.00 12.74 -9.63
N LEU A 410 -68.13 12.41 -8.66
CA LEU A 410 -66.86 11.77 -8.94
C LEU A 410 -67.05 10.27 -8.74
N HIS A 411 -66.54 9.47 -9.67
CA HIS A 411 -66.61 8.02 -9.55
C HIS A 411 -65.31 7.49 -8.97
N ILE A 412 -65.40 6.76 -7.85
CA ILE A 412 -64.25 6.34 -7.07
C ILE A 412 -64.32 4.83 -6.92
N ARG A 413 -63.28 4.13 -7.38
CA ARG A 413 -63.12 2.71 -7.16
C ARG A 413 -62.10 2.46 -6.06
N THR A 414 -62.39 1.52 -5.17
CA THR A 414 -61.49 1.22 -4.07
C THR A 414 -60.84 -0.15 -4.29
N VAL A 415 -59.51 -0.17 -4.16
CA VAL A 415 -58.69 -1.37 -4.31
C VAL A 415 -58.07 -1.62 -2.95
N PRO A 416 -58.66 -2.46 -2.09
CA PRO A 416 -58.09 -2.67 -0.76
C PRO A 416 -56.71 -3.30 -0.82
N LEU A 417 -55.81 -2.81 0.02
CA LEU A 417 -54.46 -3.33 0.12
C LEU A 417 -54.14 -3.94 1.49
N TYR A 418 -54.84 -3.53 2.55
CA TYR A 418 -54.68 -4.04 3.91
C TYR A 418 -53.27 -3.80 4.47
N GLU A 419 -52.51 -2.90 3.84
CA GLU A 419 -51.24 -2.39 4.35
C GLU A 419 -51.10 -0.94 3.87
N SER A 420 -50.07 -0.25 4.35
CA SER A 420 -49.93 1.18 4.09
C SER A 420 -49.28 1.44 2.73
N PRO A 421 -49.96 2.13 1.81
CA PRO A 421 -49.28 2.56 0.57
C PRO A 421 -48.53 3.86 0.76
N ARG A 422 -47.35 3.94 0.14
CA ARG A 422 -46.40 5.02 0.34
C ARG A 422 -46.18 5.88 -0.89
N LYS A 423 -45.95 5.24 -2.03
CA LYS A 423 -45.69 5.93 -3.28
C LYS A 423 -46.29 5.13 -4.43
N ILE A 424 -46.70 5.82 -5.49
CA ILE A 424 -47.22 5.18 -6.69
C ILE A 424 -46.65 5.87 -7.91
N CYS A 425 -46.44 5.08 -8.97
CA CYS A 425 -45.95 5.56 -10.25
C CYS A 425 -46.46 4.59 -11.32
N TYR A 426 -46.80 5.12 -12.49
CA TYR A 426 -47.39 4.33 -13.57
C TYR A 426 -46.36 3.99 -14.63
N GLN A 427 -46.37 2.72 -15.07
CA GLN A 427 -45.46 2.21 -16.09
C GLN A 427 -46.28 1.70 -17.28
N GLU A 428 -46.34 2.49 -18.35
CA GLU A 428 -47.21 2.09 -19.46
C GLU A 428 -46.67 0.86 -20.19
N VAL A 429 -45.35 0.81 -20.44
CA VAL A 429 -44.75 -0.29 -21.19
C VAL A 429 -45.21 -1.63 -20.62
N SER A 430 -45.43 -1.67 -19.31
CA SER A 430 -45.79 -2.88 -18.59
C SER A 430 -47.27 -2.98 -18.26
N GLN A 431 -48.07 -2.02 -18.69
CA GLN A 431 -49.50 -2.03 -18.38
C GLN A 431 -49.74 -2.27 -16.89
N CYS A 432 -48.99 -1.59 -16.04
CA CYS A 432 -49.15 -1.80 -14.61
C CYS A 432 -48.56 -0.64 -13.82
N PHE A 433 -48.96 -0.58 -12.54
CA PHE A 433 -48.46 0.41 -11.60
C PHE A 433 -47.41 -0.22 -10.70
N GLY A 434 -46.45 0.60 -10.25
CA GLY A 434 -45.59 0.23 -9.16
C GLY A 434 -46.04 0.99 -7.90
N VAL A 435 -46.13 0.26 -6.81
CA VAL A 435 -46.56 0.85 -5.54
C VAL A 435 -45.64 0.41 -4.43
N LEU A 436 -45.09 1.37 -3.70
CA LEU A 436 -44.36 1.11 -2.46
C LEU A 436 -45.36 0.99 -1.32
N SER A 437 -45.15 0.01 -0.45
CA SER A 437 -46.05 -0.23 0.66
C SER A 437 -45.25 -0.67 1.87
N SER A 438 -45.85 -0.53 3.05
CA SER A 438 -45.25 -1.06 4.28
C SER A 438 -46.34 -1.69 5.13
N ARG A 439 -46.01 -2.82 5.74
CA ARG A 439 -46.91 -3.57 6.60
C ARG A 439 -46.25 -3.79 7.95
N ILE A 440 -47.09 -3.94 8.98
CA ILE A 440 -46.63 -4.07 10.36
C ILE A 440 -46.56 -5.54 10.74
N GLU A 441 -45.37 -6.01 11.10
CA GLU A 441 -45.18 -7.31 11.74
C GLU A 441 -44.70 -7.07 13.17
N VAL A 442 -44.82 -8.10 14.01
CA VAL A 442 -44.49 -7.98 15.43
C VAL A 442 -43.45 -9.04 15.79
N GLN A 443 -42.49 -8.67 16.65
CA GLN A 443 -41.47 -9.63 17.05
C GLN A 443 -42.16 -10.78 17.76
N ASP A 444 -41.91 -12.01 17.31
CA ASP A 444 -42.60 -13.18 17.84
C ASP A 444 -41.56 -14.13 18.44
N THR A 445 -42.06 -15.20 19.04
CA THR A 445 -41.20 -16.08 19.83
C THR A 445 -40.16 -16.80 19.00
N SER A 446 -40.34 -16.87 17.67
CA SER A 446 -39.35 -17.54 16.85
C SER A 446 -38.07 -16.75 16.72
N GLY A 447 -38.09 -15.47 17.08
CA GLY A 447 -37.02 -14.55 16.81
C GLY A 447 -37.30 -13.67 15.61
N GLY A 448 -38.10 -14.16 14.68
CA GLY A 448 -38.56 -13.39 13.54
C GLY A 448 -39.76 -12.55 13.89
N THR A 449 -40.56 -12.27 12.86
CA THR A 449 -41.77 -11.47 13.06
C THR A 449 -42.94 -12.14 12.37
N THR A 450 -44.14 -11.75 12.80
CA THR A 450 -45.38 -12.32 12.29
C THR A 450 -46.36 -11.19 11.99
N ALA A 451 -46.95 -11.23 10.79
CA ALA A 451 -47.93 -10.23 10.40
C ALA A 451 -49.28 -10.52 11.04
N LEU A 452 -49.98 -9.44 11.39
CA LEU A 452 -51.25 -9.50 12.08
C LEU A 452 -52.39 -9.90 11.15
N ARG A 453 -52.21 -9.71 9.86
CA ARG A 453 -53.23 -9.92 8.84
C ARG A 453 -52.53 -10.12 7.51
N PRO A 454 -53.12 -10.90 6.61
CA PRO A 454 -52.56 -11.00 5.25
C PRO A 454 -52.83 -9.72 4.50
N SER A 455 -51.90 -9.36 3.61
CA SER A 455 -52.03 -8.08 2.91
C SER A 455 -51.37 -8.15 1.54
N ALA A 456 -51.40 -7.01 0.83
CA ALA A 456 -51.02 -6.99 -0.58
C ALA A 456 -49.65 -7.60 -0.80
N SER A 457 -48.69 -7.28 0.08
CA SER A 457 -47.32 -7.75 -0.11
C SER A 457 -47.19 -9.25 0.15
N THR A 458 -48.17 -9.86 0.81
CA THR A 458 -48.17 -11.30 1.08
C THR A 458 -49.09 -12.07 0.15
N GLN A 459 -50.02 -11.40 -0.52
CA GLN A 459 -50.98 -12.02 -1.42
C GLN A 459 -50.64 -11.76 -2.89
N ALA A 460 -49.37 -11.52 -3.21
CA ALA A 460 -48.94 -11.33 -4.59
C ALA A 460 -48.86 -12.66 -5.32
N LEU A 461 -49.09 -12.63 -6.64
CA LEU A 461 -49.00 -13.88 -7.39
C LEU A 461 -47.61 -14.47 -7.33
N SER A 462 -46.59 -13.69 -7.70
CA SER A 462 -45.18 -14.07 -7.57
C SER A 462 -44.51 -13.11 -6.61
N SER A 463 -43.46 -13.58 -5.95
CA SER A 463 -42.79 -12.76 -4.95
C SER A 463 -41.27 -12.96 -4.97
N SER A 464 -40.58 -11.95 -4.45
CA SER A 464 -39.11 -11.94 -4.37
C SER A 464 -38.69 -11.15 -3.14
N VAL A 465 -37.47 -11.42 -2.67
CA VAL A 465 -36.90 -10.73 -1.52
C VAL A 465 -35.49 -10.26 -1.87
N SER A 466 -35.14 -9.04 -1.44
CA SER A 466 -33.81 -8.55 -1.71
C SER A 466 -32.78 -9.42 -1.00
N SER A 467 -31.71 -9.76 -1.72
CA SER A 467 -30.61 -10.53 -1.19
C SER A 467 -29.33 -9.70 -1.16
N SER A 468 -29.47 -8.38 -1.24
CA SER A 468 -28.31 -7.50 -1.36
C SER A 468 -27.35 -7.70 -0.20
N LYS A 469 -26.07 -7.59 -0.50
CA LYS A 469 -25.01 -7.78 0.48
C LYS A 469 -24.37 -6.45 0.85
N LEU A 470 -24.99 -5.33 0.47
CA LEU A 470 -24.33 -4.04 0.61
C LEU A 470 -24.04 -3.71 2.07
N PHE A 471 -25.04 -3.85 2.93
CA PHE A 471 -24.88 -3.65 4.37
C PHE A 471 -24.67 -4.96 5.09
N SER A 472 -24.53 -6.06 4.35
CA SER A 472 -24.39 -7.37 4.95
C SER A 472 -23.29 -7.42 6.00
N SER A 473 -22.26 -6.57 5.86
CA SER A 473 -21.18 -6.62 6.84
C SER A 473 -21.69 -6.18 8.20
N SER A 474 -22.71 -5.33 8.23
CA SER A 474 -23.33 -4.86 9.46
C SER A 474 -22.34 -4.59 10.59
N THR A 475 -22.25 -5.49 11.57
CA THR A 475 -21.47 -5.31 12.79
C THR A 475 -22.07 -4.23 13.68
N ALA A 476 -23.29 -3.78 13.36
CA ALA A 476 -24.09 -2.86 14.17
C ALA A 476 -25.10 -3.68 14.97
N PRO A 477 -25.01 -3.73 16.30
CA PRO A 477 -25.94 -4.58 17.08
C PRO A 477 -27.30 -3.90 17.27
N HIS A 478 -28.38 -4.60 16.91
CA HIS A 478 -29.73 -4.09 17.12
C HIS A 478 -30.55 -5.17 17.82
N GLU A 479 -31.01 -4.90 19.04
CA GLU A 479 -31.70 -5.88 19.88
C GLU A 479 -33.22 -5.83 19.68
N THR A 480 -33.86 -7.00 19.79
CA THR A 480 -35.29 -7.14 19.58
C THR A 480 -35.99 -7.69 20.82
N SER A 481 -37.11 -7.07 21.21
CA SER A 481 -37.93 -7.55 22.32
C SER A 481 -39.25 -8.08 21.76
N PHE A 482 -39.72 -9.19 22.31
CA PHE A 482 -40.98 -9.78 21.85
C PHE A 482 -42.11 -8.78 22.01
N GLY A 483 -42.92 -8.63 20.96
CA GLY A 483 -44.05 -7.73 20.99
C GLY A 483 -43.82 -6.38 20.34
N GLU A 484 -42.58 -6.02 20.03
CA GLU A 484 -42.29 -4.76 19.36
C GLU A 484 -42.74 -4.82 17.90
N GLU A 485 -43.12 -3.67 17.35
CA GLU A 485 -43.52 -3.58 15.96
C GLU A 485 -42.32 -3.30 15.06
N VAL A 486 -42.44 -3.69 13.78
CA VAL A 486 -41.50 -3.33 12.74
C VAL A 486 -42.26 -3.03 11.46
N GLU A 487 -41.70 -2.19 10.60
CA GLU A 487 -42.25 -1.99 9.27
C GLU A 487 -41.49 -2.87 8.28
N VAL A 488 -42.23 -3.52 7.39
CA VAL A 488 -41.66 -4.28 6.28
C VAL A 488 -42.12 -3.59 5.01
N HIS A 489 -41.16 -3.24 4.17
CA HIS A 489 -41.43 -2.43 2.99
C HIS A 489 -41.35 -3.28 1.74
N ASN A 490 -42.18 -2.96 0.77
CA ASN A 490 -42.28 -3.74 -0.44
C ASN A 490 -42.50 -2.83 -1.64
N LEU A 491 -42.18 -3.37 -2.81
CA LEU A 491 -42.59 -2.81 -4.09
C LEU A 491 -43.65 -3.74 -4.67
N LEU A 492 -44.82 -3.19 -4.95
CA LEU A 492 -45.93 -3.95 -5.50
C LEU A 492 -46.08 -3.62 -6.98
N ILE A 493 -46.17 -4.65 -7.81
CA ILE A 493 -46.51 -4.50 -9.22
C ILE A 493 -47.99 -4.87 -9.36
N ILE A 494 -48.79 -3.93 -9.86
CA ILE A 494 -50.25 -4.02 -9.80
C ILE A 494 -50.80 -3.74 -11.20
N ASP A 495 -51.59 -4.66 -11.73
CA ASP A 495 -52.12 -4.55 -13.08
C ASP A 495 -53.09 -3.38 -13.20
N GLN A 496 -53.01 -2.66 -14.33
CA GLN A 496 -53.79 -1.43 -14.47
C GLN A 496 -55.27 -1.67 -14.79
N HIS A 497 -55.64 -2.88 -15.20
CA HIS A 497 -57.02 -3.20 -15.51
C HIS A 497 -57.69 -3.99 -14.40
N THR A 498 -56.99 -4.99 -13.87
CA THR A 498 -57.55 -5.83 -12.82
C THR A 498 -57.26 -5.28 -11.44
N PHE A 499 -56.17 -4.54 -11.29
CA PHE A 499 -55.67 -4.13 -9.98
C PHE A 499 -55.45 -5.36 -9.12
N GLU A 500 -54.80 -6.34 -9.74
CA GLU A 500 -54.36 -7.57 -9.11
C GLU A 500 -52.89 -7.36 -8.75
N VAL A 501 -52.49 -7.87 -7.59
CA VAL A 501 -51.09 -7.73 -7.19
C VAL A 501 -50.32 -8.84 -7.91
N LEU A 502 -49.62 -8.45 -8.98
CA LEU A 502 -48.93 -9.44 -9.80
C LEU A 502 -47.62 -9.88 -9.17
N HIS A 503 -46.93 -8.97 -8.50
CA HIS A 503 -45.66 -9.28 -7.88
C HIS A 503 -45.50 -8.43 -6.62
N ALA A 504 -44.69 -8.93 -5.71
CA ALA A 504 -44.31 -8.16 -4.53
C ALA A 504 -42.85 -8.41 -4.21
N HIS A 505 -42.08 -7.34 -4.12
CA HIS A 505 -40.67 -7.43 -3.79
C HIS A 505 -40.46 -6.88 -2.39
N GLN A 506 -39.90 -7.70 -1.50
CA GLN A 506 -39.64 -7.27 -0.14
C GLN A 506 -38.22 -6.75 0.00
N PHE A 507 -38.09 -5.58 0.60
CA PHE A 507 -36.79 -4.96 0.79
C PHE A 507 -36.14 -5.50 2.05
N LEU A 508 -34.89 -5.08 2.26
CA LEU A 508 -34.08 -5.63 3.34
C LEU A 508 -34.72 -5.32 4.70
N GLN A 509 -34.30 -6.08 5.71
CA GLN A 509 -34.74 -5.81 7.07
C GLN A 509 -34.27 -4.42 7.49
N ASN A 510 -35.20 -3.60 7.99
CA ASN A 510 -34.94 -2.24 8.41
C ASN A 510 -34.68 -1.27 7.25
N GLU A 511 -35.02 -1.67 6.04
CA GLU A 511 -34.87 -0.80 4.87
C GLU A 511 -36.24 -0.19 4.57
N TYR A 512 -36.30 1.14 4.51
CA TYR A 512 -37.53 1.83 4.16
C TYR A 512 -37.47 2.24 2.69
N ALA A 513 -38.56 2.00 1.97
CA ALA A 513 -38.68 2.48 0.61
C ALA A 513 -39.31 3.88 0.68
N LEU A 514 -38.58 4.87 0.18
CA LEU A 514 -39.00 6.26 0.28
C LEU A 514 -39.40 6.89 -1.04
N SER A 515 -38.83 6.42 -2.16
CA SER A 515 -39.05 7.10 -3.43
C SER A 515 -39.09 6.09 -4.57
N LEU A 516 -39.89 6.41 -5.59
CA LEU A 516 -40.14 5.48 -6.68
C LEU A 516 -40.34 6.24 -7.98
N VAL A 517 -39.65 5.78 -9.04
CA VAL A 517 -39.84 6.31 -10.38
C VAL A 517 -39.89 5.17 -11.38
N SER A 518 -40.55 5.43 -12.51
CA SER A 518 -40.57 4.54 -13.67
C SER A 518 -40.09 5.33 -14.88
N CYS A 519 -39.02 4.86 -15.51
CA CYS A 519 -38.43 5.61 -16.61
C CYS A 519 -37.41 4.78 -17.36
N LYS A 520 -36.98 5.32 -18.52
CA LYS A 520 -35.81 4.86 -19.24
C LYS A 520 -34.64 5.79 -18.94
N LEU A 521 -33.42 5.24 -18.95
CA LEU A 521 -32.23 6.05 -18.74
C LEU A 521 -31.26 5.88 -19.90
N GLY A 522 -30.53 6.96 -20.18
CA GLY A 522 -29.46 6.92 -21.16
C GLY A 522 -29.89 6.39 -22.51
N LYS A 523 -29.03 5.54 -23.07
CA LYS A 523 -29.27 4.85 -24.33
C LYS A 523 -29.90 3.48 -24.10
N ASP A 524 -30.37 3.21 -22.89
CA ASP A 524 -30.92 1.91 -22.52
C ASP A 524 -32.39 1.86 -22.89
N PRO A 525 -32.81 0.96 -23.78
CA PRO A 525 -34.20 0.94 -24.24
C PRO A 525 -35.18 0.34 -23.23
N ASN A 526 -34.69 -0.30 -22.17
CA ASN A 526 -35.56 -0.93 -21.19
C ASN A 526 -36.17 0.12 -20.25
N THR A 527 -37.43 -0.11 -19.87
CA THR A 527 -38.13 0.75 -18.92
C THR A 527 -38.04 0.12 -17.55
N TYR A 528 -37.52 0.86 -16.57
CA TYR A 528 -37.25 0.31 -15.25
C TYR A 528 -38.17 0.92 -14.18
N PHE A 529 -38.32 0.18 -13.08
CA PHE A 529 -38.82 0.69 -11.81
C PHE A 529 -37.59 0.97 -10.96
N ILE A 530 -37.44 2.20 -10.46
CA ILE A 530 -36.29 2.55 -9.62
C ILE A 530 -36.79 3.01 -8.26
N VAL A 531 -36.17 2.47 -7.21
CA VAL A 531 -36.59 2.72 -5.83
C VAL A 531 -35.40 3.24 -5.05
N GLY A 532 -35.64 4.29 -4.26
CA GLY A 532 -34.65 4.84 -3.35
C GLY A 532 -35.04 4.55 -1.92
N THR A 533 -34.09 4.04 -1.14
CA THR A 533 -34.38 3.52 0.18
C THR A 533 -33.46 4.16 1.24
N ALA A 534 -33.77 3.84 2.50
CA ALA A 534 -32.99 4.30 3.64
C ALA A 534 -32.93 3.20 4.68
N MET A 535 -31.74 2.98 5.25
CA MET A 535 -31.57 2.04 6.35
C MET A 535 -31.89 2.76 7.64
N VAL A 536 -32.99 2.36 8.27
CA VAL A 536 -33.58 3.05 9.39
C VAL A 536 -33.33 2.20 10.62
N TYR A 537 -32.51 2.69 11.53
CA TYR A 537 -32.31 2.02 12.82
C TYR A 537 -32.79 2.95 13.92
N PRO A 538 -33.47 2.42 14.95
CA PRO A 538 -34.00 3.32 16.00
C PRO A 538 -32.95 4.22 16.61
N GLU A 539 -31.69 3.78 16.62
CA GLU A 539 -30.64 4.53 17.27
C GLU A 539 -30.31 5.82 16.53
N GLU A 540 -30.55 5.88 15.22
CA GLU A 540 -30.07 6.98 14.39
C GLU A 540 -30.99 8.18 14.37
N ALA A 541 -30.39 9.37 14.50
CA ALA A 541 -31.13 10.61 14.36
C ALA A 541 -31.54 10.85 12.91
N GLU A 542 -30.72 10.42 11.96
CA GLU A 542 -30.93 10.60 10.54
C GLU A 542 -30.26 9.44 9.82
N PRO A 543 -30.92 8.79 8.86
CA PRO A 543 -30.32 7.60 8.23
C PRO A 543 -28.96 7.91 7.61
N LYS A 544 -28.04 6.95 7.73
CA LYS A 544 -26.70 7.09 7.20
C LYS A 544 -26.35 6.06 6.14
N GLN A 545 -27.28 5.17 5.78
CA GLN A 545 -27.09 4.19 4.73
C GLN A 545 -28.33 4.14 3.85
N GLY A 546 -28.14 3.77 2.58
CA GLY A 546 -29.28 3.70 1.68
C GLY A 546 -28.89 3.07 0.36
N ARG A 547 -29.92 2.83 -0.46
CA ARG A 547 -29.72 2.22 -1.75
C ARG A 547 -30.56 2.93 -2.82
N ILE A 548 -30.05 2.90 -4.04
CA ILE A 548 -30.82 3.17 -5.25
C ILE A 548 -30.84 1.86 -6.01
N VAL A 549 -32.01 1.25 -6.14
CA VAL A 549 -32.16 -0.06 -6.76
C VAL A 549 -32.86 0.12 -8.09
N VAL A 550 -32.35 -0.55 -9.12
CA VAL A 550 -32.96 -0.55 -10.43
C VAL A 550 -33.57 -1.93 -10.64
N PHE A 551 -34.87 -1.96 -10.91
CA PHE A 551 -35.60 -3.20 -11.12
C PHE A 551 -36.11 -3.21 -12.56
N GLN A 552 -36.29 -4.40 -13.13
CA GLN A 552 -37.02 -4.53 -14.37
C GLN A 552 -38.18 -5.51 -14.20
N TYR A 553 -39.37 -5.03 -14.50
CA TYR A 553 -40.55 -5.88 -14.51
C TYR A 553 -40.66 -6.49 -15.90
N SER A 554 -40.46 -7.79 -15.98
CA SER A 554 -40.48 -8.49 -17.26
C SER A 554 -41.07 -9.88 -17.06
N ASP A 555 -42.07 -10.21 -17.87
CA ASP A 555 -42.65 -11.55 -17.87
C ASP A 555 -43.04 -11.98 -16.46
N GLY A 556 -43.80 -11.11 -15.80
CA GLY A 556 -44.35 -11.45 -14.50
C GLY A 556 -43.35 -11.55 -13.38
N LYS A 557 -42.09 -11.22 -13.63
CA LYS A 557 -41.05 -11.34 -12.63
C LYS A 557 -40.30 -10.01 -12.56
N LEU A 558 -40.02 -9.57 -11.35
CA LEU A 558 -39.23 -8.38 -11.13
C LEU A 558 -37.77 -8.81 -11.01
N GLN A 559 -36.90 -8.26 -11.84
CA GLN A 559 -35.49 -8.59 -11.84
C GLN A 559 -34.71 -7.42 -11.26
N THR A 560 -33.65 -7.70 -10.51
CA THR A 560 -32.81 -6.64 -9.97
C THR A 560 -31.69 -6.34 -10.96
N VAL A 561 -31.69 -5.14 -11.52
CA VAL A 561 -30.77 -4.78 -12.59
C VAL A 561 -29.46 -4.19 -12.08
N ALA A 562 -29.51 -3.37 -11.05
CA ALA A 562 -28.31 -2.73 -10.55
C ALA A 562 -28.66 -2.10 -9.22
N GLU A 563 -27.66 -1.96 -8.36
CA GLU A 563 -27.86 -1.29 -7.09
C GLU A 563 -26.71 -0.32 -6.88
N LYS A 564 -27.04 0.84 -6.34
CA LYS A 564 -26.05 1.87 -6.03
C LYS A 564 -26.18 2.20 -4.55
N GLU A 565 -25.08 2.03 -3.82
CA GLU A 565 -25.07 2.36 -2.40
C GLU A 565 -24.92 3.85 -2.22
N VAL A 566 -25.65 4.40 -1.26
CA VAL A 566 -25.55 5.82 -0.92
C VAL A 566 -25.39 5.94 0.58
N LYS A 567 -24.90 7.09 1.01
CA LYS A 567 -24.63 7.34 2.44
C LYS A 567 -25.74 8.19 3.05
N GLY A 568 -26.99 7.76 2.91
CA GLY A 568 -28.09 8.50 3.45
C GLY A 568 -29.41 7.95 2.92
N ALA A 569 -30.47 8.72 3.16
CA ALA A 569 -31.81 8.36 2.73
C ALA A 569 -32.07 8.99 1.37
N VAL A 570 -32.59 8.19 0.44
CA VAL A 570 -32.95 8.69 -0.91
C VAL A 570 -34.39 9.17 -0.79
N TYR A 571 -34.56 10.41 -0.29
CA TYR A 571 -35.92 10.89 -0.02
C TYR A 571 -36.70 11.10 -1.31
N SER A 572 -36.03 11.55 -2.37
CA SER A 572 -36.74 11.89 -3.60
C SER A 572 -35.89 11.57 -4.81
N MET A 573 -36.55 11.07 -5.86
CA MET A 573 -35.92 10.84 -7.14
C MET A 573 -36.84 11.34 -8.25
N VAL A 574 -36.24 11.72 -9.37
CA VAL A 574 -37.00 12.15 -10.54
C VAL A 574 -36.12 11.97 -11.76
N GLU A 575 -36.74 11.55 -12.86
CA GLU A 575 -36.04 11.42 -14.13
C GLU A 575 -35.69 12.79 -14.67
N PHE A 576 -34.47 12.92 -15.20
CA PHE A 576 -33.94 14.21 -15.62
C PHE A 576 -33.18 14.01 -16.92
N ASN A 577 -33.90 14.13 -18.04
CA ASN A 577 -33.26 14.14 -19.36
C ASN A 577 -32.34 12.93 -19.51
N GLY A 578 -32.89 11.75 -19.22
CA GLY A 578 -32.15 10.51 -19.33
C GLY A 578 -31.19 10.23 -18.20
N LYS A 579 -31.15 11.07 -17.17
CA LYS A 579 -30.31 10.89 -16.01
C LYS A 579 -31.19 10.78 -14.78
N LEU A 580 -30.65 10.24 -13.70
CA LEU A 580 -31.41 10.04 -12.48
C LEU A 580 -31.04 11.14 -11.50
N LEU A 581 -32.02 11.94 -11.13
CA LEU A 581 -31.85 13.00 -10.14
C LEU A 581 -32.33 12.45 -8.80
N ALA A 582 -31.45 12.45 -7.81
CA ALA A 582 -31.74 11.90 -6.50
C ALA A 582 -31.32 12.88 -5.43
N SER A 583 -32.10 12.93 -4.36
CA SER A 583 -31.78 13.71 -3.17
C SER A 583 -31.40 12.72 -2.08
N ILE A 584 -30.17 12.79 -1.60
CA ILE A 584 -29.71 11.93 -0.52
C ILE A 584 -29.34 12.84 0.65
N ASN A 585 -30.22 12.90 1.66
CA ASN A 585 -30.05 13.73 2.85
C ASN A 585 -29.92 15.18 2.39
N SER A 586 -28.80 15.86 2.68
CA SER A 586 -28.56 17.23 2.22
C SER A 586 -28.16 17.32 0.76
N THR A 587 -27.68 16.22 0.17
CA THR A 587 -27.14 16.28 -1.19
C THR A 587 -28.22 16.10 -2.25
N VAL A 588 -28.08 16.83 -3.36
CA VAL A 588 -28.84 16.62 -4.58
C VAL A 588 -27.87 16.18 -5.66
N ARG A 589 -28.08 14.99 -6.21
CA ARG A 589 -27.14 14.37 -7.12
C ARG A 589 -27.75 14.00 -8.47
N LEU A 590 -26.94 14.09 -9.53
CA LEU A 590 -27.35 13.64 -10.86
C LEU A 590 -26.51 12.42 -11.24
N TYR A 591 -27.17 11.31 -11.50
CA TYR A 591 -26.53 10.06 -11.88
C TYR A 591 -26.74 9.83 -13.37
N GLU A 592 -25.72 9.34 -14.05
CA GLU A 592 -25.81 8.90 -15.44
C GLU A 592 -25.88 7.38 -15.50
N TRP A 593 -26.55 6.86 -16.53
CA TRP A 593 -26.75 5.42 -16.70
C TRP A 593 -25.82 4.92 -17.80
N THR A 594 -24.80 4.16 -17.42
CA THR A 594 -23.73 3.78 -18.32
C THR A 594 -24.16 2.64 -19.25
N THR A 595 -23.33 2.40 -20.27
CA THR A 595 -23.59 1.26 -21.14
C THR A 595 -23.38 -0.07 -20.41
N GLU A 596 -22.76 -0.06 -19.23
CA GLU A 596 -22.66 -1.25 -18.39
C GLU A 596 -23.83 -1.39 -17.44
N LYS A 597 -24.88 -0.57 -17.59
CA LYS A 597 -26.06 -0.68 -16.73
C LYS A 597 -25.68 -0.53 -15.27
N GLU A 598 -24.95 0.53 -14.97
CA GLU A 598 -24.66 0.94 -13.60
C GLU A 598 -24.82 2.46 -13.55
N LEU A 599 -25.16 2.96 -12.37
CA LEU A 599 -25.34 4.39 -12.17
C LEU A 599 -23.99 5.03 -11.90
N ARG A 600 -23.75 6.18 -12.50
CA ARG A 600 -22.49 6.89 -12.32
C ARG A 600 -22.80 8.35 -12.04
N THR A 601 -22.21 8.89 -10.99
CA THR A 601 -22.50 10.25 -10.57
C THR A 601 -21.83 11.24 -11.50
N GLU A 602 -22.58 12.27 -11.88
CA GLU A 602 -22.07 13.35 -12.69
C GLU A 602 -21.82 14.62 -11.89
N CYS A 603 -22.81 15.05 -11.10
CA CYS A 603 -22.70 16.32 -10.38
C CYS A 603 -23.40 16.24 -9.02
N ASN A 604 -22.98 17.11 -8.11
CA ASN A 604 -23.55 17.21 -6.77
C ASN A 604 -23.81 18.67 -6.40
N HIS A 605 -24.89 18.88 -5.63
CA HIS A 605 -25.17 20.15 -4.96
C HIS A 605 -25.48 19.84 -3.51
N TYR A 606 -24.79 20.51 -2.58
CA TYR A 606 -24.87 20.12 -1.17
C TYR A 606 -25.54 21.14 -0.25
N ASN A 607 -25.89 22.33 -0.73
CA ASN A 607 -26.34 23.40 0.17
C ASN A 607 -27.82 23.20 0.51
N ASN A 608 -28.07 22.19 1.35
CA ASN A 608 -29.40 21.91 1.86
C ASN A 608 -29.30 21.46 3.32
N ILE A 609 -30.44 21.46 3.99
CA ILE A 609 -30.59 20.91 5.33
C ILE A 609 -31.12 19.48 5.26
N MET A 610 -32.13 19.27 4.43
CA MET A 610 -32.65 17.95 4.10
C MET A 610 -33.44 18.10 2.81
N ALA A 611 -32.97 17.48 1.72
CA ALA A 611 -33.58 17.66 0.41
C ALA A 611 -34.77 16.72 0.30
N LEU A 612 -35.90 17.16 0.87
CA LEU A 612 -37.04 16.27 1.01
C LEU A 612 -37.79 16.09 -0.31
N TYR A 613 -37.86 17.13 -1.14
CA TYR A 613 -38.70 17.06 -2.34
C TYR A 613 -37.98 17.62 -3.57
N LEU A 614 -38.19 16.96 -4.72
CA LEU A 614 -37.58 17.34 -5.98
C LEU A 614 -38.63 17.40 -7.09
N LYS A 615 -38.53 18.43 -7.93
CA LYS A 615 -39.31 18.59 -9.15
C LYS A 615 -38.41 19.20 -10.23
N THR A 616 -38.72 18.91 -11.50
CA THR A 616 -37.88 19.41 -12.58
C THR A 616 -38.72 19.98 -13.72
N LYS A 617 -38.06 20.81 -14.53
CA LYS A 617 -38.63 21.31 -15.78
C LYS A 617 -37.48 21.73 -16.67
N GLY A 618 -37.26 21.00 -17.76
CA GLY A 618 -36.14 21.34 -18.63
C GLY A 618 -34.85 21.03 -17.90
N ASP A 619 -33.92 21.96 -17.91
CA ASP A 619 -32.69 21.83 -17.13
C ASP A 619 -32.77 22.50 -15.77
N PHE A 620 -33.96 22.87 -15.32
CA PHE A 620 -34.17 23.52 -14.03
C PHE A 620 -34.76 22.53 -13.01
N ILE A 621 -34.33 22.68 -11.75
CA ILE A 621 -34.72 21.78 -10.66
C ILE A 621 -35.23 22.61 -9.49
N LEU A 622 -36.42 22.29 -8.99
CA LEU A 622 -36.95 22.91 -7.78
C LEU A 622 -36.76 21.96 -6.61
N VAL A 623 -36.09 22.42 -5.56
CA VAL A 623 -35.77 21.60 -4.39
C VAL A 623 -36.60 22.09 -3.20
N GLY A 624 -37.29 21.15 -2.55
CA GLY A 624 -37.98 21.43 -1.31
C GLY A 624 -37.17 20.94 -0.13
N ASP A 625 -36.82 21.88 0.77
CA ASP A 625 -35.97 21.59 1.91
C ASP A 625 -36.84 21.38 3.15
N LEU A 626 -36.24 20.76 4.16
CA LEU A 626 -36.98 20.51 5.39
C LEU A 626 -37.40 21.83 6.05
N MET A 627 -36.46 22.77 6.16
CA MET A 627 -36.70 24.04 6.83
C MET A 627 -36.35 25.26 6.00
N ARG A 628 -35.60 25.13 4.92
CA ARG A 628 -35.15 26.28 4.13
C ARG A 628 -35.98 26.49 2.87
N SER A 629 -37.27 26.19 2.96
CA SER A 629 -38.29 26.50 1.93
C SER A 629 -37.83 25.91 0.61
N VAL A 630 -37.83 26.67 -0.50
CA VAL A 630 -37.61 26.10 -1.83
C VAL A 630 -36.43 26.80 -2.48
N LEU A 631 -35.61 26.03 -3.20
CA LEU A 631 -34.45 26.50 -3.93
C LEU A 631 -34.60 26.14 -5.40
N LEU A 632 -34.14 27.02 -6.30
CA LEU A 632 -34.16 26.76 -7.74
C LEU A 632 -32.74 26.51 -8.23
N LEU A 633 -32.46 25.27 -8.63
CA LEU A 633 -31.20 24.85 -9.22
C LEU A 633 -31.31 24.72 -10.73
N ALA A 634 -30.15 24.72 -11.39
CA ALA A 634 -30.07 24.53 -12.83
C ALA A 634 -28.90 23.64 -13.20
N TYR A 635 -29.13 22.74 -14.14
CA TYR A 635 -28.06 21.93 -14.72
C TYR A 635 -27.36 22.74 -15.80
N LYS A 636 -26.05 22.96 -15.64
CA LYS A 636 -25.36 23.68 -16.70
C LYS A 636 -24.65 22.66 -17.57
N PRO A 637 -25.23 22.23 -18.69
CA PRO A 637 -24.65 21.11 -19.45
C PRO A 637 -23.28 21.40 -20.02
N MET A 638 -22.99 22.66 -20.35
CA MET A 638 -21.68 22.99 -20.89
C MET A 638 -20.58 22.60 -19.90
N GLU A 639 -20.89 22.65 -18.61
CA GLU A 639 -19.93 22.46 -17.54
C GLU A 639 -20.04 21.11 -16.84
N GLY A 640 -21.22 20.49 -16.84
CA GLY A 640 -21.42 19.23 -16.16
C GLY A 640 -21.61 19.35 -14.67
N ASN A 641 -22.22 20.43 -14.19
CA ASN A 641 -22.40 20.69 -12.77
C ASN A 641 -23.76 21.36 -12.57
N PHE A 642 -24.12 21.61 -11.31
CA PHE A 642 -25.32 22.36 -10.96
C PHE A 642 -24.94 23.81 -10.64
N GLU A 643 -25.89 24.73 -10.83
CA GLU A 643 -25.72 26.11 -10.40
C GLU A 643 -27.00 26.58 -9.70
N GLU A 644 -26.83 27.41 -8.67
CA GLU A 644 -27.96 27.96 -7.91
C GLU A 644 -28.55 29.17 -8.63
N ILE A 645 -29.86 29.11 -8.89
CA ILE A 645 -30.53 30.25 -9.53
C ILE A 645 -31.15 31.18 -8.48
N ALA A 646 -31.96 30.65 -7.57
CA ALA A 646 -32.56 31.47 -6.52
C ALA A 646 -33.08 30.60 -5.38
N ARG A 647 -33.03 31.14 -4.16
CA ARG A 647 -33.50 30.44 -2.96
C ARG A 647 -34.52 31.34 -2.26
N ASP A 648 -35.58 30.72 -1.75
CA ASP A 648 -36.52 31.41 -0.87
C ASP A 648 -35.89 31.46 0.51
N PHE A 649 -35.47 32.64 0.94
CA PHE A 649 -34.80 32.71 2.23
C PHE A 649 -35.76 32.73 3.42
N ASN A 650 -37.06 32.92 3.20
CA ASN A 650 -38.00 32.77 4.31
C ASN A 650 -38.01 31.32 4.79
N PRO A 651 -37.88 31.08 6.09
CA PRO A 651 -37.82 29.69 6.58
C PRO A 651 -39.22 29.09 6.61
N ASN A 652 -39.40 27.95 5.95
CA ASN A 652 -40.67 27.23 6.04
C ASN A 652 -40.42 25.73 6.03
N TRP A 653 -41.32 25.00 6.72
CA TRP A 653 -41.30 23.54 6.75
C TRP A 653 -42.18 23.01 5.62
N MET A 654 -41.55 22.41 4.62
CA MET A 654 -42.24 22.02 3.40
C MET A 654 -42.93 20.67 3.55
N SER A 655 -44.14 20.55 3.00
CA SER A 655 -44.78 19.25 2.88
C SER A 655 -44.80 18.73 1.45
N ALA A 656 -44.72 19.61 0.46
CA ALA A 656 -44.69 19.24 -0.95
C ALA A 656 -44.45 20.51 -1.74
N VAL A 657 -43.92 20.34 -2.96
CA VAL A 657 -43.66 21.46 -3.85
C VAL A 657 -44.09 21.11 -5.27
N GLU A 658 -44.16 22.12 -6.12
CA GLU A 658 -44.48 21.93 -7.53
C GLU A 658 -44.06 23.16 -8.32
N ILE A 659 -43.67 22.92 -9.57
CA ILE A 659 -43.30 23.98 -10.50
C ILE A 659 -44.54 24.33 -11.32
N LEU A 660 -44.91 25.61 -11.31
CA LEU A 660 -46.06 26.08 -12.07
C LEU A 660 -45.66 26.44 -13.49
N ASP A 661 -44.58 27.21 -13.64
CA ASP A 661 -44.04 27.60 -14.93
C ASP A 661 -42.58 27.94 -14.72
N ASP A 662 -41.91 28.42 -15.77
CA ASP A 662 -40.47 28.63 -15.66
C ASP A 662 -40.11 29.63 -14.58
N ASP A 663 -41.07 30.46 -14.13
CA ASP A 663 -40.79 31.51 -13.17
C ASP A 663 -41.53 31.38 -11.83
N ASN A 664 -42.68 30.72 -11.77
CA ASN A 664 -43.48 30.65 -10.55
C ASN A 664 -43.39 29.27 -9.93
N PHE A 665 -43.22 29.21 -8.61
CA PHE A 665 -43.04 27.94 -7.91
C PHE A 665 -43.95 27.83 -6.69
N LEU A 666 -44.60 26.68 -6.56
CA LEU A 666 -45.62 26.45 -5.54
C LEU A 666 -45.10 25.55 -4.43
N GLY A 667 -45.42 25.92 -3.20
CA GLY A 667 -44.98 25.17 -2.04
C GLY A 667 -46.09 25.08 -1.01
N ALA A 668 -46.02 24.06 -0.17
CA ALA A 668 -47.00 23.82 0.89
C ALA A 668 -46.28 23.70 2.22
N GLU A 669 -46.87 24.28 3.25
CA GLU A 669 -46.24 24.37 4.56
C GLU A 669 -46.86 23.33 5.47
N ASN A 670 -46.14 22.97 6.53
CA ASN A 670 -46.71 22.04 7.51
C ASN A 670 -47.80 22.69 8.36
N ALA A 671 -48.00 24.00 8.17
CA ALA A 671 -48.96 24.78 8.93
C ALA A 671 -50.32 24.89 8.23
N PHE A 672 -50.52 24.13 7.15
CA PHE A 672 -51.73 24.16 6.33
C PHE A 672 -51.80 25.39 5.45
N ASN A 673 -50.63 25.94 5.11
CA ASN A 673 -50.50 27.15 4.29
C ASN A 673 -49.80 26.84 2.96
N LEU A 674 -50.23 27.57 1.93
CA LEU A 674 -49.66 27.56 0.59
C LEU A 674 -48.97 28.87 0.24
N PHE A 675 -47.94 28.79 -0.61
CA PHE A 675 -47.29 29.99 -1.11
C PHE A 675 -46.74 29.76 -2.51
N VAL A 676 -46.50 30.88 -3.20
CA VAL A 676 -45.91 30.92 -4.54
C VAL A 676 -44.70 31.83 -4.50
N CYS A 677 -43.58 31.32 -5.02
CA CYS A 677 -42.34 32.08 -5.16
C CYS A 677 -42.09 32.36 -6.64
N GLN A 678 -41.45 33.48 -6.92
CA GLN A 678 -41.12 33.81 -8.31
C GLN A 678 -39.73 34.42 -8.38
N LYS A 679 -39.03 34.16 -9.50
CA LYS A 679 -37.78 34.88 -9.76
C LYS A 679 -38.05 36.38 -9.77
N ASP A 680 -37.11 37.14 -9.20
CA ASP A 680 -37.37 38.56 -9.02
C ASP A 680 -37.47 39.32 -10.34
N SER A 681 -36.89 38.78 -11.41
CA SER A 681 -36.99 39.35 -12.75
C SER A 681 -36.73 40.86 -12.77
N ALA A 682 -35.83 41.31 -11.90
CA ALA A 682 -35.29 42.67 -11.89
C ALA A 682 -33.80 42.31 -11.88
N ALA A 683 -33.16 42.38 -13.05
CA ALA A 683 -31.84 41.79 -13.24
C ALA A 683 -30.70 42.79 -13.07
N THR A 684 -30.93 43.88 -12.34
CA THR A 684 -29.86 44.85 -12.11
C THR A 684 -28.72 44.22 -11.32
N THR A 685 -29.03 43.61 -10.19
CA THR A 685 -28.05 43.04 -9.27
C THR A 685 -28.22 41.54 -9.09
N ASP A 686 -27.07 40.84 -8.97
CA ASP A 686 -27.10 39.40 -8.76
C ASP A 686 -27.84 39.02 -7.49
N GLU A 687 -27.78 39.89 -6.47
CA GLU A 687 -28.43 39.62 -5.20
C GLU A 687 -29.95 39.57 -5.35
N GLU A 688 -30.50 40.43 -6.23
CA GLU A 688 -31.92 40.36 -6.55
C GLU A 688 -32.27 39.06 -7.27
N ARG A 689 -31.41 38.64 -8.20
CA ARG A 689 -31.71 37.46 -9.00
C ARG A 689 -31.67 36.19 -8.17
N GLN A 690 -30.81 36.15 -7.15
CA GLN A 690 -30.71 35.00 -6.28
C GLN A 690 -31.75 34.98 -5.18
N HIS A 691 -32.74 35.87 -5.24
CA HIS A 691 -33.78 36.00 -4.22
C HIS A 691 -35.12 35.56 -4.82
N LEU A 692 -35.74 34.57 -4.20
CA LEU A 692 -37.10 34.16 -4.56
C LEU A 692 -38.07 34.92 -3.66
N GLN A 693 -38.98 35.66 -4.26
CA GLN A 693 -39.94 36.52 -3.55
C GLN A 693 -41.25 35.76 -3.38
N GLU A 694 -41.72 35.62 -2.16
CA GLU A 694 -43.02 34.96 -1.94
C GLU A 694 -44.10 35.95 -2.36
N VAL A 695 -44.64 35.77 -3.56
CA VAL A 695 -45.65 36.70 -4.09
C VAL A 695 -47.05 36.19 -3.82
N GLY A 696 -47.20 34.92 -3.48
CA GLY A 696 -48.50 34.39 -3.14
C GLY A 696 -48.47 33.77 -1.75
N LEU A 697 -49.45 34.12 -0.93
CA LEU A 697 -49.61 33.57 0.41
C LEU A 697 -51.07 33.22 0.60
N PHE A 698 -51.33 32.00 1.10
CA PHE A 698 -52.70 31.50 1.21
C PHE A 698 -52.75 30.37 2.23
N HIS A 699 -53.78 30.42 3.08
CA HIS A 699 -54.05 29.37 4.06
C HIS A 699 -55.10 28.40 3.50
N LEU A 700 -54.67 27.21 3.09
CA LEU A 700 -55.63 26.25 2.56
C LEU A 700 -56.47 25.64 3.68
N GLY A 701 -55.84 25.33 4.81
CA GLY A 701 -56.50 24.61 5.89
C GLY A 701 -56.39 23.11 5.80
N GLU A 702 -55.65 22.60 4.82
CA GLU A 702 -55.40 21.18 4.61
C GLU A 702 -53.89 20.97 4.50
N PHE A 703 -53.46 19.74 4.71
CA PHE A 703 -52.05 19.37 4.67
C PHE A 703 -51.80 18.67 3.34
N VAL A 704 -51.06 19.33 2.44
CA VAL A 704 -50.88 18.81 1.09
C VAL A 704 -49.63 17.94 1.08
N ASN A 705 -49.81 16.68 0.72
CA ASN A 705 -48.71 15.72 0.61
C ASN A 705 -48.13 15.66 -0.79
N VAL A 706 -48.95 15.89 -1.81
CA VAL A 706 -48.54 15.61 -3.19
C VAL A 706 -49.15 16.63 -4.13
N PHE A 707 -48.29 17.23 -4.95
CA PHE A 707 -48.71 18.02 -6.09
C PHE A 707 -48.49 17.19 -7.35
N CYS A 708 -49.40 17.30 -8.30
CA CYS A 708 -49.36 16.45 -9.50
C CYS A 708 -50.02 17.21 -10.64
N HIS A 709 -49.29 17.41 -11.75
CA HIS A 709 -49.85 18.09 -12.90
C HIS A 709 -50.89 17.19 -13.59
N GLY A 710 -52.03 17.77 -13.93
CA GLY A 710 -53.06 17.04 -14.67
C GLY A 710 -54.45 17.53 -14.29
N SER A 711 -55.44 16.97 -14.99
CA SER A 711 -56.82 17.24 -14.66
C SER A 711 -57.69 16.05 -15.06
N LEU A 712 -58.81 15.92 -14.37
CA LEU A 712 -59.83 14.91 -14.60
C LEU A 712 -60.89 15.37 -15.59
N VAL A 713 -60.81 16.64 -16.02
CA VAL A 713 -61.83 17.20 -16.90
C VAL A 713 -61.65 16.68 -18.32
N MET A 714 -62.74 16.71 -19.07
CA MET A 714 -62.80 16.23 -20.44
C MET A 714 -62.44 17.33 -21.42
N GLN A 715 -61.79 16.95 -22.52
CA GLN A 715 -61.40 17.90 -23.55
C GLN A 715 -61.96 17.51 -24.93
N ASN A 716 -63.27 17.70 -25.13
CA ASN A 716 -63.82 17.51 -26.46
C ASN A 716 -63.84 18.80 -27.26
N LEU A 717 -63.51 19.93 -26.63
CA LEU A 717 -63.42 21.28 -27.20
C LEU A 717 -64.80 21.92 -27.37
N GLY A 718 -65.87 21.32 -26.87
CA GLY A 718 -67.13 22.03 -26.82
C GLY A 718 -67.05 23.24 -25.91
N GLU A 719 -66.41 23.09 -24.76
CA GLU A 719 -66.15 24.18 -23.84
C GLU A 719 -65.02 25.03 -24.41
N THR A 720 -64.82 26.22 -23.86
CA THR A 720 -63.87 27.16 -24.42
C THR A 720 -62.63 27.29 -23.54
N SER A 721 -61.66 28.04 -24.08
CA SER A 721 -60.42 28.31 -23.35
C SER A 721 -60.85 29.11 -22.13
N THR A 722 -60.83 28.47 -20.97
CA THR A 722 -61.24 29.09 -19.75
C THR A 722 -60.30 30.22 -19.36
N PRO A 723 -60.75 31.11 -18.47
CA PRO A 723 -59.84 32.16 -17.97
C PRO A 723 -58.60 31.60 -17.31
N THR A 724 -58.69 30.39 -16.81
CA THR A 724 -57.62 29.72 -16.09
C THR A 724 -56.67 29.03 -17.05
N GLN A 725 -55.37 29.08 -16.74
CA GLN A 725 -54.37 28.35 -17.52
C GLN A 725 -53.49 27.52 -16.59
N GLY A 726 -53.27 26.26 -16.97
CA GLY A 726 -52.51 25.31 -16.19
C GLY A 726 -53.40 24.48 -15.27
N SER A 727 -52.85 23.36 -14.78
CA SER A 727 -53.64 22.49 -13.92
C SER A 727 -52.73 21.67 -13.03
N VAL A 728 -52.78 21.98 -11.73
CA VAL A 728 -52.07 21.23 -10.70
C VAL A 728 -53.12 20.68 -9.75
N LEU A 729 -53.16 19.37 -9.59
CA LEU A 729 -53.99 18.69 -8.60
C LEU A 729 -53.17 18.47 -7.35
N PHE A 730 -53.82 18.57 -6.17
CA PHE A 730 -53.09 18.27 -4.94
C PHE A 730 -53.93 17.42 -4.00
N GLY A 731 -53.25 16.48 -3.32
CA GLY A 731 -53.88 15.60 -2.36
C GLY A 731 -53.44 15.88 -0.94
N THR A 732 -54.36 15.66 0.00
CA THR A 732 -54.15 16.07 1.39
C THR A 732 -54.44 14.92 2.35
N VAL A 733 -54.14 15.18 3.63
CA VAL A 733 -54.28 14.15 4.65
C VAL A 733 -55.74 13.84 4.94
N ASN A 734 -56.62 14.83 4.83
CA ASN A 734 -58.03 14.65 5.15
C ASN A 734 -58.85 14.17 3.97
N GLY A 735 -58.21 13.85 2.86
CA GLY A 735 -58.90 13.40 1.67
C GLY A 735 -59.22 14.46 0.65
N MET A 736 -59.09 15.73 0.99
CA MET A 736 -59.38 16.77 0.01
C MET A 736 -58.48 16.62 -1.23
N ILE A 737 -59.10 16.75 -2.39
CA ILE A 737 -58.39 16.92 -3.66
C ILE A 737 -58.71 18.34 -4.10
N GLY A 738 -57.66 19.14 -4.31
CA GLY A 738 -57.81 20.52 -4.75
C GLY A 738 -57.06 20.73 -6.06
N LEU A 739 -57.23 21.93 -6.62
CA LEU A 739 -56.64 22.25 -7.90
C LEU A 739 -56.18 23.69 -7.87
N VAL A 740 -54.96 23.92 -8.36
CA VAL A 740 -54.37 25.25 -8.45
C VAL A 740 -54.19 25.56 -9.93
N THR A 741 -54.55 26.78 -10.33
CA THR A 741 -54.38 27.23 -11.71
C THR A 741 -54.08 28.71 -11.68
N SER A 742 -53.57 29.21 -12.81
CA SER A 742 -53.13 30.60 -12.92
C SER A 742 -54.15 31.48 -13.62
N LEU A 743 -54.03 32.78 -13.37
CA LEU A 743 -54.91 33.79 -13.96
C LEU A 743 -54.07 34.90 -14.59
N SER A 744 -54.67 35.61 -15.53
CA SER A 744 -54.09 36.86 -16.02
C SER A 744 -54.35 37.96 -14.99
N GLU A 745 -53.53 39.01 -15.05
CA GLU A 745 -53.70 40.10 -14.11
C GLU A 745 -55.15 40.58 -14.12
N SER A 746 -55.72 40.70 -15.32
CA SER A 746 -57.10 41.17 -15.47
C SER A 746 -58.10 40.24 -14.79
N TRP A 747 -57.98 38.94 -15.01
CA TRP A 747 -58.98 38.02 -14.48
C TRP A 747 -58.89 37.98 -12.96
N TYR A 748 -57.67 38.05 -12.42
CA TYR A 748 -57.47 38.10 -10.98
C TYR A 748 -58.19 39.29 -10.38
N ASN A 749 -57.90 40.49 -10.87
CA ASN A 749 -58.47 41.70 -10.26
C ASN A 749 -59.98 41.61 -10.22
N LEU A 750 -60.60 41.12 -11.30
CA LEU A 750 -62.04 40.95 -11.31
C LEU A 750 -62.49 40.00 -10.21
N LEU A 751 -61.91 38.80 -10.20
CA LEU A 751 -62.33 37.79 -9.23
C LEU A 751 -61.96 38.21 -7.82
N LEU A 752 -60.86 38.96 -7.66
CA LEU A 752 -60.53 39.48 -6.34
C LEU A 752 -61.51 40.55 -5.90
N ASP A 753 -61.75 41.56 -6.75
CA ASP A 753 -62.72 42.59 -6.41
C ASP A 753 -64.05 41.96 -6.09
N MET A 754 -64.42 40.92 -6.84
CA MET A 754 -65.67 40.22 -6.59
C MET A 754 -65.66 39.50 -5.25
N GLN A 755 -64.52 38.97 -4.81
CA GLN A 755 -64.48 38.35 -3.50
C GLN A 755 -64.86 39.36 -2.42
N ASN A 756 -64.21 40.52 -2.42
CA ASN A 756 -64.48 41.54 -1.42
C ASN A 756 -65.94 41.93 -1.40
N ARG A 757 -66.58 41.90 -2.57
CA ARG A 757 -68.00 42.17 -2.64
C ARG A 757 -68.80 40.99 -2.09
N LEU A 758 -68.39 39.76 -2.44
CA LEU A 758 -69.10 38.59 -1.92
C LEU A 758 -68.98 38.49 -0.41
N ASN A 759 -67.81 38.82 0.14
CA ASN A 759 -67.64 38.69 1.59
C ASN A 759 -68.55 39.63 2.36
N LYS A 760 -68.88 40.79 1.77
CA LYS A 760 -69.84 41.68 2.42
C LYS A 760 -71.26 41.12 2.36
N VAL A 761 -71.55 40.32 1.34
CA VAL A 761 -72.93 39.86 1.11
C VAL A 761 -73.20 38.52 1.80
N ILE A 762 -72.24 37.60 1.78
CA ILE A 762 -72.50 36.24 2.23
C ILE A 762 -72.33 36.19 3.74
N LYS A 763 -73.29 35.55 4.41
CA LYS A 763 -73.30 35.42 5.86
C LYS A 763 -72.50 34.19 6.28
N SER A 764 -71.52 34.40 7.15
CA SER A 764 -70.65 33.31 7.56
C SER A 764 -71.17 32.62 8.81
N VAL A 765 -70.94 31.31 8.87
CA VAL A 765 -71.28 30.56 10.08
C VAL A 765 -70.29 30.92 11.18
N GLY A 766 -70.81 31.29 12.34
CA GLY A 766 -69.96 31.78 13.40
C GLY A 766 -69.49 33.19 13.20
N LYS A 767 -69.95 33.87 12.15
CA LYS A 767 -69.54 35.23 11.86
C LYS A 767 -68.01 35.32 11.82
N ILE A 768 -67.40 34.38 11.08
CA ILE A 768 -65.95 34.35 10.90
C ILE A 768 -65.62 35.13 9.63
N GLU A 769 -64.75 36.13 9.77
CA GLU A 769 -64.33 36.91 8.61
C GLU A 769 -63.57 36.04 7.62
N HIS A 770 -64.00 36.05 6.36
CA HIS A 770 -63.33 35.26 5.34
C HIS A 770 -61.87 35.68 5.21
N SER A 771 -61.62 36.99 5.22
CA SER A 771 -60.25 37.48 5.09
C SER A 771 -59.36 36.91 6.19
N PHE A 772 -59.91 36.63 7.37
CA PHE A 772 -59.14 36.02 8.45
C PHE A 772 -58.84 34.57 8.15
N TRP A 773 -59.86 33.81 7.72
CA TRP A 773 -59.70 32.37 7.48
C TRP A 773 -58.57 32.08 6.51
N ARG A 774 -58.51 32.82 5.40
CA ARG A 774 -57.55 32.58 4.35
C ARG A 774 -56.21 33.29 4.61
N SER A 775 -56.06 33.93 5.77
CA SER A 775 -54.79 34.56 6.13
C SER A 775 -53.71 33.51 6.39
N PHE A 776 -52.50 33.78 5.89
CA PHE A 776 -51.35 32.94 6.19
C PHE A 776 -51.15 32.91 7.70
N HIS A 777 -51.02 31.72 8.28
CA HIS A 777 -50.97 31.63 9.75
C HIS A 777 -49.99 30.57 10.21
N THR A 778 -48.99 31.01 10.95
CA THR A 778 -48.10 30.16 11.72
C THR A 778 -48.18 30.64 13.17
N GLU A 779 -47.60 29.87 14.10
CA GLU A 779 -47.61 30.34 15.48
C GLU A 779 -46.86 31.66 15.63
N ARG A 780 -45.91 31.93 14.73
CA ARG A 780 -45.05 33.10 14.82
C ARG A 780 -45.44 34.21 13.86
N LYS A 781 -46.24 33.90 12.82
CA LYS A 781 -46.62 34.88 11.82
C LYS A 781 -48.09 34.81 11.45
N THR A 782 -48.62 35.95 10.99
CA THR A 782 -49.95 36.04 10.39
C THR A 782 -49.93 37.12 9.33
N GLU A 783 -50.24 36.74 8.09
CA GLU A 783 -50.24 37.69 6.98
C GLU A 783 -51.52 37.60 6.19
N PRO A 784 -51.97 38.73 5.62
CA PRO A 784 -53.15 38.69 4.75
C PRO A 784 -52.80 37.91 3.48
N ALA A 785 -53.80 37.17 2.99
CA ALA A 785 -53.59 36.39 1.78
C ALA A 785 -53.25 37.30 0.60
N THR A 786 -52.50 36.76 -0.36
CA THR A 786 -52.14 37.51 -1.55
C THR A 786 -51.91 36.56 -2.71
N GLY A 787 -52.32 37.00 -3.90
CA GLY A 787 -52.07 36.27 -5.12
C GLY A 787 -52.93 35.04 -5.33
N PHE A 788 -53.93 34.82 -4.50
CA PHE A 788 -54.74 33.62 -4.56
C PHE A 788 -56.21 33.99 -4.50
N ILE A 789 -56.99 33.45 -5.42
CA ILE A 789 -58.44 33.62 -5.46
C ILE A 789 -59.04 32.37 -4.82
N ASP A 790 -59.85 32.56 -3.77
CA ASP A 790 -60.53 31.44 -3.14
C ASP A 790 -61.67 30.99 -4.04
N GLY A 791 -61.37 30.08 -4.97
CA GLY A 791 -62.37 29.67 -5.94
C GLY A 791 -63.63 29.13 -5.30
N ASP A 792 -63.52 28.55 -4.11
CA ASP A 792 -64.70 28.05 -3.42
C ASP A 792 -65.63 29.19 -3.01
N LEU A 793 -65.08 30.39 -2.82
CA LEU A 793 -65.91 31.56 -2.58
C LEU A 793 -66.55 32.03 -3.88
N ILE A 794 -65.75 32.13 -4.94
CA ILE A 794 -66.27 32.54 -6.24
C ILE A 794 -67.39 31.60 -6.69
N GLU A 795 -67.20 30.29 -6.53
CA GLU A 795 -68.22 29.35 -6.99
C GLU A 795 -69.48 29.39 -6.13
N SER A 796 -69.45 30.07 -4.99
CA SER A 796 -70.65 30.21 -4.15
C SER A 796 -71.54 31.36 -4.61
N PHE A 797 -71.06 32.19 -5.55
CA PHE A 797 -71.90 33.22 -6.14
C PHE A 797 -73.13 32.60 -6.80
N LEU A 798 -72.96 31.44 -7.40
CA LEU A 798 -74.07 30.76 -8.08
C LEU A 798 -75.08 30.17 -7.12
N ASP A 799 -74.83 30.20 -5.82
CA ASP A 799 -75.74 29.64 -4.85
C ASP A 799 -76.45 30.70 -4.02
N ILE A 800 -76.08 31.99 -4.16
CA ILE A 800 -76.70 33.07 -3.39
C ILE A 800 -77.95 33.56 -4.11
N SER A 801 -78.91 34.07 -3.33
CA SER A 801 -80.20 34.47 -3.88
C SER A 801 -80.04 35.63 -4.86
N ARG A 802 -81.04 35.76 -5.74
CA ARG A 802 -80.96 36.80 -6.77
C ARG A 802 -80.77 38.19 -6.20
N PRO A 803 -81.49 38.61 -5.15
CA PRO A 803 -81.22 39.94 -4.57
C PRO A 803 -79.76 40.15 -4.23
N LYS A 804 -79.16 39.12 -3.65
CA LYS A 804 -77.76 39.19 -3.25
C LYS A 804 -76.84 39.26 -4.46
N MET A 805 -77.18 38.54 -5.53
CA MET A 805 -76.38 38.56 -6.76
C MET A 805 -76.31 39.96 -7.35
N GLN A 806 -77.45 40.66 -7.42
CA GLN A 806 -77.47 42.00 -7.99
C GLN A 806 -76.80 42.98 -7.04
N GLU A 807 -76.92 42.75 -5.73
CA GLU A 807 -76.22 43.58 -4.76
C GLU A 807 -74.71 43.44 -4.89
N VAL A 808 -74.24 42.30 -5.41
CA VAL A 808 -72.80 42.06 -5.57
C VAL A 808 -72.27 42.78 -6.79
N VAL A 809 -73.06 42.81 -7.88
CA VAL A 809 -72.58 43.36 -9.14
C VAL A 809 -72.75 44.88 -9.24
N ALA A 810 -73.32 45.52 -8.22
CA ALA A 810 -73.48 46.97 -8.28
C ALA A 810 -72.12 47.63 -8.35
N ASN A 811 -71.99 48.60 -9.25
CA ASN A 811 -70.77 49.39 -9.40
C ASN A 811 -69.53 48.53 -9.64
N LEU A 812 -69.67 47.46 -10.42
CA LEU A 812 -68.55 46.58 -10.75
C LEU A 812 -68.10 46.86 -12.18
N GLN A 813 -66.80 47.06 -12.36
CA GLN A 813 -66.19 47.42 -13.64
C GLN A 813 -65.06 46.47 -14.03
N TYR A 814 -65.07 46.01 -15.28
CA TYR A 814 -64.02 45.16 -15.83
C TYR A 814 -62.81 46.03 -16.24
N ASP A 815 -61.68 45.37 -16.57
CA ASP A 815 -60.48 46.11 -16.98
C ASP A 815 -59.66 45.29 -17.97
N ASP A 816 -58.74 45.99 -18.67
CA ASP A 816 -57.83 45.36 -19.63
C ASP A 816 -58.52 44.44 -20.61
N GLY A 817 -59.76 44.78 -20.99
CA GLY A 817 -60.56 43.96 -21.86
C GLY A 817 -60.74 44.62 -23.21
N SER A 818 -61.65 44.05 -24.00
CA SER A 818 -62.02 44.69 -25.26
C SER A 818 -62.50 46.11 -24.99
N GLY A 819 -63.30 46.29 -23.95
CA GLY A 819 -63.69 47.59 -23.45
C GLY A 819 -62.93 47.82 -22.15
N MET A 820 -62.33 49.01 -22.02
CA MET A 820 -61.47 49.23 -20.86
C MET A 820 -62.28 49.29 -19.57
N LYS A 821 -63.43 49.96 -19.56
CA LYS A 821 -64.33 49.91 -18.41
C LYS A 821 -65.70 49.41 -18.84
N ARG A 822 -66.12 48.28 -18.27
CA ARG A 822 -67.36 47.61 -18.61
C ARG A 822 -68.10 47.29 -17.33
N GLU A 823 -69.38 47.65 -17.28
CA GLU A 823 -70.21 47.31 -16.13
C GLU A 823 -70.67 45.86 -16.19
N ALA A 824 -70.76 45.23 -15.03
CA ALA A 824 -71.21 43.86 -14.91
C ALA A 824 -72.68 43.79 -14.49
N THR A 825 -73.37 42.77 -15.02
CA THR A 825 -74.73 42.43 -14.61
C THR A 825 -74.68 41.05 -13.97
N ALA A 826 -75.71 40.70 -13.21
CA ALA A 826 -75.70 39.41 -12.55
C ALA A 826 -75.45 38.25 -13.51
N ASP A 827 -76.12 38.28 -14.67
CA ASP A 827 -75.96 37.19 -15.64
C ASP A 827 -74.55 37.17 -16.24
N ASP A 828 -73.90 38.34 -16.35
CA ASP A 828 -72.52 38.38 -16.82
C ASP A 828 -71.61 37.53 -15.95
N LEU A 829 -71.75 37.67 -14.62
CA LEU A 829 -70.89 36.91 -13.72
C LEU A 829 -71.27 35.43 -13.72
N ILE A 830 -72.56 35.11 -13.85
CA ILE A 830 -72.96 33.71 -13.84
C ILE A 830 -72.26 32.95 -14.96
N LYS A 831 -72.04 33.60 -16.10
CA LYS A 831 -71.34 32.95 -17.20
C LYS A 831 -69.89 32.67 -16.84
N VAL A 832 -69.22 33.64 -16.22
CA VAL A 832 -67.82 33.47 -15.84
C VAL A 832 -67.69 32.37 -14.79
N VAL A 833 -68.51 32.45 -13.74
CA VAL A 833 -68.38 31.50 -12.64
C VAL A 833 -68.68 30.09 -13.13
N GLU A 834 -69.69 29.95 -14.01
CA GLU A 834 -70.03 28.62 -14.49
C GLU A 834 -68.94 28.03 -15.38
N GLU A 835 -68.20 28.87 -16.11
CA GLU A 835 -67.03 28.38 -16.83
C GLU A 835 -65.96 27.93 -15.84
N LEU A 836 -65.80 28.67 -14.75
CA LEU A 836 -64.81 28.35 -13.73
C LEU A 836 -65.18 27.09 -12.96
N THR A 837 -66.46 26.71 -12.95
CA THR A 837 -66.86 25.45 -12.34
C THR A 837 -66.53 24.26 -13.23
N ARG A 838 -66.13 24.50 -14.47
CA ARG A 838 -65.85 23.41 -15.40
C ARG A 838 -64.39 22.99 -15.40
N ILE A 839 -63.55 23.63 -14.59
CA ILE A 839 -62.16 23.20 -14.47
C ILE A 839 -62.03 21.97 -13.60
N HIS A 840 -63.14 21.48 -13.05
CA HIS A 840 -63.16 20.28 -12.22
C HIS A 840 -64.55 19.63 -12.22
N THR B 7 2.40 34.32 7.62
CA THR B 7 1.89 33.82 8.89
C THR B 7 0.37 33.84 8.93
N GLU B 8 -0.20 33.30 10.01
CA GLU B 8 -1.65 33.26 10.16
C GLU B 8 -2.26 34.66 10.24
N SER B 9 -1.44 35.68 10.54
CA SER B 9 -1.93 37.01 10.85
C SER B 9 -1.98 37.94 9.65
N ASP B 10 -1.40 37.54 8.52
CA ASP B 10 -1.32 38.39 7.32
C ASP B 10 -2.61 38.23 6.50
N TRP B 11 -3.66 38.88 7.01
CA TRP B 11 -4.98 38.81 6.40
C TRP B 11 -5.09 39.67 5.15
N GLY B 12 -6.09 39.35 4.33
CA GLY B 12 -6.38 40.09 3.12
C GLY B 12 -5.64 39.65 1.87
N LYS B 13 -4.66 38.75 2.01
CA LYS B 13 -3.86 38.28 0.89
C LYS B 13 -4.30 36.92 0.36
N ARG B 14 -4.62 35.96 1.23
CA ARG B 14 -5.00 34.63 0.77
C ARG B 14 -6.23 34.74 -0.14
N CYS B 15 -6.29 33.87 -1.15
CA CYS B 15 -7.36 33.96 -2.12
C CYS B 15 -8.55 33.07 -1.73
N VAL B 16 -9.74 33.49 -2.15
CA VAL B 16 -10.94 32.68 -1.93
C VAL B 16 -10.93 31.41 -2.76
N ASP B 17 -9.95 31.25 -3.66
CA ASP B 17 -9.78 29.99 -4.36
C ASP B 17 -9.66 28.84 -3.37
N LYS B 18 -9.18 29.14 -2.17
CA LYS B 18 -8.90 28.14 -1.16
C LYS B 18 -10.17 27.57 -0.55
N PHE B 19 -11.33 28.04 -0.97
CA PHE B 19 -12.60 27.51 -0.50
C PHE B 19 -13.45 27.05 -1.67
N ASP B 20 -14.03 25.85 -1.52
CA ASP B 20 -15.04 25.35 -2.45
C ASP B 20 -16.38 25.91 -2.00
N ILE B 21 -17.01 26.74 -2.82
CA ILE B 21 -18.26 27.36 -2.41
C ILE B 21 -19.38 26.34 -2.49
N ILE B 22 -20.13 26.20 -1.40
CA ILE B 22 -21.22 25.24 -1.36
C ILE B 22 -22.53 25.86 -1.78
N GLY B 23 -22.75 27.12 -1.46
CA GLY B 23 -23.96 27.78 -1.86
C GLY B 23 -24.20 29.01 -1.01
N ILE B 24 -25.26 29.72 -1.35
CA ILE B 24 -25.66 30.92 -0.65
C ILE B 24 -26.57 30.54 0.50
N ILE B 25 -26.25 31.04 1.70
CA ILE B 25 -27.06 30.73 2.88
C ILE B 25 -27.82 31.95 3.40
N GLY B 26 -27.54 33.14 2.88
CA GLY B 26 -28.29 34.30 3.32
C GLY B 26 -27.91 35.54 2.55
N GLU B 27 -28.85 36.48 2.54
CA GLU B 27 -28.61 37.83 2.09
C GLU B 27 -28.13 38.62 3.31
N GLY B 28 -26.94 39.20 3.22
CA GLY B 28 -26.38 39.96 4.31
C GLY B 28 -26.71 41.44 4.19
N THR B 29 -25.97 42.24 4.93
CA THR B 29 -26.12 43.69 4.87
C THR B 29 -25.15 44.30 3.86
N TYR B 30 -23.89 43.88 3.92
CA TYR B 30 -22.85 44.40 3.04
C TYR B 30 -22.49 43.43 1.92
N GLY B 31 -23.21 42.32 1.82
CA GLY B 31 -22.96 41.34 0.77
C GLY B 31 -23.75 40.08 1.06
N GLN B 32 -23.59 39.12 0.17
CA GLN B 32 -24.20 37.81 0.34
C GLN B 32 -23.31 36.94 1.22
N VAL B 33 -23.93 35.99 1.91
CA VAL B 33 -23.23 35.09 2.81
C VAL B 33 -23.29 33.70 2.21
N TYR B 34 -22.13 33.05 2.12
CA TYR B 34 -21.97 31.76 1.47
C TYR B 34 -21.49 30.71 2.47
N LYS B 35 -21.96 29.47 2.26
CA LYS B 35 -21.37 28.30 2.90
C LYS B 35 -20.27 27.76 2.00
N ALA B 36 -19.17 27.31 2.61
CA ALA B 36 -18.04 26.86 1.82
C ALA B 36 -17.24 25.85 2.63
N LYS B 37 -16.39 25.11 1.94
CA LYS B 37 -15.51 24.14 2.57
C LYS B 37 -14.07 24.54 2.25
N ASP B 38 -13.22 24.50 3.29
CA ASP B 38 -11.81 24.77 3.10
C ASP B 38 -11.18 23.61 2.33
N LYS B 39 -10.48 23.93 1.24
CA LYS B 39 -9.90 22.88 0.42
C LYS B 39 -8.78 22.14 1.15
N ASP B 40 -8.07 22.82 2.04
CA ASP B 40 -6.88 22.25 2.65
C ASP B 40 -7.21 21.45 3.90
N THR B 41 -8.14 21.95 4.72
CA THR B 41 -8.46 21.34 5.99
C THR B 41 -9.80 20.62 5.99
N GLY B 42 -10.68 20.90 5.04
CA GLY B 42 -11.98 20.29 5.02
C GLY B 42 -12.98 20.95 5.93
N GLU B 43 -12.58 21.98 6.67
CA GLU B 43 -13.50 22.64 7.57
C GLU B 43 -14.55 23.41 6.77
N LEU B 44 -15.76 23.43 7.30
CA LEU B 44 -16.83 24.25 6.74
C LEU B 44 -16.77 25.64 7.34
N VAL B 45 -16.90 26.63 6.47
CA VAL B 45 -16.80 28.03 6.86
C VAL B 45 -18.05 28.72 6.35
N ALA B 46 -18.29 29.91 6.85
CA ALA B 46 -19.30 30.81 6.31
C ALA B 46 -18.54 32.02 5.79
N LEU B 47 -18.82 32.42 4.56
CA LEU B 47 -18.11 33.51 3.93
C LEU B 47 -19.06 34.70 3.78
N LYS B 48 -18.74 35.78 4.48
CA LYS B 48 -19.44 37.05 4.36
C LYS B 48 -18.70 37.90 3.33
N LYS B 49 -19.36 38.21 2.22
CA LYS B 49 -18.73 38.93 1.12
C LYS B 49 -18.92 40.43 1.32
N VAL B 50 -17.82 41.17 1.16
CA VAL B 50 -17.83 42.62 1.24
C VAL B 50 -17.64 43.16 -0.16
N ARG B 51 -18.63 43.91 -0.65
CA ARG B 51 -18.54 44.50 -1.98
C ARG B 51 -18.18 45.96 -1.79
N LEU B 52 -16.99 46.34 -2.24
CA LEU B 52 -16.57 47.73 -2.32
C LEU B 52 -16.73 48.27 -3.74
N ASP B 53 -17.36 47.50 -4.62
CA ASP B 53 -17.54 47.96 -6.00
C ASP B 53 -18.47 49.17 -6.08
N ASN B 54 -19.43 49.28 -5.17
CA ASN B 54 -20.26 50.48 -5.13
C ASN B 54 -19.43 51.71 -4.81
N GLU B 55 -18.52 51.61 -3.85
CA GLU B 55 -17.57 52.68 -3.54
C GLU B 55 -18.28 54.01 -3.28
N LYS B 56 -19.54 53.96 -2.83
CA LYS B 56 -20.18 55.20 -2.39
C LYS B 56 -19.38 55.81 -1.24
N GLU B 57 -19.11 55.00 -0.21
CA GLU B 57 -18.24 55.35 0.90
C GLU B 57 -17.16 54.31 1.11
N GLY B 58 -16.83 53.54 0.08
CA GLY B 58 -15.75 52.58 0.19
C GLY B 58 -16.15 51.36 1.03
N PHE B 59 -15.16 50.79 1.68
CA PHE B 59 -15.39 49.62 2.52
C PHE B 59 -16.50 49.93 3.53
N PRO B 60 -17.54 49.11 3.63
CA PRO B 60 -18.66 49.47 4.51
C PRO B 60 -18.21 49.52 5.97
N ILE B 61 -18.74 50.51 6.69
CA ILE B 61 -18.43 50.61 8.11
C ILE B 61 -18.99 49.42 8.87
N THR B 62 -20.17 48.93 8.47
CA THR B 62 -20.73 47.73 9.09
C THR B 62 -19.72 46.60 9.14
N ALA B 63 -19.02 46.38 8.02
CA ALA B 63 -18.00 45.33 7.99
C ALA B 63 -16.78 45.71 8.82
N ILE B 64 -16.41 46.99 8.81
CA ILE B 64 -15.29 47.47 9.62
C ILE B 64 -15.54 47.21 11.09
N ARG B 65 -16.78 47.46 11.55
CA ARG B 65 -17.13 47.17 12.94
C ARG B 65 -16.91 45.69 13.25
N GLU B 66 -17.33 44.81 12.34
CA GLU B 66 -17.22 43.39 12.60
C GLU B 66 -15.78 42.92 12.61
N ILE B 67 -14.92 43.53 11.79
CA ILE B 67 -13.51 43.17 11.79
C ILE B 67 -12.81 43.72 13.03
N LYS B 68 -13.09 44.99 13.36
CA LYS B 68 -12.45 45.64 14.50
C LYS B 68 -12.82 44.95 15.80
N ILE B 69 -14.07 44.57 15.96
CA ILE B 69 -14.55 44.05 17.24
C ILE B 69 -14.27 42.57 17.36
N LEU B 70 -14.54 41.80 16.31
CA LEU B 70 -14.43 40.34 16.44
C LEU B 70 -13.00 39.83 16.42
N ARG B 71 -12.01 40.66 16.08
CA ARG B 71 -10.62 40.27 16.33
C ARG B 71 -10.18 40.58 17.76
N GLN B 72 -10.99 41.32 18.52
CA GLN B 72 -10.71 41.57 19.94
C GLN B 72 -11.42 40.59 20.86
N LEU B 73 -12.62 40.16 20.50
CA LEU B 73 -13.47 39.35 21.36
C LEU B 73 -13.15 37.87 21.16
N ILE B 74 -12.85 37.19 22.25
CA ILE B 74 -12.58 35.76 22.27
C ILE B 74 -13.53 35.14 23.29
N HIS B 75 -14.57 34.45 22.81
CA HIS B 75 -15.45 33.76 23.75
C HIS B 75 -16.11 32.56 23.07
N ARG B 76 -16.44 31.57 23.88
CA ARG B 76 -17.08 30.36 23.38
C ARG B 76 -18.47 30.64 22.84
N SER B 77 -19.06 31.77 23.20
CA SER B 77 -20.39 32.14 22.77
C SER B 77 -20.39 33.38 21.88
N VAL B 78 -19.24 33.76 21.35
CA VAL B 78 -19.14 34.86 20.40
C VAL B 78 -18.53 34.34 19.11
N VAL B 79 -19.20 34.62 17.99
CA VAL B 79 -18.79 34.06 16.70
C VAL B 79 -17.36 34.47 16.39
N ASN B 80 -16.60 33.57 15.78
CA ASN B 80 -15.18 33.78 15.56
C ASN B 80 -14.89 34.05 14.09
N MET B 81 -14.18 35.14 13.80
CA MET B 81 -13.71 35.43 12.46
C MET B 81 -12.32 34.81 12.28
N LYS B 82 -12.17 33.96 11.28
CA LYS B 82 -10.92 33.21 11.14
C LYS B 82 -9.88 33.94 10.29
N GLU B 83 -10.31 34.52 9.17
CA GLU B 83 -9.44 35.27 8.28
C GLU B 83 -10.31 36.06 7.31
N ILE B 84 -9.65 36.91 6.53
CA ILE B 84 -10.29 37.67 5.45
C ILE B 84 -9.52 37.35 4.18
N VAL B 85 -10.24 36.95 3.14
CA VAL B 85 -9.65 36.50 1.89
C VAL B 85 -10.23 37.34 0.75
N THR B 86 -9.60 37.24 -0.42
CA THR B 86 -9.91 38.11 -1.55
C THR B 86 -10.09 37.35 -2.84
N ASP B 87 -10.85 37.98 -3.74
CA ASP B 87 -10.97 37.56 -5.14
C ASP B 87 -9.61 37.69 -5.83
N LYS B 88 -9.43 36.97 -6.93
CA LYS B 88 -8.18 37.09 -7.66
C LYS B 88 -7.96 38.55 -8.04
N GLN B 89 -6.90 39.15 -7.53
CA GLN B 89 -6.63 40.57 -7.74
C GLN B 89 -6.02 40.79 -9.12
N ASP B 90 -6.36 41.93 -9.72
CA ASP B 90 -5.85 42.24 -11.06
C ASP B 90 -4.34 42.45 -10.95
N ALA B 91 -3.58 41.80 -11.83
CA ALA B 91 -2.14 41.91 -11.77
C ALA B 91 -1.70 43.30 -12.21
N LEU B 92 -0.96 43.96 -11.35
CA LEU B 92 -0.27 45.25 -11.65
C LEU B 92 -1.26 46.29 -12.08
N ASP B 93 -2.40 46.34 -11.42
CA ASP B 93 -3.44 47.30 -11.81
C ASP B 93 -4.37 47.47 -10.62
N PHE B 94 -3.87 48.08 -9.53
CA PHE B 94 -4.72 48.16 -8.34
C PHE B 94 -5.91 49.10 -8.52
N LYS B 95 -5.81 50.13 -9.38
CA LYS B 95 -6.97 51.02 -9.58
C LYS B 95 -8.14 50.30 -10.23
N LYS B 96 -7.87 49.43 -11.22
CA LYS B 96 -8.97 48.67 -11.81
C LYS B 96 -9.53 47.63 -10.84
N ASP B 97 -8.70 47.04 -9.98
CA ASP B 97 -9.15 45.96 -9.11
C ASP B 97 -10.43 46.33 -8.37
N LYS B 98 -11.52 45.66 -8.72
CA LYS B 98 -12.81 45.80 -8.06
C LYS B 98 -13.20 44.53 -7.32
N GLY B 99 -12.26 43.61 -7.12
CA GLY B 99 -12.60 42.35 -6.51
C GLY B 99 -13.02 42.54 -5.08
N ALA B 100 -13.74 41.56 -4.56
CA ALA B 100 -14.33 41.68 -3.24
C ALA B 100 -13.46 40.99 -2.18
N PHE B 101 -13.82 41.24 -0.94
CA PHE B 101 -13.22 40.60 0.22
C PHE B 101 -14.27 39.70 0.86
N TYR B 102 -13.82 38.63 1.52
CA TYR B 102 -14.71 37.68 2.17
C TYR B 102 -14.25 37.53 3.60
N LEU B 103 -15.16 37.70 4.56
CA LEU B 103 -14.86 37.53 5.98
C LEU B 103 -15.17 36.09 6.38
N VAL B 104 -14.15 35.35 6.82
CA VAL B 104 -14.27 33.92 7.04
C VAL B 104 -14.72 33.63 8.47
N PHE B 105 -15.82 32.91 8.61
CA PHE B 105 -16.36 32.52 9.90
C PHE B 105 -16.51 31.01 9.95
N GLU B 106 -16.61 30.48 11.17
CA GLU B 106 -16.99 29.07 11.34
C GLU B 106 -18.42 28.88 10.85
N TYR B 107 -18.71 27.72 10.27
CA TYR B 107 -20.08 27.43 9.86
C TYR B 107 -20.84 26.84 11.05
N MET B 108 -21.95 27.48 11.42
CA MET B 108 -22.83 27.02 12.47
C MET B 108 -24.02 26.32 11.82
N ASP B 109 -24.49 25.23 12.44
CA ASP B 109 -25.47 24.39 11.77
C ASP B 109 -26.79 25.14 11.54
N HIS B 110 -27.18 26.02 12.46
CA HIS B 110 -28.50 26.65 12.36
C HIS B 110 -28.46 28.09 12.86
N ASP B 111 -29.54 28.83 12.58
CA ASP B 111 -29.82 30.12 13.20
C ASP B 111 -31.14 29.99 13.94
N LEU B 112 -31.27 30.69 15.08
CA LEU B 112 -32.41 30.44 15.95
C LEU B 112 -33.74 30.75 15.26
N MET B 113 -33.79 31.81 14.45
CA MET B 113 -35.03 32.15 13.77
C MET B 113 -35.49 31.01 12.86
N GLY B 114 -34.62 30.60 11.94
CA GLY B 114 -34.99 29.56 11.01
C GLY B 114 -35.50 28.32 11.72
N LEU B 115 -34.88 27.99 12.85
CA LEU B 115 -35.33 26.83 13.61
C LEU B 115 -36.67 27.09 14.26
N LEU B 116 -36.91 28.32 14.72
CA LEU B 116 -38.18 28.66 15.35
C LEU B 116 -39.26 28.91 14.31
N GLU B 117 -38.91 29.58 13.22
CA GLU B 117 -39.89 29.83 12.16
C GLU B 117 -40.33 28.53 11.49
N SER B 118 -39.40 27.59 11.29
CA SER B 118 -39.79 26.31 10.70
C SER B 118 -40.54 25.43 11.69
N GLY B 119 -40.58 25.79 12.98
CA GLY B 119 -41.33 25.01 13.95
C GLY B 119 -40.63 23.73 14.37
N LEU B 120 -39.32 23.65 14.11
CA LEU B 120 -38.56 22.41 14.19
C LEU B 120 -37.75 22.31 15.47
N VAL B 121 -38.05 23.15 16.47
CA VAL B 121 -37.34 23.13 17.74
C VAL B 121 -38.34 23.04 18.89
N HIS B 122 -37.89 22.39 19.96
CA HIS B 122 -38.62 22.34 21.22
C HIS B 122 -37.60 22.55 22.33
N PHE B 123 -37.89 23.43 23.27
CA PHE B 123 -36.98 23.76 24.36
C PHE B 123 -37.60 23.33 25.68
N SER B 124 -36.89 22.48 26.42
CA SER B 124 -37.24 22.15 27.79
C SER B 124 -36.70 23.24 28.70
N GLU B 125 -37.10 23.24 29.97
CA GLU B 125 -36.52 24.24 30.86
C GLU B 125 -35.00 24.09 30.87
N ASP B 126 -34.52 22.85 30.95
CA ASP B 126 -33.08 22.62 31.00
C ASP B 126 -32.41 22.98 29.68
N HIS B 127 -33.15 22.93 28.56
CA HIS B 127 -32.58 23.41 27.31
C HIS B 127 -32.49 24.93 27.33
N ILE B 128 -33.47 25.59 27.95
CA ILE B 128 -33.46 27.04 28.02
C ILE B 128 -32.38 27.52 28.96
N LYS B 129 -32.11 26.77 30.03
CA LYS B 129 -30.99 27.09 30.90
C LYS B 129 -29.68 27.05 30.15
N SER B 130 -29.44 25.99 29.38
CA SER B 130 -28.18 25.87 28.67
C SER B 130 -28.02 27.01 27.67
N PHE B 131 -29.10 27.35 26.96
CA PHE B 131 -29.08 28.43 25.99
C PHE B 131 -28.75 29.76 26.65
N MET B 132 -29.52 30.13 27.68
CA MET B 132 -29.41 31.45 28.25
C MET B 132 -28.08 31.66 28.97
N LYS B 133 -27.56 30.61 29.61
CA LYS B 133 -26.26 30.74 30.26
C LYS B 133 -25.18 31.12 29.26
N GLN B 134 -25.19 30.49 28.08
CA GLN B 134 -24.23 30.84 27.04
C GLN B 134 -24.47 32.25 26.53
N LEU B 135 -25.74 32.56 26.21
CA LEU B 135 -26.06 33.87 25.66
C LEU B 135 -25.66 34.97 26.63
N MET B 136 -26.01 34.82 27.90
CA MET B 136 -25.68 35.87 28.85
C MET B 136 -24.18 35.91 29.13
N GLU B 137 -23.53 34.75 29.19
CA GLU B 137 -22.09 34.77 29.38
C GLU B 137 -21.40 35.46 28.21
N GLY B 138 -21.86 35.19 26.99
CA GLY B 138 -21.29 35.88 25.85
C GLY B 138 -21.59 37.36 25.89
N LEU B 139 -22.82 37.73 26.24
CA LEU B 139 -23.15 39.14 26.33
C LEU B 139 -22.35 39.81 27.44
N GLU B 140 -22.20 39.13 28.57
CA GLU B 140 -21.36 39.67 29.65
C GLU B 140 -19.92 39.86 29.20
N TYR B 141 -19.35 38.90 28.46
CA TYR B 141 -17.99 39.09 27.96
C TYR B 141 -17.92 40.41 27.17
N CYS B 142 -18.88 40.60 26.28
CA CYS B 142 -18.91 41.82 25.48
C CYS B 142 -19.08 43.04 26.37
N HIS B 143 -19.99 42.97 27.33
CA HIS B 143 -20.26 44.14 28.17
C HIS B 143 -19.08 44.46 29.09
N LYS B 144 -18.37 43.46 29.60
CA LYS B 144 -17.20 43.76 30.41
C LYS B 144 -16.14 44.49 29.58
N LYS B 145 -16.08 44.18 28.28
CA LYS B 145 -15.21 44.84 27.32
C LYS B 145 -15.82 46.15 26.77
N ASN B 146 -16.99 46.57 27.27
CA ASN B 146 -17.62 47.84 26.91
C ASN B 146 -18.05 47.92 25.45
N PHE B 147 -18.63 46.84 24.94
CA PHE B 147 -19.21 46.82 23.60
C PHE B 147 -20.71 46.58 23.69
N LEU B 148 -21.50 47.31 22.89
CA LEU B 148 -22.94 47.08 22.81
C LEU B 148 -23.25 46.41 21.47
N HIS B 149 -24.05 45.34 21.51
CA HIS B 149 -24.37 44.61 20.27
C HIS B 149 -25.33 45.42 19.41
N ARG B 150 -26.41 45.91 20.02
CA ARG B 150 -27.35 46.85 19.43
C ARG B 150 -28.23 46.24 18.35
N ASP B 151 -28.13 44.93 18.13
CA ASP B 151 -29.01 44.27 17.18
C ASP B 151 -29.23 42.83 17.59
N ILE B 152 -29.76 42.61 18.79
CA ILE B 152 -29.95 41.24 19.29
C ILE B 152 -31.35 40.81 18.87
N LYS B 153 -31.41 39.88 17.91
CA LYS B 153 -32.64 39.25 17.46
C LYS B 153 -32.37 37.76 17.38
N CYS B 154 -33.42 36.97 17.27
CA CYS B 154 -33.25 35.53 17.15
C CYS B 154 -32.39 35.17 15.95
N SER B 155 -32.52 35.90 14.85
CA SER B 155 -31.78 35.57 13.63
C SER B 155 -30.28 35.80 13.78
N ASN B 156 -29.84 36.57 14.78
CA ASN B 156 -28.42 36.79 15.03
C ASN B 156 -27.88 35.93 16.19
N ILE B 157 -28.58 34.85 16.55
CA ILE B 157 -28.05 33.85 17.48
C ILE B 157 -27.91 32.55 16.70
N LEU B 158 -26.67 32.12 16.48
CA LEU B 158 -26.39 30.91 15.73
C LEU B 158 -26.24 29.76 16.72
N LEU B 159 -26.72 28.58 16.32
CA LEU B 159 -26.78 27.42 17.18
C LEU B 159 -26.37 26.22 16.34
N ASN B 160 -25.38 25.46 16.77
CA ASN B 160 -25.03 24.23 16.09
C ASN B 160 -25.51 23.07 16.96
N ASN B 161 -25.57 21.88 16.36
CA ASN B 161 -26.40 20.82 16.95
C ASN B 161 -25.91 20.31 18.30
N SER B 162 -24.69 20.64 18.69
CA SER B 162 -24.16 20.21 19.98
C SER B 162 -24.76 20.99 21.15
N GLY B 163 -25.58 22.00 20.88
CA GLY B 163 -26.13 22.83 21.94
C GLY B 163 -25.39 24.13 22.12
N GLN B 164 -24.31 24.35 21.38
CA GLN B 164 -23.51 25.54 21.53
C GLN B 164 -24.21 26.73 20.89
N ILE B 165 -24.20 27.84 21.60
CA ILE B 165 -24.77 29.10 21.15
C ILE B 165 -23.62 30.02 20.80
N LYS B 166 -23.79 30.83 19.77
CA LYS B 166 -22.80 31.86 19.48
C LYS B 166 -23.55 33.09 19.00
N LEU B 167 -23.12 34.25 19.48
CA LEU B 167 -23.67 35.55 19.06
C LEU B 167 -22.96 35.98 17.77
N ALA B 168 -23.66 36.66 16.85
CA ALA B 168 -23.22 36.64 15.45
C ALA B 168 -23.03 37.99 14.79
N ASP B 169 -24.06 38.79 14.54
CA ASP B 169 -23.90 39.99 13.72
C ASP B 169 -23.54 41.21 14.55
N PHE B 170 -22.24 41.55 14.57
CA PHE B 170 -21.76 42.75 15.22
C PHE B 170 -21.66 43.96 14.29
N GLY B 171 -22.55 44.05 13.29
CA GLY B 171 -22.47 45.15 12.36
C GLY B 171 -22.94 46.46 12.91
N LEU B 172 -23.55 46.45 14.10
CA LEU B 172 -23.95 47.68 14.77
C LEU B 172 -23.24 47.88 16.10
N ALA B 173 -22.22 47.09 16.40
CA ALA B 173 -21.59 47.17 17.71
C ALA B 173 -20.70 48.41 17.82
N ARG B 174 -20.82 49.11 18.94
CA ARG B 174 -20.05 50.32 19.24
C ARG B 174 -19.66 50.29 20.72
N LEU B 175 -18.54 50.95 21.02
CA LEU B 175 -18.05 51.04 22.39
C LEU B 175 -18.95 51.92 23.24
N TYR B 176 -19.15 51.53 24.50
CA TYR B 176 -19.98 52.26 25.44
C TYR B 176 -19.08 52.90 26.49
N ASN B 177 -19.23 54.21 26.71
CA ASN B 177 -18.50 54.90 27.76
C ASN B 177 -19.48 55.40 28.82
N SER B 178 -19.27 54.92 30.05
CA SER B 178 -20.10 55.35 31.18
C SER B 178 -19.76 56.77 31.61
N GLU B 179 -18.48 57.10 31.68
CA GLU B 179 -18.06 58.45 32.07
C GLU B 179 -18.50 59.50 31.05
N GLU B 180 -18.29 59.22 29.76
CA GLU B 180 -18.64 60.15 28.68
C GLU B 180 -19.90 59.64 27.99
N SER B 181 -21.02 60.34 28.19
CA SER B 181 -22.24 59.98 27.47
C SER B 181 -22.10 60.39 26.01
N ARG B 182 -22.38 59.45 25.10
CA ARG B 182 -22.15 59.70 23.68
C ARG B 182 -23.45 59.66 22.90
N PRO B 183 -23.66 60.60 21.96
CA PRO B 183 -24.88 60.56 21.15
C PRO B 183 -24.85 59.35 20.21
N TYR B 184 -25.78 58.43 20.42
CA TYR B 184 -25.88 57.26 19.54
C TYR B 184 -27.12 57.29 18.62
N ASN B 186 -30.67 56.54 17.20
CA ASN B 186 -31.92 56.32 17.92
C ASN B 186 -32.56 54.95 17.69
N LYS B 187 -32.58 54.47 16.45
CA LYS B 187 -33.27 53.23 16.08
C LYS B 187 -32.23 52.14 15.78
N VAL B 188 -31.97 51.23 16.73
CA VAL B 188 -30.91 50.24 16.56
C VAL B 188 -31.44 48.80 16.54
N ILE B 189 -32.31 48.44 17.46
CA ILE B 189 -32.74 47.03 17.57
C ILE B 189 -34.04 46.84 16.80
N THR B 190 -34.23 45.63 16.26
CA THR B 190 -35.43 45.37 15.49
C THR B 190 -36.64 45.64 16.37
N LEU B 191 -37.70 46.18 15.76
CA LEU B 191 -38.81 46.68 16.57
C LEU B 191 -39.22 45.65 17.63
N TRP B 192 -39.25 44.37 17.26
CA TRP B 192 -39.72 43.33 18.16
C TRP B 192 -38.85 43.22 19.41
N TYR B 193 -37.54 43.40 19.26
CA TYR B 193 -36.61 43.31 20.38
C TYR B 193 -36.10 44.67 20.84
N ARG B 194 -36.79 45.77 20.44
CA ARG B 194 -36.29 47.07 20.83
C ARG B 194 -36.77 47.42 22.24
N PRO B 195 -35.90 47.97 23.07
CA PRO B 195 -36.31 48.31 24.44
C PRO B 195 -37.15 49.56 24.47
N PRO B 196 -37.94 49.76 25.52
CA PRO B 196 -38.80 50.96 25.57
C PRO B 196 -38.03 52.24 25.61
N GLU B 197 -36.83 52.24 26.20
CA GLU B 197 -36.05 53.46 26.30
C GLU B 197 -35.75 54.04 24.93
N LEU B 198 -35.49 53.17 23.94
CA LEU B 198 -35.22 53.59 22.57
C LEU B 198 -36.47 53.84 21.74
N LEU B 199 -37.61 53.27 22.12
CA LEU B 199 -38.85 53.63 21.45
C LEU B 199 -39.20 55.08 21.77
N LEU B 200 -38.72 55.57 22.89
CA LEU B 200 -38.87 56.97 23.26
C LEU B 200 -37.66 57.79 22.83
N GLY B 201 -36.72 57.19 22.11
CA GLY B 201 -35.69 58.01 21.50
C GLY B 201 -34.57 58.38 22.43
N GLU B 202 -34.12 57.47 23.29
CA GLU B 202 -33.12 57.86 24.28
C GLU B 202 -31.94 58.54 23.62
N GLU B 203 -31.25 57.85 22.71
CA GLU B 203 -30.13 58.38 21.95
C GLU B 203 -28.84 58.28 22.77
N ARG B 204 -28.97 58.23 24.10
CA ARG B 204 -27.84 57.92 24.99
C ARG B 204 -28.24 56.70 25.80
N TYR B 205 -28.08 55.52 25.23
CA TYR B 205 -28.61 54.33 25.88
C TYR B 205 -27.49 53.60 26.60
N THR B 206 -27.88 52.66 27.45
CA THR B 206 -26.97 51.87 28.26
C THR B 206 -26.89 50.46 27.70
N PRO B 207 -25.93 49.66 28.16
CA PRO B 207 -25.88 48.25 27.72
C PRO B 207 -27.14 47.48 28.05
N ALA B 208 -28.04 48.06 28.84
CA ALA B 208 -29.29 47.40 29.19
C ALA B 208 -30.19 47.20 27.97
N ILE B 209 -29.92 47.88 26.86
CA ILE B 209 -30.72 47.63 25.67
C ILE B 209 -30.60 46.17 25.25
N ASP B 210 -29.38 45.62 25.31
CA ASP B 210 -29.19 44.23 24.92
C ASP B 210 -29.89 43.29 25.89
N VAL B 211 -29.90 43.64 27.18
CA VAL B 211 -30.59 42.80 28.15
C VAL B 211 -32.06 42.68 27.80
N TRP B 212 -32.70 43.79 27.42
CA TRP B 212 -34.11 43.74 27.08
C TRP B 212 -34.36 42.74 25.96
N SER B 213 -33.57 42.81 24.89
CA SER B 213 -33.73 41.88 23.78
C SER B 213 -33.67 40.44 24.27
N CYS B 214 -32.68 40.13 25.08
CA CYS B 214 -32.52 38.76 25.54
C CYS B 214 -33.66 38.34 26.44
N GLY B 215 -34.21 39.27 27.23
CA GLY B 215 -35.41 38.95 27.97
C GLY B 215 -36.56 38.61 27.04
N CYS B 216 -36.65 39.34 25.92
CA CYS B 216 -37.66 39.04 24.92
C CYS B 216 -37.45 37.65 24.34
N ILE B 217 -36.19 37.28 24.12
CA ILE B 217 -35.89 35.93 23.66
C ILE B 217 -36.24 34.91 24.74
N LEU B 218 -35.93 35.23 26.00
CA LEU B 218 -36.24 34.31 27.09
C LEU B 218 -37.73 34.01 27.11
N GLY B 219 -38.56 35.05 27.01
CA GLY B 219 -39.99 34.81 26.93
C GLY B 219 -40.37 33.99 25.71
N GLU B 220 -39.79 34.32 24.56
CA GLU B 220 -40.12 33.63 23.31
C GLU B 220 -39.78 32.15 23.38
N LEU B 221 -38.69 31.79 24.06
CA LEU B 221 -38.33 30.38 24.15
C LEU B 221 -39.33 29.58 24.97
N PHE B 222 -40.09 30.23 25.86
CA PHE B 222 -41.11 29.55 26.64
C PHE B 222 -42.46 29.49 25.95
N THR B 223 -42.67 30.29 24.90
CA THR B 223 -43.90 30.25 24.13
C THR B 223 -43.70 29.84 22.67
N LYS B 224 -42.50 29.99 22.13
CA LYS B 224 -42.16 29.76 20.73
C LYS B 224 -42.72 30.84 19.81
N LYS B 225 -43.30 31.90 20.38
CA LYS B 225 -43.83 33.06 19.65
C LYS B 225 -43.20 34.31 20.25
N PRO B 226 -42.72 35.25 19.43
CA PRO B 226 -42.18 36.50 19.99
C PRO B 226 -43.20 37.21 20.87
N ILE B 227 -42.68 38.01 21.82
CA ILE B 227 -43.58 38.59 22.81
C ILE B 227 -44.22 39.87 22.29
N PHE B 228 -43.46 40.74 21.66
CA PHE B 228 -43.93 42.07 21.27
C PHE B 228 -43.81 42.14 19.75
N GLN B 229 -44.89 41.79 19.07
CA GLN B 229 -44.94 41.80 17.61
C GLN B 229 -45.79 42.96 17.16
N ALA B 230 -45.16 43.96 16.57
CA ALA B 230 -45.85 45.14 16.09
C ALA B 230 -45.18 45.59 14.80
N ASN B 231 -45.86 46.50 14.09
CA ASN B 231 -45.31 47.04 12.85
C ASN B 231 -44.81 48.46 13.04
N LEU B 232 -45.35 49.19 14.01
CA LEU B 232 -45.05 50.59 14.19
C LEU B 232 -44.60 50.85 15.61
N GLU B 233 -43.78 51.88 15.78
CA GLU B 233 -43.15 52.15 17.06
C GLU B 233 -44.19 52.43 18.15
N LEU B 234 -45.29 53.08 17.78
CA LEU B 234 -46.33 53.33 18.79
C LEU B 234 -47.00 52.03 19.20
N ALA B 235 -47.39 51.20 18.23
CA ALA B 235 -48.06 49.94 18.55
C ALA B 235 -47.18 49.06 19.42
N GLN B 236 -45.87 49.12 19.22
CA GLN B 236 -44.93 48.34 20.03
C GLN B 236 -44.97 48.82 21.47
N LEU B 237 -44.88 50.13 21.68
CA LEU B 237 -44.95 50.67 23.03
C LEU B 237 -46.25 50.25 23.72
N GLU B 238 -47.34 50.18 22.95
CA GLU B 238 -48.62 49.73 23.51
C GLU B 238 -48.53 48.29 23.99
N LEU B 239 -47.96 47.40 23.18
CA LEU B 239 -47.86 46.01 23.57
C LEU B 239 -46.98 45.83 24.81
N ILE B 240 -45.81 46.45 24.80
CA ILE B 240 -44.95 46.42 25.98
C ILE B 240 -45.72 46.95 27.18
N SER B 241 -46.47 48.03 27.00
CA SER B 241 -47.21 48.61 28.11
C SER B 241 -48.29 47.67 28.61
N ARG B 242 -48.98 46.96 27.70
CA ARG B 242 -50.02 46.05 28.17
C ARG B 242 -49.44 45.00 29.10
N LEU B 243 -48.18 44.65 28.91
CA LEU B 243 -47.53 43.60 29.69
C LEU B 243 -46.70 44.16 30.84
N CYS B 244 -45.82 45.11 30.55
CA CYS B 244 -44.87 45.61 31.54
C CYS B 244 -45.40 46.78 32.37
N GLY B 245 -46.48 47.40 31.95
CA GLY B 245 -46.94 48.63 32.55
C GLY B 245 -46.53 49.85 31.74
N SER B 246 -47.32 50.90 31.85
CA SER B 246 -47.04 52.09 31.06
C SER B 246 -45.86 52.85 31.66
N PRO B 247 -44.97 53.38 30.83
CA PRO B 247 -43.93 54.28 31.35
C PRO B 247 -44.56 55.47 32.07
N CYS B 248 -44.10 55.70 33.30
CA CYS B 248 -44.56 56.82 34.10
C CYS B 248 -43.52 57.07 35.18
N PRO B 249 -43.39 58.30 35.67
CA PRO B 249 -42.34 58.59 36.67
C PRO B 249 -42.42 57.69 37.90
N ALA B 250 -43.58 57.08 38.17
CA ALA B 250 -43.69 56.20 39.32
C ALA B 250 -42.69 55.05 39.27
N VAL B 251 -42.38 54.55 38.07
CA VAL B 251 -41.50 53.40 37.92
C VAL B 251 -40.24 53.71 37.12
N TRP B 252 -40.11 54.91 36.55
CA TRP B 252 -39.01 55.25 35.65
C TRP B 252 -38.80 56.75 35.79
N PRO B 253 -38.23 57.20 36.91
CA PRO B 253 -38.26 58.64 37.23
C PRO B 253 -37.83 59.54 36.08
N ASP B 254 -36.92 59.07 35.24
CA ASP B 254 -36.33 59.87 34.18
C ASP B 254 -37.07 59.74 32.84
N VAL B 255 -38.23 59.09 32.83
CA VAL B 255 -38.98 58.96 31.59
C VAL B 255 -39.37 60.34 31.06
N ILE B 256 -39.50 61.31 31.97
CA ILE B 256 -39.88 62.65 31.58
C ILE B 256 -38.80 63.38 30.79
N ARG B 257 -37.56 62.88 30.84
CA ARG B 257 -36.49 63.50 30.09
C ARG B 257 -36.45 63.04 28.63
N LEU B 258 -37.24 62.04 28.26
CA LEU B 258 -37.09 61.43 26.95
C LEU B 258 -37.88 62.20 25.90
N PRO B 259 -37.29 62.35 24.72
CA PRO B 259 -37.95 63.14 23.67
C PRO B 259 -39.43 62.86 23.47
N TYR B 260 -39.85 61.60 23.42
CA TYR B 260 -41.21 61.27 23.00
C TYR B 260 -42.13 60.83 24.14
N PHE B 261 -41.77 61.06 25.41
CA PHE B 261 -42.61 60.56 26.50
C PHE B 261 -44.01 61.14 26.44
N ASN B 262 -44.12 62.46 26.29
CA ASN B 262 -45.41 63.11 26.19
C ASN B 262 -46.10 62.81 24.86
N THR B 263 -45.30 62.59 23.81
CA THR B 263 -45.86 62.31 22.49
C THR B 263 -46.49 60.92 22.41
N MET B 264 -45.74 59.89 22.78
CA MET B 264 -46.15 58.50 22.55
C MET B 264 -46.84 57.90 23.78
N LYS B 265 -47.99 58.47 24.15
CA LYS B 265 -48.70 57.88 25.29
C LYS B 265 -49.47 56.63 24.86
N PRO B 266 -49.44 55.57 25.67
CA PRO B 266 -50.30 54.41 25.40
C PRO B 266 -51.76 54.69 25.74
N LYS B 267 -52.63 53.78 25.27
CA LYS B 267 -54.07 53.98 25.44
C LYS B 267 -54.43 54.25 26.90
N LYS B 268 -53.84 53.52 27.82
CA LYS B 268 -54.11 53.64 29.24
C LYS B 268 -52.79 53.77 29.98
N GLN B 269 -52.85 54.00 31.28
CA GLN B 269 -51.71 53.83 32.17
C GLN B 269 -51.90 52.43 32.75
N TYR B 270 -51.36 51.43 32.05
CA TYR B 270 -51.58 50.04 32.38
C TYR B 270 -50.80 49.64 33.64
N ARG B 271 -51.31 48.62 34.33
CA ARG B 271 -50.58 47.99 35.43
C ARG B 271 -49.78 46.80 34.90
N ARG B 272 -48.69 46.49 35.57
CA ARG B 272 -47.84 45.38 35.15
C ARG B 272 -48.54 44.05 35.42
N ARG B 273 -48.60 43.21 34.40
CA ARG B 273 -49.18 41.88 34.47
C ARG B 273 -48.20 40.79 34.08
N LEU B 274 -46.91 41.10 33.97
CA LEU B 274 -45.95 40.15 33.42
C LEU B 274 -46.03 38.81 34.14
N ARG B 275 -46.11 38.84 35.47
CA ARG B 275 -46.21 37.59 36.22
C ARG B 275 -47.51 36.85 35.97
N GLU B 276 -48.60 37.57 35.71
CA GLU B 276 -49.87 36.90 35.45
C GLU B 276 -49.87 36.24 34.07
N GLU B 277 -49.52 36.99 33.03
CA GLU B 277 -49.60 36.45 31.68
C GLU B 277 -48.52 35.40 31.44
N PHE B 278 -47.50 35.33 32.29
CA PHE B 278 -46.48 34.30 32.21
C PHE B 278 -46.51 33.35 33.40
N SER B 279 -47.70 33.12 33.98
CA SER B 279 -47.76 32.31 35.20
C SER B 279 -47.40 30.85 34.95
N PHE B 280 -47.40 30.40 33.68
CA PHE B 280 -47.03 29.03 33.36
C PHE B 280 -45.51 28.80 33.32
N ILE B 281 -44.71 29.83 33.61
CA ILE B 281 -43.26 29.72 33.58
C ILE B 281 -42.74 29.35 34.96
N PRO B 282 -41.72 28.49 35.04
CA PRO B 282 -41.11 28.20 36.34
C PRO B 282 -40.74 29.46 37.11
N SER B 283 -40.77 29.34 38.44
CA SER B 283 -40.55 30.49 39.30
C SER B 283 -39.18 31.10 39.08
N ALA B 284 -38.14 30.27 39.07
CA ALA B 284 -36.79 30.78 38.91
C ALA B 284 -36.63 31.52 37.58
N ALA B 285 -37.28 31.03 36.53
CA ALA B 285 -37.18 31.69 35.22
C ALA B 285 -38.06 32.94 35.18
N LEU B 286 -39.29 32.84 35.67
CA LEU B 286 -40.18 34.00 35.66
C LEU B 286 -39.53 35.20 36.33
N ASP B 287 -38.83 34.97 37.44
CA ASP B 287 -38.13 36.05 38.11
C ASP B 287 -37.07 36.68 37.21
N LEU B 288 -36.38 35.86 36.43
CA LEU B 288 -35.41 36.40 35.47
C LEU B 288 -36.09 37.24 34.42
N LEU B 289 -37.22 36.76 33.87
CA LEU B 289 -37.90 37.52 32.83
C LEU B 289 -38.38 38.86 33.37
N ASP B 290 -38.97 38.86 34.58
CA ASP B 290 -39.47 40.09 35.16
C ASP B 290 -38.35 41.11 35.34
N HIS B 291 -37.16 40.65 35.72
CA HIS B 291 -36.04 41.55 35.97
C HIS B 291 -35.40 42.01 34.66
N MET B 292 -35.42 41.15 33.64
CA MET B 292 -34.88 41.54 32.34
C MET B 292 -35.83 42.44 31.57
N LEU B 293 -37.13 42.31 31.76
CA LEU B 293 -38.09 43.18 31.07
C LEU B 293 -38.58 44.30 31.97
N THR B 294 -37.64 44.91 32.68
CA THR B 294 -37.90 46.09 33.49
C THR B 294 -37.84 47.33 32.62
N LEU B 295 -38.80 48.24 32.82
CA LEU B 295 -38.91 49.40 31.95
C LEU B 295 -37.69 50.31 32.08
N ASP B 296 -37.35 50.68 33.31
CA ASP B 296 -36.29 51.66 33.55
C ASP B 296 -34.92 51.01 33.35
N PRO B 297 -34.16 51.42 32.33
CA PRO B 297 -32.87 50.73 32.07
C PRO B 297 -31.92 50.76 33.25
N SER B 298 -32.03 51.73 34.16
CA SER B 298 -31.17 51.78 35.33
C SER B 298 -31.62 50.84 36.44
N LYS B 299 -32.82 50.27 36.33
CA LYS B 299 -33.33 49.26 37.24
C LYS B 299 -33.38 47.88 36.59
N ARG B 300 -33.18 47.82 35.28
CA ARG B 300 -33.09 46.55 34.57
C ARG B 300 -31.77 45.89 34.90
N CYS B 301 -31.83 44.60 35.23
CA CYS B 301 -30.65 43.85 35.66
C CYS B 301 -29.57 43.85 34.60
N THR B 302 -28.34 43.56 35.05
CA THR B 302 -27.20 43.46 34.16
C THR B 302 -27.10 42.03 33.63
N ALA B 303 -26.20 41.83 32.65
CA ALA B 303 -25.95 40.47 32.20
C ALA B 303 -25.42 39.62 33.36
N GLU B 304 -24.47 40.17 34.11
CA GLU B 304 -23.88 39.45 35.22
C GLU B 304 -24.95 39.04 36.23
N GLN B 305 -25.89 39.93 36.51
CA GLN B 305 -26.90 39.63 37.51
C GLN B 305 -27.75 38.44 37.06
N THR B 306 -27.93 38.26 35.75
CA THR B 306 -28.65 37.09 35.26
C THR B 306 -27.85 35.80 35.49
N LEU B 307 -26.52 35.88 35.33
CA LEU B 307 -25.66 34.73 35.57
C LEU B 307 -25.55 34.37 37.03
N GLN B 308 -25.87 35.30 37.92
CA GLN B 308 -25.98 35.08 39.36
C GLN B 308 -27.45 35.10 39.75
N SER B 309 -28.25 34.33 39.04
CA SER B 309 -29.66 34.14 39.32
C SER B 309 -29.95 32.67 39.63
N ASP B 310 -31.03 32.43 40.37
CA ASP B 310 -31.43 31.06 40.67
C ASP B 310 -31.58 30.23 39.39
N PHE B 311 -31.94 30.87 38.27
CA PHE B 311 -32.21 30.12 37.05
C PHE B 311 -30.94 29.67 36.34
N LEU B 312 -29.94 30.54 36.22
CA LEU B 312 -28.74 30.24 35.44
C LEU B 312 -27.51 30.00 36.30
N LYS B 313 -27.55 30.33 37.59
CA LYS B 313 -26.37 30.29 38.42
C LYS B 313 -25.77 28.88 38.50
N ASP B 314 -26.61 27.87 38.66
CA ASP B 314 -26.12 26.52 38.93
C ASP B 314 -26.23 25.62 37.71
N VAL B 315 -26.44 26.20 36.53
CA VAL B 315 -26.44 25.45 35.28
C VAL B 315 -25.00 25.14 34.91
N GLU B 316 -24.71 23.90 34.57
CA GLU B 316 -23.35 23.46 34.27
C GLU B 316 -23.17 23.29 32.77
N LEU B 317 -22.10 23.91 32.23
CA LEU B 317 -21.92 23.92 30.78
C LEU B 317 -21.44 22.60 30.23
N SER B 318 -20.91 21.72 31.05
CA SER B 318 -20.55 20.40 30.57
C SER B 318 -21.77 19.62 30.12
N LYS B 319 -22.91 19.86 30.76
CA LYS B 319 -24.17 19.19 30.43
C LYS B 319 -24.98 20.14 29.55
N MET B 320 -24.63 20.15 28.26
CA MET B 320 -25.21 21.13 27.37
C MET B 320 -26.66 20.87 26.94
N ALA B 321 -27.14 19.63 26.99
CA ALA B 321 -28.51 19.32 26.57
C ALA B 321 -28.86 20.07 25.29
N PRO B 322 -28.54 19.53 24.13
CA PRO B 322 -28.91 20.20 22.86
C PRO B 322 -30.42 20.21 22.69
N PRO B 323 -30.99 21.30 22.15
CA PRO B 323 -32.45 21.34 22.00
C PRO B 323 -32.94 20.23 21.09
N ASP B 324 -34.23 19.92 21.22
CA ASP B 324 -34.84 18.80 20.50
C ASP B 324 -35.15 19.20 19.06
N LEU B 325 -34.12 19.09 18.21
CA LEU B 325 -34.24 19.33 16.78
C LEU B 325 -34.52 18.00 16.07
N PRO B 326 -35.78 17.61 15.85
CA PRO B 326 -36.01 16.28 15.27
C PRO B 326 -35.80 16.33 13.76
N HIS B 327 -35.08 15.32 13.26
CA HIS B 327 -34.75 15.23 11.84
C HIS B 327 -35.22 13.90 11.27
N TRP B 328 -36.08 13.17 11.97
CA TRP B 328 -36.71 11.97 11.47
C TRP B 328 -38.14 11.96 11.98
N GLN B 329 -39.03 11.37 11.19
CA GLN B 329 -40.49 11.42 11.35
C GLN B 329 -40.96 12.78 10.85
N ASP B 330 -40.05 13.64 10.39
CA ASP B 330 -40.43 14.86 9.69
C ASP B 330 -40.80 14.57 8.25
N CYS B 331 -40.17 13.57 7.64
CA CYS B 331 -40.51 13.14 6.30
C CYS B 331 -41.94 12.59 6.24
N HIS B 332 -42.26 11.60 7.08
CA HIS B 332 -43.61 11.04 7.14
C HIS B 332 -44.14 11.16 8.56
N GLU B 333 -45.24 11.90 8.71
CA GLU B 333 -45.80 12.22 10.01
C GLU B 333 -46.40 11.00 10.70
N THR C 24 -1.86 34.60 15.02
CA THR C 24 -2.97 35.33 15.60
C THR C 24 -2.95 36.80 15.19
N LYS C 25 -2.12 37.63 15.85
CA LYS C 25 -2.00 39.06 15.58
C LYS C 25 -0.60 39.46 15.11
N PRO C 26 -0.51 40.48 14.25
CA PRO C 26 0.78 40.82 13.64
C PRO C 26 1.68 41.63 14.57
N CYS C 27 2.97 41.65 14.21
CA CYS C 27 3.95 42.47 14.92
C CYS C 27 4.08 43.80 14.20
N TRP C 28 3.83 44.90 14.91
CA TRP C 28 3.82 46.22 14.29
C TRP C 28 4.94 47.13 14.81
N TYR C 29 6.03 46.55 15.30
CA TYR C 29 7.14 47.30 15.87
C TYR C 29 8.47 46.81 15.28
N TRP C 30 9.34 47.77 14.98
CA TRP C 30 10.62 47.53 14.35
C TRP C 30 11.74 48.16 15.16
N ASP C 31 12.99 47.78 14.85
CA ASP C 31 14.17 48.40 15.45
C ASP C 31 14.61 49.61 14.63
N LYS C 32 15.10 50.64 15.32
CA LYS C 32 15.57 51.84 14.63
C LYS C 32 16.46 51.45 13.45
N LYS C 33 17.38 50.53 13.69
CA LYS C 33 18.31 50.11 12.65
C LYS C 33 17.58 49.62 11.41
N ASP C 34 16.36 49.09 11.59
CA ASP C 34 15.64 48.52 10.47
C ASP C 34 15.07 49.58 9.53
N LEU C 35 14.97 50.82 9.99
CA LEU C 35 14.40 51.86 9.15
C LEU C 35 15.35 52.30 8.04
N ALA C 36 16.59 51.83 8.08
CA ALA C 36 17.55 52.06 7.00
C ALA C 36 17.25 51.21 5.79
N HIS C 37 16.29 50.30 5.90
CA HIS C 37 15.94 49.36 4.87
C HIS C 37 14.45 49.42 4.59
N THR C 38 13.84 50.59 4.72
CA THR C 38 12.48 50.76 4.26
C THR C 38 12.51 50.76 2.74
N PRO C 39 11.40 50.41 2.11
CA PRO C 39 11.37 50.42 0.63
C PRO C 39 11.79 51.75 0.04
N SER C 40 11.37 52.85 0.67
CA SER C 40 11.69 54.17 0.17
C SER C 40 13.20 54.40 0.14
N GLN C 41 13.89 53.98 1.20
CA GLN C 41 15.34 54.14 1.27
C GLN C 41 16.04 53.36 0.16
N LEU C 42 15.62 52.12 -0.07
CA LEU C 42 16.25 51.26 -1.05
C LEU C 42 15.91 51.64 -2.48
N GLU C 43 14.98 52.58 -2.68
CA GLU C 43 14.75 53.20 -3.97
C GLU C 43 15.47 54.54 -4.12
N GLY C 44 16.38 54.87 -3.21
CA GLY C 44 17.27 56.01 -3.35
C GLY C 44 16.94 57.21 -2.49
N LEU C 45 15.89 57.16 -1.69
CA LEU C 45 15.58 58.26 -0.79
C LEU C 45 16.55 58.25 0.38
N ASP C 46 16.96 59.44 0.83
CA ASP C 46 17.91 59.54 1.94
C ASP C 46 17.16 59.55 3.27
N PRO C 47 17.86 59.22 4.37
CA PRO C 47 17.14 59.15 5.66
C PRO C 47 16.44 60.45 6.00
N ALA C 48 17.10 61.58 5.76
CA ALA C 48 16.51 62.87 6.08
C ALA C 48 15.22 63.08 5.30
N THR C 49 15.25 62.77 4.00
CA THR C 49 14.08 63.01 3.17
C THR C 49 12.90 62.14 3.59
N GLU C 50 13.13 60.85 3.86
CA GLU C 50 12.00 60.02 4.24
C GLU C 50 11.36 60.52 5.53
N ALA C 51 12.18 60.92 6.52
CA ALA C 51 11.60 61.46 7.76
C ALA C 51 10.86 62.76 7.48
N ARG C 52 11.40 63.61 6.61
CA ARG C 52 10.68 64.83 6.25
C ARG C 52 9.34 64.48 5.63
N TYR C 53 9.33 63.53 4.69
CA TYR C 53 8.07 63.11 4.11
C TYR C 53 7.12 62.60 5.18
N ARG C 54 7.68 61.86 6.15
CA ARG C 54 6.83 61.32 7.21
C ARG C 54 6.24 62.43 8.06
N ARG C 55 7.05 63.45 8.40
CA ARG C 55 6.51 64.55 9.18
C ARG C 55 5.40 65.26 8.41
N GLU C 56 5.67 65.56 7.13
CA GLU C 56 4.71 66.29 6.31
C GLU C 56 3.42 65.50 6.14
N GLY C 57 3.52 64.20 5.90
CA GLY C 57 2.32 63.39 5.78
C GLY C 57 1.54 63.32 7.08
N ALA C 58 2.22 63.06 8.18
CA ALA C 58 1.53 63.02 9.47
C ALA C 58 0.86 64.35 9.76
N ARG C 59 1.59 65.47 9.59
CA ARG C 59 1.03 66.78 9.90
C ARG C 59 -0.12 67.12 8.95
N PHE C 60 -0.02 66.71 7.69
CA PHE C 60 -1.15 66.82 6.77
C PHE C 60 -2.38 66.11 7.33
N ILE C 61 -2.21 64.86 7.77
CA ILE C 61 -3.33 64.13 8.36
C ILE C 61 -3.86 64.91 9.56
N PHE C 62 -2.96 65.36 10.44
CA PHE C 62 -3.35 66.08 11.65
C PHE C 62 -4.10 67.35 11.32
N ASP C 63 -3.57 68.14 10.39
CA ASP C 63 -4.18 69.42 10.07
C ASP C 63 -5.53 69.21 9.38
N VAL C 64 -5.59 68.29 8.42
CA VAL C 64 -6.85 68.03 7.73
C VAL C 64 -7.94 67.61 8.72
N GLY C 65 -7.64 66.63 9.56
CA GLY C 65 -8.63 66.14 10.49
C GLY C 65 -9.01 67.15 11.55
N THR C 66 -8.05 67.99 11.97
CA THR C 66 -8.37 69.03 12.93
C THR C 66 -9.34 70.04 12.32
N ARG C 67 -9.13 70.42 11.06
CA ARG C 67 -10.06 71.34 10.40
C ARG C 67 -11.47 70.74 10.36
N LEU C 68 -11.55 69.42 10.17
CA LEU C 68 -12.84 68.74 10.11
C LEU C 68 -13.43 68.45 11.48
N GLY C 69 -12.75 68.82 12.56
CA GLY C 69 -13.29 68.61 13.88
C GLY C 69 -13.13 67.20 14.42
N LEU C 70 -12.11 66.48 13.98
CA LEU C 70 -11.99 65.07 14.34
C LEU C 70 -11.33 64.89 15.69
N HIS C 71 -11.83 63.89 16.41
CA HIS C 71 -11.29 63.45 17.70
C HIS C 71 -9.81 63.11 17.58
N TYR C 72 -9.09 63.28 18.69
CA TYR C 72 -7.63 63.11 18.64
C TYR C 72 -7.25 61.66 18.34
N ASP C 73 -8.04 60.70 18.80
CA ASP C 73 -7.79 59.30 18.46
C ASP C 73 -7.90 59.09 16.96
N THR C 74 -8.89 59.72 16.32
CA THR C 74 -9.06 59.53 14.89
C THR C 74 -7.84 60.03 14.13
N LEU C 75 -7.30 61.19 14.54
CA LEU C 75 -6.09 61.69 13.89
C LEU C 75 -4.94 60.72 14.09
N ALA C 76 -4.75 60.23 15.32
CA ALA C 76 -3.62 59.35 15.60
C ALA C 76 -3.74 58.03 14.83
N THR C 77 -4.94 57.45 14.79
CA THR C 77 -5.11 56.19 14.07
C THR C 77 -4.71 56.35 12.61
N GLY C 78 -5.17 57.41 11.96
CA GLY C 78 -4.74 57.65 10.59
C GLY C 78 -3.24 57.77 10.48
N ILE C 79 -2.62 58.47 11.43
CA ILE C 79 -1.18 58.68 11.39
C ILE C 79 -0.45 57.35 11.57
N ILE C 80 -1.00 56.47 12.40
CA ILE C 80 -0.35 55.17 12.61
C ILE C 80 -0.48 54.32 11.37
N TYR C 81 -1.67 54.29 10.75
CA TYR C 81 -1.84 53.64 9.47
C TYR C 81 -0.81 54.16 8.47
N PHE C 82 -0.65 55.49 8.41
CA PHE C 82 0.29 56.11 7.49
C PHE C 82 1.71 55.61 7.73
N HIS C 83 2.18 55.70 8.97
CA HIS C 83 3.55 55.30 9.28
C HIS C 83 3.78 53.84 8.97
N ARG C 84 2.84 52.97 9.34
CA ARG C 84 2.97 51.56 9.04
C ARG C 84 3.00 51.32 7.53
N PHE C 85 2.16 52.05 6.79
CA PHE C 85 2.07 51.85 5.35
C PHE C 85 3.44 51.92 4.68
N TYR C 86 4.23 52.94 5.04
CA TYR C 86 5.48 53.24 4.36
C TYR C 86 6.66 52.46 4.92
N MET C 87 6.38 51.45 5.76
CA MET C 87 7.29 50.35 6.03
C MET C 87 7.12 49.23 5.00
N PHE C 88 6.09 49.33 4.16
CA PHE C 88 5.81 48.33 3.14
C PHE C 88 5.83 48.89 1.72
N HIS C 89 5.88 50.21 1.55
CA HIS C 89 5.84 50.82 0.23
C HIS C 89 6.79 52.00 0.20
N SER C 90 7.11 52.47 -1.01
CA SER C 90 8.00 53.60 -1.20
C SER C 90 7.21 54.88 -1.47
N PHE C 91 7.66 55.99 -0.90
CA PHE C 91 7.04 57.27 -1.16
C PHE C 91 7.12 57.66 -2.64
N LYS C 92 8.09 57.13 -3.38
CA LYS C 92 8.24 57.48 -4.78
C LYS C 92 7.15 56.87 -5.65
N GLN C 93 6.46 55.83 -5.16
CA GLN C 93 5.39 55.20 -5.89
C GLN C 93 4.01 55.46 -5.30
N PHE C 94 3.93 55.94 -4.07
CA PHE C 94 2.64 56.29 -3.47
C PHE C 94 2.68 57.71 -2.93
N PRO C 95 2.10 58.68 -3.64
CA PRO C 95 2.14 60.07 -3.18
C PRO C 95 1.59 60.22 -1.78
N ARG C 96 2.35 60.93 -0.94
CA ARG C 96 2.13 60.85 0.50
C ARG C 96 0.82 61.50 0.94
N TYR C 97 0.44 62.62 0.31
CA TYR C 97 -0.79 63.28 0.76
C TYR C 97 -2.02 62.48 0.36
N VAL C 98 -1.97 61.76 -0.77
CA VAL C 98 -3.07 60.85 -1.10
C VAL C 98 -3.17 59.77 -0.03
N THR C 99 -2.03 59.17 0.31
CA THR C 99 -2.01 58.17 1.36
C THR C 99 -2.55 58.73 2.66
N GLY C 100 -2.07 59.91 3.05
CA GLY C 100 -2.56 60.54 4.26
C GLY C 100 -4.06 60.70 4.26
N ALA C 101 -4.60 61.26 3.18
CA ALA C 101 -6.05 61.46 3.09
C ALA C 101 -6.78 60.13 3.20
N CYS C 102 -6.27 59.09 2.55
CA CYS C 102 -6.89 57.77 2.64
C CYS C 102 -6.85 57.23 4.06
N CYS C 103 -5.70 57.34 4.72
CA CYS C 103 -5.60 56.87 6.09
C CYS C 103 -6.61 57.56 6.99
N LEU C 104 -6.71 58.88 6.87
CA LEU C 104 -7.68 59.61 7.67
C LEU C 104 -9.10 59.15 7.34
N PHE C 105 -9.39 58.98 6.05
CA PHE C 105 -10.70 58.53 5.64
C PHE C 105 -11.06 57.20 6.30
N LEU C 106 -10.14 56.23 6.26
CA LEU C 106 -10.40 54.94 6.89
C LEU C 106 -10.44 55.07 8.40
N ALA C 107 -9.49 55.82 8.98
CA ALA C 107 -9.47 56.03 10.41
C ALA C 107 -10.81 56.53 10.91
N GLY C 108 -11.43 57.45 10.17
CA GLY C 108 -12.73 57.96 10.57
C GLY C 108 -13.77 56.87 10.66
N LYS C 109 -13.76 55.92 9.72
CA LYS C 109 -14.71 54.81 9.82
C LYS C 109 -14.34 53.89 10.97
N VAL C 110 -13.05 53.61 11.16
CA VAL C 110 -12.63 52.69 12.21
C VAL C 110 -13.02 53.23 13.58
N GLU C 111 -12.73 54.52 13.83
CA GLU C 111 -12.92 55.12 15.14
C GLU C 111 -14.34 55.71 15.33
N GLU C 112 -15.25 55.45 14.39
CA GLU C 112 -16.64 55.93 14.46
C GLU C 112 -16.74 57.45 14.51
N THR C 113 -15.86 58.12 13.78
CA THR C 113 -15.95 59.56 13.52
C THR C 113 -15.89 59.75 12.01
N PRO C 114 -16.87 59.23 11.28
CA PRO C 114 -16.74 59.14 9.82
C PRO C 114 -16.85 60.49 9.14
N LYS C 115 -16.19 60.58 7.98
CA LYS C 115 -16.28 61.74 7.12
C LYS C 115 -16.44 61.26 5.68
N LYS C 116 -17.13 62.04 4.87
CA LYS C 116 -17.27 61.72 3.46
C LYS C 116 -15.95 62.03 2.76
N CYS C 117 -15.57 61.18 1.80
CA CYS C 117 -14.29 61.39 1.14
C CYS C 117 -14.24 62.75 0.47
N LYS C 118 -15.35 63.20 -0.12
CA LYS C 118 -15.36 64.50 -0.78
C LYS C 118 -14.99 65.61 0.20
N ASP C 119 -15.43 65.49 1.45
CA ASP C 119 -15.10 66.53 2.44
C ASP C 119 -13.63 66.51 2.82
N ILE C 120 -13.00 65.32 2.87
CA ILE C 120 -11.57 65.28 3.12
C ILE C 120 -10.82 65.93 1.97
N ILE C 121 -11.25 65.66 0.74
CA ILE C 121 -10.60 66.26 -0.42
C ILE C 121 -10.75 67.78 -0.35
N LYS C 122 -11.96 68.25 -0.07
CA LYS C 122 -12.20 69.69 0.01
C LYS C 122 -11.23 70.33 0.99
N THR C 123 -11.09 69.75 2.17
CA THR C 123 -10.19 70.30 3.17
C THR C 123 -8.73 70.16 2.73
N ALA C 124 -8.38 69.04 2.10
CA ALA C 124 -7.01 68.88 1.62
C ALA C 124 -6.67 69.93 0.57
N ARG C 125 -7.64 70.28 -0.29
CA ARG C 125 -7.41 71.31 -1.28
C ARG C 125 -7.22 72.67 -0.62
N SER C 126 -7.98 72.95 0.43
CA SER C 126 -7.86 74.22 1.15
C SER C 126 -6.45 74.38 1.71
N LEU C 127 -5.85 73.29 2.19
CA LEU C 127 -4.59 73.38 2.90
C LEU C 127 -3.37 73.15 2.03
N LEU C 128 -3.54 72.56 0.84
CA LEU C 128 -2.41 72.23 -0.03
C LEU C 128 -2.30 73.25 -1.16
N ASN C 129 -1.07 73.58 -1.55
CA ASN C 129 -0.87 74.49 -2.68
C ASN C 129 -1.15 73.73 -3.97
N ASP C 130 -0.93 74.40 -5.11
CA ASP C 130 -1.30 73.80 -6.38
C ASP C 130 -0.39 72.61 -6.70
N VAL C 131 0.91 72.76 -6.45
CA VAL C 131 1.85 71.66 -6.71
C VAL C 131 1.51 70.46 -5.85
N GLN C 132 1.29 70.67 -4.56
CA GLN C 132 1.04 69.58 -3.64
C GLN C 132 -0.24 68.85 -4.01
N PHE C 133 -1.31 69.60 -4.28
CA PHE C 133 -2.56 68.95 -4.66
C PHE C 133 -2.45 68.24 -6.00
N GLY C 134 -1.34 68.45 -6.73
CA GLY C 134 -1.13 67.70 -7.95
C GLY C 134 -1.03 66.20 -7.71
N GLN C 135 -0.61 65.79 -6.52
CA GLN C 135 -0.52 64.36 -6.23
C GLN C 135 -1.84 63.64 -6.43
N PHE C 136 -2.96 64.32 -6.17
CA PHE C 136 -4.28 63.70 -6.28
C PHE C 136 -4.72 63.50 -7.72
N GLY C 137 -3.95 64.00 -8.68
CA GLY C 137 -4.24 63.74 -10.07
C GLY C 137 -5.49 64.48 -10.51
N ASP C 138 -6.07 63.99 -11.60
CA ASP C 138 -7.22 64.65 -12.21
C ASP C 138 -8.49 64.40 -11.43
N ASP C 139 -8.57 63.28 -10.70
CA ASP C 139 -9.75 62.93 -9.92
C ASP C 139 -9.29 62.63 -8.50
N PRO C 140 -9.26 63.64 -7.64
CA PRO C 140 -8.77 63.40 -6.27
C PRO C 140 -9.53 62.30 -5.53
N LYS C 141 -10.87 62.36 -5.51
CA LYS C 141 -11.63 61.36 -4.75
C LYS C 141 -11.29 59.95 -5.20
N GLU C 142 -11.19 59.73 -6.50
CA GLU C 142 -10.90 58.38 -6.99
C GLU C 142 -9.52 57.90 -6.53
N GLU C 143 -8.49 58.73 -6.66
CA GLU C 143 -7.16 58.30 -6.25
C GLU C 143 -7.17 57.85 -4.79
N VAL C 144 -7.96 58.53 -3.96
CA VAL C 144 -8.03 58.19 -2.54
C VAL C 144 -8.84 56.91 -2.33
N MET C 145 -10.06 56.86 -2.88
CA MET C 145 -10.92 55.70 -2.65
C MET C 145 -10.26 54.42 -3.16
N VAL C 146 -9.56 54.52 -4.29
CA VAL C 146 -8.93 53.34 -4.88
C VAL C 146 -7.86 52.78 -3.94
N LEU C 147 -7.21 53.65 -3.18
CA LEU C 147 -6.11 53.23 -2.33
C LEU C 147 -6.58 52.47 -1.10
N GLU C 148 -7.85 52.62 -0.71
CA GLU C 148 -8.35 51.94 0.49
C GLU C 148 -8.10 50.44 0.42
N ARG C 149 -8.25 49.85 -0.75
CA ARG C 149 -7.99 48.43 -0.90
C ARG C 149 -6.56 48.08 -0.50
N ILE C 150 -5.59 48.84 -1.02
CA ILE C 150 -4.19 48.60 -0.67
C ILE C 150 -3.95 48.89 0.80
N LEU C 151 -4.51 49.99 1.30
CA LEU C 151 -4.31 50.31 2.71
C LEU C 151 -4.73 49.15 3.60
N LEU C 152 -5.94 48.62 3.37
CA LEU C 152 -6.45 47.53 4.21
C LEU C 152 -5.56 46.29 4.13
N GLN C 153 -5.15 45.89 2.92
CA GLN C 153 -4.30 44.70 2.81
C GLN C 153 -2.96 44.96 3.49
N THR C 154 -2.45 46.19 3.39
CA THR C 154 -1.15 46.54 3.96
C THR C 154 -1.20 46.49 5.49
N ILE C 155 -2.25 47.07 6.09
CA ILE C 155 -2.35 47.06 7.54
C ILE C 155 -2.90 45.71 8.01
N LYS C 156 -2.99 44.76 7.10
CA LYS C 156 -3.33 43.38 7.45
C LYS C 156 -4.64 43.31 8.23
N PHE C 157 -5.53 44.26 7.97
CA PHE C 157 -6.84 44.32 8.61
C PHE C 157 -6.77 44.32 10.14
N ASP C 158 -5.63 44.72 10.70
CA ASP C 158 -5.51 44.95 12.14
C ASP C 158 -5.86 46.42 12.35
N LEU C 159 -7.15 46.68 12.56
CA LEU C 159 -7.68 48.03 12.57
C LEU C 159 -7.70 48.68 13.95
N GLN C 160 -7.73 47.87 15.01
CA GLN C 160 -7.77 48.41 16.36
C GLN C 160 -6.37 48.89 16.72
N VAL C 161 -6.28 50.13 17.17
CA VAL C 161 -5.01 50.73 17.54
C VAL C 161 -5.20 51.41 18.89
N GLU C 162 -4.20 51.30 19.75
CA GLU C 162 -4.15 51.97 21.03
C GLU C 162 -3.13 53.10 20.91
N HIS C 163 -3.36 54.18 21.65
CA HIS C 163 -2.51 55.36 21.51
C HIS C 163 -2.00 55.81 22.86
N PRO C 164 -0.86 56.53 22.90
CA PRO C 164 -0.31 56.95 24.19
C PRO C 164 -1.29 57.74 25.04
N TYR C 165 -2.29 58.38 24.44
CA TYR C 165 -3.17 59.26 25.21
C TYR C 165 -3.87 58.50 26.33
N GLN C 166 -4.48 57.36 26.01
CA GLN C 166 -5.28 56.69 27.03
C GLN C 166 -4.42 56.28 28.22
N PHE C 167 -3.15 55.95 27.98
CA PHE C 167 -2.27 55.55 29.06
C PHE C 167 -1.79 56.76 29.84
N LEU C 168 -1.52 57.86 29.16
CA LEU C 168 -1.17 59.09 29.85
C LEU C 168 -2.24 59.46 30.88
N LEU C 169 -3.51 59.28 30.52
CA LEU C 169 -4.58 59.59 31.46
C LEU C 169 -4.77 58.46 32.48
N LYS C 170 -4.70 57.20 32.05
CA LYS C 170 -4.87 56.10 33.01
C LYS C 170 -3.81 56.18 34.11
N TYR C 171 -2.56 56.48 33.75
CA TYR C 171 -1.48 56.56 34.72
C TYR C 171 -1.55 57.84 35.54
N ALA C 172 -1.95 58.95 34.91
CA ALA C 172 -2.02 60.22 35.64
C ALA C 172 -3.13 60.22 36.68
N LYS C 173 -4.18 59.41 36.48
CA LYS C 173 -5.25 59.32 37.46
C LYS C 173 -4.79 58.67 38.76
N GLN C 174 -3.71 57.89 38.71
CA GLN C 174 -3.18 57.23 39.88
C GLN C 174 -2.15 58.07 40.61
N LEU C 175 -1.87 59.27 40.10
CA LEU C 175 -1.02 60.22 40.78
C LEU C 175 -1.88 61.08 41.70
N LYS C 176 -1.46 61.24 42.94
CA LYS C 176 -2.17 62.08 43.91
C LYS C 176 -1.18 63.09 44.49
N GLY C 177 -1.59 64.34 44.50
CA GLY C 177 -0.76 65.43 44.97
C GLY C 177 -1.32 66.76 44.47
N ASP C 178 -0.42 67.74 44.36
CA ASP C 178 -0.78 69.07 43.88
C ASP C 178 -1.52 69.00 42.55
N LYS C 179 -2.80 69.38 42.55
CA LYS C 179 -3.60 69.29 41.34
C LYS C 179 -2.93 69.99 40.17
N ASN C 180 -2.31 71.14 40.45
CA ASN C 180 -1.77 72.00 39.40
C ASN C 180 -0.44 71.50 38.84
N LYS C 181 0.41 70.92 39.69
CA LYS C 181 1.66 70.36 39.19
C LYS C 181 1.40 69.15 38.31
N ILE C 182 0.43 68.31 38.68
CA ILE C 182 0.10 67.14 37.87
C ILE C 182 -0.56 67.55 36.56
N GLN C 183 -1.48 68.53 36.59
CA GLN C 183 -2.10 68.96 35.35
C GLN C 183 -1.05 69.55 34.41
N LYS C 184 -0.08 70.29 34.95
CA LYS C 184 1.01 70.77 34.10
C LYS C 184 1.80 69.60 33.50
N LEU C 185 2.03 68.55 34.31
CA LEU C 185 2.73 67.37 33.79
C LEU C 185 1.93 66.76 32.64
N VAL C 186 0.62 66.58 32.85
CA VAL C 186 -0.20 65.94 31.81
C VAL C 186 -0.19 66.76 30.54
N GLN C 187 -0.47 68.06 30.63
CA GLN C 187 -0.54 68.85 29.41
C GLN C 187 0.78 68.85 28.66
N MET C 188 1.89 68.99 29.37
CA MET C 188 3.18 68.97 28.69
C MET C 188 3.42 67.62 28.03
N ALA C 189 3.09 66.53 28.74
CA ALA C 189 3.27 65.20 28.16
C ALA C 189 2.34 65.00 26.96
N TRP C 190 1.10 65.48 27.07
CA TRP C 190 0.17 65.39 25.95
C TRP C 190 0.75 66.05 24.70
N THR C 191 1.37 67.23 24.86
CA THR C 191 2.00 67.88 23.71
C THR C 191 3.11 67.01 23.15
N PHE C 192 3.88 66.35 24.03
CA PHE C 192 4.93 65.45 23.53
C PHE C 192 4.34 64.27 22.77
N VAL C 193 3.15 63.81 23.16
CA VAL C 193 2.51 62.75 22.40
C VAL C 193 2.13 63.25 21.00
N ASN C 194 1.50 64.42 20.94
CA ASN C 194 1.14 64.99 19.63
C ASN C 194 2.37 65.14 18.74
N ASP C 195 3.50 65.53 19.35
CA ASP C 195 4.70 65.76 18.56
C ASP C 195 5.35 64.45 18.13
N SER C 196 5.19 63.39 18.92
CA SER C 196 5.77 62.10 18.59
C SER C 196 5.06 61.44 17.42
N LEU C 197 3.86 61.90 17.07
CA LEU C 197 3.17 61.33 15.91
C LEU C 197 3.89 61.64 14.61
N CYS C 198 4.74 62.67 14.60
CA CYS C 198 5.51 63.00 13.40
C CYS C 198 6.71 62.08 13.19
N THR C 199 6.98 61.20 14.14
CA THR C 199 8.17 60.37 14.12
C THR C 199 7.81 58.90 14.02
N THR C 200 8.84 58.09 13.85
CA THR C 200 8.71 56.64 13.77
C THR C 200 8.68 55.98 15.13
N LEU C 201 8.57 56.74 16.22
CA LEU C 201 8.43 56.13 17.52
C LEU C 201 7.23 55.21 17.57
N SER C 202 6.15 55.57 16.88
CA SER C 202 4.96 54.74 16.80
C SER C 202 5.28 53.34 16.32
N LEU C 203 6.39 53.17 15.61
CA LEU C 203 6.81 51.92 15.00
C LEU C 203 7.87 51.21 15.81
N GLN C 204 8.36 51.85 16.87
CA GLN C 204 9.45 51.31 17.67
C GLN C 204 9.03 50.86 19.05
N TRP C 205 8.05 51.54 19.64
CA TRP C 205 7.67 51.28 21.02
C TRP C 205 6.16 51.25 21.16
N GLU C 206 5.68 50.41 22.07
CA GLU C 206 4.26 50.31 22.31
C GLU C 206 3.75 51.61 22.92
N PRO C 207 2.47 51.94 22.74
CA PRO C 207 1.99 53.22 23.28
C PRO C 207 2.18 53.35 24.78
N GLU C 208 2.04 52.27 25.53
CA GLU C 208 2.24 52.33 26.97
C GLU C 208 3.61 52.91 27.30
N ILE C 209 4.64 52.51 26.55
CA ILE C 209 5.98 53.03 26.77
C ILE C 209 6.07 54.48 26.36
N ILE C 210 5.30 54.88 25.36
CA ILE C 210 5.37 56.27 24.90
C ILE C 210 4.76 57.18 25.95
N ALA C 211 3.65 56.75 26.55
CA ALA C 211 3.02 57.53 27.60
C ALA C 211 3.96 57.72 28.79
N VAL C 212 4.65 56.66 29.19
CA VAL C 212 5.59 56.77 30.30
C VAL C 212 6.73 57.72 29.94
N ALA C 213 7.28 57.54 28.74
CA ALA C 213 8.41 58.37 28.33
C ALA C 213 8.04 59.85 28.37
N VAL C 214 6.85 60.20 27.90
CA VAL C 214 6.48 61.60 27.88
C VAL C 214 6.23 62.11 29.30
N MET C 215 5.67 61.28 30.18
CA MET C 215 5.57 61.68 31.58
C MET C 215 6.96 61.94 32.17
N TYR C 216 7.88 61.01 31.92
CA TYR C 216 9.27 61.13 32.35
C TYR C 216 9.91 62.40 31.83
N LEU C 217 9.70 62.71 30.56
CA LEU C 217 10.28 63.93 30.00
C LEU C 217 9.72 65.17 30.67
N ALA C 218 8.38 65.27 30.74
CA ALA C 218 7.77 66.42 31.40
C ALA C 218 8.26 66.57 32.83
N GLY C 219 8.47 65.45 33.51
CA GLY C 219 8.97 65.51 34.88
C GLY C 219 10.31 66.20 34.96
N ARG C 220 11.26 65.78 34.14
CA ARG C 220 12.57 66.43 34.12
C ARG C 220 12.41 67.90 33.77
N LEU C 221 11.64 68.19 32.71
CA LEU C 221 11.49 69.57 32.26
C LEU C 221 10.74 70.40 33.29
N CYS C 222 9.78 69.80 33.99
CA CYS C 222 9.08 70.50 35.05
C CYS C 222 9.77 70.42 36.40
N LYS C 223 10.91 69.75 36.50
CA LYS C 223 11.61 69.59 37.79
C LYS C 223 10.70 68.98 38.85
N PHE C 224 9.97 67.95 38.46
CA PHE C 224 9.06 67.21 39.35
C PHE C 224 9.60 65.81 39.62
N GLU C 225 9.40 65.30 40.83
CA GLU C 225 9.77 63.92 41.19
C GLU C 225 8.51 63.06 41.33
N ILE C 226 8.16 62.39 40.23
CA ILE C 226 6.86 61.72 40.12
C ILE C 226 6.66 60.64 41.17
N GLN C 227 7.73 60.01 41.66
CA GLN C 227 7.51 58.89 42.58
C GLN C 227 6.67 59.35 43.76
N GLU C 228 6.82 60.60 44.19
CA GLU C 228 6.13 61.05 45.39
C GLU C 228 4.63 61.09 45.20
N TRP C 229 4.16 61.15 43.95
CA TRP C 229 2.73 61.10 43.67
C TRP C 229 2.21 59.68 43.55
N THR C 230 3.09 58.68 43.51
CA THR C 230 2.66 57.31 43.34
C THR C 230 2.28 56.69 44.69
N SER C 231 1.64 55.52 44.64
CA SER C 231 1.35 54.77 45.85
C SER C 231 2.62 54.21 46.49
N LYS C 232 3.73 54.18 45.74
CA LYS C 232 5.02 53.69 46.23
C LYS C 232 5.99 54.86 46.16
N PRO C 233 5.94 55.78 47.13
CA PRO C 233 6.74 57.01 47.03
C PRO C 233 8.24 56.81 47.21
N MET C 234 8.68 55.67 47.72
CA MET C 234 10.11 55.39 47.86
C MET C 234 10.58 54.40 46.82
N TYR C 235 9.78 54.18 45.78
CA TYR C 235 10.13 53.43 44.59
C TYR C 235 10.61 54.43 43.55
N ARG C 236 11.92 54.60 43.40
CA ARG C 236 12.40 55.71 42.58
C ARG C 236 12.12 55.50 41.09
N ARG C 237 12.07 54.25 40.62
CA ARG C 237 11.71 53.99 39.22
C ARG C 237 10.19 53.90 39.10
N TRP C 238 9.57 55.07 39.18
CA TRP C 238 8.13 55.15 39.40
C TRP C 238 7.34 54.45 38.30
N TRP C 239 7.84 54.44 37.07
CA TRP C 239 7.07 53.90 35.96
C TRP C 239 6.87 52.39 36.05
N GLU C 240 7.74 51.68 36.77
CA GLU C 240 7.68 50.21 36.73
C GLU C 240 6.33 49.67 37.21
N GLN C 241 5.62 50.41 38.05
CA GLN C 241 4.28 49.99 38.49
C GLN C 241 3.20 50.27 37.46
N PHE C 242 3.56 50.85 36.31
CA PHE C 242 2.66 51.10 35.20
C PHE C 242 3.00 50.23 34.00
N VAL C 243 4.28 50.17 33.67
CA VAL C 243 4.79 49.46 32.50
C VAL C 243 5.94 48.59 32.97
N GLN C 244 5.74 47.27 32.95
CA GLN C 244 6.77 46.36 33.43
C GLN C 244 7.85 46.19 32.37
N ASP C 245 9.09 46.05 32.84
CA ASP C 245 10.24 45.66 32.04
C ASP C 245 10.76 46.77 31.13
N VAL C 246 10.62 48.03 31.49
CA VAL C 246 11.09 49.11 30.63
C VAL C 246 12.36 49.69 31.23
N PRO C 247 13.50 49.58 30.56
CA PRO C 247 14.71 50.23 31.05
C PRO C 247 14.70 51.72 30.78
N VAL C 248 15.47 52.44 31.58
CA VAL C 248 15.67 53.87 31.35
C VAL C 248 16.27 54.07 29.98
N ASP C 249 17.06 53.10 29.52
CA ASP C 249 17.66 53.19 28.19
C ASP C 249 16.59 53.55 27.18
N VAL C 250 15.46 52.85 27.24
CA VAL C 250 14.37 53.07 26.30
C VAL C 250 13.76 54.46 26.49
N LEU C 251 13.38 54.79 27.73
CA LEU C 251 12.70 56.06 27.95
C LEU C 251 13.56 57.24 27.53
N GLU C 252 14.88 57.13 27.70
CA GLU C 252 15.77 58.21 27.32
C GLU C 252 16.03 58.27 25.82
N ASP C 253 16.04 57.12 25.14
CA ASP C 253 16.08 57.15 23.68
C ASP C 253 14.86 57.85 23.13
N ILE C 254 13.69 57.56 23.69
CA ILE C 254 12.45 58.20 23.27
C ILE C 254 12.49 59.70 23.54
N CYS C 255 13.01 60.09 24.70
CA CYS C 255 13.11 61.52 25.00
C CYS C 255 14.06 62.20 24.04
N HIS C 256 15.20 61.58 23.77
CA HIS C 256 16.16 62.16 22.82
C HIS C 256 15.50 62.39 21.47
N GLN C 257 14.73 61.41 21.00
CA GLN C 257 14.05 61.54 19.71
C GLN C 257 13.00 62.64 19.73
N ILE C 258 12.27 62.79 20.84
CA ILE C 258 11.25 63.84 20.88
C ILE C 258 11.89 65.22 20.90
N LEU C 259 12.93 65.42 21.72
CA LEU C 259 13.53 66.74 21.81
C LEU C 259 14.29 67.10 20.53
N ASP C 260 14.80 66.10 19.79
CA ASP C 260 15.46 66.40 18.52
C ASP C 260 14.51 67.16 17.60
N LEU C 261 13.23 66.80 17.65
CA LEU C 261 12.21 67.50 16.88
C LEU C 261 12.23 68.98 17.17
N TYR C 262 12.33 69.35 18.46
CA TYR C 262 12.30 70.75 18.85
C TYR C 262 13.61 71.45 18.48
N SER C 263 14.75 70.78 18.66
CA SER C 263 16.04 71.41 18.35
C SER C 263 16.21 71.63 16.85
N GLN C 264 15.81 70.65 16.03
CA GLN C 264 15.92 70.80 14.58
C GLN C 264 15.07 71.98 14.12
N GLY C 265 13.86 72.09 14.62
CA GLY C 265 12.99 73.19 14.22
C GLY C 265 13.39 74.46 14.93
N LYS C 266 12.52 75.46 14.83
CA LYS C 266 12.69 76.70 15.57
C LYS C 266 11.96 76.65 16.90
N GLN C 267 10.99 75.76 17.02
CA GLN C 267 10.15 75.62 18.20
C GLN C 267 10.95 75.09 19.40
N GLN C 268 10.53 75.48 20.61
CA GLN C 268 11.17 75.10 21.86
C GLN C 268 10.20 74.32 22.75
N MET C 269 10.73 73.72 23.82
CA MET C 269 9.91 72.89 24.70
C MET C 269 8.75 73.73 25.24
N PRO C 270 7.56 73.14 25.46
CA PRO C 270 6.41 73.97 25.85
C PRO C 270 6.54 74.67 27.19
N HIS C 271 6.94 73.96 28.24
CA HIS C 271 6.99 74.49 29.60
C HIS C 271 5.89 75.51 29.86
N MET D 5 49.03 17.77 -36.72
CA MET D 5 49.04 19.09 -36.04
C MET D 5 48.01 20.02 -36.70
N SER D 6 47.57 21.03 -35.96
CA SER D 6 46.60 21.99 -36.45
C SER D 6 47.26 23.36 -36.51
N TYR D 7 46.82 24.16 -37.47
CA TYR D 7 47.43 25.45 -37.77
C TYR D 7 46.35 26.51 -37.76
N ASN D 8 46.55 27.54 -36.93
CA ASN D 8 45.55 28.58 -36.74
C ASN D 8 46.21 29.93 -36.59
N TYR D 9 45.39 30.98 -36.79
CA TYR D 9 45.77 32.39 -36.84
C TYR D 9 44.82 33.12 -35.91
N VAL D 10 45.37 34.03 -35.10
CA VAL D 10 44.55 34.75 -34.11
C VAL D 10 44.83 36.25 -34.21
N VAL D 11 43.78 37.04 -34.45
CA VAL D 11 43.90 38.48 -34.59
C VAL D 11 42.91 39.20 -33.68
N THR D 12 43.26 40.43 -33.32
CA THR D 12 42.37 41.30 -32.59
C THR D 12 41.50 42.10 -33.56
N ALA D 13 40.19 42.03 -33.37
CA ALA D 13 39.24 42.84 -34.13
C ALA D 13 38.85 44.12 -33.41
N GLN D 14 38.76 44.10 -32.08
CA GLN D 14 38.56 45.29 -31.28
C GLN D 14 39.54 45.19 -30.13
N LYS D 15 40.33 46.23 -29.92
CA LYS D 15 41.29 46.21 -28.84
C LYS D 15 40.56 46.25 -27.51
N PRO D 16 41.25 45.86 -26.44
CA PRO D 16 40.65 45.96 -25.09
C PRO D 16 40.13 47.37 -24.83
N THR D 17 38.91 47.45 -24.30
CA THR D 17 38.28 48.73 -24.02
C THR D 17 38.15 49.02 -22.53
N ALA D 18 38.26 48.01 -21.68
CA ALA D 18 38.09 48.20 -20.24
C ALA D 18 39.34 48.83 -19.62
N VAL D 19 39.11 49.74 -18.68
CA VAL D 19 40.18 50.45 -18.01
C VAL D 19 40.62 49.64 -16.79
N ASN D 20 41.89 49.25 -16.76
CA ASN D 20 42.42 48.50 -15.64
C ASN D 20 43.17 49.36 -14.63
N GLY D 21 43.68 50.51 -15.05
CA GLY D 21 44.30 51.45 -14.14
C GLY D 21 44.70 52.70 -14.88
N CYS D 22 44.85 53.79 -14.12
CA CYS D 22 45.19 55.07 -14.73
C CYS D 22 45.92 55.95 -13.73
N VAL D 23 46.95 56.66 -14.21
CA VAL D 23 47.77 57.54 -13.39
C VAL D 23 47.87 58.89 -14.07
N THR D 24 48.28 59.89 -13.29
CA THR D 24 48.60 61.21 -13.81
C THR D 24 50.03 61.57 -13.40
N GLY D 25 50.61 62.51 -14.15
CA GLY D 25 51.96 62.95 -13.86
C GLY D 25 52.51 63.77 -15.01
N HIS D 26 53.83 63.82 -15.09
CA HIS D 26 54.54 64.65 -16.05
C HIS D 26 55.53 63.77 -16.80
N PHE D 27 54.98 62.95 -17.71
CA PHE D 27 55.72 61.89 -18.38
C PHE D 27 56.32 62.37 -19.71
N THR D 28 55.52 63.05 -20.53
CA THR D 28 56.00 63.47 -21.84
C THR D 28 56.85 64.73 -21.78
N SER D 29 56.54 65.63 -20.85
CA SER D 29 57.33 66.84 -20.64
C SER D 29 57.12 67.26 -19.20
N ALA D 30 58.13 67.93 -18.63
CA ALA D 30 57.96 68.43 -17.28
C ALA D 30 56.83 69.47 -17.23
N GLU D 31 56.40 69.97 -18.37
CA GLU D 31 55.37 71.00 -18.46
C GLU D 31 53.99 70.37 -18.62
N ASP D 32 53.90 69.34 -19.46
CA ASP D 32 52.62 68.74 -19.76
C ASP D 32 52.06 68.01 -18.53
N LEU D 33 50.74 68.02 -18.41
CA LEU D 33 50.04 67.17 -17.45
C LEU D 33 49.51 65.98 -18.22
N ASN D 34 49.96 64.78 -17.85
CA ASN D 34 49.64 63.57 -18.59
C ASN D 34 48.60 62.74 -17.84
N LEU D 35 47.80 62.01 -18.61
CA LEU D 35 46.95 60.95 -18.10
C LEU D 35 47.33 59.68 -18.85
N LEU D 36 47.87 58.70 -18.14
CA LEU D 36 48.19 57.41 -18.73
C LEU D 36 47.09 56.43 -18.30
N ILE D 37 46.43 55.84 -19.28
CA ILE D 37 45.35 54.89 -19.07
C ILE D 37 45.84 53.53 -19.53
N ALA D 38 45.67 52.51 -18.71
CA ALA D 38 46.14 51.16 -19.02
C ALA D 38 44.96 50.23 -19.31
N LYS D 39 44.91 49.70 -20.53
CA LYS D 39 44.08 48.57 -20.92
C LYS D 39 44.92 47.31 -20.87
N ASN D 40 44.26 46.15 -20.95
CA ASN D 40 44.95 44.92 -20.61
C ASN D 40 46.35 44.85 -21.19
N THR D 41 46.47 44.99 -22.51
CA THR D 41 47.74 44.98 -23.20
C THR D 41 48.11 46.32 -23.83
N ARG D 42 47.28 47.35 -23.66
CA ARG D 42 47.47 48.63 -24.32
C ARG D 42 47.69 49.73 -23.30
N LEU D 43 48.70 50.57 -23.56
CA LEU D 43 48.99 51.76 -22.78
C LEU D 43 48.67 52.98 -23.63
N GLU D 44 47.80 53.85 -23.12
CA GLU D 44 47.39 55.07 -23.81
C GLU D 44 47.92 56.28 -23.07
N ILE D 45 48.54 57.22 -23.78
CA ILE D 45 49.12 58.43 -23.20
C ILE D 45 48.36 59.63 -23.74
N TYR D 46 47.85 60.48 -22.83
CA TYR D 46 47.08 61.67 -23.15
C TYR D 46 47.71 62.91 -22.53
N VAL D 47 47.31 64.09 -23.02
CA VAL D 47 47.67 65.36 -22.40
C VAL D 47 46.41 66.14 -22.04
N VAL D 48 46.39 66.68 -20.83
CA VAL D 48 45.21 67.33 -20.27
C VAL D 48 45.07 68.76 -20.80
N THR D 49 43.91 69.07 -21.36
CA THR D 49 43.55 70.41 -21.80
C THR D 49 42.35 70.89 -20.98
N ALA D 50 41.87 72.10 -21.27
CA ALA D 50 40.64 72.59 -20.67
C ALA D 50 39.41 72.05 -21.39
N GLU D 51 39.62 71.27 -22.45
CA GLU D 51 38.57 70.73 -23.30
C GLU D 51 38.30 69.26 -23.05
N GLY D 52 39.32 68.50 -22.71
CA GLY D 52 39.24 67.07 -22.59
C GLY D 52 40.64 66.50 -22.61
N LEU D 53 40.85 65.42 -23.34
CA LEU D 53 42.14 64.76 -23.44
C LEU D 53 42.64 64.85 -24.87
N ARG D 54 43.93 65.17 -25.02
CA ARG D 54 44.57 65.17 -26.32
C ARG D 54 45.47 63.95 -26.46
N PRO D 55 45.17 63.01 -27.36
CA PRO D 55 46.02 61.83 -27.51
C PRO D 55 47.38 62.20 -28.09
N VAL D 56 48.41 61.48 -27.67
CA VAL D 56 49.76 61.76 -28.16
C VAL D 56 50.41 60.48 -28.71
N LYS D 57 50.22 59.35 -28.02
CA LYS D 57 50.89 58.12 -28.40
C LYS D 57 50.17 56.94 -27.76
N GLU D 58 50.11 55.82 -28.49
CA GLU D 58 49.61 54.57 -27.94
C GLU D 58 50.55 53.43 -28.33
N VAL D 59 50.90 52.60 -27.37
CA VAL D 59 51.73 51.42 -27.59
C VAL D 59 51.05 50.19 -27.05
N GLY D 60 51.41 49.04 -27.62
CA GLY D 60 51.09 47.75 -27.04
C GLY D 60 52.32 47.15 -26.37
N MET D 61 52.07 46.28 -25.39
CA MET D 61 53.13 45.54 -24.72
C MET D 61 52.89 44.05 -24.82
N TYR D 62 53.99 43.29 -24.81
CA TYR D 62 53.91 41.82 -24.84
C TYR D 62 53.70 41.30 -23.42
N GLY D 63 52.57 41.70 -22.84
CA GLY D 63 52.27 41.40 -21.46
C GLY D 63 51.04 42.10 -20.94
N LYS D 64 50.45 41.53 -19.90
CA LYS D 64 49.35 42.16 -19.16
C LYS D 64 49.90 43.14 -18.14
N ILE D 65 49.41 44.38 -18.17
CA ILE D 65 49.93 45.42 -17.29
C ILE D 65 49.35 45.23 -15.89
N ALA D 66 50.22 44.89 -14.93
CA ALA D 66 49.80 44.69 -13.55
C ALA D 66 50.04 45.91 -12.67
N VAL D 67 51.21 46.51 -12.76
CA VAL D 67 51.55 47.72 -12.00
C VAL D 67 51.91 48.82 -13.00
N MET D 68 51.40 50.01 -12.75
CA MET D 68 51.72 51.17 -13.57
C MET D 68 51.78 52.39 -12.68
N GLU D 69 52.95 53.03 -12.59
CA GLU D 69 53.14 54.16 -11.70
C GLU D 69 54.15 55.12 -12.31
N LEU D 70 53.95 56.41 -12.06
CA LEU D 70 54.88 57.44 -12.50
C LEU D 70 55.71 57.89 -11.31
N PHE D 71 57.01 58.08 -11.55
CA PHE D 71 57.92 58.53 -10.50
C PHE D 71 59.00 59.36 -11.16
N ARG D 72 59.68 60.17 -10.35
CA ARG D 72 60.70 61.08 -10.88
C ARG D 72 61.91 61.07 -9.96
N PRO D 73 62.91 60.26 -10.27
CA PRO D 73 64.05 60.13 -9.37
C PRO D 73 64.91 61.38 -9.35
N LYS D 74 65.60 61.58 -8.22
CA LYS D 74 66.49 62.71 -8.07
C LYS D 74 67.41 62.81 -9.28
N GLY D 75 67.41 63.98 -9.91
CA GLY D 75 68.25 64.20 -11.08
C GLY D 75 67.54 64.19 -12.42
N GLU D 76 66.30 63.72 -12.49
CA GLU D 76 65.59 63.63 -13.76
C GLU D 76 64.83 64.90 -14.12
N SER D 77 64.71 65.13 -15.43
CA SER D 77 63.98 66.29 -15.95
C SER D 77 62.48 66.12 -15.80
N LYS D 78 61.98 64.90 -15.93
CA LYS D 78 60.55 64.64 -15.98
C LYS D 78 60.30 63.23 -15.48
N ASP D 79 59.01 62.91 -15.32
CA ASP D 79 58.65 61.63 -14.72
C ASP D 79 59.01 60.47 -15.63
N LEU D 80 59.40 59.36 -15.01
CA LEU D 80 59.57 58.07 -15.67
C LEU D 80 58.42 57.15 -15.30
N LEU D 81 58.21 56.11 -16.10
CA LEU D 81 57.08 55.21 -15.94
C LEU D 81 57.57 53.82 -15.58
N PHE D 82 57.02 53.25 -14.50
CA PHE D 82 57.29 51.87 -14.13
C PHE D 82 56.12 50.97 -14.47
N ILE D 83 56.40 49.82 -15.09
CA ILE D 83 55.39 48.83 -15.42
C ILE D 83 55.89 47.43 -15.10
N LEU D 84 55.01 46.62 -14.51
CA LEU D 84 55.22 45.21 -14.23
C LEU D 84 54.06 44.42 -14.82
N THR D 85 54.36 43.36 -15.57
CA THR D 85 53.32 42.54 -16.17
C THR D 85 52.95 41.34 -15.30
N ALA D 86 51.83 40.71 -15.65
CA ALA D 86 51.34 39.55 -14.89
C ALA D 86 52.25 38.34 -15.04
N LYS D 87 53.09 38.29 -16.06
CA LYS D 87 54.13 37.28 -16.15
C LYS D 87 55.41 37.74 -15.47
N TYR D 88 55.34 38.85 -14.73
CA TYR D 88 56.44 39.37 -13.94
C TYR D 88 57.53 40.00 -14.79
N ASN D 89 57.16 40.61 -15.91
CA ASN D 89 58.08 41.41 -16.71
C ASN D 89 58.06 42.84 -16.18
N ALA D 90 59.21 43.32 -15.71
CA ALA D 90 59.35 44.66 -15.18
C ALA D 90 60.15 45.52 -16.15
N CYS D 91 59.88 46.82 -16.13
CA CYS D 91 60.64 47.74 -16.97
C CYS D 91 60.39 49.17 -16.51
N ILE D 92 61.36 50.03 -16.79
CA ILE D 92 61.22 51.47 -16.59
C ILE D 92 61.29 52.14 -17.96
N LEU D 93 60.31 53.00 -18.25
CA LEU D 93 60.14 53.56 -19.57
C LEU D 93 60.31 55.08 -19.55
N GLU D 94 60.79 55.61 -20.67
CA GLU D 94 60.97 57.04 -20.87
C GLU D 94 60.30 57.45 -22.18
N TYR D 95 59.57 58.58 -22.14
CA TYR D 95 59.05 59.20 -23.35
C TYR D 95 60.15 60.06 -23.96
N LYS D 96 60.41 59.86 -25.26
CA LYS D 96 61.41 60.65 -25.95
C LYS D 96 60.87 61.01 -27.33
N GLN D 97 60.87 62.31 -27.64
CA GLN D 97 60.30 62.79 -28.89
C GLN D 97 61.24 63.81 -29.53
N SER D 98 61.52 63.60 -30.82
CA SER D 98 62.37 64.49 -31.61
C SER D 98 61.58 64.88 -32.86
N GLY D 99 60.98 66.05 -32.84
CA GLY D 99 60.10 66.46 -33.92
C GLY D 99 58.89 65.56 -33.94
N GLU D 100 58.63 64.90 -35.05
CA GLU D 100 57.48 64.00 -35.16
C GLU D 100 57.80 62.57 -34.76
N SER D 101 59.06 62.22 -34.51
CA SER D 101 59.42 60.83 -34.23
C SER D 101 59.20 60.57 -32.75
N ILE D 102 58.23 59.70 -32.43
CA ILE D 102 57.93 59.34 -31.05
C ILE D 102 58.35 57.91 -30.79
N ASP D 103 59.11 57.71 -29.73
CA ASP D 103 59.57 56.39 -29.31
C ASP D 103 59.42 56.30 -27.81
N ILE D 104 59.31 55.08 -27.31
CA ILE D 104 59.27 54.80 -25.87
C ILE D 104 60.50 53.97 -25.53
N ILE D 105 61.39 54.52 -24.73
CA ILE D 105 62.71 53.96 -24.47
C ILE D 105 62.68 53.06 -23.25
N THR D 106 63.34 51.91 -23.35
CA THR D 106 63.48 50.99 -22.23
C THR D 106 64.75 51.35 -21.47
N ARG D 107 64.58 51.97 -20.31
CA ARG D 107 65.74 52.37 -19.50
C ARG D 107 66.23 51.22 -18.63
N ALA D 108 65.32 50.37 -18.15
CA ALA D 108 65.67 49.22 -17.32
C ALA D 108 64.65 48.13 -17.57
N HIS D 109 65.08 46.87 -17.47
CA HIS D 109 64.13 45.78 -17.68
C HIS D 109 64.66 44.47 -17.14
N GLY D 110 63.74 43.59 -16.79
CA GLY D 110 64.07 42.26 -16.31
C GLY D 110 62.82 41.57 -15.80
N ASN D 111 62.96 40.28 -15.54
CA ASN D 111 61.87 39.47 -15.01
C ASN D 111 62.10 39.22 -13.53
N VAL D 112 61.11 39.57 -12.71
CA VAL D 112 61.29 39.61 -11.26
C VAL D 112 60.67 38.38 -10.58
N GLN D 113 60.36 37.34 -11.34
CA GLN D 113 59.74 36.15 -10.78
C GLN D 113 60.70 35.40 -9.87
N ASP D 114 60.17 34.86 -8.77
CA ASP D 114 60.95 34.04 -7.85
C ASP D 114 60.73 32.56 -8.14
N ARG D 115 61.80 31.77 -7.99
CA ARG D 115 61.65 30.35 -8.22
C ARG D 115 60.59 29.75 -7.30
N ILE D 116 60.57 30.19 -6.05
CA ILE D 116 59.69 29.65 -5.04
C ILE D 116 58.94 30.79 -4.37
N GLY D 117 57.62 30.68 -4.31
CA GLY D 117 56.78 31.66 -3.66
C GLY D 117 55.32 31.39 -3.90
N ARG D 118 54.44 31.82 -2.99
CA ARG D 118 53.01 31.62 -3.19
C ARG D 118 52.40 32.93 -3.68
N PRO D 119 51.82 32.97 -4.88
CA PRO D 119 51.15 34.20 -5.33
C PRO D 119 50.09 34.64 -4.34
N SER D 120 50.07 35.94 -4.05
CA SER D 120 49.21 36.45 -2.99
C SER D 120 47.75 36.45 -3.41
N GLU D 121 46.88 36.35 -2.41
CA GLU D 121 45.46 36.26 -2.69
C GLU D 121 44.95 37.54 -3.35
N THR D 122 45.35 38.70 -2.84
CA THR D 122 44.89 39.98 -3.36
C THR D 122 45.73 40.50 -4.54
N GLY D 123 46.55 39.66 -5.15
CA GLY D 123 47.20 40.00 -6.39
C GLY D 123 48.44 40.86 -6.23
N ILE D 124 49.08 41.13 -7.37
CA ILE D 124 50.29 41.94 -7.36
C ILE D 124 49.99 43.35 -6.89
N ILE D 125 50.84 43.88 -6.01
CA ILE D 125 50.82 45.27 -5.60
C ILE D 125 52.18 45.88 -5.88
N GLY D 126 52.18 47.08 -6.46
CA GLY D 126 53.41 47.81 -6.71
C GLY D 126 53.37 49.23 -6.14
N ILE D 127 54.41 49.61 -5.40
CA ILE D 127 54.49 50.92 -4.78
C ILE D 127 55.91 51.44 -4.92
N ILE D 128 56.05 52.76 -4.86
CA ILE D 128 57.36 53.40 -4.99
C ILE D 128 57.56 54.41 -3.87
N ASP D 129 58.79 54.49 -3.37
CA ASP D 129 59.15 55.39 -2.29
C ASP D 129 58.83 56.83 -2.69
N PRO D 130 58.40 57.67 -1.75
CA PRO D 130 58.15 59.08 -2.11
C PRO D 130 59.42 59.77 -2.60
N GLU D 131 60.56 59.39 -2.04
CA GLU D 131 61.86 59.89 -2.46
C GLU D 131 62.44 59.08 -3.62
N CYS D 132 61.61 58.23 -4.24
CA CYS D 132 62.01 57.43 -5.40
C CYS D 132 63.32 56.72 -5.15
N ARG D 133 63.47 56.19 -3.94
CA ARG D 133 64.66 55.40 -3.61
C ARG D 133 64.51 53.94 -4.02
N MET D 134 63.28 53.42 -4.04
CA MET D 134 63.12 52.00 -4.32
C MET D 134 61.71 51.73 -4.83
N ILE D 135 61.55 50.57 -5.45
CA ILE D 135 60.26 50.05 -5.87
C ILE D 135 59.92 48.87 -4.96
N GLY D 136 58.74 48.92 -4.36
CA GLY D 136 58.25 47.82 -3.55
C GLY D 136 57.30 46.97 -4.38
N LEU D 137 57.48 45.65 -4.28
CA LEU D 137 56.61 44.69 -4.95
C LEU D 137 56.13 43.67 -3.93
N ARG D 138 54.83 43.42 -3.91
CA ARG D 138 54.25 42.33 -3.14
C ARG D 138 53.77 41.31 -4.16
N LEU D 139 54.61 40.33 -4.44
CA LEU D 139 54.28 39.29 -5.41
C LEU D 139 53.80 38.00 -4.76
N TYR D 140 54.40 37.62 -3.63
CA TYR D 140 54.12 36.34 -3.01
C TYR D 140 53.80 36.54 -1.54
N ASP D 141 52.94 35.67 -1.01
CA ASP D 141 52.64 35.72 0.41
C ASP D 141 53.92 35.50 1.21
N GLY D 142 54.15 36.37 2.20
CA GLY D 142 55.27 36.20 3.10
C GLY D 142 56.61 36.71 2.61
N LEU D 143 56.67 37.39 1.47
CA LEU D 143 57.90 37.94 0.95
C LEU D 143 57.61 39.34 0.41
N PHE D 144 58.56 40.25 0.60
CA PHE D 144 58.48 41.61 0.07
C PHE D 144 59.71 41.82 -0.80
N LYS D 145 59.51 42.12 -2.07
CA LYS D 145 60.61 42.28 -3.01
C LYS D 145 60.92 43.76 -3.19
N VAL D 146 62.21 44.10 -3.16
CA VAL D 146 62.66 45.48 -3.26
C VAL D 146 63.55 45.61 -4.49
N ILE D 147 63.18 46.50 -5.40
CA ILE D 147 64.05 46.95 -6.49
C ILE D 147 64.59 48.31 -6.11
N PRO D 148 65.88 48.45 -5.81
CA PRO D 148 66.43 49.79 -5.51
C PRO D 148 66.52 50.65 -6.76
N LEU D 149 66.18 51.93 -6.63
CA LEU D 149 66.18 52.86 -7.74
C LEU D 149 67.57 53.50 -7.85
N ASP D 150 68.54 52.64 -8.17
CA ASP D 150 69.90 53.06 -8.46
C ASP D 150 70.04 53.45 -9.92
N ARG D 151 71.01 54.32 -10.19
CA ARG D 151 71.24 54.75 -11.57
C ARG D 151 71.67 53.57 -12.43
N ASP D 152 72.48 52.67 -11.86
CA ASP D 152 73.08 51.57 -12.60
C ASP D 152 72.23 50.31 -12.65
N ASN D 153 71.14 50.25 -11.89
CA ASN D 153 70.35 49.02 -11.77
C ASN D 153 69.51 48.83 -13.04
N LYS D 154 70.22 48.68 -14.15
CA LYS D 154 69.58 48.58 -15.47
C LYS D 154 68.90 47.23 -15.67
N GLU D 155 69.25 46.22 -14.87
CA GLU D 155 68.61 44.91 -14.92
C GLU D 155 67.50 44.76 -13.90
N LEU D 156 67.21 45.80 -13.12
CA LEU D 156 66.15 45.74 -12.10
C LEU D 156 66.37 44.55 -11.17
N LYS D 157 67.60 44.43 -10.68
CA LYS D 157 67.93 43.41 -9.69
C LYS D 157 67.22 43.71 -8.38
N ALA D 158 66.87 42.66 -7.64
CA ALA D 158 66.07 42.84 -6.43
C ALA D 158 66.42 41.79 -5.38
N PHE D 159 66.00 42.07 -4.15
CA PHE D 159 66.13 41.16 -3.01
C PHE D 159 64.79 41.08 -2.31
N ASN D 160 64.57 40.00 -1.58
CA ASN D 160 63.31 39.79 -0.86
C ASN D 160 63.55 39.93 0.64
N ILE D 161 62.65 40.65 1.32
CA ILE D 161 62.68 40.78 2.77
C ILE D 161 61.55 39.90 3.31
N ARG D 162 61.88 38.94 4.18
CA ARG D 162 60.85 38.05 4.69
C ARG D 162 59.82 38.83 5.51
N LEU D 163 58.55 38.49 5.32
CA LEU D 163 57.43 39.12 6.02
C LEU D 163 56.63 38.04 6.76
N GLU D 164 56.44 38.21 8.08
CA GLU D 164 55.68 37.21 8.82
C GLU D 164 54.16 37.37 8.63
N GLU D 165 53.70 38.56 8.23
CA GLU D 165 52.27 38.74 7.95
C GLU D 165 52.02 38.14 6.58
N LEU D 166 51.59 36.88 6.55
CA LEU D 166 51.57 36.14 5.30
C LEU D 166 50.45 36.62 4.38
N HIS D 167 49.34 37.09 4.95
CA HIS D 167 48.18 37.52 4.18
C HIS D 167 48.03 39.04 4.29
N VAL D 168 48.59 39.77 3.34
CA VAL D 168 48.54 41.23 3.32
C VAL D 168 47.38 41.67 2.45
N ILE D 169 46.55 42.58 2.95
CA ILE D 169 45.44 43.09 2.15
C ILE D 169 45.91 44.21 1.24
N ASP D 170 46.60 45.21 1.80
CA ASP D 170 47.06 46.35 1.03
C ASP D 170 48.28 46.97 1.70
N VAL D 171 49.15 47.56 0.88
CA VAL D 171 50.37 48.19 1.38
C VAL D 171 50.66 49.42 0.52
N LYS D 172 51.17 50.46 1.18
CA LYS D 172 51.58 51.71 0.55
C LYS D 172 52.86 52.18 1.22
N PHE D 173 53.67 52.96 0.49
CA PHE D 173 54.80 53.64 1.10
C PHE D 173 54.31 54.93 1.77
N LEU D 174 54.70 55.14 3.03
CA LEU D 174 54.20 56.26 3.80
C LEU D 174 55.03 57.53 3.58
N TYR D 175 54.40 58.65 3.89
CA TYR D 175 54.95 59.99 3.72
C TYR D 175 55.31 60.58 5.08
N GLY D 176 56.30 61.47 5.08
CA GLY D 176 56.64 62.21 6.28
C GLY D 176 57.54 61.45 7.22
N CYS D 177 58.27 60.48 6.70
CA CYS D 177 59.08 59.56 7.48
C CYS D 177 60.54 59.74 7.06
N GLN D 178 61.45 59.71 8.03
CA GLN D 178 62.86 59.91 7.68
C GLN D 178 63.44 58.71 6.96
N ALA D 179 62.94 57.51 7.24
CA ALA D 179 63.38 56.29 6.60
C ALA D 179 62.21 55.78 5.76
N PRO D 180 62.50 54.99 4.73
CA PRO D 180 61.39 54.39 3.95
C PRO D 180 60.49 53.55 4.85
N THR D 181 59.20 53.87 4.83
CA THR D 181 58.24 53.24 5.71
C THR D 181 57.08 52.69 4.88
N ILE D 182 56.65 51.47 5.22
CA ILE D 182 55.49 50.85 4.60
C ILE D 182 54.39 50.80 5.64
N CYS D 183 53.15 51.02 5.20
CA CYS D 183 51.97 50.86 6.02
C CYS D 183 51.12 49.79 5.34
N PHE D 184 50.77 48.74 6.07
CA PHE D 184 50.04 47.67 5.42
C PHE D 184 48.96 47.14 6.34
N VAL D 185 47.80 46.83 5.73
CA VAL D 185 46.73 46.12 6.40
C VAL D 185 46.93 44.64 6.12
N TYR D 186 46.81 43.83 7.16
CA TYR D 186 47.00 42.41 7.02
C TYR D 186 45.90 41.70 7.80
N GLN D 187 45.75 40.42 7.52
CA GLN D 187 44.74 39.59 8.16
C GLN D 187 45.42 38.39 8.78
N ASP D 188 45.08 38.12 10.04
CA ASP D 188 45.52 36.93 10.75
C ASP D 188 44.27 36.38 11.43
N PRO D 189 44.36 35.27 12.17
CA PRO D 189 43.16 34.72 12.80
C PRO D 189 42.49 35.66 13.79
N GLN D 190 43.19 36.72 14.22
CA GLN D 190 42.67 37.63 15.24
C GLN D 190 41.90 38.81 14.65
N GLY D 191 41.68 38.84 13.33
CA GLY D 191 41.00 39.94 12.68
C GLY D 191 41.89 40.68 11.69
N ARG D 192 41.54 41.89 11.31
CA ARG D 192 42.40 42.70 10.45
C ARG D 192 43.06 43.80 11.27
N HIS D 193 44.28 44.16 10.84
CA HIS D 193 45.13 45.08 11.57
C HIS D 193 45.93 45.91 10.58
N VAL D 194 46.40 47.06 11.04
CA VAL D 194 47.35 47.87 10.29
C VAL D 194 48.65 47.93 11.09
N LYS D 195 49.78 47.76 10.39
CA LYS D 195 51.11 47.67 10.98
C LYS D 195 52.06 48.43 10.06
N THR D 196 53.18 48.88 10.63
CA THR D 196 54.18 49.61 9.86
C THR D 196 55.53 48.95 10.04
N TYR D 197 56.34 48.99 8.98
CA TYR D 197 57.71 48.51 8.99
C TYR D 197 58.55 49.56 8.26
N GLU D 198 59.82 49.65 8.61
CA GLU D 198 60.76 50.47 7.87
C GLU D 198 61.65 49.60 7.00
N VAL D 199 62.05 50.13 5.85
CA VAL D 199 62.86 49.40 4.88
C VAL D 199 64.26 50.01 4.82
N SER D 200 65.27 49.21 5.15
CA SER D 200 66.66 49.64 5.10
C SER D 200 67.30 48.98 3.88
N LEU D 201 67.57 49.78 2.84
CA LEU D 201 68.24 49.24 1.66
C LEU D 201 69.65 48.76 1.99
N ARG D 202 70.31 49.42 2.94
CA ARG D 202 71.69 49.07 3.26
C ARG D 202 71.76 47.70 3.91
N GLU D 203 70.87 47.43 4.88
CA GLU D 203 70.86 46.16 5.57
C GLU D 203 70.07 45.10 4.84
N LYS D 204 69.25 45.49 3.86
CA LYS D 204 68.38 44.55 3.16
C LYS D 204 67.46 43.82 4.14
N GLU D 205 66.79 44.59 5.01
CA GLU D 205 65.84 43.99 5.95
C GLU D 205 64.89 45.06 6.46
N PHE D 206 63.88 44.60 7.20
CA PHE D 206 62.95 45.49 7.89
C PHE D 206 63.48 45.86 9.26
N ASN D 207 63.19 47.09 9.68
CA ASN D 207 63.40 47.56 11.05
C ASN D 207 62.08 48.04 11.64
N LYS D 208 62.09 48.26 12.95
CA LYS D 208 60.88 48.62 13.68
C LYS D 208 60.19 49.81 13.03
N GLY D 209 58.87 49.75 12.94
CA GLY D 209 58.14 50.78 12.23
C GLY D 209 57.80 51.98 13.08
N PRO D 210 57.41 53.08 12.42
CA PRO D 210 57.17 54.34 13.16
C PRO D 210 56.06 54.24 14.20
N TRP D 211 54.88 53.71 13.82
CA TRP D 211 53.79 53.63 14.78
C TRP D 211 53.30 52.19 14.89
N LYS D 212 52.72 51.88 16.06
CA LYS D 212 52.37 50.52 16.47
C LYS D 212 51.16 49.99 15.70
N GLN D 213 50.94 48.68 15.87
CA GLN D 213 49.75 48.08 15.27
C GLN D 213 48.48 48.66 15.87
N GLU D 214 47.42 48.64 15.08
CA GLU D 214 46.09 48.97 15.56
C GLU D 214 45.16 47.86 15.07
N ASN D 215 44.23 47.44 15.91
CA ASN D 215 43.18 46.53 15.48
C ASN D 215 42.16 47.34 14.69
N VAL D 216 41.88 46.92 13.45
CA VAL D 216 41.05 47.74 12.58
C VAL D 216 39.82 46.98 12.11
N GLU D 217 38.99 47.66 11.32
CA GLU D 217 37.78 47.07 10.78
C GLU D 217 38.06 45.74 10.08
N ALA D 218 37.12 44.82 10.23
CA ALA D 218 37.26 43.49 9.64
C ALA D 218 37.28 43.53 8.13
N GLU D 219 36.67 44.55 7.53
CA GLU D 219 36.63 44.71 6.09
C GLU D 219 37.53 45.83 5.61
N ALA D 220 38.60 46.12 6.34
CA ALA D 220 39.59 47.07 5.87
C ALA D 220 40.08 46.67 4.48
N SER D 221 39.84 47.54 3.50
CA SER D 221 40.09 47.21 2.10
C SER D 221 41.28 47.93 1.51
N MET D 222 41.49 49.21 1.83
CA MET D 222 42.48 50.01 1.13
C MET D 222 43.27 50.91 2.07
N VAL D 223 44.53 51.13 1.71
CA VAL D 223 45.44 52.00 2.44
C VAL D 223 45.73 53.22 1.59
N ILE D 224 45.60 54.40 2.19
CA ILE D 224 45.89 55.67 1.53
C ILE D 224 47.04 56.34 2.27
N ALA D 225 48.08 56.73 1.53
CA ALA D 225 49.22 57.44 2.10
C ALA D 225 48.91 58.94 2.05
N VAL D 226 48.55 59.51 3.19
CA VAL D 226 48.20 60.94 3.25
C VAL D 226 49.48 61.77 3.21
N PRO D 227 49.54 62.83 2.42
CA PRO D 227 50.82 63.53 2.20
C PRO D 227 51.15 64.53 3.31
N GLU D 228 52.32 65.16 3.15
CA GLU D 228 53.08 65.62 4.31
C GLU D 228 52.39 66.68 5.16
N PRO D 229 51.62 67.64 4.61
CA PRO D 229 50.96 68.60 5.53
C PRO D 229 50.29 67.92 6.70
N PHE D 230 49.72 66.73 6.46
CA PHE D 230 49.15 65.90 7.51
C PHE D 230 50.06 64.72 7.87
N GLY D 231 50.31 63.86 6.90
CA GLY D 231 51.05 62.64 7.14
C GLY D 231 50.14 61.59 7.74
N GLY D 232 50.40 60.33 7.49
CA GLY D 232 49.66 59.27 8.13
C GLY D 232 49.14 58.32 7.08
N ALA D 233 48.07 57.63 7.45
CA ALA D 233 47.38 56.70 6.55
C ALA D 233 45.89 56.82 6.81
N ILE D 234 45.11 56.63 5.74
CA ILE D 234 43.65 56.50 5.87
C ILE D 234 43.29 55.10 5.40
N ILE D 235 42.54 54.39 6.22
CA ILE D 235 42.17 53.01 5.96
C ILE D 235 40.69 53.02 5.60
N ILE D 236 40.37 52.56 4.38
CA ILE D 236 39.00 52.53 3.90
C ILE D 236 38.42 51.15 4.18
N GLY D 237 37.24 51.12 4.80
CA GLY D 237 36.60 49.86 5.06
C GLY D 237 35.23 49.73 4.44
N GLN D 238 34.41 48.84 5.00
CA GLN D 238 33.04 48.66 4.55
C GLN D 238 32.11 49.65 5.24
N GLU D 239 32.32 49.85 6.55
CA GLU D 239 31.48 50.72 7.36
C GLU D 239 32.17 51.99 7.84
N SER D 240 33.50 51.98 7.92
CA SER D 240 34.22 53.08 8.57
C SER D 240 35.45 53.47 7.78
N ILE D 241 35.87 54.72 8.00
CA ILE D 241 37.12 55.25 7.48
C ILE D 241 37.93 55.72 8.68
N THR D 242 39.17 55.24 8.81
CA THR D 242 39.99 55.51 9.98
C THR D 242 41.31 56.12 9.55
N TYR D 243 41.74 57.15 10.30
CA TYR D 243 43.03 57.80 10.10
C TYR D 243 44.01 57.38 11.18
N HIS D 244 45.22 56.98 10.78
CA HIS D 244 46.27 56.60 11.72
C HIS D 244 47.55 57.34 11.36
N ASN D 245 48.08 58.14 12.29
CA ASN D 245 49.42 58.72 12.15
C ASN D 245 50.10 58.75 13.51
N GLY D 246 50.30 57.61 14.09
CA GLY D 246 51.02 57.53 15.37
C GLY D 246 50.05 57.71 16.54
N ASP D 247 50.24 58.79 17.29
CA ASP D 247 49.35 59.04 18.40
C ASP D 247 48.00 59.64 17.99
N LYS D 248 47.76 59.88 16.71
CA LYS D 248 46.49 60.44 16.27
C LYS D 248 45.63 59.28 15.77
N TYR D 249 44.39 59.23 16.26
CA TYR D 249 43.41 58.24 15.82
C TYR D 249 42.12 58.97 15.51
N LEU D 250 41.58 58.77 14.31
CA LEU D 250 40.30 59.36 13.92
C LEU D 250 39.46 58.30 13.24
N ALA D 251 38.19 58.20 13.63
CA ALA D 251 37.28 57.21 13.07
C ALA D 251 35.96 57.90 12.75
N ILE D 252 35.62 57.95 11.46
CA ILE D 252 34.30 58.38 11.02
C ILE D 252 33.61 57.17 10.39
N ALA D 253 32.34 56.96 10.74
CA ALA D 253 31.57 55.82 10.28
C ALA D 253 30.19 56.31 9.82
N PRO D 254 30.14 57.06 8.73
CA PRO D 254 28.87 57.62 8.26
C PRO D 254 27.98 56.54 7.69
N PRO D 255 26.68 56.57 7.98
CA PRO D 255 25.79 55.48 7.53
C PRO D 255 25.72 55.33 6.02
N ILE D 256 26.22 56.32 5.26
CA ILE D 256 26.01 56.34 3.83
C ILE D 256 26.88 55.32 3.12
N ILE D 257 28.13 55.14 3.58
CA ILE D 257 29.05 54.27 2.86
C ILE D 257 28.79 52.80 3.11
N LYS D 258 28.12 52.46 4.20
CA LYS D 258 27.77 51.06 4.46
C LYS D 258 26.84 50.51 3.39
N GLN D 259 26.13 51.38 2.67
CA GLN D 259 25.17 50.92 1.68
C GLN D 259 25.83 50.22 0.50
N SER D 260 27.05 50.63 0.12
CA SER D 260 27.73 49.97 -0.98
C SER D 260 29.25 50.05 -0.78
N THR D 261 29.93 48.97 -1.16
CA THR D 261 31.37 48.88 -0.93
C THR D 261 32.14 49.93 -1.72
N ILE D 262 33.04 50.63 -1.02
CA ILE D 262 33.95 51.57 -1.67
C ILE D 262 35.13 50.80 -2.23
N VAL D 263 35.50 51.07 -3.47
CA VAL D 263 36.46 50.22 -4.16
C VAL D 263 37.65 50.98 -4.72
N CYS D 264 37.59 52.31 -4.88
CA CYS D 264 38.73 53.04 -5.39
C CYS D 264 38.83 54.41 -4.72
N HIS D 265 40.03 54.99 -4.75
CA HIS D 265 40.28 56.31 -4.19
C HIS D 265 41.27 57.07 -5.06
N ASN D 266 41.29 58.40 -4.89
CA ASN D 266 42.30 59.22 -5.52
C ASN D 266 42.49 60.53 -4.76
N ARG D 267 43.74 61.02 -4.76
CA ARG D 267 44.10 62.26 -4.09
C ARG D 267 43.75 63.42 -5.02
N VAL D 268 43.03 64.40 -4.50
CA VAL D 268 42.61 65.55 -5.28
C VAL D 268 43.62 66.68 -5.08
N ASP D 269 43.73 67.13 -3.84
CA ASP D 269 44.60 68.24 -3.47
C ASP D 269 45.95 67.70 -3.04
N PRO D 270 47.07 68.15 -3.65
CA PRO D 270 48.37 67.59 -3.23
C PRO D 270 48.69 67.79 -1.75
N ASN D 271 48.01 68.72 -1.06
CA ASN D 271 48.25 68.88 0.36
C ASN D 271 47.55 67.80 1.18
N GLY D 272 46.74 66.96 0.54
CA GLY D 272 46.05 65.86 1.19
C GLY D 272 44.72 66.21 1.81
N SER D 273 44.23 67.44 1.64
CA SER D 273 43.01 67.85 2.32
C SER D 273 41.77 67.17 1.76
N ARG D 274 41.75 66.82 0.47
CA ARG D 274 40.53 66.28 -0.14
C ARG D 274 40.85 65.09 -1.04
N TYR D 275 40.04 64.02 -0.90
CA TYR D 275 40.19 62.80 -1.70
C TYR D 275 38.86 62.42 -2.34
N LEU D 276 38.91 61.68 -3.45
CA LEU D 276 37.72 61.15 -4.09
C LEU D 276 37.55 59.66 -3.78
N LEU D 277 36.31 59.23 -3.56
CA LEU D 277 35.99 57.84 -3.31
C LEU D 277 34.86 57.38 -4.21
N GLY D 278 34.97 56.15 -4.72
CA GLY D 278 33.90 55.54 -5.51
C GLY D 278 33.54 54.17 -4.98
N ASP D 279 32.28 53.80 -5.17
CA ASP D 279 31.74 52.55 -4.64
C ASP D 279 31.01 51.79 -5.74
N MET D 280 30.56 50.57 -5.42
CA MET D 280 30.09 49.64 -6.43
C MET D 280 28.72 50.00 -7.00
N GLU D 281 28.04 50.99 -6.46
CA GLU D 281 26.80 51.48 -7.06
C GLU D 281 27.05 52.73 -7.88
N GLY D 282 28.32 53.06 -8.14
CA GLY D 282 28.66 54.19 -8.96
C GLY D 282 28.71 55.51 -8.23
N ARG D 283 28.45 55.52 -6.93
CA ARG D 283 28.39 56.76 -6.17
C ARG D 283 29.79 57.34 -6.02
N LEU D 284 29.88 58.66 -6.14
CA LEU D 284 31.14 59.38 -6.04
C LEU D 284 31.12 60.27 -4.81
N PHE D 285 32.08 60.08 -3.92
CA PHE D 285 32.17 60.83 -2.69
C PHE D 285 33.40 61.73 -2.65
N MET D 286 33.33 62.75 -1.80
CA MET D 286 34.48 63.58 -1.44
C MET D 286 34.83 63.31 0.02
N LEU D 287 36.07 62.91 0.27
CA LEU D 287 36.59 62.71 1.62
C LEU D 287 37.42 63.93 1.98
N LEU D 288 37.01 64.63 3.03
CA LEU D 288 37.60 65.90 3.43
C LEU D 288 38.34 65.73 4.74
N LEU D 289 39.60 66.15 4.80
CA LEU D 289 40.38 66.09 6.02
C LEU D 289 40.41 67.49 6.62
N GLU D 290 39.68 67.69 7.72
CA GLU D 290 39.62 69.00 8.35
C GLU D 290 40.83 69.21 9.27
N LYS D 291 41.57 70.29 9.00
CA LYS D 291 42.84 70.59 9.63
C LYS D 291 42.71 71.53 10.82
N GLU D 292 43.57 71.33 11.83
CA GLU D 292 43.73 72.27 12.93
C GLU D 292 45.18 72.71 12.98
N GLU D 293 45.42 74.03 12.97
CA GLU D 293 46.77 74.55 13.16
C GLU D 293 46.99 74.65 14.67
N GLN D 294 48.16 74.20 15.12
CA GLN D 294 48.58 74.30 16.51
C GLN D 294 49.31 75.60 16.76
N MET D 295 49.27 76.05 18.01
CA MET D 295 50.03 77.26 18.35
C MET D 295 51.51 77.10 18.02
N ASP D 296 51.94 75.85 17.77
CA ASP D 296 53.30 75.59 17.32
C ASP D 296 53.56 76.15 15.92
N GLY D 297 52.54 76.20 15.08
CA GLY D 297 52.69 76.42 13.66
C GLY D 297 52.55 75.15 12.86
N THR D 298 52.37 74.03 13.57
CA THR D 298 52.17 72.71 12.98
C THR D 298 50.68 72.43 12.83
N VAL D 299 50.30 71.78 11.74
CA VAL D 299 48.92 71.44 11.46
C VAL D 299 48.66 69.97 11.76
N THR D 300 47.51 69.68 12.34
CA THR D 300 47.07 68.32 12.65
C THR D 300 45.61 68.13 12.23
N LEU D 301 45.18 66.86 12.22
CA LEU D 301 43.85 66.49 11.77
C LEU D 301 42.82 66.64 12.90
N LYS D 302 41.76 67.40 12.61
CA LYS D 302 40.67 67.65 13.55
C LYS D 302 39.53 66.64 13.39
N ASP D 303 39.09 66.41 12.15
CA ASP D 303 37.96 65.54 11.87
C ASP D 303 38.01 65.13 10.41
N LEU D 304 37.26 64.06 10.09
CA LEU D 304 37.12 63.55 8.75
C LEU D 304 35.67 63.70 8.32
N ARG D 305 35.46 63.98 7.05
CA ARG D 305 34.11 64.22 6.54
C ARG D 305 33.94 63.56 5.18
N VAL D 306 32.72 63.12 4.91
CA VAL D 306 32.39 62.52 3.62
C VAL D 306 31.17 63.24 3.05
N GLU D 307 31.27 63.67 1.79
CA GLU D 307 30.20 64.37 1.11
C GLU D 307 29.91 63.64 -0.19
N LEU D 308 28.62 63.37 -0.45
CA LEU D 308 28.20 62.73 -1.68
C LEU D 308 28.20 63.74 -2.80
N LEU D 309 28.92 63.44 -3.88
CA LEU D 309 28.98 64.35 -5.02
C LEU D 309 27.96 64.02 -6.09
N GLY D 310 27.79 62.74 -6.40
CA GLY D 310 26.84 62.35 -7.44
C GLY D 310 27.08 60.92 -7.86
N GLU D 311 26.79 60.65 -9.14
CA GLU D 311 26.91 59.30 -9.68
C GLU D 311 27.79 59.31 -10.92
N THR D 312 28.61 58.28 -11.05
CA THR D 312 29.42 58.07 -12.24
C THR D 312 29.22 56.64 -12.71
N SER D 313 29.98 56.23 -13.72
CA SER D 313 30.04 54.81 -14.05
C SER D 313 30.79 54.08 -12.95
N ILE D 314 30.46 52.81 -12.75
CA ILE D 314 31.17 52.00 -11.77
C ILE D 314 32.66 52.05 -12.05
N ALA D 315 33.43 52.56 -11.09
CA ALA D 315 34.81 52.95 -11.35
C ALA D 315 35.80 51.91 -10.84
N GLU D 316 36.68 51.45 -11.74
CA GLU D 316 37.82 50.65 -11.30
C GLU D 316 38.86 51.54 -10.64
N CYS D 317 39.07 52.71 -11.21
CA CYS D 317 40.03 53.69 -10.71
C CYS D 317 39.55 55.07 -11.09
N LEU D 318 39.82 56.02 -10.20
CA LEU D 318 39.51 57.42 -10.42
C LEU D 318 40.81 58.20 -10.51
N THR D 319 40.80 59.28 -11.27
CA THR D 319 41.92 60.21 -11.24
C THR D 319 41.44 61.63 -11.50
N TYR D 320 41.81 62.52 -10.58
CA TYR D 320 41.45 63.93 -10.72
C TYR D 320 42.48 64.57 -11.65
N LEU D 321 42.01 65.25 -12.69
CA LEU D 321 42.92 65.92 -13.62
C LEU D 321 43.12 67.36 -13.17
N ASP D 322 42.18 68.25 -13.48
CA ASP D 322 42.33 69.63 -13.04
C ASP D 322 41.11 70.47 -13.37
N ASN D 323 40.90 71.55 -12.60
CA ASN D 323 39.81 72.47 -12.89
C ASN D 323 38.45 71.80 -12.74
N GLY D 324 38.38 70.83 -11.83
CA GLY D 324 37.16 70.13 -11.53
C GLY D 324 36.86 68.92 -12.39
N VAL D 325 37.78 68.52 -13.27
CA VAL D 325 37.56 67.44 -14.22
C VAL D 325 38.18 66.16 -13.68
N VAL D 326 37.42 65.07 -13.72
CA VAL D 326 37.85 63.77 -13.20
C VAL D 326 37.65 62.69 -14.26
N PHE D 327 38.66 61.84 -14.44
CA PHE D 327 38.55 60.70 -15.34
C PHE D 327 38.07 59.48 -14.57
N VAL D 328 36.97 58.89 -15.02
CA VAL D 328 36.37 57.71 -14.40
C VAL D 328 36.74 56.52 -15.27
N GLY D 329 37.67 55.70 -14.78
CA GLY D 329 38.08 54.52 -15.51
C GLY D 329 37.27 53.32 -15.09
N SER D 330 36.40 52.82 -15.97
CA SER D 330 35.49 51.75 -15.64
C SER D 330 35.89 50.47 -16.36
N ARG D 331 35.64 49.35 -15.68
CA ARG D 331 35.87 48.03 -16.26
C ARG D 331 34.56 47.30 -16.50
N LEU D 332 33.45 47.80 -15.95
CA LEU D 332 32.15 47.19 -16.13
C LEU D 332 31.19 48.05 -16.96
N GLY D 333 31.54 49.31 -17.23
CA GLY D 333 30.70 50.17 -18.05
C GLY D 333 31.53 51.18 -18.79
N ASP D 334 30.89 52.14 -19.45
CA ASP D 334 31.65 53.16 -20.16
C ASP D 334 32.51 53.95 -19.19
N SER D 335 33.71 54.32 -19.64
CA SER D 335 34.55 55.26 -18.92
C SER D 335 34.10 56.68 -19.22
N GLN D 336 34.58 57.63 -18.42
CA GLN D 336 34.02 58.96 -18.50
C GLN D 336 35.05 60.05 -18.23
N LEU D 337 34.73 61.25 -18.71
CA LEU D 337 35.21 62.52 -18.15
C LEU D 337 34.01 63.18 -17.48
N VAL D 338 34.19 63.67 -16.25
CA VAL D 338 33.11 64.36 -15.55
C VAL D 338 33.61 65.65 -14.94
N LYS D 339 32.70 66.62 -14.82
CA LYS D 339 32.96 67.90 -14.20
C LYS D 339 32.35 67.94 -12.81
N LEU D 340 33.16 68.34 -11.83
CA LEU D 340 32.71 68.58 -10.47
C LEU D 340 32.44 70.07 -10.30
N ASN D 341 31.23 70.41 -9.89
CA ASN D 341 30.81 71.80 -9.72
C ASN D 341 30.75 72.18 -8.25
N VAL D 342 30.97 73.47 -7.97
CA VAL D 342 30.88 73.93 -6.59
C VAL D 342 29.44 73.99 -6.13
N ASP D 343 28.52 74.40 -7.00
CA ASP D 343 27.10 74.42 -6.70
C ASP D 343 26.45 73.18 -7.31
N SER D 344 25.52 72.59 -6.57
CA SER D 344 24.76 71.44 -7.04
C SER D 344 23.71 71.86 -8.08
N ASN D 345 23.29 70.90 -8.90
CA ASN D 345 22.24 71.17 -9.88
C ASN D 345 20.87 70.97 -9.21
N GLU D 346 19.80 71.02 -10.02
CA GLU D 346 18.46 70.97 -9.47
C GLU D 346 18.14 69.62 -8.85
N GLN D 347 18.93 68.59 -9.15
CA GLN D 347 18.72 67.25 -8.62
C GLN D 347 19.50 66.99 -7.35
N GLY D 348 20.34 67.94 -6.92
CA GLY D 348 21.20 67.74 -5.79
C GLY D 348 22.56 67.22 -6.15
N SER D 349 22.85 67.06 -7.45
CA SER D 349 24.10 66.47 -7.88
C SER D 349 25.13 67.55 -8.18
N TYR D 350 26.37 67.28 -7.81
CA TYR D 350 27.50 68.14 -8.12
C TYR D 350 28.30 67.63 -9.32
N VAL D 351 27.83 66.57 -9.98
CA VAL D 351 28.59 65.89 -11.02
C VAL D 351 27.84 66.01 -12.35
N VAL D 352 28.55 66.41 -13.40
CA VAL D 352 28.00 66.50 -14.74
C VAL D 352 28.95 65.83 -15.72
N ALA D 353 28.44 64.89 -16.50
CA ALA D 353 29.26 64.16 -17.44
C ALA D 353 29.69 65.05 -18.60
N MET D 354 30.97 64.95 -18.97
CA MET D 354 31.50 65.66 -20.13
C MET D 354 31.54 64.74 -21.35
N GLU D 355 32.29 63.64 -21.27
CA GLU D 355 32.45 62.72 -22.38
C GLU D 355 32.25 61.29 -21.93
N THR D 356 31.91 60.42 -22.89
CA THR D 356 31.71 59.00 -22.62
C THR D 356 32.57 58.17 -23.56
N PHE D 357 33.40 57.31 -22.98
CA PHE D 357 34.33 56.46 -23.73
C PHE D 357 33.76 55.06 -23.83
N THR D 358 33.59 54.59 -25.05
CA THR D 358 32.97 53.28 -25.25
C THR D 358 33.78 52.20 -24.55
N ASN D 359 33.12 51.43 -23.70
CA ASN D 359 33.70 50.24 -23.09
C ASN D 359 32.76 49.08 -23.36
N LEU D 360 33.20 48.12 -24.17
CA LEU D 360 32.40 46.94 -24.37
C LEU D 360 32.33 46.09 -23.12
N GLY D 361 33.04 46.48 -22.07
CA GLY D 361 32.88 45.89 -20.76
C GLY D 361 33.00 44.39 -20.84
N PRO D 362 32.61 43.72 -19.75
CA PRO D 362 32.49 42.26 -19.80
C PRO D 362 31.51 41.87 -20.90
N ILE D 363 31.96 41.01 -21.81
CA ILE D 363 31.09 40.44 -22.83
C ILE D 363 30.68 39.06 -22.32
N VAL D 364 29.48 38.96 -21.76
CA VAL D 364 29.09 37.68 -21.16
C VAL D 364 28.63 36.69 -22.23
N ASP D 365 28.04 37.18 -23.32
CA ASP D 365 27.54 36.36 -24.41
C ASP D 365 27.42 37.27 -25.62
N MET D 366 27.24 36.65 -26.78
CA MET D 366 27.03 37.43 -28.00
C MET D 366 26.54 36.50 -29.10
N CYS D 367 25.92 37.10 -30.12
CA CYS D 367 25.50 36.38 -31.30
C CYS D 367 25.70 37.28 -32.51
N VAL D 368 25.91 36.65 -33.66
CA VAL D 368 26.12 37.34 -34.92
C VAL D 368 24.83 37.21 -35.73
N VAL D 369 24.33 38.33 -36.22
CA VAL D 369 23.10 38.35 -36.99
C VAL D 369 23.28 39.35 -38.12
N ASP D 370 22.63 39.06 -39.24
CA ASP D 370 22.70 39.93 -40.43
C ASP D 370 21.39 40.71 -40.37
N LEU D 371 21.39 41.80 -39.61
CA LEU D 371 20.16 42.56 -39.45
C LEU D 371 19.69 43.14 -40.77
N GLU D 372 20.63 43.60 -41.59
CA GLU D 372 20.32 44.16 -42.90
C GLU D 372 19.98 43.08 -43.93
N ARG D 373 20.09 41.80 -43.57
CA ARG D 373 19.85 40.67 -44.46
C ARG D 373 20.82 40.68 -45.65
N GLN D 374 22.00 41.24 -45.42
CA GLN D 374 23.09 41.35 -46.38
C GLN D 374 24.26 40.51 -45.91
N GLY D 375 25.25 40.33 -46.78
CA GLY D 375 26.42 39.57 -46.38
C GLY D 375 27.26 40.17 -45.29
N GLN D 376 26.86 41.35 -44.81
CA GLN D 376 27.55 42.05 -43.73
C GLN D 376 26.86 41.69 -42.41
N GLY D 377 27.62 41.08 -41.52
CA GLY D 377 27.13 40.63 -40.24
C GLY D 377 27.35 41.65 -39.14
N GLN D 378 26.45 41.65 -38.16
CA GLN D 378 26.51 42.51 -37.00
C GLN D 378 26.65 41.66 -35.75
N LEU D 379 27.43 42.13 -34.79
CA LEU D 379 27.67 41.42 -33.54
C LEU D 379 26.89 42.12 -32.44
N VAL D 380 25.96 41.40 -31.81
CA VAL D 380 25.17 41.90 -30.69
C VAL D 380 25.62 41.21 -29.42
N THR D 381 26.10 42.00 -28.45
CA THR D 381 26.69 41.47 -27.23
C THR D 381 25.86 41.77 -25.99
N CYS D 382 25.99 40.91 -24.99
CA CYS D 382 25.56 41.19 -23.62
C CYS D 382 26.75 41.76 -22.87
N SER D 383 26.74 43.06 -22.61
CA SER D 383 27.91 43.76 -22.13
C SER D 383 27.63 44.48 -20.82
N GLY D 384 28.64 44.52 -19.95
CA GLY D 384 28.56 45.26 -18.71
C GLY D 384 27.95 44.48 -17.57
N ALA D 385 27.90 45.15 -16.41
CA ALA D 385 27.27 44.58 -15.24
C ALA D 385 26.54 45.66 -14.46
N PHE D 386 25.49 45.23 -13.78
CA PHE D 386 24.70 46.06 -12.86
C PHE D 386 24.14 47.23 -13.66
N LYS D 387 24.21 48.47 -13.15
CA LYS D 387 23.57 49.57 -13.83
C LYS D 387 24.19 49.84 -15.19
N GLU D 388 25.37 49.29 -15.44
CA GLU D 388 26.07 49.49 -16.70
C GLU D 388 25.69 48.46 -17.73
N GLY D 389 24.78 47.54 -17.39
CA GLY D 389 24.43 46.51 -18.33
C GLY D 389 23.83 47.09 -19.60
N SER D 390 24.14 46.44 -20.71
CA SER D 390 23.73 46.95 -22.01
C SER D 390 23.85 45.85 -23.04
N LEU D 391 23.18 46.06 -24.14
CA LEU D 391 23.45 45.36 -25.39
C LEU D 391 24.30 46.31 -26.23
N ARG D 392 25.25 45.76 -26.97
CA ARG D 392 26.06 46.54 -27.91
C ARG D 392 25.93 45.89 -29.27
N ILE D 393 25.58 46.69 -30.27
CA ILE D 393 25.47 46.23 -31.65
C ILE D 393 26.65 46.82 -32.38
N ILE D 394 27.54 45.95 -32.83
CA ILE D 394 28.81 46.33 -33.43
C ILE D 394 28.78 45.87 -34.87
N ARG D 395 29.10 46.79 -35.78
CA ARG D 395 29.13 46.49 -37.20
C ARG D 395 30.46 46.97 -37.74
N ASN D 396 30.95 46.32 -38.78
CA ASN D 396 32.15 46.77 -39.45
C ASN D 396 31.70 47.83 -40.45
N GLY D 397 32.43 48.94 -40.48
CA GLY D 397 32.05 50.03 -41.37
C GLY D 397 32.30 49.71 -42.83
N ILE D 398 31.59 50.44 -43.70
CA ILE D 398 31.79 50.31 -45.13
C ILE D 398 32.48 51.55 -45.68
N GLN D 408 39.97 52.30 -41.00
CA GLN D 408 38.58 52.02 -40.68
C GLN D 408 38.32 52.21 -39.17
N LYS D 409 37.11 51.87 -38.74
CA LYS D 409 36.71 51.91 -37.34
C LYS D 409 35.48 51.02 -37.22
N LEU D 410 35.13 50.65 -35.98
CA LEU D 410 33.92 49.89 -35.70
C LEU D 410 32.82 50.82 -35.19
N HIS D 411 31.61 50.65 -35.72
CA HIS D 411 30.46 51.43 -35.32
C HIS D 411 29.71 50.64 -34.25
N ILE D 412 29.53 51.24 -33.08
CA ILE D 412 28.98 50.56 -31.92
C ILE D 412 27.75 51.33 -31.48
N ARG D 413 26.59 50.68 -31.56
CA ARG D 413 25.35 51.24 -31.05
C ARG D 413 25.15 50.65 -29.66
N THR D 414 24.79 51.49 -28.71
CA THR D 414 24.67 51.05 -27.32
C THR D 414 23.21 51.06 -26.88
N VAL D 415 22.79 49.94 -26.28
CA VAL D 415 21.42 49.77 -25.78
C VAL D 415 21.47 49.55 -24.27
N PRO D 416 21.31 50.59 -23.46
CA PRO D 416 21.38 50.38 -22.00
C PRO D 416 20.22 49.58 -21.45
N LEU D 417 20.52 48.71 -20.48
CA LEU D 417 19.54 47.89 -19.79
C LEU D 417 19.43 48.18 -18.30
N TYR D 418 20.44 48.80 -17.70
CA TYR D 418 20.48 49.18 -16.29
C TYR D 418 20.36 47.98 -15.35
N GLU D 419 20.55 46.78 -15.88
CA GLU D 419 20.63 45.56 -15.10
C GLU D 419 21.65 44.66 -15.80
N SER D 420 22.00 43.55 -15.18
CA SER D 420 23.07 42.72 -15.69
C SER D 420 22.53 41.83 -16.82
N PRO D 421 23.05 41.93 -18.05
CA PRO D 421 22.65 41.01 -19.11
C PRO D 421 23.53 39.76 -19.07
N ARG D 422 22.92 38.58 -19.27
CA ARG D 422 23.69 37.35 -19.09
C ARG D 422 23.84 36.51 -20.34
N LYS D 423 22.76 36.26 -21.10
CA LYS D 423 22.86 35.48 -22.33
C LYS D 423 21.91 36.07 -23.35
N ILE D 424 22.26 35.93 -24.63
CA ILE D 424 21.46 36.49 -25.72
C ILE D 424 21.26 35.46 -26.81
N CYS D 425 20.08 35.51 -27.43
CA CYS D 425 19.72 34.56 -28.46
C CYS D 425 18.84 35.29 -29.47
N TYR D 426 19.07 35.05 -30.75
CA TYR D 426 18.34 35.72 -31.80
C TYR D 426 17.28 34.77 -32.36
N GLN D 427 16.06 35.28 -32.46
CA GLN D 427 14.92 34.53 -32.97
C GLN D 427 14.44 35.28 -34.22
N GLU D 428 14.79 34.80 -35.40
CA GLU D 428 14.43 35.51 -36.61
C GLU D 428 12.92 35.55 -36.82
N VAL D 429 12.24 34.43 -36.59
CA VAL D 429 10.80 34.36 -36.86
C VAL D 429 10.06 35.53 -36.23
N SER D 430 10.50 35.97 -35.05
CA SER D 430 9.83 37.02 -34.30
C SER D 430 10.55 38.36 -34.43
N GLN D 431 11.59 38.43 -35.26
CA GLN D 431 12.36 39.66 -35.46
C GLN D 431 12.73 40.26 -34.11
N CYS D 432 13.27 39.42 -33.23
CA CYS D 432 13.62 39.91 -31.90
C CYS D 432 14.67 39.02 -31.27
N PHE D 433 15.32 39.56 -30.24
CA PHE D 433 16.28 38.84 -29.44
C PHE D 433 15.64 38.43 -28.13
N GLY D 434 16.13 37.32 -27.57
CA GLY D 434 15.90 36.98 -26.18
C GLY D 434 17.16 37.27 -25.37
N VAL D 435 16.97 37.93 -24.23
CA VAL D 435 18.08 38.25 -23.35
C VAL D 435 17.69 37.83 -21.94
N LEU D 436 18.54 37.01 -21.33
CA LEU D 436 18.46 36.68 -19.91
C LEU D 436 19.18 37.78 -19.13
N SER D 437 18.60 38.18 -18.00
CA SER D 437 19.13 39.30 -17.23
C SER D 437 19.03 39.02 -15.74
N SER D 438 19.77 39.81 -14.96
CA SER D 438 19.74 39.73 -13.51
C SER D 438 19.70 41.12 -12.93
N ARG D 439 18.83 41.33 -11.93
CA ARG D 439 18.77 42.61 -11.24
C ARG D 439 18.93 42.34 -9.75
N ILE D 440 19.57 43.25 -9.05
CA ILE D 440 19.80 43.11 -7.62
C ILE D 440 18.69 43.85 -6.90
N GLU D 441 17.91 43.14 -6.11
CA GLU D 441 16.97 43.73 -5.17
C GLU D 441 17.47 43.45 -3.76
N VAL D 442 16.97 44.21 -2.80
CA VAL D 442 17.45 44.16 -1.43
C VAL D 442 16.31 43.90 -0.47
N GLN D 443 16.59 43.07 0.54
CA GLN D 443 15.60 42.75 1.55
C GLN D 443 15.18 44.00 2.30
N ASP D 444 13.87 44.23 2.37
CA ASP D 444 13.31 45.43 2.97
C ASP D 444 12.34 45.07 4.10
N THR D 445 11.81 46.12 4.73
CA THR D 445 11.00 45.95 5.92
C THR D 445 9.66 45.26 5.64
N SER D 446 9.21 45.22 4.38
CA SER D 446 7.95 44.54 4.10
C SER D 446 8.09 43.02 4.15
N GLY D 447 9.33 42.52 4.15
CA GLY D 447 9.63 41.14 4.00
C GLY D 447 10.05 40.75 2.60
N GLY D 448 9.58 41.50 1.60
CA GLY D 448 9.99 41.30 0.23
C GLY D 448 11.30 42.00 -0.05
N THR D 449 11.49 42.36 -1.31
CA THR D 449 12.70 43.05 -1.72
C THR D 449 12.31 44.25 -2.58
N THR D 450 13.27 45.15 -2.74
CA THR D 450 13.06 46.39 -3.47
C THR D 450 14.21 46.58 -4.44
N ALA D 451 13.88 46.94 -5.67
CA ALA D 451 14.90 47.20 -6.67
C ALA D 451 15.58 48.53 -6.38
N LEU D 452 16.90 48.56 -6.57
CA LEU D 452 17.64 49.78 -6.23
C LEU D 452 17.41 50.88 -7.25
N ARG D 453 16.98 50.53 -8.46
CA ARG D 453 16.74 51.48 -9.53
C ARG D 453 15.86 50.82 -10.56
N PRO D 454 15.11 51.59 -11.34
CA PRO D 454 14.35 51.00 -12.46
C PRO D 454 15.31 50.52 -13.54
N SER D 455 14.92 49.43 -14.20
CA SER D 455 15.76 48.82 -15.22
C SER D 455 14.87 48.04 -16.20
N ALA D 456 15.53 47.37 -17.14
CA ALA D 456 14.82 46.77 -18.27
C ALA D 456 13.66 45.89 -17.81
N SER D 457 13.89 45.07 -16.77
CA SER D 457 12.84 44.16 -16.35
C SER D 457 11.70 44.85 -15.62
N THR D 458 11.90 46.07 -15.14
CA THR D 458 10.88 46.77 -14.40
C THR D 458 10.11 47.78 -15.24
N GLN D 459 10.69 48.20 -16.36
CA GLN D 459 10.10 49.20 -17.23
C GLN D 459 9.62 48.57 -18.52
N ALA D 460 9.40 47.25 -18.52
CA ALA D 460 8.97 46.59 -19.74
C ALA D 460 7.49 46.86 -20.01
N LEU D 461 7.14 46.89 -21.29
CA LEU D 461 5.77 47.17 -21.71
C LEU D 461 4.82 46.09 -21.24
N SER D 462 5.10 44.82 -21.56
CA SER D 462 4.33 43.69 -21.07
C SER D 462 5.22 42.89 -20.13
N SER D 463 4.63 42.37 -19.05
CA SER D 463 5.41 41.66 -18.06
C SER D 463 4.62 40.48 -17.50
N SER D 464 5.35 39.47 -17.03
CA SER D 464 4.76 38.29 -16.44
C SER D 464 5.72 37.72 -15.41
N VAL D 465 5.17 36.96 -14.46
CA VAL D 465 5.95 36.34 -13.40
C VAL D 465 5.61 34.86 -13.36
N SER D 466 6.64 34.03 -13.11
CA SER D 466 6.45 32.60 -13.12
C SER D 466 5.48 32.15 -12.04
N SER D 467 4.60 31.22 -12.41
CA SER D 467 3.64 30.63 -11.48
C SER D 467 3.89 29.14 -11.28
N SER D 468 5.07 28.66 -11.67
CA SER D 468 5.38 27.24 -11.53
C SER D 468 5.33 26.84 -10.06
N LYS D 469 4.76 25.68 -9.78
CA LYS D 469 4.66 25.19 -8.41
C LYS D 469 5.49 23.92 -8.21
N LEU D 470 6.45 23.66 -9.10
CA LEU D 470 7.21 22.42 -9.06
C LEU D 470 7.96 22.25 -7.74
N PHE D 471 8.59 23.32 -7.25
CA PHE D 471 9.31 23.32 -5.98
C PHE D 471 8.48 23.89 -4.84
N SER D 472 7.15 23.99 -5.01
CA SER D 472 6.29 24.81 -4.19
C SER D 472 6.74 24.93 -2.73
N SER D 473 6.52 23.90 -1.92
CA SER D 473 6.89 23.93 -0.51
C SER D 473 8.00 22.93 -0.21
N SER D 474 8.42 22.13 -1.19
CA SER D 474 9.44 21.11 -0.97
C SER D 474 10.68 21.68 -0.28
N THR D 475 11.18 22.83 -0.76
CA THR D 475 12.40 23.43 -0.22
C THR D 475 12.02 24.33 0.94
N ALA D 476 12.41 23.95 2.14
CA ALA D 476 12.20 24.76 3.33
C ALA D 476 12.69 26.18 3.10
N PRO D 477 11.96 27.20 3.59
CA PRO D 477 12.40 28.59 3.35
C PRO D 477 13.60 28.92 4.21
N HIS D 478 14.47 29.75 3.64
CA HIS D 478 15.72 30.13 4.28
C HIS D 478 15.57 31.50 4.91
N GLU D 479 16.38 31.77 5.94
CA GLU D 479 16.21 32.98 6.71
C GLU D 479 16.69 34.17 5.88
N THR D 480 15.93 35.25 5.93
CA THR D 480 16.24 36.47 5.19
C THR D 480 16.41 37.61 6.19
N SER D 481 17.51 38.35 6.05
CA SER D 481 17.83 39.47 6.92
C SER D 481 17.73 40.77 6.12
N PHE D 482 17.19 41.81 6.76
CA PHE D 482 17.05 43.08 6.08
C PHE D 482 18.41 43.56 5.58
N GLY D 483 18.43 44.05 4.34
CA GLY D 483 19.64 44.59 3.76
C GLY D 483 20.42 43.63 2.88
N GLU D 484 20.10 42.34 2.89
CA GLU D 484 20.80 41.42 2.02
C GLU D 484 20.38 41.60 0.57
N GLU D 485 21.32 41.34 -0.33
CA GLU D 485 21.06 41.39 -1.76
C GLU D 485 20.55 40.03 -2.22
N VAL D 486 19.74 40.05 -3.27
CA VAL D 486 19.33 38.84 -3.97
C VAL D 486 19.28 39.18 -5.45
N GLU D 487 19.52 38.18 -6.29
CA GLU D 487 19.38 38.36 -7.73
C GLU D 487 17.98 37.93 -8.14
N VAL D 488 17.36 38.74 -9.01
CA VAL D 488 16.07 38.43 -9.60
C VAL D 488 16.30 38.32 -11.10
N HIS D 489 15.90 37.19 -11.67
CA HIS D 489 16.24 36.86 -13.05
C HIS D 489 15.02 36.97 -13.95
N ASN D 490 15.27 37.37 -15.19
CA ASN D 490 14.19 37.62 -16.14
C ASN D 490 14.60 37.16 -17.52
N LEU D 491 13.62 36.95 -18.37
CA LEU D 491 13.79 36.79 -19.81
C LEU D 491 13.22 38.06 -20.45
N LEU D 492 14.01 38.73 -21.28
CA LEU D 492 13.59 39.94 -21.98
C LEU D 492 13.41 39.64 -23.46
N ILE D 493 12.29 40.08 -24.03
CA ILE D 493 12.11 40.04 -25.48
C ILE D 493 12.37 41.46 -25.99
N ILE D 494 13.29 41.59 -26.95
CA ILE D 494 13.83 42.88 -27.39
C ILE D 494 13.78 42.94 -28.91
N ASP D 495 13.13 43.99 -29.44
CA ASP D 495 12.95 44.13 -30.89
C ASP D 495 14.29 44.31 -31.60
N GLN D 496 14.41 43.69 -32.78
CA GLN D 496 15.72 43.65 -33.42
C GLN D 496 16.12 44.96 -34.07
N HIS D 497 15.18 45.88 -34.28
CA HIS D 497 15.49 47.17 -34.89
C HIS D 497 15.46 48.33 -33.91
N THR D 498 14.44 48.39 -33.06
CA THR D 498 14.32 49.48 -32.10
C THR D 498 14.97 49.17 -30.77
N PHE D 499 15.11 47.89 -30.45
CA PHE D 499 15.61 47.43 -29.16
C PHE D 499 14.75 48.01 -28.03
N GLU D 500 13.44 47.92 -28.23
CA GLU D 500 12.46 48.27 -27.21
C GLU D 500 12.17 46.97 -26.48
N VAL D 501 12.02 47.04 -25.16
CA VAL D 501 11.74 45.84 -24.39
C VAL D 501 10.26 45.52 -24.49
N LEU D 502 9.95 44.50 -25.29
CA LEU D 502 8.57 44.16 -25.60
C LEU D 502 7.92 43.36 -24.47
N HIS D 503 8.68 42.48 -23.83
CA HIS D 503 8.15 41.69 -22.73
C HIS D 503 9.28 41.44 -21.73
N ALA D 504 8.90 41.18 -20.47
CA ALA D 504 9.86 40.75 -19.47
C ALA D 504 9.19 39.70 -18.58
N HIS D 505 9.80 38.53 -18.51
CA HIS D 505 9.30 37.42 -17.70
C HIS D 505 10.24 37.22 -16.52
N GLN D 506 9.68 37.24 -15.31
CA GLN D 506 10.46 37.04 -14.11
C GLN D 506 10.36 35.58 -13.66
N PHE D 507 11.50 34.98 -13.38
CA PHE D 507 11.54 33.59 -12.94
C PHE D 507 11.30 33.48 -11.44
N LEU D 508 11.20 32.24 -10.97
CA LEU D 508 10.85 31.98 -9.58
C LEU D 508 11.88 32.60 -8.63
N GLN D 509 11.45 32.81 -7.39
CA GLN D 509 12.34 33.35 -6.38
C GLN D 509 13.52 32.43 -6.14
N ASN D 510 14.73 32.98 -6.19
CA ASN D 510 15.96 32.23 -6.01
C ASN D 510 16.26 31.30 -7.19
N GLU D 511 15.59 31.53 -8.33
CA GLU D 511 15.86 30.79 -9.55
C GLU D 511 16.75 31.65 -10.46
N TYR D 512 17.87 31.10 -10.89
CA TYR D 512 18.77 31.77 -11.82
C TYR D 512 18.55 31.21 -13.22
N ALA D 513 18.48 32.09 -14.22
CA ALA D 513 18.43 31.68 -15.62
C ALA D 513 19.86 31.54 -16.13
N LEU D 514 20.23 30.35 -16.58
CA LEU D 514 21.60 30.08 -16.96
C LEU D 514 21.81 29.86 -18.45
N SER D 515 20.81 29.39 -19.18
CA SER D 515 21.02 29.01 -20.58
C SER D 515 19.77 29.33 -21.38
N LEU D 516 19.97 29.67 -22.65
CA LEU D 516 18.89 30.14 -23.51
C LEU D 516 19.15 29.69 -24.95
N VAL D 517 18.11 29.17 -25.61
CA VAL D 517 18.18 28.83 -27.02
C VAL D 517 16.91 29.33 -27.71
N SER D 518 17.03 29.51 -29.03
CA SER D 518 15.89 29.77 -29.90
C SER D 518 15.90 28.70 -30.99
N CYS D 519 14.81 27.94 -31.09
CA CYS D 519 14.83 26.84 -32.05
C CYS D 519 13.42 26.29 -32.26
N LYS D 520 13.30 25.49 -33.33
CA LYS D 520 12.18 24.61 -33.58
C LYS D 520 12.58 23.21 -33.11
N LEU D 521 11.63 22.44 -32.59
CA LEU D 521 11.92 21.08 -32.16
C LEU D 521 10.96 20.08 -32.78
N GLY D 522 11.46 18.86 -32.99
CA GLY D 522 10.60 17.77 -33.42
C GLY D 522 9.83 18.09 -34.68
N LYS D 523 8.55 17.74 -34.67
CA LYS D 523 7.64 18.03 -35.77
C LYS D 523 6.79 19.27 -35.50
N ASP D 524 7.17 20.07 -34.51
CA ASP D 524 6.44 21.29 -34.16
C ASP D 524 6.99 22.46 -34.96
N PRO D 525 6.19 23.10 -35.83
CA PRO D 525 6.72 24.22 -36.63
C PRO D 525 6.89 25.51 -35.86
N ASN D 526 6.39 25.59 -34.62
CA ASN D 526 6.50 26.81 -33.83
C ASN D 526 7.93 26.98 -33.34
N THR D 527 8.41 28.22 -33.35
CA THR D 527 9.75 28.56 -32.90
C THR D 527 9.71 29.09 -31.47
N TYR D 528 10.48 28.46 -30.58
CA TYR D 528 10.40 28.76 -29.16
C TYR D 528 11.68 29.37 -28.62
N PHE D 529 11.51 30.11 -27.52
CA PHE D 529 12.61 30.49 -26.64
C PHE D 529 12.61 29.49 -25.50
N ILE D 530 13.73 28.83 -25.28
CA ILE D 530 13.86 27.83 -24.22
C ILE D 530 14.96 28.27 -23.27
N VAL D 531 14.68 28.23 -21.97
CA VAL D 531 15.58 28.71 -20.94
C VAL D 531 15.86 27.58 -19.94
N GLY D 532 17.11 27.44 -19.56
CA GLY D 532 17.53 26.48 -18.55
C GLY D 532 17.91 27.20 -17.28
N THR D 533 17.40 26.71 -16.15
CA THR D 533 17.49 27.42 -14.89
C THR D 533 18.08 26.54 -13.80
N ALA D 534 18.39 27.18 -12.67
CA ALA D 534 18.92 26.52 -11.49
C ALA D 534 18.35 27.18 -10.25
N MET D 535 17.94 26.37 -9.28
CA MET D 535 17.48 26.89 -8.00
C MET D 535 18.71 27.09 -7.10
N VAL D 536 18.99 28.35 -6.79
CA VAL D 536 20.20 28.75 -6.09
C VAL D 536 19.79 29.08 -4.67
N TYR D 537 20.17 28.25 -3.75
CA TYR D 537 20.01 28.54 -2.34
C TYR D 537 21.40 28.68 -1.73
N PRO D 538 21.60 29.69 -0.87
CA PRO D 538 22.97 29.96 -0.39
C PRO D 538 23.66 28.78 0.27
N GLU D 539 22.91 27.91 0.92
CA GLU D 539 23.51 26.81 1.68
C GLU D 539 24.09 25.74 0.79
N GLU D 540 23.55 25.56 -0.41
CA GLU D 540 23.87 24.41 -1.22
C GLU D 540 25.17 24.65 -1.98
N ALA D 541 26.06 23.66 -1.95
CA ALA D 541 27.32 23.77 -2.67
C ALA D 541 27.11 23.74 -4.17
N GLU D 542 26.09 23.04 -4.65
CA GLU D 542 25.83 22.86 -6.04
C GLU D 542 24.32 22.72 -6.11
N PRO D 543 23.65 23.44 -7.01
CA PRO D 543 22.18 23.35 -7.05
C PRO D 543 21.71 21.92 -7.24
N LYS D 544 20.61 21.59 -6.57
CA LYS D 544 20.00 20.27 -6.67
C LYS D 544 18.63 20.32 -7.34
N GLN D 545 18.17 21.50 -7.77
CA GLN D 545 16.89 21.65 -8.45
C GLN D 545 17.04 22.61 -9.64
N GLY D 546 16.19 22.42 -10.64
CA GLY D 546 16.25 23.27 -11.82
C GLY D 546 15.07 23.03 -12.74
N ARG D 547 14.98 23.88 -13.76
CA ARG D 547 13.91 23.80 -14.74
C ARG D 547 14.41 24.04 -16.15
N ILE D 548 13.76 23.41 -17.11
CA ILE D 548 13.87 23.77 -18.53
C ILE D 548 12.50 24.25 -18.97
N VAL D 549 12.41 25.52 -19.36
CA VAL D 549 11.15 26.18 -19.68
C VAL D 549 11.11 26.51 -21.17
N VAL D 550 9.97 26.21 -21.81
CA VAL D 550 9.74 26.52 -23.22
C VAL D 550 8.69 27.61 -23.32
N PHE D 551 9.02 28.68 -24.03
CA PHE D 551 8.13 29.84 -24.21
C PHE D 551 7.83 30.01 -25.70
N GLN D 552 6.70 30.64 -26.02
CA GLN D 552 6.46 31.11 -27.38
C GLN D 552 6.12 32.59 -27.35
N TYR D 553 6.89 33.41 -28.07
CA TYR D 553 6.54 34.82 -28.26
C TYR D 553 5.78 34.91 -29.59
N SER D 554 4.48 35.19 -29.51
CA SER D 554 3.64 35.26 -30.70
C SER D 554 2.55 36.30 -30.44
N ASP D 555 2.30 37.16 -31.42
CA ASP D 555 1.28 38.19 -31.31
C ASP D 555 1.54 39.08 -30.10
N GLY D 556 2.80 39.49 -29.93
CA GLY D 556 3.16 40.43 -28.88
C GLY D 556 3.03 39.94 -27.46
N LYS D 557 2.74 38.66 -27.23
CA LYS D 557 2.51 38.13 -25.90
C LYS D 557 3.30 36.84 -25.70
N LEU D 558 3.89 36.70 -24.51
CA LEU D 558 4.67 35.50 -24.15
C LEU D 558 3.81 34.43 -23.49
N GLN D 559 3.81 33.23 -24.06
CA GLN D 559 3.07 32.09 -23.55
C GLN D 559 4.07 31.04 -23.10
N THR D 560 3.80 30.40 -21.97
CA THR D 560 4.69 29.34 -21.47
C THR D 560 4.16 28.00 -21.99
N VAL D 561 4.93 27.36 -22.85
CA VAL D 561 4.43 26.18 -23.53
C VAL D 561 4.63 24.93 -22.68
N ALA D 562 5.74 24.84 -21.96
CA ALA D 562 6.01 23.64 -21.19
C ALA D 562 7.15 23.89 -20.22
N GLU D 563 7.15 23.12 -19.12
CA GLU D 563 8.22 23.14 -18.14
C GLU D 563 8.62 21.70 -17.85
N LYS D 564 9.93 21.48 -17.74
CA LYS D 564 10.51 20.18 -17.43
C LYS D 564 11.39 20.35 -16.19
N GLU D 565 11.09 19.59 -15.15
CA GLU D 565 11.88 19.63 -13.94
C GLU D 565 13.16 18.80 -14.09
N VAL D 566 14.26 19.31 -13.58
CA VAL D 566 15.52 18.58 -13.54
C VAL D 566 16.10 18.72 -12.14
N LYS D 567 17.06 17.86 -11.84
CA LYS D 567 17.67 17.79 -10.51
C LYS D 567 19.04 18.47 -10.49
N GLY D 568 19.13 19.68 -11.01
CA GLY D 568 20.40 20.39 -11.04
C GLY D 568 20.32 21.63 -11.90
N ALA D 569 21.47 22.25 -12.11
CA ALA D 569 21.57 23.50 -12.85
C ALA D 569 21.76 23.20 -14.33
N VAL D 570 20.94 23.85 -15.17
CA VAL D 570 20.99 23.60 -16.62
C VAL D 570 21.97 24.63 -17.20
N TYR D 571 23.25 24.28 -17.16
CA TYR D 571 24.30 25.21 -17.54
C TYR D 571 24.31 25.50 -19.04
N SER D 572 24.00 24.52 -19.88
CA SER D 572 24.12 24.72 -21.31
C SER D 572 23.01 23.98 -22.05
N MET D 573 22.50 24.60 -23.10
CA MET D 573 21.56 23.96 -24.00
C MET D 573 21.96 24.31 -25.43
N VAL D 574 21.63 23.42 -26.35
CA VAL D 574 21.86 23.67 -27.77
C VAL D 574 20.92 22.77 -28.56
N GLU D 575 20.39 23.30 -29.65
CA GLU D 575 19.57 22.51 -30.54
C GLU D 575 20.43 21.48 -31.26
N PHE D 576 19.93 20.24 -31.31
CA PHE D 576 20.68 19.09 -31.80
C PHE D 576 19.75 18.25 -32.68
N ASN D 577 19.76 18.55 -33.97
CA ASN D 577 19.05 17.75 -34.97
C ASN D 577 17.59 17.56 -34.56
N GLY D 578 16.94 18.69 -34.25
CA GLY D 578 15.56 18.65 -33.87
C GLY D 578 15.29 18.18 -32.46
N LYS D 579 16.34 17.93 -31.67
CA LYS D 579 16.20 17.55 -30.28
C LYS D 579 16.89 18.61 -29.43
N LEU D 580 16.56 18.62 -28.15
CA LEU D 580 17.13 19.57 -27.21
C LEU D 580 18.24 18.89 -26.43
N LEU D 581 19.46 19.37 -26.60
CA LEU D 581 20.62 18.89 -25.87
C LEU D 581 20.89 19.84 -24.72
N ALA D 582 20.87 19.31 -23.50
CA ALA D 582 21.02 20.12 -22.30
C ALA D 582 21.98 19.44 -21.33
N SER D 583 22.72 20.24 -20.60
CA SER D 583 23.63 19.77 -19.56
C SER D 583 23.04 20.12 -18.19
N ILE D 584 22.83 19.11 -17.35
CA ILE D 584 22.39 19.29 -15.98
C ILE D 584 23.50 18.77 -15.09
N ASN D 585 24.30 19.68 -14.52
CA ASN D 585 25.41 19.31 -13.62
C ASN D 585 26.35 18.36 -14.34
N SER D 586 26.56 17.12 -13.86
CA SER D 586 27.48 16.22 -14.55
C SER D 586 26.87 15.64 -15.82
N THR D 587 25.55 15.59 -15.92
CA THR D 587 24.87 14.85 -16.98
C THR D 587 24.67 15.69 -18.23
N VAL D 588 24.84 15.04 -19.39
CA VAL D 588 24.49 15.60 -20.69
C VAL D 588 23.32 14.76 -21.22
N ARG D 589 22.18 15.40 -21.46
CA ARG D 589 20.97 14.69 -21.84
C ARG D 589 20.47 15.15 -23.20
N LEU D 590 19.84 14.23 -23.93
CA LEU D 590 19.16 14.54 -25.18
C LEU D 590 17.67 14.38 -24.94
N TYR D 591 16.92 15.47 -25.13
CA TYR D 591 15.48 15.49 -24.93
C TYR D 591 14.79 15.48 -26.29
N GLU D 592 13.71 14.71 -26.39
CA GLU D 592 12.86 14.73 -27.58
C GLU D 592 11.61 15.56 -27.26
N TRP D 593 11.02 16.14 -28.30
CA TRP D 593 9.83 16.99 -28.19
C TRP D 593 8.64 16.19 -28.70
N THR D 594 7.74 15.81 -27.79
CA THR D 594 6.66 14.91 -28.14
C THR D 594 5.56 15.68 -28.88
N THR D 595 4.63 14.94 -29.47
CA THR D 595 3.48 15.59 -30.10
C THR D 595 2.53 16.22 -29.08
N GLU D 596 2.65 15.89 -27.79
CA GLU D 596 1.89 16.56 -26.74
C GLU D 596 2.61 17.81 -26.21
N LYS D 597 3.67 18.26 -26.91
CA LYS D 597 4.40 19.47 -26.55
C LYS D 597 4.98 19.39 -25.14
N GLU D 598 5.74 18.32 -24.87
CA GLU D 598 6.52 18.22 -23.63
C GLU D 598 7.83 17.50 -23.94
N LEU D 599 8.83 17.74 -23.10
CA LEU D 599 10.16 17.17 -23.29
C LEU D 599 10.27 15.77 -22.66
N ARG D 600 10.91 14.85 -23.40
CA ARG D 600 11.12 13.47 -22.96
C ARG D 600 12.55 13.03 -23.23
N THR D 601 13.19 12.45 -22.21
CA THR D 601 14.61 12.08 -22.29
C THR D 601 14.83 10.82 -23.12
N GLU D 602 15.83 10.87 -24.01
CA GLU D 602 16.23 9.72 -24.82
C GLU D 602 17.51 9.06 -24.31
N CYS D 603 18.54 9.86 -24.06
CA CYS D 603 19.83 9.34 -23.64
C CYS D 603 20.45 10.29 -22.62
N ASN D 604 21.30 9.73 -21.77
CA ASN D 604 22.04 10.47 -20.76
C ASN D 604 23.48 10.03 -20.90
N HIS D 605 24.40 10.95 -20.62
CA HIS D 605 25.82 10.65 -20.48
C HIS D 605 26.24 11.31 -19.19
N TYR D 606 26.79 10.53 -18.27
CA TYR D 606 26.99 11.01 -16.91
C TYR D 606 28.44 11.27 -16.56
N ASN D 607 29.39 10.93 -17.42
CA ASN D 607 30.80 10.98 -17.02
C ASN D 607 31.40 12.38 -17.22
N ASN D 608 31.03 13.28 -16.32
CA ASN D 608 31.61 14.61 -16.28
C ASN D 608 31.74 15.03 -14.82
N ILE D 609 32.43 16.14 -14.60
CA ILE D 609 32.50 16.77 -13.32
C ILE D 609 31.47 17.90 -13.22
N MET D 610 31.43 18.75 -14.24
CA MET D 610 30.42 19.80 -14.38
C MET D 610 30.39 20.18 -15.86
N ALA D 611 29.28 19.88 -16.52
CA ALA D 611 29.19 20.07 -17.97
C ALA D 611 28.83 21.53 -18.25
N LEU D 612 29.85 22.39 -18.18
CA LEU D 612 29.57 23.81 -18.25
C LEU D 612 29.27 24.28 -19.67
N TYR D 613 29.87 23.68 -20.71
CA TYR D 613 29.71 24.20 -22.05
C TYR D 613 29.45 23.10 -23.08
N LEU D 614 28.59 23.40 -24.06
CA LEU D 614 28.21 22.48 -25.12
C LEU D 614 28.26 23.15 -26.48
N LYS D 615 28.77 22.42 -27.48
CA LYS D 615 28.66 22.82 -28.88
C LYS D 615 28.42 21.55 -29.69
N THR D 616 27.81 21.70 -30.88
CA THR D 616 27.52 20.55 -31.70
C THR D 616 27.96 20.76 -33.15
N LYS D 617 28.11 19.64 -33.85
CA LYS D 617 28.32 19.61 -35.30
C LYS D 617 27.89 18.24 -35.77
N GLY D 618 26.79 18.16 -36.51
CA GLY D 618 26.30 16.87 -36.96
C GLY D 618 25.79 16.07 -35.77
N ASP D 619 26.20 14.81 -35.69
CA ASP D 619 25.87 13.99 -34.53
C ASP D 619 26.98 14.03 -33.48
N PHE D 620 27.91 14.96 -33.60
CA PHE D 620 29.03 15.07 -32.66
C PHE D 620 28.77 16.21 -31.67
N ILE D 621 29.19 15.99 -30.42
CA ILE D 621 28.99 16.96 -29.36
C ILE D 621 30.34 17.21 -28.69
N LEU D 622 30.70 18.48 -28.56
CA LEU D 622 31.86 18.89 -27.80
C LEU D 622 31.39 19.40 -26.45
N VAL D 623 31.88 18.79 -25.38
CA VAL D 623 31.48 19.14 -24.02
C VAL D 623 32.66 19.81 -23.33
N GLY D 624 32.41 21.02 -22.81
CA GLY D 624 33.39 21.72 -22.02
C GLY D 624 33.09 21.50 -20.55
N ASP D 625 34.05 20.90 -19.86
CA ASP D 625 33.89 20.54 -18.46
C ASP D 625 34.55 21.60 -17.59
N LEU D 626 34.15 21.62 -16.31
CA LEU D 626 34.75 22.59 -15.39
C LEU D 626 36.25 22.33 -15.23
N MET D 627 36.65 21.06 -15.06
CA MET D 627 38.06 20.75 -14.84
C MET D 627 38.65 19.72 -15.79
N ARG D 628 37.85 18.94 -16.51
CA ARG D 628 38.37 17.85 -17.33
C ARG D 628 38.47 18.24 -18.79
N SER D 629 38.83 19.50 -19.07
CA SER D 629 39.12 19.95 -20.43
C SER D 629 37.89 19.66 -21.29
N VAL D 630 38.04 19.04 -22.46
CA VAL D 630 36.93 18.87 -23.38
C VAL D 630 36.78 17.40 -23.71
N LEU D 631 35.53 16.98 -23.89
CA LEU D 631 35.17 15.63 -24.27
C LEU D 631 34.44 15.72 -25.60
N LEU D 632 34.65 14.73 -26.46
CA LEU D 632 33.96 14.62 -27.74
C LEU D 632 32.96 13.48 -27.64
N LEU D 633 31.68 13.83 -27.61
CA LEU D 633 30.63 12.83 -27.62
C LEU D 633 30.07 12.70 -29.04
N ALA D 634 29.39 11.59 -29.27
CA ALA D 634 28.68 11.39 -30.52
C ALA D 634 27.37 10.68 -30.23
N TYR D 635 26.32 11.15 -30.90
CA TYR D 635 25.02 10.49 -30.85
C TYR D 635 25.05 9.34 -31.83
N LYS D 636 24.83 8.13 -31.32
CA LYS D 636 24.74 6.95 -32.17
C LYS D 636 23.26 6.70 -32.42
N PRO D 637 22.71 7.19 -33.54
CA PRO D 637 21.26 7.10 -33.72
C PRO D 637 20.75 5.67 -33.82
N MET D 638 21.54 4.75 -34.36
CA MET D 638 21.04 3.38 -34.48
C MET D 638 20.70 2.80 -33.12
N GLU D 639 21.38 3.26 -32.07
CA GLU D 639 21.19 2.69 -30.74
C GLU D 639 20.34 3.57 -29.83
N GLY D 640 20.32 4.87 -30.07
CA GLY D 640 19.58 5.77 -29.21
C GLY D 640 20.31 6.11 -27.93
N ASN D 641 21.64 6.20 -27.98
CA ASN D 641 22.48 6.49 -26.83
C ASN D 641 23.65 7.36 -27.28
N PHE D 642 24.49 7.77 -26.32
CA PHE D 642 25.73 8.47 -26.60
C PHE D 642 26.89 7.47 -26.53
N GLU D 643 27.98 7.79 -27.24
CA GLU D 643 29.24 7.05 -27.11
C GLU D 643 30.37 8.06 -27.01
N GLU D 644 31.33 7.76 -26.12
CA GLU D 644 32.48 8.65 -25.94
C GLU D 644 33.47 8.39 -27.06
N ILE D 645 33.80 9.44 -27.80
CA ILE D 645 34.72 9.31 -28.93
C ILE D 645 36.16 9.57 -28.50
N ALA D 646 36.43 10.72 -27.90
CA ALA D 646 37.77 11.04 -27.46
C ALA D 646 37.70 12.14 -26.42
N ARG D 647 38.64 12.10 -25.47
CA ARG D 647 38.70 13.07 -24.40
C ARG D 647 40.09 13.70 -24.32
N ASP D 648 40.14 15.00 -24.07
CA ASP D 648 41.40 15.65 -23.71
C ASP D 648 41.61 15.33 -22.24
N PHE D 649 42.53 14.41 -21.96
CA PHE D 649 42.74 14.01 -20.58
C PHE D 649 43.58 15.01 -19.80
N ASN D 650 44.20 15.95 -20.47
CA ASN D 650 44.91 17.03 -19.80
C ASN D 650 43.90 17.87 -19.03
N PRO D 651 44.15 18.17 -17.76
CA PRO D 651 43.18 18.96 -16.98
C PRO D 651 43.28 20.44 -17.31
N ASN D 652 42.12 21.06 -17.58
CA ASN D 652 42.03 22.49 -17.85
C ASN D 652 40.76 23.03 -17.22
N TRP D 653 40.82 24.29 -16.76
CA TRP D 653 39.64 25.00 -16.26
C TRP D 653 39.04 25.76 -17.43
N MET D 654 37.92 25.26 -17.96
CA MET D 654 37.38 25.77 -19.22
C MET D 654 36.50 27.00 -19.00
N SER D 655 36.67 28.00 -19.87
CA SER D 655 35.78 29.15 -19.90
C SER D 655 34.86 29.17 -21.10
N ALA D 656 35.22 28.48 -22.19
CA ALA D 656 34.41 28.42 -23.40
C ALA D 656 35.06 27.41 -24.33
N VAL D 657 34.25 26.84 -25.22
CA VAL D 657 34.73 25.87 -26.20
C VAL D 657 34.09 26.21 -27.54
N GLU D 658 34.62 25.60 -28.60
CA GLU D 658 34.04 25.74 -29.92
C GLU D 658 34.60 24.62 -30.78
N ILE D 659 33.80 24.18 -31.75
CA ILE D 659 34.20 23.19 -32.74
C ILE D 659 34.68 23.97 -33.96
N LEU D 660 35.91 23.70 -34.40
CA LEU D 660 36.41 24.35 -35.60
C LEU D 660 36.00 23.60 -36.86
N ASP D 661 36.18 22.28 -36.85
CA ASP D 661 35.77 21.42 -37.94
C ASP D 661 35.61 20.02 -37.37
N ASP D 662 35.40 19.03 -38.24
CA ASP D 662 35.12 17.69 -37.76
C ASP D 662 36.24 17.12 -36.91
N ASP D 663 37.45 17.67 -37.04
CA ASP D 663 38.61 17.13 -36.36
C ASP D 663 39.27 18.06 -35.35
N ASN D 664 39.06 19.37 -35.45
CA ASN D 664 39.70 20.33 -34.55
C ASN D 664 38.70 20.92 -33.56
N PHE D 665 39.13 21.05 -32.30
CA PHE D 665 38.29 21.57 -31.23
C PHE D 665 39.06 22.65 -30.49
N LEU D 666 38.41 23.79 -30.29
CA LEU D 666 39.05 24.97 -29.75
C LEU D 666 38.59 25.18 -28.31
N GLY D 667 39.52 25.54 -27.44
CA GLY D 667 39.19 25.75 -26.04
C GLY D 667 39.89 26.97 -25.47
N ALA D 668 39.28 27.51 -24.41
CA ALA D 668 39.82 28.65 -23.70
C ALA D 668 39.87 28.33 -22.21
N GLU D 669 40.98 28.66 -21.57
CA GLU D 669 41.27 28.31 -20.20
C GLU D 669 41.22 29.54 -19.30
N ASN D 670 41.02 29.29 -18.00
CA ASN D 670 41.02 30.39 -17.03
C ASN D 670 42.40 31.00 -16.84
N ALA D 671 43.42 30.42 -17.46
CA ALA D 671 44.77 30.95 -17.40
C ALA D 671 45.03 31.96 -18.51
N PHE D 672 43.97 32.33 -19.25
CA PHE D 672 44.08 33.23 -20.39
C PHE D 672 44.73 32.54 -21.57
N ASN D 673 44.61 31.21 -21.67
CA ASN D 673 45.26 30.48 -22.73
C ASN D 673 44.22 29.88 -23.67
N LEU D 674 44.61 29.78 -24.94
CA LEU D 674 43.84 29.07 -25.93
C LEU D 674 44.57 27.76 -26.22
N PHE D 675 43.82 26.71 -26.55
CA PHE D 675 44.46 25.50 -27.02
C PHE D 675 43.52 24.84 -28.01
N VAL D 676 44.09 24.01 -28.88
CA VAL D 676 43.30 23.25 -29.84
C VAL D 676 43.74 21.80 -29.73
N CYS D 677 42.79 20.90 -29.48
CA CYS D 677 43.05 19.47 -29.47
C CYS D 677 42.26 18.84 -30.61
N GLN D 678 42.81 17.74 -31.14
CA GLN D 678 42.21 17.04 -32.26
C GLN D 678 42.34 15.53 -32.05
N LYS D 679 41.47 14.78 -32.73
CA LYS D 679 41.57 13.33 -32.73
C LYS D 679 42.99 12.97 -33.14
N ASP D 680 43.59 11.98 -32.46
CA ASP D 680 44.99 11.67 -32.76
C ASP D 680 45.13 11.03 -34.13
N SER D 681 44.17 10.18 -34.52
CA SER D 681 44.18 9.53 -35.83
C SER D 681 45.54 8.88 -36.09
N ALA D 682 46.21 8.45 -35.02
CA ALA D 682 47.48 7.76 -35.12
C ALA D 682 47.53 6.53 -34.21
N ALA D 683 48.45 5.63 -34.54
CA ALA D 683 48.71 4.36 -33.87
C ALA D 683 47.62 3.29 -34.06
N THR D 684 46.53 3.60 -34.75
CA THR D 684 45.48 2.64 -35.05
C THR D 684 45.10 1.75 -33.86
N THR D 685 45.10 2.31 -32.66
CA THR D 685 44.73 1.62 -31.43
C THR D 685 43.48 2.30 -30.88
N ASP D 686 42.53 1.52 -30.37
CA ASP D 686 41.32 2.14 -29.83
C ASP D 686 41.66 3.10 -28.69
N GLU D 687 42.65 2.75 -27.89
CA GLU D 687 43.08 3.60 -26.78
C GLU D 687 43.72 4.89 -27.28
N GLU D 688 44.51 4.80 -28.35
CA GLU D 688 45.18 5.99 -28.90
C GLU D 688 44.17 6.95 -29.53
N ARG D 689 43.17 6.42 -30.23
CA ARG D 689 42.16 7.26 -30.90
C ARG D 689 41.22 7.92 -29.90
N GLN D 690 41.00 7.31 -28.75
CA GLN D 690 40.16 7.92 -27.73
C GLN D 690 40.89 8.99 -26.91
N HIS D 691 42.05 9.41 -27.38
CA HIS D 691 42.88 10.41 -26.72
C HIS D 691 42.83 11.66 -27.59
N LEU D 692 42.37 12.77 -27.03
CA LEU D 692 42.42 14.05 -27.73
C LEU D 692 43.75 14.70 -27.40
N GLN D 693 44.57 14.92 -28.43
CA GLN D 693 45.91 15.45 -28.24
C GLN D 693 45.88 16.95 -28.47
N GLU D 694 46.35 17.71 -27.48
CA GLU D 694 46.50 19.15 -27.56
C GLU D 694 47.62 19.51 -28.54
N VAL D 695 47.23 19.99 -29.72
CA VAL D 695 48.22 20.28 -30.75
C VAL D 695 48.55 21.76 -30.87
N GLY D 696 47.69 22.65 -30.37
CA GLY D 696 47.94 24.07 -30.42
C GLY D 696 47.88 24.69 -29.05
N LEU D 697 48.84 25.52 -28.71
CA LEU D 697 48.87 26.21 -27.42
C LEU D 697 49.24 27.67 -27.67
N PHE D 698 48.51 28.58 -27.03
CA PHE D 698 48.71 30.00 -27.29
C PHE D 698 48.22 30.77 -26.09
N HIS D 699 49.05 31.71 -25.62
CA HIS D 699 48.67 32.59 -24.52
C HIS D 699 47.96 33.80 -25.10
N LEU D 700 46.65 33.86 -24.94
CA LEU D 700 45.89 34.96 -25.52
C LEU D 700 46.11 36.25 -24.74
N GLY D 701 46.11 36.17 -23.42
CA GLY D 701 46.17 37.33 -22.58
C GLY D 701 44.82 37.95 -22.26
N GLU D 702 43.73 37.36 -22.74
CA GLU D 702 42.38 37.83 -22.45
C GLU D 702 41.59 36.63 -21.93
N PHE D 703 40.46 36.92 -21.29
CA PHE D 703 39.59 35.89 -20.73
C PHE D 703 38.39 35.72 -21.65
N VAL D 704 38.27 34.57 -22.28
CA VAL D 704 37.25 34.33 -23.29
C VAL D 704 35.98 33.77 -22.66
N ASN D 705 34.88 34.49 -22.82
CA ASN D 705 33.59 34.02 -22.33
C ASN D 705 32.78 33.27 -23.38
N VAL D 706 32.91 33.63 -24.66
CA VAL D 706 31.98 33.13 -25.66
C VAL D 706 32.71 32.96 -27.00
N PHE D 707 32.56 31.77 -27.61
CA PHE D 707 32.98 31.55 -28.98
C PHE D 707 31.75 31.59 -29.88
N CYS D 708 31.92 32.15 -31.07
CA CYS D 708 30.80 32.40 -31.96
C CYS D 708 31.29 32.34 -33.39
N HIS D 709 30.72 31.42 -34.18
CA HIS D 709 31.03 31.33 -35.60
C HIS D 709 30.43 32.52 -36.33
N GLY D 710 31.21 33.16 -37.19
CA GLY D 710 30.72 34.28 -37.97
C GLY D 710 31.84 35.23 -38.30
N SER D 711 31.50 36.26 -39.09
CA SER D 711 32.45 37.28 -39.46
C SER D 711 31.73 38.61 -39.64
N LEU D 712 32.44 39.71 -39.31
CA LEU D 712 31.84 41.02 -39.45
C LEU D 712 32.11 41.68 -40.80
N VAL D 713 33.05 41.16 -41.59
CA VAL D 713 33.30 41.72 -42.90
C VAL D 713 32.25 41.19 -43.88
N MET D 714 32.09 41.89 -44.99
CA MET D 714 31.08 41.50 -45.95
C MET D 714 31.52 40.20 -46.61
N GLN D 715 30.55 39.31 -46.83
CA GLN D 715 30.77 37.99 -47.40
C GLN D 715 30.04 38.00 -48.75
N ASN D 716 30.81 38.06 -49.84
CA ASN D 716 30.25 38.07 -51.19
C ASN D 716 30.05 36.65 -51.68
N LEU D 717 28.87 36.37 -52.22
CA LEU D 717 28.58 35.01 -52.63
C LEU D 717 29.53 34.55 -53.74
N GLY D 718 30.20 35.48 -54.41
CA GLY D 718 31.24 35.08 -55.36
C GLY D 718 32.38 34.41 -54.60
N GLU D 719 32.89 33.33 -55.17
CA GLU D 719 33.95 32.58 -54.49
C GLU D 719 35.26 33.34 -54.58
N THR D 720 35.91 33.51 -53.43
CA THR D 720 37.21 34.15 -53.32
C THR D 720 38.15 33.19 -52.62
N SER D 721 39.35 33.00 -53.17
CA SER D 721 40.31 32.09 -52.54
C SER D 721 41.08 32.83 -51.44
N THR D 722 40.47 32.90 -50.27
CA THR D 722 41.14 33.50 -49.14
C THR D 722 42.18 32.52 -48.60
N PRO D 723 43.28 33.02 -48.03
CA PRO D 723 44.23 32.10 -47.37
C PRO D 723 43.71 31.50 -46.08
N THR D 724 42.87 32.26 -45.37
CA THR D 724 42.30 31.80 -44.12
C THR D 724 41.07 30.97 -44.42
N GLN D 725 40.87 29.93 -43.63
CA GLN D 725 39.69 29.09 -43.72
C GLN D 725 38.98 29.11 -42.37
N GLY D 726 37.69 29.43 -42.39
CA GLY D 726 36.89 29.48 -41.19
C GLY D 726 36.94 30.83 -40.50
N SER D 727 36.00 31.03 -39.58
CA SER D 727 35.95 32.30 -38.84
C SER D 727 35.18 32.12 -37.53
N VAL D 728 35.89 32.23 -36.41
CA VAL D 728 35.29 32.20 -35.08
C VAL D 728 35.60 33.52 -34.38
N LEU D 729 34.55 34.23 -33.94
CA LEU D 729 34.70 35.43 -33.13
C LEU D 729 34.64 35.06 -31.66
N PHE D 730 35.37 35.81 -30.83
CA PHE D 730 35.28 35.59 -29.39
C PHE D 730 35.23 36.91 -28.63
N GLY D 731 34.42 36.92 -27.57
CA GLY D 731 34.26 38.09 -26.73
C GLY D 731 34.90 37.83 -25.38
N THR D 732 35.43 38.90 -24.77
CA THR D 732 36.25 38.74 -23.56
C THR D 732 35.80 39.69 -22.46
N VAL D 733 36.45 39.55 -21.31
CA VAL D 733 36.13 40.30 -20.11
C VAL D 733 36.51 41.77 -20.24
N ASN D 734 37.59 42.07 -20.96
CA ASN D 734 38.07 43.43 -21.10
C ASN D 734 37.45 44.14 -22.29
N GLY D 735 36.48 43.52 -22.96
CA GLY D 735 35.86 44.11 -24.12
C GLY D 735 36.52 43.75 -25.43
N MET D 736 37.72 43.19 -25.38
CA MET D 736 38.45 42.81 -26.59
C MET D 736 37.65 41.79 -27.39
N ILE D 737 37.51 42.03 -28.69
CA ILE D 737 36.91 41.08 -29.62
C ILE D 737 37.98 40.57 -30.57
N GLY D 738 38.15 39.25 -30.61
CA GLY D 738 39.14 38.60 -31.45
C GLY D 738 38.52 37.63 -32.43
N LEU D 739 39.39 37.07 -33.28
CA LEU D 739 38.98 36.17 -34.35
C LEU D 739 40.01 35.05 -34.50
N VAL D 740 39.50 33.83 -34.63
CA VAL D 740 40.30 32.64 -34.85
C VAL D 740 39.95 32.08 -36.22
N THR D 741 40.98 31.68 -36.97
CA THR D 741 40.79 31.06 -38.27
C THR D 741 41.91 30.04 -38.43
N SER D 742 41.71 29.06 -39.30
CA SER D 742 42.68 28.01 -39.51
C SER D 742 43.47 28.30 -40.79
N LEU D 743 44.64 27.67 -40.89
CA LEU D 743 45.53 27.87 -42.02
C LEU D 743 45.90 26.55 -42.66
N SER D 744 46.29 26.61 -43.93
CA SER D 744 46.90 25.47 -44.58
C SER D 744 48.34 25.33 -44.09
N GLU D 745 48.88 24.13 -44.17
CA GLU D 745 50.24 23.93 -43.71
C GLU D 745 51.19 24.87 -44.44
N SER D 746 50.95 25.10 -45.74
CA SER D 746 51.80 26.01 -46.49
C SER D 746 51.80 27.38 -45.85
N TRP D 747 50.63 27.87 -45.47
CA TRP D 747 50.49 29.21 -44.92
C TRP D 747 51.06 29.35 -43.52
N TYR D 748 50.87 28.34 -42.66
CA TYR D 748 51.41 28.41 -41.31
C TYR D 748 52.92 28.63 -41.36
N ASN D 749 53.63 27.76 -42.07
CA ASN D 749 55.08 27.87 -42.15
C ASN D 749 55.55 29.24 -42.64
N LEU D 750 54.88 29.81 -43.64
CA LEU D 750 55.29 31.16 -44.05
C LEU D 750 55.11 32.15 -42.91
N LEU D 751 53.90 32.20 -42.34
CA LEU D 751 53.62 33.19 -41.31
C LEU D 751 54.45 32.95 -40.05
N LEU D 752 54.74 31.70 -39.74
CA LEU D 752 55.60 31.42 -38.60
C LEU D 752 57.02 31.92 -38.87
N ASP D 753 57.54 31.67 -40.06
CA ASP D 753 58.85 32.17 -40.43
C ASP D 753 58.95 33.69 -40.29
N MET D 754 57.90 34.40 -40.70
CA MET D 754 57.93 35.86 -40.60
C MET D 754 57.92 36.35 -39.16
N GLN D 755 57.21 35.65 -38.27
CA GLN D 755 57.22 36.03 -36.87
C GLN D 755 58.64 36.05 -36.32
N ASN D 756 59.37 34.96 -36.52
CA ASN D 756 60.75 34.89 -36.06
C ASN D 756 61.60 36.00 -36.69
N ARG D 757 61.29 36.39 -37.93
CA ARG D 757 62.00 37.48 -38.58
C ARG D 757 61.56 38.83 -38.04
N LEU D 758 60.26 39.02 -37.87
CA LEU D 758 59.74 40.27 -37.35
C LEU D 758 60.25 40.51 -35.94
N ASN D 759 60.37 39.43 -35.16
CA ASN D 759 60.77 39.55 -33.76
C ASN D 759 62.20 40.06 -33.62
N LYS D 760 63.06 39.77 -34.60
CA LYS D 760 64.41 40.33 -34.58
C LYS D 760 64.40 41.81 -34.93
N VAL D 761 63.39 42.26 -35.68
CA VAL D 761 63.37 43.61 -36.24
C VAL D 761 62.67 44.60 -35.33
N ILE D 762 61.57 44.20 -34.72
CA ILE D 762 60.70 45.12 -34.00
C ILE D 762 61.17 45.26 -32.56
N LYS D 763 61.25 46.51 -32.09
CA LYS D 763 61.64 46.80 -30.72
C LYS D 763 60.36 46.81 -29.87
N SER D 764 60.31 46.00 -28.83
CA SER D 764 59.13 45.91 -27.97
C SER D 764 59.30 46.81 -26.75
N VAL D 765 58.17 47.31 -26.24
CA VAL D 765 58.19 48.15 -25.05
C VAL D 765 58.61 47.31 -23.86
N GLY D 766 59.63 47.77 -23.14
CA GLY D 766 60.18 47.00 -22.05
C GLY D 766 61.07 45.88 -22.47
N LYS D 767 61.33 45.73 -23.78
CA LYS D 767 62.19 44.69 -24.31
C LYS D 767 61.76 43.31 -23.79
N ILE D 768 60.47 43.02 -23.94
CA ILE D 768 59.90 41.72 -23.60
C ILE D 768 59.96 40.82 -24.81
N GLU D 769 60.59 39.66 -24.66
CA GLU D 769 60.66 38.69 -25.76
C GLU D 769 59.27 38.23 -26.14
N HIS D 770 58.94 38.33 -27.43
CA HIS D 770 57.62 37.92 -27.91
C HIS D 770 57.36 36.43 -27.63
N SER D 771 58.34 35.59 -27.92
CA SER D 771 58.15 34.15 -27.74
C SER D 771 57.76 33.81 -26.30
N PHE D 772 58.25 34.58 -25.34
CA PHE D 772 57.88 34.40 -23.94
C PHE D 772 56.43 34.82 -23.70
N TRP D 773 56.05 35.99 -24.20
CA TRP D 773 54.71 36.52 -23.98
C TRP D 773 53.62 35.55 -24.43
N ARG D 774 53.74 35.03 -25.66
CA ARG D 774 52.70 34.16 -26.18
C ARG D 774 52.88 32.69 -25.79
N SER D 775 53.87 32.38 -24.95
CA SER D 775 54.00 31.00 -24.46
C SER D 775 52.87 30.65 -23.51
N PHE D 776 52.38 29.41 -23.62
CA PHE D 776 51.36 28.88 -22.73
C PHE D 776 51.78 28.96 -21.27
N HIS D 777 50.88 29.47 -20.42
CA HIS D 777 51.26 29.73 -19.04
C HIS D 777 50.11 29.56 -18.05
N THR D 778 50.33 28.68 -17.08
CA THR D 778 49.56 28.59 -15.84
C THR D 778 50.55 28.74 -14.68
N GLU D 779 50.02 28.83 -13.46
CA GLU D 779 50.93 28.91 -12.32
C GLU D 779 51.86 27.69 -12.28
N ARG D 780 51.44 26.58 -12.87
CA ARG D 780 52.19 25.34 -12.80
C ARG D 780 52.96 24.99 -14.07
N LYS D 781 52.57 25.53 -15.23
CA LYS D 781 53.28 25.16 -16.45
C LYS D 781 53.57 26.38 -17.31
N THR D 782 54.64 26.28 -18.08
CA THR D 782 54.97 27.25 -19.12
C THR D 782 55.51 26.43 -20.27
N GLU D 783 54.84 26.50 -21.40
CA GLU D 783 55.16 25.76 -22.61
C GLU D 783 55.26 26.75 -23.76
N PRO D 784 56.13 26.50 -24.73
CA PRO D 784 56.17 27.38 -25.90
C PRO D 784 54.90 27.24 -26.71
N ALA D 785 54.43 28.36 -27.26
CA ALA D 785 53.24 28.33 -28.09
C ALA D 785 53.49 27.46 -29.30
N THR D 786 52.43 26.85 -29.82
CA THR D 786 52.55 26.00 -31.00
C THR D 786 51.21 26.01 -31.71
N GLY D 787 51.25 25.97 -33.04
CA GLY D 787 50.04 25.88 -33.81
C GLY D 787 49.23 27.15 -33.93
N PHE D 788 49.78 28.29 -33.52
CA PHE D 788 49.06 29.56 -33.54
C PHE D 788 49.94 30.66 -34.12
N ILE D 789 49.38 31.42 -35.05
CA ILE D 789 50.05 32.59 -35.61
C ILE D 789 49.47 33.82 -34.93
N ASP D 790 50.34 34.62 -34.33
CA ASP D 790 49.91 35.88 -33.71
C ASP D 790 49.60 36.88 -34.82
N GLY D 791 48.34 36.88 -35.28
CA GLY D 791 47.98 37.75 -36.39
C GLY D 791 48.26 39.21 -36.14
N ASP D 792 48.24 39.63 -34.87
CA ASP D 792 48.54 41.02 -34.57
C ASP D 792 49.99 41.35 -34.87
N LEU D 793 50.89 40.37 -34.76
CA LEU D 793 52.29 40.56 -35.13
C LEU D 793 52.45 40.60 -36.64
N ILE D 794 51.82 39.66 -37.35
CA ILE D 794 51.90 39.65 -38.80
C ILE D 794 51.42 40.99 -39.36
N GLU D 795 50.33 41.51 -38.81
CA GLU D 795 49.75 42.77 -39.31
C GLU D 795 50.57 43.99 -38.96
N SER D 796 51.61 43.87 -38.13
CA SER D 796 52.48 45.00 -37.88
C SER D 796 53.59 45.12 -38.92
N PHE D 797 53.76 44.10 -39.77
CA PHE D 797 54.71 44.20 -40.88
C PHE D 797 54.38 45.39 -41.76
N LEU D 798 53.10 45.71 -41.91
CA LEU D 798 52.70 46.83 -42.74
C LEU D 798 52.99 48.19 -42.11
N ASP D 799 53.40 48.22 -40.84
CA ASP D 799 53.66 49.49 -40.16
C ASP D 799 55.12 49.78 -39.90
N ILE D 800 56.03 48.87 -40.22
CA ILE D 800 57.45 49.12 -40.06
C ILE D 800 57.98 49.78 -41.33
N SER D 801 59.08 50.52 -41.18
CA SER D 801 59.62 51.28 -42.29
C SER D 801 60.05 50.36 -43.41
N ARG D 802 60.10 50.91 -44.63
CA ARG D 802 60.50 50.12 -45.78
C ARG D 802 61.87 49.50 -45.58
N PRO D 803 62.86 50.18 -44.99
CA PRO D 803 64.13 49.51 -44.67
C PRO D 803 63.99 48.24 -43.87
N LYS D 804 63.19 48.27 -42.80
CA LYS D 804 63.00 47.09 -41.97
C LYS D 804 62.23 46.00 -42.71
N MET D 805 61.24 46.40 -43.52
CA MET D 805 60.53 45.43 -44.33
C MET D 805 61.49 44.64 -45.20
N GLN D 806 62.50 45.32 -45.74
CA GLN D 806 63.50 44.66 -46.57
C GLN D 806 64.43 43.79 -45.73
N GLU D 807 64.73 44.23 -44.51
CA GLU D 807 65.52 43.41 -43.60
C GLU D 807 64.78 42.14 -43.19
N VAL D 808 63.45 42.15 -43.24
CA VAL D 808 62.67 40.99 -42.83
C VAL D 808 62.69 39.92 -43.91
N VAL D 809 62.66 40.32 -45.18
CA VAL D 809 62.58 39.38 -46.28
C VAL D 809 63.92 38.86 -46.74
N ALA D 810 65.02 39.27 -46.12
CA ALA D 810 66.33 38.81 -46.57
C ALA D 810 66.37 37.29 -46.49
N ASN D 811 66.91 36.67 -47.55
CA ASN D 811 67.04 35.21 -47.63
C ASN D 811 65.73 34.48 -47.42
N LEU D 812 64.61 35.09 -47.82
CA LEU D 812 63.28 34.50 -47.68
C LEU D 812 62.83 34.07 -49.07
N GLN D 813 62.19 32.90 -49.16
CA GLN D 813 61.70 32.37 -50.42
C GLN D 813 60.19 32.35 -50.35
N TYR D 814 59.55 33.00 -51.32
CA TYR D 814 58.11 33.11 -51.40
C TYR D 814 57.59 32.23 -52.53
N ASP D 815 56.34 31.77 -52.40
CA ASP D 815 55.69 30.91 -53.36
C ASP D 815 54.45 31.63 -53.86
N ASP D 816 54.44 31.99 -55.14
CA ASP D 816 53.31 32.67 -55.77
C ASP D 816 52.12 31.76 -56.02
N GLY D 817 52.14 30.52 -55.52
CA GLY D 817 51.14 29.56 -55.91
C GLY D 817 51.28 29.04 -57.32
N SER D 818 52.41 29.34 -57.95
CA SER D 818 52.76 28.84 -59.27
C SER D 818 53.75 27.69 -59.19
N GLY D 819 53.99 27.19 -57.98
CA GLY D 819 54.98 26.17 -57.77
C GLY D 819 56.39 26.70 -57.82
N MET D 820 56.55 27.94 -58.27
CA MET D 820 57.83 28.64 -58.36
C MET D 820 58.11 29.39 -57.06
N LYS D 821 59.14 28.97 -56.34
CA LYS D 821 59.61 29.69 -55.16
C LYS D 821 60.77 30.59 -55.55
N ARG D 822 60.62 31.89 -55.29
CA ARG D 822 61.61 32.88 -55.67
C ARG D 822 61.93 33.74 -54.45
N GLU D 823 62.98 34.55 -54.58
CA GLU D 823 63.31 35.47 -53.52
C GLU D 823 62.10 36.32 -53.21
N ALA D 824 61.91 36.62 -51.93
CA ALA D 824 60.72 37.34 -51.50
C ALA D 824 60.95 38.81 -51.76
N THR D 825 59.88 39.52 -52.06
CA THR D 825 59.93 40.96 -52.17
C THR D 825 59.08 41.55 -51.05
N ALA D 826 59.38 42.78 -50.64
CA ALA D 826 58.54 43.42 -49.64
C ALA D 826 57.11 43.51 -50.15
N ASP D 827 56.94 43.84 -51.43
CA ASP D 827 55.59 43.91 -51.99
C ASP D 827 54.92 42.54 -52.03
N ASP D 828 55.70 41.47 -52.18
CA ASP D 828 55.11 40.14 -52.10
C ASP D 828 54.46 39.91 -50.74
N LEU D 829 55.19 40.23 -49.67
CA LEU D 829 54.64 40.05 -48.32
C LEU D 829 53.59 41.11 -48.02
N ILE D 830 53.78 42.35 -48.49
CA ILE D 830 52.77 43.38 -48.26
C ILE D 830 51.43 42.98 -48.87
N LYS D 831 51.46 42.32 -50.04
CA LYS D 831 50.21 41.84 -50.62
C LYS D 831 49.60 40.74 -49.76
N VAL D 832 50.44 39.85 -49.22
CA VAL D 832 49.94 38.78 -48.38
C VAL D 832 49.32 39.33 -47.10
N VAL D 833 50.08 40.17 -46.38
CA VAL D 833 49.58 40.69 -45.11
C VAL D 833 48.32 41.51 -45.32
N GLU D 834 48.26 42.28 -46.40
CA GLU D 834 47.07 43.09 -46.65
C GLU D 834 45.86 42.21 -46.90
N GLU D 835 46.06 41.03 -47.49
CA GLU D 835 44.98 40.05 -47.60
C GLU D 835 44.52 39.61 -46.22
N LEU D 836 45.46 39.42 -45.30
CA LEU D 836 45.09 38.95 -43.97
C LEU D 836 44.36 40.03 -43.17
N THR D 837 44.54 41.31 -43.50
CA THR D 837 43.80 42.35 -42.78
C THR D 837 42.34 42.43 -43.21
N ARG D 838 41.96 41.74 -44.27
CA ARG D 838 40.59 41.82 -44.77
C ARG D 838 39.68 40.76 -44.17
N ILE D 839 40.21 39.89 -43.31
CA ILE D 839 39.37 38.88 -42.68
C ILE D 839 38.60 39.41 -41.49
N HIS D 840 38.82 40.66 -41.11
CA HIS D 840 38.19 41.25 -39.93
C HIS D 840 38.02 42.75 -40.12
N THR E 7 30.34 -16.58 -2.72
CA THR E 7 30.71 -15.77 -1.57
C THR E 7 31.49 -14.54 -2.02
N GLU E 8 31.77 -13.65 -1.05
CA GLU E 8 32.49 -12.42 -1.32
C GLU E 8 33.93 -12.64 -1.77
N SER E 9 34.50 -13.82 -1.55
CA SER E 9 35.91 -14.06 -1.76
C SER E 9 36.23 -14.66 -3.14
N ASP E 10 35.22 -15.09 -3.89
CA ASP E 10 35.41 -15.84 -5.12
C ASP E 10 35.61 -14.86 -6.29
N TRP E 11 36.81 -14.28 -6.34
CA TRP E 11 37.14 -13.28 -7.34
C TRP E 11 37.41 -13.95 -8.70
N GLY E 12 37.27 -13.17 -9.77
CA GLY E 12 37.56 -13.63 -11.10
C GLY E 12 36.43 -14.33 -11.80
N LYS E 13 35.32 -14.59 -11.12
CA LYS E 13 34.21 -15.35 -11.67
C LYS E 13 33.07 -14.44 -12.14
N ARG E 14 32.68 -13.48 -11.32
CA ARG E 14 31.57 -12.59 -11.64
C ARG E 14 31.87 -11.80 -12.91
N CYS E 15 30.82 -11.54 -13.70
CA CYS E 15 30.97 -10.88 -14.98
C CYS E 15 30.90 -9.35 -14.85
N VAL E 16 31.61 -8.66 -15.74
CA VAL E 16 31.55 -7.20 -15.76
C VAL E 16 30.21 -6.68 -16.24
N ASP E 17 29.31 -7.55 -16.73
CA ASP E 17 27.94 -7.14 -16.99
C ASP E 17 27.27 -6.54 -15.76
N LYS E 18 27.73 -6.90 -14.58
CA LYS E 18 27.14 -6.43 -13.33
C LYS E 18 27.48 -4.98 -13.06
N PHE E 19 28.27 -4.33 -13.93
CA PHE E 19 28.57 -2.91 -13.82
C PHE E 19 28.07 -2.19 -15.07
N ASP E 20 27.37 -1.08 -14.83
CA ASP E 20 26.95 -0.15 -15.88
C ASP E 20 28.07 0.87 -16.08
N ILE E 21 28.69 0.85 -17.26
CA ILE E 21 29.87 1.68 -17.50
C ILE E 21 29.45 3.13 -17.73
N ILE E 22 30.10 4.05 -17.02
CA ILE E 22 29.77 5.47 -17.12
C ILE E 22 30.70 6.19 -18.09
N GLY E 23 31.96 5.77 -18.15
CA GLY E 23 32.88 6.38 -19.08
C GLY E 23 34.32 6.08 -18.74
N ILE E 24 35.20 6.59 -19.62
CA ILE E 24 36.64 6.44 -19.47
C ILE E 24 37.18 7.62 -18.67
N ILE E 25 37.95 7.34 -17.63
CA ILE E 25 38.49 8.40 -16.78
C ILE E 25 40.00 8.48 -16.80
N GLY E 26 40.68 7.52 -17.39
CA GLY E 26 42.11 7.58 -17.51
C GLY E 26 42.62 6.42 -18.31
N GLU E 27 43.75 6.62 -18.96
CA GLU E 27 44.51 5.55 -19.59
C GLU E 27 45.49 5.03 -18.55
N GLY E 28 45.39 3.75 -18.24
CA GLY E 28 46.22 3.14 -17.23
C GLY E 28 47.48 2.61 -17.86
N THR E 29 48.13 1.70 -17.13
CA THR E 29 49.35 1.10 -17.64
C THR E 29 49.08 -0.15 -18.45
N TYR E 30 48.27 -1.05 -17.90
CA TYR E 30 47.93 -2.33 -18.51
C TYR E 30 46.55 -2.31 -19.14
N GLY E 31 45.90 -1.15 -19.14
CA GLY E 31 44.59 -1.02 -19.74
C GLY E 31 44.00 0.32 -19.34
N GLN E 32 42.80 0.55 -19.82
CA GLN E 32 42.07 1.77 -19.56
C GLN E 32 41.38 1.71 -18.21
N VAL E 33 41.10 2.89 -17.65
CA VAL E 33 40.42 3.00 -16.38
C VAL E 33 39.04 3.59 -16.62
N TYR E 34 38.01 2.93 -16.10
CA TYR E 34 36.64 3.33 -16.34
C TYR E 34 35.93 3.65 -15.03
N LYS E 35 35.00 4.59 -15.10
CA LYS E 35 34.01 4.79 -14.04
C LYS E 35 32.79 3.93 -14.36
N ALA E 36 32.18 3.35 -13.33
CA ALA E 36 31.04 2.48 -13.52
C ALA E 36 30.20 2.48 -12.24
N LYS E 37 28.95 2.03 -12.36
CA LYS E 37 28.05 1.93 -11.22
C LYS E 37 27.59 0.49 -11.08
N ASP E 38 27.58 0.00 -9.83
CA ASP E 38 27.11 -1.36 -9.59
C ASP E 38 25.61 -1.44 -9.85
N LYS E 39 25.20 -2.39 -10.68
CA LYS E 39 23.79 -2.50 -11.00
C LYS E 39 23.00 -2.90 -9.76
N ASP E 40 23.59 -3.67 -8.86
CA ASP E 40 22.89 -4.21 -7.70
C ASP E 40 22.95 -3.30 -6.47
N THR E 41 24.10 -2.64 -6.21
CA THR E 41 24.24 -1.86 -4.99
C THR E 41 24.14 -0.36 -5.20
N GLY E 42 24.30 0.13 -6.42
CA GLY E 42 24.29 1.56 -6.67
C GLY E 42 25.62 2.25 -6.43
N GLU E 43 26.63 1.50 -6.04
CA GLU E 43 27.94 2.04 -5.73
C GLU E 43 28.66 2.47 -7.00
N LEU E 44 29.38 3.59 -6.92
CA LEU E 44 30.26 4.00 -8.00
C LEU E 44 31.62 3.35 -7.80
N VAL E 45 32.16 2.77 -8.87
CA VAL E 45 33.41 2.03 -8.83
C VAL E 45 34.32 2.55 -9.94
N ALA E 46 35.59 2.19 -9.85
CA ALA E 46 36.55 2.41 -10.92
C ALA E 46 37.04 1.07 -11.42
N LEU E 47 37.06 0.89 -12.74
CA LEU E 47 37.45 -0.36 -13.35
C LEU E 47 38.76 -0.15 -14.10
N LYS E 48 39.81 -0.82 -13.62
CA LYS E 48 41.09 -0.88 -14.31
C LYS E 48 41.04 -2.08 -15.23
N LYS E 49 41.13 -1.86 -16.52
CA LYS E 49 40.99 -2.96 -17.47
C LYS E 49 42.36 -3.61 -17.60
N VAL E 50 42.40 -4.93 -17.50
CA VAL E 50 43.61 -5.71 -17.70
C VAL E 50 43.44 -6.49 -18.99
N ARG E 51 44.31 -6.24 -19.95
CA ARG E 51 44.30 -6.90 -21.25
C ARG E 51 45.40 -7.95 -21.29
N LEU E 52 45.02 -9.22 -21.39
CA LEU E 52 45.98 -10.28 -21.66
C LEU E 52 45.91 -10.77 -23.11
N ASP E 53 45.16 -10.08 -23.97
CA ASP E 53 45.03 -10.50 -25.37
C ASP E 53 46.36 -10.40 -26.13
N ASN E 54 47.24 -9.48 -25.74
CA ASN E 54 48.58 -9.43 -26.33
C ASN E 54 49.36 -10.71 -26.05
N GLU E 55 49.29 -11.24 -24.83
CA GLU E 55 49.88 -12.53 -24.47
C GLU E 55 51.36 -12.62 -24.83
N LYS E 56 52.06 -11.48 -24.85
CA LYS E 56 53.51 -11.53 -24.95
C LYS E 56 54.08 -12.32 -23.79
N GLU E 57 53.70 -11.92 -22.56
CA GLU E 57 54.03 -12.65 -21.35
C GLU E 57 52.79 -12.89 -20.50
N GLY E 58 51.59 -12.86 -21.11
CA GLY E 58 50.37 -13.14 -20.37
C GLY E 58 49.94 -11.98 -19.49
N PHE E 59 49.30 -12.34 -18.37
CA PHE E 59 48.79 -11.35 -17.43
C PHE E 59 49.90 -10.42 -16.99
N PRO E 60 49.72 -9.09 -17.08
CA PRO E 60 50.82 -8.18 -16.75
C PRO E 60 51.26 -8.31 -15.30
N ILE E 61 52.57 -8.25 -15.09
CA ILE E 61 53.09 -8.30 -13.72
C ILE E 61 52.64 -7.06 -12.95
N THR E 62 52.56 -5.92 -13.64
CA THR E 62 52.06 -4.70 -13.01
C THR E 62 50.74 -4.96 -12.30
N ALA E 63 49.82 -5.66 -12.96
CA ALA E 63 48.53 -5.96 -12.36
C ALA E 63 48.68 -7.02 -11.27
N ILE E 64 49.56 -7.99 -11.47
CA ILE E 64 49.77 -9.01 -10.45
C ILE E 64 50.23 -8.37 -9.15
N ARG E 65 51.12 -7.39 -9.26
CA ARG E 65 51.58 -6.73 -8.04
C ARG E 65 50.41 -6.07 -7.30
N GLU E 66 49.58 -5.34 -8.05
CA GLU E 66 48.51 -4.58 -7.42
C GLU E 66 47.46 -5.52 -6.83
N ILE E 67 47.26 -6.69 -7.44
CA ILE E 67 46.32 -7.67 -6.92
C ILE E 67 46.90 -8.31 -5.66
N LYS E 68 48.19 -8.69 -5.72
CA LYS E 68 48.87 -9.32 -4.60
C LYS E 68 49.03 -8.37 -3.41
N ILE E 69 49.37 -7.11 -3.68
CA ILE E 69 49.69 -6.20 -2.58
C ILE E 69 48.42 -5.62 -1.98
N LEU E 70 47.46 -5.22 -2.80
CA LEU E 70 46.28 -4.56 -2.27
C LEU E 70 45.28 -5.53 -1.65
N ARG E 71 45.41 -6.85 -1.86
CA ARG E 71 44.63 -7.77 -1.05
C ARG E 71 45.29 -8.02 0.30
N GLN E 72 46.53 -7.54 0.48
CA GLN E 72 47.18 -7.61 1.79
C GLN E 72 46.97 -6.32 2.58
N LEU E 73 46.96 -5.18 1.90
CA LEU E 73 46.96 -3.89 2.57
C LEU E 73 45.52 -3.47 2.86
N ILE E 74 45.23 -3.24 4.13
CA ILE E 74 43.96 -2.72 4.58
C ILE E 74 44.30 -1.48 5.38
N HIS E 75 44.09 -0.30 4.80
CA HIS E 75 44.29 0.95 5.51
C HIS E 75 43.31 1.95 4.93
N ARG E 76 42.87 2.88 5.77
CA ARG E 76 41.92 3.90 5.34
C ARG E 76 42.54 4.89 4.36
N SER E 77 43.86 4.93 4.26
CA SER E 77 44.55 5.82 3.35
C SER E 77 45.25 5.05 2.24
N VAL E 78 44.88 3.79 2.05
CA VAL E 78 45.34 2.98 0.94
C VAL E 78 44.13 2.54 0.12
N VAL E 79 44.20 2.80 -1.19
CA VAL E 79 43.07 2.52 -2.05
C VAL E 79 42.67 1.06 -1.93
N ASN E 80 41.37 0.82 -1.96
CA ASN E 80 40.78 -0.48 -1.65
C ASN E 80 40.36 -1.17 -2.93
N MET E 81 40.85 -2.39 -3.13
CA MET E 81 40.43 -3.22 -4.24
C MET E 81 39.26 -4.07 -3.78
N LYS E 82 38.13 -3.97 -4.48
CA LYS E 82 36.91 -4.63 -4.03
C LYS E 82 36.76 -6.03 -4.61
N GLU E 83 37.02 -6.21 -5.89
CA GLU E 83 36.90 -7.52 -6.54
C GLU E 83 37.51 -7.44 -7.94
N ILE E 84 37.57 -8.59 -8.60
CA ILE E 84 38.03 -8.70 -9.98
C ILE E 84 36.96 -9.41 -10.80
N VAL E 85 36.59 -8.83 -11.94
CA VAL E 85 35.53 -9.36 -12.80
C VAL E 85 36.06 -9.49 -14.23
N THR E 86 35.30 -10.23 -15.05
CA THR E 86 35.75 -10.62 -16.38
C THR E 86 34.68 -10.35 -17.44
N ASP E 87 35.14 -10.21 -18.69
CA ASP E 87 34.23 -10.17 -19.84
C ASP E 87 33.46 -11.48 -19.93
N LYS E 88 32.27 -11.46 -20.53
CA LYS E 88 31.50 -12.69 -20.61
C LYS E 88 32.27 -13.74 -21.40
N GLN E 89 32.64 -14.84 -20.72
CA GLN E 89 33.42 -15.91 -21.34
C GLN E 89 32.47 -16.88 -22.07
N ASP E 90 31.95 -16.39 -23.20
CA ASP E 90 30.98 -17.15 -23.98
C ASP E 90 31.57 -18.35 -24.72
N ALA E 91 32.87 -18.36 -25.00
CA ALA E 91 33.46 -19.46 -25.74
C ALA E 91 33.45 -20.75 -24.90
N LEU E 92 33.05 -21.86 -25.51
CA LEU E 92 33.06 -23.13 -24.79
C LEU E 92 34.46 -23.57 -24.41
N ASP E 93 35.49 -23.08 -25.08
CA ASP E 93 36.84 -23.59 -24.89
C ASP E 93 37.65 -22.44 -24.31
N PHE E 94 38.24 -22.66 -23.13
CA PHE E 94 39.11 -21.66 -22.52
C PHE E 94 40.24 -21.29 -23.47
N LYS E 95 40.56 -22.15 -24.43
CA LYS E 95 41.55 -21.81 -25.43
C LYS E 95 41.08 -20.61 -26.25
N LYS E 96 39.79 -20.57 -26.57
CA LYS E 96 39.23 -19.50 -27.37
C LYS E 96 39.17 -18.18 -26.60
N ASP E 97 38.85 -18.24 -25.30
CA ASP E 97 38.64 -17.02 -24.52
C ASP E 97 39.82 -16.05 -24.58
N LYS E 98 39.61 -14.92 -25.24
CA LYS E 98 40.58 -13.83 -25.29
C LYS E 98 40.09 -12.60 -24.52
N GLY E 99 39.08 -12.79 -23.68
CA GLY E 99 38.50 -11.68 -22.95
C GLY E 99 39.43 -11.11 -21.90
N ALA E 100 39.08 -9.91 -21.44
CA ALA E 100 39.88 -9.17 -20.47
C ALA E 100 39.32 -9.33 -19.06
N PHE E 101 40.11 -8.88 -18.09
CA PHE E 101 39.74 -8.80 -16.69
C PHE E 101 39.68 -7.33 -16.27
N TYR E 102 38.90 -7.06 -15.21
CA TYR E 102 38.75 -5.70 -14.71
C TYR E 102 39.01 -5.71 -13.21
N LEU E 103 39.89 -4.82 -12.76
CA LEU E 103 40.17 -4.68 -11.33
C LEU E 103 39.23 -3.61 -10.77
N VAL E 104 38.36 -4.01 -9.84
CA VAL E 104 37.32 -3.14 -9.33
C VAL E 104 37.83 -2.42 -8.09
N PHE E 105 37.74 -1.09 -8.12
CA PHE E 105 38.15 -0.25 -7.02
C PHE E 105 37.00 0.66 -6.59
N GLU E 106 37.14 1.21 -5.39
CA GLU E 106 36.30 2.33 -4.96
C GLU E 106 36.53 3.53 -5.85
N TYR E 107 35.45 4.26 -6.18
CA TYR E 107 35.58 5.46 -6.99
C TYR E 107 35.82 6.66 -6.10
N MET E 108 36.91 7.38 -6.36
CA MET E 108 37.27 8.59 -5.62
C MET E 108 36.91 9.81 -6.45
N ASP E 109 36.43 10.86 -5.80
CA ASP E 109 35.90 12.00 -6.54
C ASP E 109 36.99 12.66 -7.38
N HIS E 110 38.23 12.70 -6.88
CA HIS E 110 39.27 13.46 -7.56
C HIS E 110 40.64 12.80 -7.44
N ASP E 111 41.57 13.30 -8.26
CA ASP E 111 43.00 13.06 -8.09
C ASP E 111 43.66 14.42 -7.89
N LEU E 112 44.67 14.48 -7.03
CA LEU E 112 45.19 15.78 -6.61
C LEU E 112 45.72 16.55 -7.82
N MET E 113 46.33 15.85 -8.78
CA MET E 113 46.87 16.54 -9.94
C MET E 113 45.78 17.29 -10.69
N GLY E 114 44.68 16.61 -11.02
CA GLY E 114 43.61 17.28 -11.74
C GLY E 114 43.14 18.55 -11.03
N LEU E 115 43.05 18.50 -9.70
CA LEU E 115 42.59 19.66 -8.95
C LEU E 115 43.64 20.76 -8.96
N LEU E 116 44.92 20.38 -8.93
CA LEU E 116 45.99 21.36 -8.88
C LEU E 116 46.30 21.95 -10.25
N GLU E 117 46.27 21.10 -11.29
CA GLU E 117 46.57 21.55 -12.64
C GLU E 117 45.52 22.54 -13.13
N SER E 118 44.25 22.27 -12.83
CA SER E 118 43.14 23.14 -13.21
C SER E 118 43.05 24.41 -12.36
N GLY E 119 43.80 24.49 -11.27
CA GLY E 119 43.73 25.68 -10.44
C GLY E 119 42.53 25.76 -9.54
N LEU E 120 41.89 24.61 -9.26
CA LEU E 120 40.58 24.60 -8.64
C LEU E 120 40.59 24.26 -7.15
N VAL E 121 41.74 24.21 -6.49
CA VAL E 121 41.78 23.90 -5.07
C VAL E 121 42.61 24.94 -4.34
N HIS E 122 42.28 25.14 -3.06
CA HIS E 122 43.06 25.98 -2.17
C HIS E 122 43.21 25.23 -0.85
N PHE E 123 44.44 25.18 -0.33
CA PHE E 123 44.72 24.46 0.90
C PHE E 123 45.15 25.45 1.97
N SER E 124 44.42 25.47 3.09
CA SER E 124 44.84 26.22 4.27
C SER E 124 45.82 25.36 5.05
N GLU E 125 46.42 25.95 6.09
CA GLU E 125 47.35 25.16 6.88
C GLU E 125 46.65 23.91 7.42
N ASP E 126 45.42 24.07 7.93
CA ASP E 126 44.71 22.93 8.50
C ASP E 126 44.32 21.91 7.44
N HIS E 127 44.15 22.33 6.18
CA HIS E 127 43.86 21.36 5.15
C HIS E 127 45.07 20.52 4.83
N ILE E 128 46.26 21.13 4.89
CA ILE E 128 47.48 20.38 4.62
C ILE E 128 47.78 19.42 5.75
N LYS E 129 47.47 19.81 6.98
CA LYS E 129 47.70 18.90 8.10
C LYS E 129 46.88 17.63 7.91
N SER E 130 45.60 17.78 7.52
CA SER E 130 44.77 16.60 7.32
C SER E 130 45.29 15.76 6.15
N PHE E 131 45.72 16.42 5.07
CA PHE E 131 46.25 15.69 3.91
C PHE E 131 47.48 14.89 4.31
N MET E 132 48.45 15.56 4.92
CA MET E 132 49.74 14.92 5.16
C MET E 132 49.63 13.84 6.21
N LYS E 133 48.80 14.05 7.24
CA LYS E 133 48.64 13.00 8.24
C LYS E 133 48.07 11.74 7.61
N GLN E 134 47.10 11.89 6.71
CA GLN E 134 46.55 10.72 6.03
C GLN E 134 47.59 10.06 5.14
N LEU E 135 48.29 10.86 4.33
CA LEU E 135 49.30 10.29 3.43
C LEU E 135 50.38 9.56 4.20
N MET E 136 50.92 10.21 5.22
CA MET E 136 52.03 9.66 5.99
C MET E 136 51.58 8.49 6.85
N GLU E 137 50.36 8.55 7.38
CA GLU E 137 49.82 7.39 8.07
C GLU E 137 49.64 6.21 7.12
N GLY E 138 49.16 6.48 5.90
CA GLY E 138 49.05 5.42 4.92
C GLY E 138 50.40 4.92 4.48
N LEU E 139 51.35 5.84 4.29
CA LEU E 139 52.69 5.44 3.86
C LEU E 139 53.40 4.63 4.94
N GLU E 140 53.28 5.05 6.21
CA GLU E 140 53.92 4.25 7.25
C GLU E 140 53.34 2.85 7.29
N TYR E 141 52.02 2.73 7.14
CA TYR E 141 51.41 1.42 7.09
C TYR E 141 52.09 0.55 6.04
N CYS E 142 52.27 1.11 4.83
CA CYS E 142 52.94 0.36 3.78
C CYS E 142 54.39 0.03 4.13
N HIS E 143 55.11 1.00 4.72
CA HIS E 143 56.51 0.77 5.03
C HIS E 143 56.67 -0.23 6.16
N LYS E 144 55.77 -0.22 7.15
CA LYS E 144 55.82 -1.22 8.22
C LYS E 144 55.49 -2.62 7.69
N LYS E 145 54.69 -2.73 6.65
CA LYS E 145 54.47 -4.00 5.96
C LYS E 145 55.60 -4.31 4.97
N ASN E 146 56.65 -3.48 4.99
CA ASN E 146 57.86 -3.68 4.18
C ASN E 146 57.54 -3.65 2.70
N PHE E 147 56.62 -2.77 2.30
CA PHE E 147 56.31 -2.54 0.90
C PHE E 147 56.75 -1.13 0.52
N LEU E 148 57.34 -1.03 -0.66
CA LEU E 148 57.80 0.21 -1.25
C LEU E 148 56.79 0.63 -2.32
N HIS E 149 56.33 1.88 -2.26
CA HIS E 149 55.42 2.29 -3.33
C HIS E 149 56.17 2.51 -4.62
N ARG E 150 57.22 3.34 -4.57
CA ARG E 150 58.12 3.54 -5.70
C ARG E 150 57.48 4.34 -6.83
N ASP E 151 56.28 4.86 -6.65
CA ASP E 151 55.71 5.74 -7.66
C ASP E 151 54.78 6.77 -7.06
N ILE E 152 55.31 7.66 -6.22
CA ILE E 152 54.50 8.65 -5.54
C ILE E 152 54.49 9.91 -6.41
N LYS E 153 53.32 10.21 -6.98
CA LYS E 153 53.09 11.46 -7.68
C LYS E 153 51.75 12.02 -7.24
N CYS E 154 51.55 13.31 -7.50
CA CYS E 154 50.25 13.91 -7.20
C CYS E 154 49.14 13.13 -7.89
N SER E 155 49.44 12.55 -9.05
CA SER E 155 48.43 11.82 -9.80
C SER E 155 48.04 10.51 -9.14
N ASN E 156 48.89 9.92 -8.29
CA ASN E 156 48.56 8.67 -7.62
C ASN E 156 48.06 8.89 -6.20
N ILE E 157 47.68 10.12 -5.86
CA ILE E 157 47.02 10.44 -4.60
C ILE E 157 45.62 10.93 -4.95
N LEU E 158 44.61 10.14 -4.56
CA LEU E 158 43.20 10.42 -4.81
C LEU E 158 42.57 11.12 -3.61
N LEU E 159 41.57 11.95 -3.90
CA LEU E 159 40.96 12.82 -2.90
C LEU E 159 39.44 12.76 -3.07
N ASN E 160 38.75 12.53 -1.96
CA ASN E 160 37.30 12.50 -1.92
C ASN E 160 36.78 13.82 -1.36
N ASN E 161 35.52 14.16 -1.69
CA ASN E 161 35.08 15.51 -1.32
C ASN E 161 34.94 15.67 0.19
N SER E 162 34.97 14.56 0.93
CA SER E 162 34.96 14.59 2.39
C SER E 162 36.30 14.98 3.01
N GLY E 163 37.37 15.01 2.22
CA GLY E 163 38.70 15.22 2.74
C GLY E 163 39.54 13.96 2.88
N GLN E 164 39.01 12.80 2.58
CA GLN E 164 39.74 11.55 2.70
C GLN E 164 40.75 11.40 1.57
N ILE E 165 41.97 11.03 1.94
CA ILE E 165 43.07 10.80 1.01
C ILE E 165 43.24 9.30 0.89
N LYS E 166 43.56 8.82 -0.31
CA LYS E 166 43.90 7.42 -0.51
C LYS E 166 44.99 7.34 -1.56
N LEU E 167 45.97 6.47 -1.30
CA LEU E 167 47.07 6.23 -2.22
C LEU E 167 46.77 5.13 -3.24
N ALA E 168 47.22 5.32 -4.48
CA ALA E 168 46.83 4.44 -5.58
C ALA E 168 48.03 4.07 -6.46
N ASP E 169 47.74 3.26 -7.48
CA ASP E 169 48.68 2.66 -8.42
C ASP E 169 49.87 2.01 -7.70
N PHE E 170 49.55 0.87 -7.07
CA PHE E 170 50.59 0.09 -6.40
C PHE E 170 51.18 -0.91 -7.40
N GLY E 171 51.24 -0.50 -8.67
CA GLY E 171 51.73 -1.34 -9.75
C GLY E 171 53.23 -1.49 -9.87
N LEU E 172 54.01 -0.68 -9.15
CA LEU E 172 55.46 -0.83 -9.10
C LEU E 172 55.94 -1.16 -7.69
N ALA E 173 55.02 -1.49 -6.79
CA ALA E 173 55.37 -1.73 -5.39
C ALA E 173 56.10 -3.07 -5.24
N ARG E 174 57.14 -3.07 -4.43
CA ARG E 174 57.98 -4.24 -4.20
C ARG E 174 58.26 -4.38 -2.71
N LEU E 175 58.46 -5.62 -2.27
CA LEU E 175 58.80 -5.86 -0.88
C LEU E 175 60.24 -5.43 -0.64
N TYR E 176 60.51 -4.79 0.50
CA TYR E 176 61.83 -4.30 0.82
C TYR E 176 62.42 -5.14 1.94
N ASN E 177 63.58 -5.74 1.69
CA ASN E 177 64.32 -6.49 2.71
C ASN E 177 65.63 -5.75 2.94
N SER E 178 65.88 -5.33 4.17
CA SER E 178 67.14 -4.67 4.47
C SER E 178 68.30 -5.65 4.36
N GLU E 179 68.16 -6.83 4.95
CA GLU E 179 69.15 -7.89 4.81
C GLU E 179 69.07 -8.44 3.38
N GLU E 180 70.14 -9.10 2.95
CA GLU E 180 70.24 -9.70 1.62
C GLU E 180 69.71 -8.71 0.57
N SER E 181 70.34 -7.53 0.53
CA SER E 181 69.94 -6.50 -0.41
C SER E 181 70.39 -6.87 -1.81
N ARG E 182 69.43 -6.93 -2.74
CA ARG E 182 69.58 -7.33 -4.12
C ARG E 182 69.11 -6.21 -5.05
N PRO E 183 69.64 -6.14 -6.26
CA PRO E 183 69.33 -5.01 -7.15
C PRO E 183 67.84 -4.86 -7.44
N TYR E 184 67.33 -3.67 -7.14
CA TYR E 184 65.98 -3.26 -7.50
C TYR E 184 66.18 -2.47 -8.79
N ASN E 186 66.51 0.83 -10.71
CA ASN E 186 66.86 2.24 -10.43
C ASN E 186 65.99 3.10 -11.35
N LYS E 187 65.93 4.40 -11.10
CA LYS E 187 65.06 5.28 -11.86
C LYS E 187 63.63 4.72 -11.82
N VAL E 188 62.99 4.82 -10.62
CA VAL E 188 61.67 4.16 -10.39
C VAL E 188 60.58 5.22 -10.39
N ILE E 189 60.82 6.38 -9.81
CA ILE E 189 59.77 7.35 -9.58
C ILE E 189 59.85 8.42 -10.65
N THR E 190 58.72 9.09 -10.91
CA THR E 190 58.71 10.15 -11.90
C THR E 190 59.72 11.22 -11.53
N LEU E 191 60.32 11.84 -12.55
CA LEU E 191 61.46 12.71 -12.31
C LEU E 191 61.15 13.79 -11.28
N TRP E 192 59.97 14.41 -11.37
CA TRP E 192 59.70 15.55 -10.51
C TRP E 192 59.72 15.19 -9.03
N TYR E 193 59.26 13.99 -8.68
CA TYR E 193 59.21 13.56 -7.29
C TYR E 193 60.30 12.54 -6.98
N ARG E 194 61.36 12.47 -7.80
CA ARG E 194 62.44 11.49 -7.59
C ARG E 194 63.50 12.01 -6.63
N PRO E 195 64.00 11.13 -5.75
CA PRO E 195 65.04 11.53 -4.78
C PRO E 195 66.42 11.56 -5.42
N PRO E 196 67.37 12.28 -4.82
CA PRO E 196 68.71 12.36 -5.43
C PRO E 196 69.44 11.03 -5.51
N GLU E 197 69.21 10.16 -4.54
CA GLU E 197 69.87 8.86 -4.52
C GLU E 197 69.56 8.05 -5.78
N LEU E 198 68.34 8.17 -6.30
CA LEU E 198 67.98 7.43 -7.51
C LEU E 198 68.44 8.14 -8.78
N LEU E 199 68.66 9.45 -8.72
CA LEU E 199 69.26 10.17 -9.83
C LEU E 199 70.74 9.86 -9.98
N LEU E 200 71.41 9.56 -8.86
CA LEU E 200 72.83 9.23 -8.85
C LEU E 200 73.10 7.73 -8.96
N GLY E 201 72.07 6.94 -9.27
CA GLY E 201 72.22 5.54 -9.63
C GLY E 201 72.21 4.51 -8.51
N GLU E 202 71.51 4.78 -7.41
CA GLU E 202 71.39 3.81 -6.31
C GLU E 202 70.52 2.63 -6.77
N GLU E 203 71.12 1.47 -6.99
CA GLU E 203 70.33 0.34 -7.48
C GLU E 203 69.56 -0.39 -6.38
N ARG E 204 70.06 -0.39 -5.14
CA ARG E 204 69.43 -1.06 -4.00
C ARG E 204 69.10 0.06 -3.01
N TYR E 205 67.87 0.54 -3.03
CA TYR E 205 67.45 1.70 -2.26
C TYR E 205 66.59 1.36 -1.04
N THR E 206 66.31 2.39 -0.25
CA THR E 206 65.53 2.32 0.97
C THR E 206 64.15 2.92 0.77
N PRO E 207 63.23 2.67 1.72
CA PRO E 207 61.90 3.31 1.65
C PRO E 207 61.91 4.84 1.69
N ALA E 208 63.05 5.49 1.94
CA ALA E 208 63.05 6.95 1.95
C ALA E 208 62.78 7.54 0.57
N ILE E 209 62.84 6.74 -0.49
CA ILE E 209 62.45 7.23 -1.81
C ILE E 209 61.02 7.72 -1.77
N ASP E 210 60.15 6.98 -1.07
CA ASP E 210 58.76 7.41 -0.94
C ASP E 210 58.64 8.64 -0.06
N VAL E 211 59.43 8.72 1.02
CA VAL E 211 59.37 9.90 1.88
C VAL E 211 59.75 11.14 1.09
N TRP E 212 60.81 11.05 0.27
CA TRP E 212 61.20 12.21 -0.52
C TRP E 212 60.05 12.71 -1.37
N SER E 213 59.39 11.80 -2.08
CA SER E 213 58.26 12.20 -2.93
C SER E 213 57.25 12.99 -2.12
N CYS E 214 56.88 12.49 -0.95
CA CYS E 214 55.88 13.15 -0.14
C CYS E 214 56.36 14.51 0.36
N GLY E 215 57.67 14.65 0.60
CA GLY E 215 58.21 15.97 0.90
C GLY E 215 58.01 16.95 -0.24
N CYS E 216 58.14 16.47 -1.48
CA CYS E 216 57.91 17.31 -2.65
C CYS E 216 56.44 17.72 -2.74
N ILE E 217 55.52 16.80 -2.43
CA ILE E 217 54.10 17.12 -2.44
C ILE E 217 53.78 18.14 -1.37
N LEU E 218 54.39 18.01 -0.19
CA LEU E 218 54.14 19.00 0.86
C LEU E 218 54.57 20.39 0.41
N GLY E 219 55.76 20.51 -0.17
CA GLY E 219 56.18 21.80 -0.68
C GLY E 219 55.21 22.35 -1.69
N GLU E 220 54.77 21.49 -2.61
CA GLU E 220 53.85 21.92 -3.66
C GLU E 220 52.54 22.42 -3.08
N LEU E 221 52.09 21.81 -1.98
CA LEU E 221 50.82 22.24 -1.37
C LEU E 221 50.90 23.64 -0.77
N PHE E 222 52.08 24.11 -0.39
CA PHE E 222 52.21 25.47 0.14
C PHE E 222 52.47 26.51 -0.97
N THR E 223 52.85 26.08 -2.18
CA THR E 223 53.06 27.02 -3.27
C THR E 223 52.08 26.86 -4.43
N LYS E 224 51.44 25.70 -4.56
CA LYS E 224 50.58 25.33 -5.68
C LYS E 224 51.36 25.04 -6.94
N LYS E 225 52.71 25.06 -6.89
CA LYS E 225 53.53 24.73 -8.04
C LYS E 225 54.59 23.72 -7.62
N PRO E 226 54.81 22.66 -8.41
CA PRO E 226 55.84 21.68 -8.03
C PRO E 226 57.19 22.33 -7.78
N ILE E 227 58.00 21.66 -6.96
CA ILE E 227 59.25 22.26 -6.52
C ILE E 227 60.35 22.06 -7.55
N PHE E 228 60.47 20.85 -8.11
CA PHE E 228 61.56 20.51 -9.02
C PHE E 228 60.97 20.09 -10.37
N GLN E 229 60.87 21.03 -11.29
CA GLN E 229 60.32 20.79 -12.61
C GLN E 229 61.48 20.76 -13.61
N ALA E 230 61.78 19.56 -14.11
CA ALA E 230 62.89 19.38 -15.03
C ALA E 230 62.52 18.34 -16.09
N ASN E 231 63.36 18.26 -17.12
CA ASN E 231 63.14 17.33 -18.22
C ASN E 231 64.12 16.17 -18.28
N LEU E 232 65.34 16.36 -17.80
CA LEU E 232 66.38 15.34 -17.82
C LEU E 232 66.96 15.20 -16.43
N GLU E 233 67.53 14.03 -16.14
CA GLU E 233 68.01 13.77 -14.79
C GLU E 233 69.03 14.80 -14.33
N LEU E 234 69.90 15.28 -15.23
CA LEU E 234 70.89 16.25 -14.79
C LEU E 234 70.23 17.58 -14.40
N ALA E 235 69.29 18.07 -15.20
CA ALA E 235 68.62 19.32 -14.85
C ALA E 235 67.91 19.20 -13.51
N GLN E 236 67.35 18.02 -13.22
CA GLN E 236 66.65 17.81 -11.96
C GLN E 236 67.62 17.85 -10.79
N LEU E 237 68.73 17.12 -10.89
CA LEU E 237 69.73 17.16 -9.84
C LEU E 237 70.22 18.59 -9.60
N GLU E 238 70.31 19.39 -10.66
CA GLU E 238 70.74 20.77 -10.50
C GLU E 238 69.73 21.56 -9.67
N LEU E 239 68.45 21.39 -9.97
CA LEU E 239 67.42 22.11 -9.20
C LEU E 239 67.45 21.68 -7.74
N ILE E 240 67.52 20.38 -7.49
CA ILE E 240 67.62 19.89 -6.12
C ILE E 240 68.82 20.51 -5.41
N SER E 241 69.96 20.58 -6.10
CA SER E 241 71.17 21.09 -5.47
C SER E 241 71.03 22.57 -5.11
N ARG E 242 70.36 23.36 -5.96
CA ARG E 242 70.20 24.77 -5.67
C ARG E 242 69.44 25.02 -4.38
N LEU E 243 68.54 24.10 -4.03
CA LEU E 243 67.67 24.24 -2.87
C LEU E 243 68.20 23.47 -1.66
N CYS E 244 68.53 22.21 -1.85
CA CYS E 244 68.92 21.33 -0.75
C CYS E 244 70.41 21.35 -0.47
N GLY E 245 71.20 21.90 -1.36
CA GLY E 245 72.65 21.79 -1.30
C GLY E 245 73.14 20.71 -2.23
N SER E 246 74.36 20.86 -2.72
CA SER E 246 74.86 19.88 -3.65
C SER E 246 75.18 18.59 -2.89
N PRO E 247 74.85 17.43 -3.44
CA PRO E 247 75.31 16.17 -2.85
C PRO E 247 76.82 16.18 -2.73
N CYS E 248 77.30 15.92 -1.52
CA CYS E 248 78.72 15.87 -1.25
C CYS E 248 78.92 15.06 0.02
N PRO E 249 80.08 14.41 0.17
CA PRO E 249 80.31 13.59 1.38
C PRO E 249 80.15 14.39 2.66
N ALA E 250 80.26 15.71 2.62
CA ALA E 250 80.15 16.51 3.82
C ALA E 250 78.81 16.27 4.53
N VAL E 251 77.75 16.05 3.76
CA VAL E 251 76.40 15.86 4.29
C VAL E 251 75.83 14.50 3.93
N TRP E 252 76.57 13.68 3.18
CA TRP E 252 76.07 12.41 2.65
C TRP E 252 77.25 11.48 2.49
N PRO E 253 77.77 10.97 3.62
CA PRO E 253 79.07 10.27 3.58
C PRO E 253 79.20 9.23 2.51
N ASP E 254 78.12 8.53 2.16
CA ASP E 254 78.17 7.43 1.22
C ASP E 254 77.86 7.84 -0.21
N VAL E 255 77.76 9.14 -0.50
CA VAL E 255 77.42 9.56 -1.85
C VAL E 255 78.51 9.14 -2.83
N ILE E 256 79.74 9.00 -2.34
CA ILE E 256 80.87 8.59 -3.17
C ILE E 256 80.77 7.17 -3.67
N ARG E 257 79.85 6.37 -3.11
CA ARG E 257 79.65 5.02 -3.62
C ARG E 257 78.71 4.96 -4.82
N LEU E 258 78.06 6.06 -5.17
CA LEU E 258 77.00 5.99 -6.18
C LEU E 258 77.57 6.09 -7.59
N PRO E 259 77.08 5.25 -8.51
CA PRO E 259 77.65 5.25 -9.87
C PRO E 259 77.84 6.63 -10.50
N TYR E 260 76.83 7.49 -10.42
CA TYR E 260 76.84 8.75 -11.15
C TYR E 260 77.23 9.93 -10.28
N PHE E 261 77.86 9.69 -9.12
CA PHE E 261 78.24 10.82 -8.27
C PHE E 261 79.18 11.75 -9.02
N ASN E 262 80.23 11.20 -9.64
CA ASN E 262 81.15 11.99 -10.43
C ASN E 262 80.57 12.37 -11.79
N THR E 263 79.76 11.51 -12.39
CA THR E 263 79.22 11.80 -13.72
C THR E 263 78.30 13.00 -13.66
N MET E 264 77.34 12.97 -12.74
CA MET E 264 76.32 14.01 -12.64
C MET E 264 76.70 15.04 -11.59
N LYS E 265 77.80 15.74 -11.83
CA LYS E 265 78.12 16.79 -10.86
C LYS E 265 77.22 17.99 -11.13
N PRO E 266 76.71 18.63 -10.08
CA PRO E 266 75.96 19.87 -10.29
C PRO E 266 76.90 21.01 -10.69
N LYS E 267 76.31 22.06 -11.25
CA LYS E 267 77.10 23.18 -11.76
C LYS E 267 78.04 23.73 -10.69
N LYS E 268 77.55 23.86 -9.46
CA LYS E 268 78.33 24.38 -8.36
C LYS E 268 78.21 23.42 -7.18
N GLN E 269 78.95 23.68 -6.13
CA GLN E 269 78.75 23.05 -4.83
C GLN E 269 77.89 24.04 -4.03
N TYR E 270 76.57 23.91 -4.17
CA TYR E 270 75.62 24.83 -3.58
C TYR E 270 75.41 24.53 -2.09
N ARG E 271 74.99 25.55 -1.35
CA ARG E 271 74.57 25.39 0.02
C ARG E 271 73.04 25.24 0.11
N ARG E 272 72.58 24.64 1.20
CA ARG E 272 71.14 24.46 1.41
C ARG E 272 70.50 25.82 1.64
N ARG E 273 69.41 26.09 0.93
CA ARG E 273 68.66 27.33 1.13
C ARG E 273 67.20 27.04 1.42
N LEU E 274 66.87 25.79 1.72
CA LEU E 274 65.47 25.38 1.81
C LEU E 274 64.70 26.23 2.80
N ARG E 275 65.27 26.50 3.97
CA ARG E 275 64.55 27.29 4.96
C ARG E 275 64.38 28.73 4.52
N GLU E 276 65.34 29.27 3.77
CA GLU E 276 65.22 30.64 3.27
C GLU E 276 64.15 30.72 2.20
N GLU E 277 64.20 29.80 1.23
CA GLU E 277 63.29 29.86 0.10
C GLU E 277 61.85 29.53 0.45
N PHE E 278 61.62 28.85 1.59
CA PHE E 278 60.28 28.51 2.05
C PHE E 278 59.92 29.24 3.34
N SER E 279 60.41 30.47 3.49
CA SER E 279 60.23 31.19 4.74
C SER E 279 58.78 31.55 5.03
N PHE E 280 57.91 31.54 4.01
CA PHE E 280 56.50 31.78 4.21
C PHE E 280 55.76 30.56 4.73
N ILE E 281 56.45 29.47 5.00
CA ILE E 281 55.79 28.26 5.48
C ILE E 281 55.81 28.32 7.00
N PRO E 282 54.72 27.96 7.68
CA PRO E 282 54.74 27.87 9.14
C PRO E 282 55.92 27.02 9.60
N SER E 283 56.49 27.39 10.74
CA SER E 283 57.72 26.73 11.20
C SER E 283 57.48 25.24 11.43
N ALA E 284 56.38 24.89 12.09
CA ALA E 284 56.11 23.48 12.35
C ALA E 284 56.13 22.68 11.05
N ALA E 285 55.60 23.25 9.97
CA ALA E 285 55.58 22.59 8.68
C ALA E 285 56.95 22.66 8.01
N LEU E 286 57.58 23.85 8.04
CA LEU E 286 58.89 23.99 7.42
C LEU E 286 59.87 22.97 7.96
N ASP E 287 59.83 22.74 9.28
CA ASP E 287 60.71 21.75 9.91
C ASP E 287 60.45 20.36 9.35
N LEU E 288 59.18 20.04 9.07
CA LEU E 288 58.86 18.78 8.42
C LEU E 288 59.45 18.70 7.02
N LEU E 289 59.31 19.77 6.24
CA LEU E 289 59.82 19.77 4.87
C LEU E 289 61.33 19.60 4.85
N ASP E 290 62.03 20.27 5.76
CA ASP E 290 63.48 20.21 5.81
C ASP E 290 63.96 18.78 6.03
N HIS E 291 63.22 18.01 6.84
CA HIS E 291 63.64 16.65 7.15
C HIS E 291 63.25 15.66 6.05
N MET E 292 62.11 15.91 5.39
CA MET E 292 61.69 15.03 4.31
C MET E 292 62.54 15.23 3.06
N LEU E 293 63.06 16.43 2.85
CA LEU E 293 63.94 16.74 1.72
C LEU E 293 65.39 16.80 2.13
N THR E 294 65.79 15.90 3.03
CA THR E 294 67.18 15.73 3.38
C THR E 294 67.84 14.84 2.32
N LEU E 295 69.03 15.26 1.89
CA LEU E 295 69.64 14.60 0.74
C LEU E 295 69.96 13.13 1.04
N ASP E 296 70.64 12.88 2.14
CA ASP E 296 71.13 11.53 2.43
C ASP E 296 69.98 10.66 2.92
N PRO E 297 69.59 9.62 2.18
CA PRO E 297 68.43 8.82 2.60
C PRO E 297 68.58 8.23 3.99
N SER E 298 69.79 8.03 4.49
CA SER E 298 70.00 7.52 5.84
C SER E 298 69.90 8.60 6.90
N LYS E 299 69.81 9.87 6.50
CA LYS E 299 69.51 10.98 7.41
C LYS E 299 68.11 11.55 7.21
N ARG E 300 67.43 11.17 6.13
CA ARG E 300 66.06 11.61 5.87
C ARG E 300 65.09 10.88 6.79
N CYS E 301 64.15 11.63 7.38
CA CYS E 301 63.21 11.06 8.32
C CYS E 301 62.34 9.99 7.66
N THR E 302 61.77 9.13 8.49
CA THR E 302 60.87 8.06 8.06
C THR E 302 59.43 8.53 8.08
N ALA E 303 58.52 7.68 7.56
CA ALA E 303 57.10 8.01 7.66
C ALA E 303 56.68 8.14 9.11
N GLU E 304 57.10 7.19 9.97
CA GLU E 304 56.76 7.27 11.38
C GLU E 304 57.22 8.58 12.01
N GLN E 305 58.43 9.03 11.67
CA GLN E 305 58.97 10.24 12.29
C GLN E 305 58.18 11.48 11.91
N THR E 306 57.62 11.55 10.71
CA THR E 306 56.79 12.69 10.34
C THR E 306 55.50 12.74 11.16
N LEU E 307 54.94 11.58 11.48
CA LEU E 307 53.77 11.52 12.34
C LEU E 307 54.10 11.96 13.76
N GLN E 308 55.38 12.00 14.11
CA GLN E 308 55.82 12.51 15.41
C GLN E 308 56.50 13.86 15.23
N SER E 309 55.87 14.76 14.48
CA SER E 309 56.37 16.11 14.27
C SER E 309 55.40 17.10 14.88
N ASP E 310 55.92 18.27 15.27
CA ASP E 310 55.01 19.30 15.78
C ASP E 310 53.88 19.59 14.79
N PHE E 311 54.13 19.36 13.49
CA PHE E 311 53.14 19.72 12.48
C PHE E 311 51.97 18.75 12.46
N LEU E 312 52.25 17.44 12.52
CA LEU E 312 51.20 16.43 12.39
C LEU E 312 50.88 15.69 13.69
N LYS E 313 51.70 15.84 14.71
CA LYS E 313 51.62 15.01 15.91
C LYS E 313 50.23 15.06 16.54
N ASP E 314 49.66 16.25 16.68
CA ASP E 314 48.41 16.45 17.40
C ASP E 314 47.24 16.72 16.48
N VAL E 315 47.40 16.46 15.18
CA VAL E 315 46.29 16.60 14.24
C VAL E 315 45.37 15.41 14.41
N GLU E 316 44.09 15.66 14.63
CA GLU E 316 43.10 14.62 14.81
C GLU E 316 42.27 14.54 13.54
N LEU E 317 42.33 13.41 12.86
CA LEU E 317 41.53 13.31 11.64
C LEU E 317 40.07 12.98 11.94
N SER E 318 39.65 13.12 13.20
CA SER E 318 38.22 13.09 13.48
C SER E 318 37.56 14.23 12.72
N LYS E 319 38.31 15.33 12.61
CA LYS E 319 37.98 16.49 11.78
C LYS E 319 38.81 16.39 10.51
N MET E 320 38.22 15.87 9.45
CA MET E 320 39.02 15.69 8.23
C MET E 320 39.34 16.98 7.48
N ALA E 321 38.76 18.11 7.85
CA ALA E 321 39.02 19.38 7.17
C ALA E 321 39.12 19.20 5.67
N PRO E 322 38.00 19.26 4.95
CA PRO E 322 38.03 19.15 3.49
C PRO E 322 38.71 20.35 2.86
N PRO E 323 39.52 20.16 1.82
CA PRO E 323 40.11 21.33 1.14
C PRO E 323 38.99 22.16 0.53
N ASP E 324 39.29 23.43 0.29
CA ASP E 324 38.28 24.36 -0.24
C ASP E 324 38.11 24.08 -1.73
N LEU E 325 37.29 23.07 -2.04
CA LEU E 325 37.00 22.83 -3.46
C LEU E 325 35.74 23.58 -3.86
N PRO E 326 35.84 24.78 -4.43
CA PRO E 326 34.62 25.51 -4.79
C PRO E 326 33.93 24.87 -5.99
N HIS E 327 32.60 24.94 -5.99
CA HIS E 327 31.79 24.41 -7.07
C HIS E 327 30.90 25.47 -7.69
N TRP E 328 29.97 26.06 -6.94
CA TRP E 328 29.17 27.14 -7.48
C TRP E 328 29.95 28.46 -7.46
N GLN E 329 29.65 29.31 -8.43
CA GLN E 329 30.30 30.59 -8.76
C GLN E 329 31.64 30.37 -9.43
N ASP E 330 32.07 29.13 -9.63
CA ASP E 330 33.25 28.88 -10.45
C ASP E 330 32.94 29.02 -11.92
N CYS E 331 31.70 28.76 -12.30
CA CYS E 331 31.23 29.00 -13.66
C CYS E 331 31.40 30.48 -13.99
N THR F 24 36.14 -12.48 3.77
CA THR F 24 37.13 -11.62 3.11
C THR F 24 38.00 -12.45 2.16
N LYS F 25 38.90 -13.26 2.72
CA LYS F 25 39.82 -14.09 1.97
C LYS F 25 39.30 -15.52 1.92
N PRO F 26 39.48 -16.28 0.84
CA PRO F 26 38.88 -17.61 0.77
C PRO F 26 39.65 -18.62 1.62
N CYS F 27 38.96 -19.72 1.91
CA CYS F 27 39.53 -20.81 2.70
C CYS F 27 40.16 -21.83 1.77
N TRP F 28 41.44 -22.13 1.99
CA TRP F 28 42.21 -23.02 1.12
C TRP F 28 42.59 -24.32 1.82
N TYR F 29 41.81 -24.77 2.79
CA TYR F 29 42.12 -25.97 3.55
C TYR F 29 40.92 -26.91 3.62
N TRP F 30 41.20 -28.20 3.44
CA TRP F 30 40.21 -29.26 3.40
C TRP F 30 40.59 -30.32 4.42
N ASP F 31 39.64 -31.21 4.74
CA ASP F 31 39.91 -32.34 5.62
C ASP F 31 40.35 -33.53 4.78
N LYS F 32 41.31 -34.34 5.29
CA LYS F 32 41.77 -35.47 4.49
C LYS F 32 40.58 -36.26 3.92
N LYS F 33 39.59 -36.52 4.77
CA LYS F 33 38.42 -37.28 4.33
C LYS F 33 37.78 -36.66 3.09
N ASP F 34 37.98 -35.36 2.87
CA ASP F 34 37.41 -34.69 1.72
C ASP F 34 38.16 -35.00 0.43
N LEU F 35 39.41 -35.47 0.51
CA LEU F 35 40.16 -35.76 -0.71
C LEU F 35 39.67 -36.99 -1.43
N ALA F 36 38.77 -37.75 -0.81
CA ALA F 36 38.13 -38.88 -1.48
C ALA F 36 37.08 -38.41 -2.48
N HIS F 37 36.83 -37.09 -2.54
CA HIS F 37 35.79 -36.50 -3.36
C HIS F 37 36.32 -35.37 -4.23
N THR F 38 37.56 -35.46 -4.65
CA THR F 38 38.07 -34.49 -5.62
C THR F 38 37.45 -34.76 -6.98
N PRO F 39 37.42 -33.76 -7.86
CA PRO F 39 36.97 -34.04 -9.24
C PRO F 39 37.70 -35.23 -9.83
N SER F 40 39.00 -35.38 -9.54
CA SER F 40 39.74 -36.51 -10.08
C SER F 40 39.17 -37.84 -9.58
N GLN F 41 38.93 -37.94 -8.26
CA GLN F 41 38.37 -39.18 -7.73
C GLN F 41 37.02 -39.48 -8.36
N LEU F 42 36.16 -38.47 -8.48
CA LEU F 42 34.81 -38.69 -8.95
C LEU F 42 34.74 -38.93 -10.45
N GLU F 43 35.84 -38.76 -11.19
CA GLU F 43 35.88 -39.18 -12.58
C GLU F 43 36.52 -40.56 -12.72
N GLY F 44 36.72 -41.25 -11.60
CA GLY F 44 37.15 -42.64 -11.64
C GLY F 44 38.60 -42.88 -11.33
N LEU F 45 39.36 -41.82 -11.06
CA LEU F 45 40.77 -41.99 -10.70
C LEU F 45 40.82 -42.52 -9.28
N ASP F 46 41.73 -43.48 -9.03
CA ASP F 46 41.73 -44.08 -7.70
C ASP F 46 42.65 -43.30 -6.77
N PRO F 47 42.53 -43.51 -5.46
CA PRO F 47 43.33 -42.68 -4.54
C PRO F 47 44.82 -42.74 -4.83
N ALA F 48 45.36 -43.92 -5.13
CA ALA F 48 46.79 -44.02 -5.39
C ALA F 48 47.19 -43.20 -6.61
N THR F 49 46.42 -43.30 -7.69
CA THR F 49 46.78 -42.61 -8.92
C THR F 49 46.80 -41.10 -8.72
N GLU F 50 45.78 -40.54 -8.06
CA GLU F 50 45.81 -39.10 -7.85
C GLU F 50 47.03 -38.70 -7.01
N ALA F 51 47.35 -39.48 -5.97
CA ALA F 51 48.50 -39.15 -5.16
C ALA F 51 49.77 -39.14 -6.03
N ARG F 52 49.89 -40.11 -6.93
CA ARG F 52 51.01 -40.16 -7.85
C ARG F 52 51.02 -38.96 -8.79
N TYR F 53 49.87 -38.62 -9.36
CA TYR F 53 49.81 -37.46 -10.25
C TYR F 53 50.24 -36.19 -9.51
N ARG F 54 49.87 -36.09 -8.23
CA ARG F 54 50.29 -34.93 -7.44
C ARG F 54 51.80 -34.95 -7.19
N ARG F 55 52.36 -36.11 -6.84
CA ARG F 55 53.79 -36.18 -6.65
C ARG F 55 54.52 -35.82 -7.94
N GLU F 56 54.09 -36.41 -9.05
CA GLU F 56 54.76 -36.17 -10.32
C GLU F 56 54.68 -34.69 -10.70
N GLY F 57 53.51 -34.09 -10.54
CA GLY F 57 53.36 -32.68 -10.85
C GLY F 57 54.21 -31.82 -9.94
N ALA F 58 54.17 -32.08 -8.64
CA ALA F 58 54.98 -31.30 -7.71
C ALA F 58 56.46 -31.39 -8.06
N ARG F 59 56.97 -32.61 -8.26
CA ARG F 59 58.38 -32.79 -8.56
C ARG F 59 58.75 -32.21 -9.92
N PHE F 60 57.85 -32.29 -10.90
CA PHE F 60 58.06 -31.62 -12.19
C PHE F 60 58.26 -30.12 -11.98
N ILE F 61 57.35 -29.47 -11.25
CA ILE F 61 57.50 -28.05 -10.96
C ILE F 61 58.82 -27.82 -10.25
N PHE F 62 59.12 -28.64 -9.24
CA PHE F 62 60.33 -28.50 -8.46
C PHE F 62 61.58 -28.60 -9.33
N ASP F 63 61.65 -29.65 -10.15
CA ASP F 63 62.83 -29.87 -10.97
C ASP F 63 62.97 -28.82 -12.07
N VAL F 64 61.87 -28.50 -12.76
CA VAL F 64 61.94 -27.49 -13.80
C VAL F 64 62.44 -26.18 -13.21
N GLY F 65 61.84 -25.76 -12.10
CA GLY F 65 62.24 -24.51 -11.48
C GLY F 65 63.63 -24.56 -10.90
N THR F 66 64.04 -25.72 -10.39
CA THR F 66 65.41 -25.84 -9.90
C THR F 66 66.39 -25.65 -11.06
N ARG F 67 66.11 -26.29 -12.20
CA ARG F 67 66.95 -26.16 -13.38
C ARG F 67 66.99 -24.70 -13.88
N LEU F 68 65.89 -23.96 -13.75
CA LEU F 68 65.86 -22.56 -14.16
C LEU F 68 66.48 -21.62 -13.13
N GLY F 69 66.97 -22.15 -12.01
CA GLY F 69 67.61 -21.33 -11.01
C GLY F 69 66.68 -20.57 -10.11
N LEU F 70 65.47 -21.07 -9.91
CA LEU F 70 64.44 -20.31 -9.21
C LEU F 70 64.53 -20.47 -7.69
N HIS F 71 64.24 -19.38 -6.99
CA HIS F 71 64.19 -19.33 -5.54
C HIS F 71 63.22 -20.36 -4.98
N TYR F 72 63.50 -20.80 -3.74
CA TYR F 72 62.72 -21.91 -3.18
C TYR F 72 61.26 -21.51 -2.96
N ASP F 73 61.00 -20.23 -2.63
CA ASP F 73 59.62 -19.79 -2.49
C ASP F 73 58.86 -19.89 -3.80
N THR F 74 59.53 -19.56 -4.91
CA THR F 74 58.88 -19.59 -6.21
C THR F 74 58.45 -21.02 -6.57
N LEU F 75 59.29 -22.00 -6.27
CA LEU F 75 58.92 -23.39 -6.53
C LEU F 75 57.69 -23.77 -5.73
N ALA F 76 57.68 -23.44 -4.44
CA ALA F 76 56.58 -23.82 -3.57
C ALA F 76 55.28 -23.12 -4.00
N THR F 77 55.35 -21.83 -4.32
CA THR F 77 54.15 -21.12 -4.74
C THR F 77 53.52 -21.82 -5.95
N GLY F 78 54.34 -22.17 -6.93
CA GLY F 78 53.83 -22.94 -8.06
C GLY F 78 53.23 -24.25 -7.62
N ILE F 79 53.91 -24.96 -6.71
CA ILE F 79 53.40 -26.26 -6.29
C ILE F 79 52.07 -26.11 -5.58
N ILE F 80 51.93 -25.07 -4.76
CA ILE F 80 50.67 -24.88 -4.03
C ILE F 80 49.56 -24.43 -4.97
N TYR F 81 49.86 -23.54 -5.93
CA TYR F 81 48.87 -23.28 -6.98
C TYR F 81 48.44 -24.58 -7.64
N PHE F 82 49.40 -25.43 -7.99
CA PHE F 82 49.11 -26.70 -8.63
C PHE F 82 48.18 -27.54 -7.77
N HIS F 83 48.51 -27.72 -6.49
CA HIS F 83 47.69 -28.56 -5.63
C HIS F 83 46.27 -28.02 -5.54
N ARG F 84 46.12 -26.70 -5.39
CA ARG F 84 44.79 -26.12 -5.28
C ARG F 84 44.00 -26.33 -6.56
N PHE F 85 44.64 -26.16 -7.71
CA PHE F 85 43.97 -26.33 -8.99
C PHE F 85 43.21 -27.64 -9.06
N TYR F 86 43.82 -28.74 -8.63
CA TYR F 86 43.23 -30.06 -8.78
C TYR F 86 42.29 -30.41 -7.63
N MET F 87 41.92 -29.42 -6.82
CA MET F 87 40.73 -29.49 -5.99
C MET F 87 39.49 -28.99 -6.72
N PHE F 88 39.67 -28.37 -7.89
CA PHE F 88 38.57 -27.84 -8.67
C PHE F 88 38.49 -28.46 -10.05
N HIS F 89 39.48 -29.27 -10.44
CA HIS F 89 39.53 -29.83 -11.77
C HIS F 89 40.03 -31.26 -11.67
N SER F 90 39.81 -32.03 -12.74
CA SER F 90 40.20 -33.42 -12.79
C SER F 90 41.52 -33.57 -13.51
N PHE F 91 42.37 -34.46 -13.02
CA PHE F 91 43.60 -34.75 -13.73
C PHE F 91 43.32 -35.25 -15.14
N LYS F 92 42.13 -35.82 -15.38
CA LYS F 92 41.79 -36.33 -16.70
C LYS F 92 41.45 -35.24 -17.71
N GLN F 93 41.12 -34.03 -17.24
CA GLN F 93 40.75 -32.94 -18.13
C GLN F 93 41.85 -31.90 -18.32
N PHE F 94 42.78 -31.82 -17.38
CA PHE F 94 43.85 -30.82 -17.43
C PHE F 94 45.17 -31.56 -17.30
N PRO F 95 45.88 -31.73 -18.42
CA PRO F 95 47.15 -32.49 -18.39
C PRO F 95 48.09 -31.92 -17.33
N ARG F 96 48.62 -32.80 -16.50
CA ARG F 96 49.18 -32.33 -15.23
C ARG F 96 50.47 -31.53 -15.44
N TYR F 97 51.32 -31.96 -16.37
CA TYR F 97 52.58 -31.23 -16.55
C TYR F 97 52.34 -29.87 -17.19
N VAL F 98 51.33 -29.78 -18.06
CA VAL F 98 50.95 -28.49 -18.65
C VAL F 98 50.48 -27.54 -17.56
N THR F 99 49.63 -28.02 -16.66
CA THR F 99 49.23 -27.22 -15.52
C THR F 99 50.45 -26.84 -14.68
N GLY F 100 51.35 -27.78 -14.45
CA GLY F 100 52.56 -27.48 -13.70
C GLY F 100 53.33 -26.33 -14.29
N ALA F 101 53.61 -26.39 -15.60
CA ALA F 101 54.35 -25.31 -16.24
C ALA F 101 53.65 -23.97 -16.05
N CYS F 102 52.32 -23.97 -16.17
CA CYS F 102 51.55 -22.75 -15.99
C CYS F 102 51.67 -22.23 -14.56
N CYS F 103 51.57 -23.12 -13.56
CA CYS F 103 51.72 -22.70 -12.18
C CYS F 103 53.09 -22.09 -11.91
N LEU F 104 54.14 -22.72 -12.41
CA LEU F 104 55.47 -22.15 -12.24
C LEU F 104 55.57 -20.81 -12.95
N PHE F 105 55.06 -20.74 -14.18
CA PHE F 105 55.11 -19.50 -14.94
C PHE F 105 54.48 -18.35 -14.17
N LEU F 106 53.28 -18.57 -13.63
CA LEU F 106 52.62 -17.53 -12.86
C LEU F 106 53.34 -17.26 -11.54
N ALA F 107 53.76 -18.32 -10.85
CA ALA F 107 54.47 -18.14 -9.59
C ALA F 107 55.66 -17.21 -9.77
N GLY F 108 56.39 -17.36 -10.88
CA GLY F 108 57.51 -16.49 -11.14
C GLY F 108 57.10 -15.03 -11.19
N LYS F 109 55.94 -14.75 -11.78
CA LYS F 109 55.46 -13.37 -11.80
C LYS F 109 55.01 -12.93 -10.41
N VAL F 110 54.35 -13.80 -9.68
CA VAL F 110 53.86 -13.43 -8.35
C VAL F 110 55.03 -13.14 -7.42
N GLU F 111 56.04 -14.00 -7.43
CA GLU F 111 57.16 -13.91 -6.50
C GLU F 111 58.30 -13.04 -7.00
N GLU F 112 58.13 -12.34 -8.11
CA GLU F 112 59.15 -11.45 -8.67
C GLU F 112 60.44 -12.20 -8.99
N THR F 113 60.30 -13.42 -9.48
CA THR F 113 61.41 -14.16 -10.08
C THR F 113 60.95 -14.66 -11.44
N PRO F 114 60.59 -13.74 -12.34
CA PRO F 114 59.92 -14.15 -13.58
C PRO F 114 60.84 -14.84 -14.56
N LYS F 115 60.26 -15.75 -15.34
CA LYS F 115 60.93 -16.42 -16.45
C LYS F 115 60.01 -16.43 -17.65
N LYS F 116 60.60 -16.43 -18.84
CA LYS F 116 59.81 -16.43 -20.07
C LYS F 116 59.20 -17.80 -20.29
N CYS F 117 57.97 -17.81 -20.82
CA CYS F 117 57.27 -19.08 -20.98
C CYS F 117 58.08 -20.04 -21.86
N LYS F 118 58.77 -19.51 -22.87
CA LYS F 118 59.55 -20.38 -23.75
C LYS F 118 60.63 -21.12 -22.98
N ASP F 119 61.24 -20.47 -21.97
CA ASP F 119 62.29 -21.13 -21.21
C ASP F 119 61.73 -22.26 -20.36
N ILE F 120 60.52 -22.08 -19.83
CA ILE F 120 59.91 -23.15 -19.06
C ILE F 120 59.66 -24.37 -19.96
N ILE F 121 59.15 -24.12 -21.15
CA ILE F 121 58.84 -25.21 -22.08
C ILE F 121 60.10 -25.99 -22.44
N LYS F 122 61.17 -25.28 -22.81
CA LYS F 122 62.44 -25.93 -23.14
C LYS F 122 62.92 -26.82 -22.01
N THR F 123 62.91 -26.29 -20.79
CA THR F 123 63.38 -27.06 -19.63
C THR F 123 62.49 -28.27 -19.39
N ALA F 124 61.18 -28.11 -19.63
CA ALA F 124 60.27 -29.23 -19.46
C ALA F 124 60.59 -30.37 -20.43
N ARG F 125 60.98 -30.04 -21.66
CA ARG F 125 61.32 -31.09 -22.62
C ARG F 125 62.55 -31.84 -22.15
N SER F 126 63.47 -31.14 -21.51
CA SER F 126 64.67 -31.75 -20.96
C SER F 126 64.32 -32.81 -19.91
N LEU F 127 63.32 -32.53 -19.09
CA LEU F 127 62.98 -33.39 -17.95
C LEU F 127 61.91 -34.43 -18.26
N LEU F 128 61.13 -34.25 -19.33
CA LEU F 128 60.04 -35.15 -19.64
C LEU F 128 60.33 -36.07 -20.82
N ASN F 129 59.82 -37.32 -20.74
CA ASN F 129 59.98 -38.25 -21.84
C ASN F 129 59.01 -37.86 -22.97
N ASP F 130 59.04 -38.61 -24.08
CA ASP F 130 58.26 -38.17 -25.24
C ASP F 130 56.76 -38.33 -25.01
N VAL F 131 56.34 -39.44 -24.38
CA VAL F 131 54.92 -39.63 -24.12
C VAL F 131 54.41 -38.45 -23.30
N GLN F 132 55.18 -38.08 -22.29
CA GLN F 132 54.77 -37.02 -21.37
C GLN F 132 54.64 -35.68 -22.07
N PHE F 133 55.65 -35.29 -22.84
CA PHE F 133 55.64 -33.97 -23.47
C PHE F 133 54.58 -33.86 -24.56
N GLY F 134 53.94 -34.97 -24.95
CA GLY F 134 52.79 -34.89 -25.83
C GLY F 134 51.65 -34.10 -25.22
N GLN F 135 51.58 -34.08 -23.89
CA GLN F 135 50.53 -33.33 -23.22
C GLN F 135 50.52 -31.87 -23.69
N PHE F 136 51.70 -31.35 -24.02
CA PHE F 136 51.84 -29.95 -24.42
C PHE F 136 51.37 -29.67 -25.83
N GLY F 137 51.02 -30.70 -26.61
CA GLY F 137 50.42 -30.52 -27.92
C GLY F 137 51.38 -29.97 -28.97
N ASP F 138 50.80 -29.42 -30.04
CA ASP F 138 51.59 -28.93 -31.16
C ASP F 138 52.19 -27.55 -30.88
N ASP F 139 51.58 -26.76 -29.99
CA ASP F 139 52.08 -25.45 -29.60
C ASP F 139 52.14 -25.43 -28.08
N PRO F 140 53.24 -25.92 -27.49
CA PRO F 140 53.31 -25.95 -26.01
C PRO F 140 53.13 -24.60 -25.36
N LYS F 141 53.81 -23.56 -25.85
CA LYS F 141 53.66 -22.25 -25.22
C LYS F 141 52.20 -21.84 -25.19
N GLU F 142 51.47 -22.07 -26.29
CA GLU F 142 50.07 -21.70 -26.31
C GLU F 142 49.28 -22.48 -25.26
N GLU F 143 49.47 -23.80 -25.17
CA GLU F 143 48.73 -24.57 -24.19
C GLU F 143 48.95 -24.03 -22.78
N VAL F 144 50.16 -23.57 -22.49
CA VAL F 144 50.44 -23.03 -21.16
C VAL F 144 49.79 -21.65 -21.02
N MET F 145 50.05 -20.76 -21.96
CA MET F 145 49.53 -19.39 -21.86
C MET F 145 48.01 -19.39 -21.77
N VAL F 146 47.37 -20.31 -22.49
CA VAL F 146 45.91 -20.38 -22.49
C VAL F 146 45.40 -20.73 -21.10
N LEU F 147 46.13 -21.58 -20.38
CA LEU F 147 45.68 -22.07 -19.09
C LEU F 147 45.81 -21.02 -18.00
N GLU F 148 46.68 -20.03 -18.19
CA GLU F 148 46.84 -18.99 -17.18
C GLU F 148 45.51 -18.36 -16.80
N ARG F 149 44.65 -18.11 -17.78
CA ARG F 149 43.36 -17.49 -17.47
C ARG F 149 42.59 -18.34 -16.46
N ILE F 150 42.52 -19.64 -16.68
CA ILE F 150 41.82 -20.51 -15.75
C ILE F 150 42.55 -20.58 -14.42
N LEU F 151 43.87 -20.71 -14.46
CA LEU F 151 44.61 -20.78 -13.21
C LEU F 151 44.20 -19.62 -12.32
N LEU F 152 44.24 -18.41 -12.86
CA LEU F 152 43.89 -17.24 -12.06
C LEU F 152 42.46 -17.33 -11.52
N GLN F 153 41.50 -17.74 -12.34
CA GLN F 153 40.14 -17.84 -11.82
C GLN F 153 40.03 -18.94 -10.77
N THR F 154 40.73 -20.06 -10.96
CA THR F 154 40.63 -21.15 -10.01
C THR F 154 41.22 -20.77 -8.65
N ILE F 155 42.38 -20.13 -8.63
CA ILE F 155 42.98 -19.74 -7.35
C ILE F 155 42.35 -18.45 -6.84
N LYS F 156 41.26 -18.02 -7.47
CA LYS F 156 40.47 -16.89 -6.96
C LYS F 156 41.31 -15.63 -6.81
N PHE F 157 42.34 -15.51 -7.64
CA PHE F 157 43.22 -14.35 -7.64
C PHE F 157 43.77 -14.04 -6.26
N ASP F 158 43.79 -15.05 -5.38
CA ASP F 158 44.46 -14.92 -4.10
C ASP F 158 45.90 -15.37 -4.34
N LEU F 159 46.72 -14.42 -4.73
CA LEU F 159 48.06 -14.75 -5.21
C LEU F 159 49.07 -14.84 -4.09
N GLN F 160 48.79 -14.19 -2.95
CA GLN F 160 49.75 -14.23 -1.86
C GLN F 160 49.70 -15.60 -1.18
N VAL F 161 50.85 -16.25 -1.09
CA VAL F 161 50.97 -17.56 -0.46
C VAL F 161 52.19 -17.51 0.44
N GLU F 162 52.06 -18.06 1.65
CA GLU F 162 53.19 -18.23 2.55
C GLU F 162 53.53 -19.70 2.74
N HIS F 163 54.80 -19.97 3.05
CA HIS F 163 55.33 -21.32 3.07
C HIS F 163 55.99 -21.66 4.38
N PRO F 164 56.06 -22.96 4.71
CA PRO F 164 56.65 -23.36 6.00
C PRO F 164 58.06 -22.85 6.21
N TYR F 165 58.79 -22.55 5.14
CA TYR F 165 60.19 -22.18 5.29
C TYR F 165 60.35 -20.96 6.17
N GLN F 166 59.60 -19.89 5.88
CA GLN F 166 59.83 -18.65 6.61
C GLN F 166 59.57 -18.86 8.10
N PHE F 167 58.64 -19.74 8.45
CA PHE F 167 58.33 -19.99 9.84
C PHE F 167 59.35 -20.90 10.49
N LEU F 168 59.83 -21.93 9.77
CA LEU F 168 60.93 -22.74 10.27
C LEU F 168 62.13 -21.90 10.68
N LEU F 169 62.43 -20.88 9.88
CA LEU F 169 63.58 -20.03 10.17
C LEU F 169 63.28 -19.07 11.32
N LYS F 170 62.11 -18.45 11.27
CA LYS F 170 61.72 -17.51 12.33
C LYS F 170 61.70 -18.19 13.69
N TYR F 171 61.14 -19.40 13.75
CA TYR F 171 60.99 -20.09 15.02
C TYR F 171 62.34 -20.60 15.52
N ALA F 172 63.20 -21.07 14.60
CA ALA F 172 64.49 -21.57 15.02
C ALA F 172 65.45 -20.48 15.46
N LYS F 173 65.27 -19.24 14.97
CA LYS F 173 66.14 -18.16 15.41
C LYS F 173 65.95 -17.85 16.89
N GLN F 174 64.82 -18.28 17.45
CA GLN F 174 64.48 -18.06 18.85
C GLN F 174 64.97 -19.19 19.75
N LEU F 175 65.62 -20.18 19.17
CA LEU F 175 66.26 -21.26 19.91
C LEU F 175 67.71 -20.85 20.21
N LYS F 176 68.13 -21.08 21.44
CA LYS F 176 69.49 -20.77 21.86
C LYS F 176 70.13 -22.04 22.40
N GLY F 177 71.32 -22.36 21.92
CA GLY F 177 71.99 -23.56 22.38
C GLY F 177 73.10 -23.96 21.42
N ASP F 178 73.41 -25.25 21.45
CA ASP F 178 74.45 -25.79 20.57
C ASP F 178 74.14 -25.41 19.13
N LYS F 179 74.93 -24.50 18.56
CA LYS F 179 74.70 -24.03 17.20
C LYS F 179 74.65 -25.19 16.21
N ASN F 180 75.50 -26.20 16.41
CA ASN F 180 75.55 -27.28 15.44
C ASN F 180 74.36 -28.22 15.58
N LYS F 181 73.88 -28.48 16.80
CA LYS F 181 72.69 -29.31 16.92
C LYS F 181 71.48 -28.59 16.33
N ILE F 182 71.37 -27.28 16.58
CA ILE F 182 70.24 -26.53 16.05
C ILE F 182 70.31 -26.49 14.52
N GLN F 183 71.52 -26.35 13.96
CA GLN F 183 71.63 -26.35 12.51
C GLN F 183 71.22 -27.70 11.92
N LYS F 184 71.62 -28.81 12.56
CA LYS F 184 71.18 -30.11 12.06
C LYS F 184 69.66 -30.21 12.10
N LEU F 185 69.04 -29.63 13.13
CA LEU F 185 67.59 -29.61 13.21
C LEU F 185 66.97 -28.87 12.03
N VAL F 186 67.48 -27.66 11.74
CA VAL F 186 66.89 -26.87 10.66
C VAL F 186 67.04 -27.59 9.34
N GLN F 187 68.24 -28.07 9.05
CA GLN F 187 68.52 -28.68 7.76
C GLN F 187 67.63 -29.90 7.52
N MET F 188 67.50 -30.77 8.53
CA MET F 188 66.60 -31.90 8.39
C MET F 188 65.16 -31.45 8.24
N ALA F 189 64.75 -30.45 9.03
CA ALA F 189 63.40 -29.94 8.94
C ALA F 189 63.14 -29.33 7.57
N TRP F 190 64.10 -28.57 7.07
CA TRP F 190 64.00 -28.00 5.74
C TRP F 190 63.78 -29.08 4.68
N THR F 191 64.54 -30.16 4.77
CA THR F 191 64.36 -31.26 3.83
C THR F 191 62.95 -31.84 3.93
N PHE F 192 62.40 -31.94 5.16
CA PHE F 192 61.04 -32.45 5.30
C PHE F 192 60.03 -31.50 4.67
N VAL F 193 60.28 -30.19 4.70
CA VAL F 193 59.39 -29.26 4.04
C VAL F 193 59.43 -29.47 2.52
N ASN F 194 60.63 -29.60 1.96
CA ASN F 194 60.75 -29.86 0.52
C ASN F 194 60.01 -31.12 0.14
N ASP F 195 60.08 -32.17 0.98
CA ASP F 195 59.39 -33.42 0.67
C ASP F 195 57.89 -33.33 0.92
N SER F 196 57.46 -32.46 1.84
CA SER F 196 56.04 -32.31 2.09
C SER F 196 55.30 -31.63 0.94
N LEU F 197 56.02 -30.97 0.03
CA LEU F 197 55.35 -30.33 -1.09
C LEU F 197 54.73 -31.35 -2.04
N CYS F 198 55.19 -32.58 -1.99
CA CYS F 198 54.64 -33.66 -2.80
C CYS F 198 53.35 -34.22 -2.24
N THR F 199 52.90 -33.72 -1.09
CA THR F 199 51.74 -34.26 -0.41
C THR F 199 50.64 -33.22 -0.39
N THR F 200 49.48 -33.64 0.08
CA THR F 200 48.33 -32.76 0.25
C THR F 200 48.36 -32.04 1.58
N LEU F 201 49.46 -32.14 2.33
CA LEU F 201 49.59 -31.38 3.57
C LEU F 201 49.47 -29.88 3.33
N SER F 202 49.97 -29.39 2.20
CA SER F 202 49.82 -27.97 1.88
C SER F 202 48.36 -27.56 1.92
N LEU F 203 47.46 -28.52 1.70
CA LEU F 203 46.02 -28.26 1.63
C LEU F 203 45.30 -28.61 2.92
N GLN F 204 45.99 -29.17 3.90
CA GLN F 204 45.34 -29.62 5.13
C GLN F 204 45.65 -28.76 6.33
N TRP F 205 46.87 -28.25 6.43
CA TRP F 205 47.33 -27.52 7.60
C TRP F 205 48.03 -26.26 7.15
N GLU F 206 47.91 -25.22 7.97
CA GLU F 206 48.48 -23.92 7.68
C GLU F 206 50.00 -24.05 7.70
N PRO F 207 50.72 -23.16 7.01
CA PRO F 207 52.18 -23.35 6.91
C PRO F 207 52.87 -23.40 8.26
N GLU F 208 52.44 -22.55 9.17
CA GLU F 208 53.04 -22.50 10.51
C GLU F 208 52.94 -23.84 11.20
N ILE F 209 51.83 -24.55 11.03
CA ILE F 209 51.66 -25.84 11.69
C ILE F 209 52.61 -26.86 11.09
N ILE F 210 52.90 -26.73 9.79
CA ILE F 210 53.81 -27.65 9.13
C ILE F 210 55.25 -27.36 9.53
N ALA F 211 55.57 -26.08 9.71
CA ALA F 211 56.89 -25.70 10.19
C ALA F 211 57.16 -26.30 11.57
N VAL F 212 56.17 -26.26 12.45
CA VAL F 212 56.34 -26.89 13.76
C VAL F 212 56.51 -28.39 13.60
N ALA F 213 55.64 -29.01 12.78
CA ALA F 213 55.68 -30.47 12.62
C ALA F 213 57.04 -30.95 12.13
N VAL F 214 57.64 -30.26 11.16
CA VAL F 214 58.92 -30.72 10.65
C VAL F 214 60.01 -30.52 11.70
N MET F 215 59.93 -29.43 12.48
CA MET F 215 60.83 -29.31 13.62
C MET F 215 60.60 -30.45 14.59
N TYR F 216 59.33 -30.72 14.89
CA TYR F 216 58.96 -31.81 15.79
C TYR F 216 59.53 -33.13 15.29
N LEU F 217 59.37 -33.41 14.00
CA LEU F 217 59.92 -34.65 13.45
C LEU F 217 61.44 -34.66 13.54
N ALA F 218 62.08 -33.60 13.04
CA ALA F 218 63.54 -33.54 13.09
C ALA F 218 64.04 -33.72 14.51
N GLY F 219 63.33 -33.15 15.48
CA GLY F 219 63.73 -33.32 16.87
C GLY F 219 63.70 -34.79 17.28
N ARG F 220 62.59 -35.47 16.99
CA ARG F 220 62.49 -36.88 17.39
C ARG F 220 63.63 -37.69 16.80
N LEU F 221 63.88 -37.55 15.50
CA LEU F 221 64.86 -38.40 14.85
C LEU F 221 66.27 -38.10 15.37
N CYS F 222 66.57 -36.83 15.63
CA CYS F 222 67.88 -36.42 16.11
C CYS F 222 68.03 -36.57 17.61
N LYS F 223 67.02 -37.10 18.30
CA LYS F 223 67.04 -37.28 19.74
C LYS F 223 67.33 -35.94 20.43
N PHE F 224 66.69 -34.87 19.94
CA PHE F 224 66.86 -33.53 20.49
C PHE F 224 65.62 -33.12 21.26
N GLU F 225 65.82 -32.40 22.36
CA GLU F 225 64.75 -31.89 23.21
C GLU F 225 64.61 -30.39 22.96
N ILE F 226 63.77 -30.03 21.98
CA ILE F 226 63.78 -28.63 21.54
C ILE F 226 63.43 -27.71 22.71
N GLN F 227 62.72 -28.21 23.72
CA GLN F 227 62.28 -27.35 24.80
C GLN F 227 63.44 -26.60 25.44
N GLU F 228 64.58 -27.28 25.58
CA GLU F 228 65.70 -26.71 26.31
C GLU F 228 66.31 -25.53 25.56
N TRP F 229 66.07 -25.43 24.26
CA TRP F 229 66.52 -24.30 23.48
C TRP F 229 65.53 -23.14 23.50
N THR F 230 64.32 -23.36 24.02
CA THR F 230 63.30 -22.33 24.04
C THR F 230 63.49 -21.41 25.24
N SER F 231 62.69 -20.34 25.27
CA SER F 231 62.71 -19.44 26.41
C SER F 231 62.11 -20.06 27.67
N LYS F 232 61.33 -21.13 27.53
CA LYS F 232 60.67 -21.81 28.65
C LYS F 232 61.17 -23.26 28.65
N PRO F 233 62.32 -23.52 29.26
CA PRO F 233 62.99 -24.82 29.07
C PRO F 233 62.27 -25.98 29.73
N MET F 234 61.34 -25.73 30.64
CA MET F 234 60.56 -26.77 31.29
C MET F 234 59.13 -26.83 30.78
N TYR F 235 58.87 -26.18 29.65
CA TYR F 235 57.58 -26.27 28.96
C TYR F 235 57.71 -27.36 27.91
N ARG F 236 57.13 -28.53 28.21
CA ARG F 236 57.35 -29.70 27.38
C ARG F 236 56.70 -29.56 26.01
N ARG F 237 55.60 -28.81 25.95
CA ARG F 237 54.91 -28.52 24.69
C ARG F 237 55.47 -27.25 24.07
N TRP F 238 56.69 -27.36 23.54
CA TRP F 238 57.43 -26.18 23.11
C TRP F 238 56.75 -25.44 21.97
N TRP F 239 56.05 -26.15 21.08
CA TRP F 239 55.47 -25.47 19.92
C TRP F 239 54.47 -24.38 20.31
N GLU F 240 53.90 -24.46 21.50
CA GLU F 240 52.87 -23.52 21.90
C GLU F 240 53.41 -22.10 21.90
N GLN F 241 54.71 -21.93 22.11
CA GLN F 241 55.36 -20.62 22.08
C GLN F 241 55.50 -20.10 20.66
N PHE F 242 55.14 -20.91 19.68
CA PHE F 242 55.21 -20.55 18.27
C PHE F 242 53.88 -20.58 17.56
N VAL F 243 53.12 -21.66 17.70
CA VAL F 243 51.83 -21.84 17.03
C VAL F 243 50.85 -22.34 18.08
N GLN F 244 49.89 -21.50 18.44
CA GLN F 244 48.94 -21.82 19.49
C GLN F 244 47.83 -22.73 19.00
N ASP F 245 47.28 -23.52 19.93
CA ASP F 245 46.09 -24.33 19.70
C ASP F 245 46.36 -25.53 18.80
N VAL F 246 47.57 -26.07 18.84
CA VAL F 246 47.91 -27.22 18.00
C VAL F 246 48.00 -28.47 18.87
N PRO F 247 47.15 -29.47 18.64
CA PRO F 247 47.30 -30.75 19.34
C PRO F 247 48.47 -31.57 18.83
N VAL F 248 48.93 -32.48 19.70
CA VAL F 248 49.97 -33.42 19.30
C VAL F 248 49.49 -34.34 18.20
N ASP F 249 48.20 -34.71 18.21
CA ASP F 249 47.69 -35.57 17.15
C ASP F 249 48.01 -35.00 15.78
N VAL F 250 47.77 -33.70 15.61
CA VAL F 250 48.00 -33.05 14.33
C VAL F 250 49.47 -33.15 13.94
N LEU F 251 50.37 -32.82 14.85
CA LEU F 251 51.78 -32.91 14.51
C LEU F 251 52.18 -34.34 14.17
N GLU F 252 51.55 -35.33 14.79
CA GLU F 252 51.92 -36.71 14.53
C GLU F 252 51.31 -37.21 13.23
N ASP F 253 50.12 -36.74 12.88
CA ASP F 253 49.56 -37.03 11.57
C ASP F 253 50.48 -36.49 10.47
N ILE F 254 50.92 -35.25 10.64
CA ILE F 254 51.80 -34.63 9.65
C ILE F 254 53.13 -35.39 9.60
N CYS F 255 53.64 -35.80 10.76
CA CYS F 255 54.86 -36.60 10.74
C CYS F 255 54.61 -37.93 10.04
N HIS F 256 53.47 -38.56 10.34
CA HIS F 256 53.17 -39.85 9.72
C HIS F 256 53.15 -39.71 8.20
N GLN F 257 52.47 -38.67 7.70
CA GLN F 257 52.36 -38.49 6.25
C GLN F 257 53.71 -38.23 5.61
N ILE F 258 54.60 -37.50 6.30
CA ILE F 258 55.91 -37.22 5.72
C ILE F 258 56.77 -38.48 5.66
N LEU F 259 56.76 -39.28 6.73
CA LEU F 259 57.59 -40.49 6.74
C LEU F 259 57.12 -41.52 5.72
N ASP F 260 55.84 -41.51 5.36
CA ASP F 260 55.33 -42.46 4.38
C ASP F 260 56.02 -42.30 3.03
N LEU F 261 56.28 -41.05 2.62
CA LEU F 261 57.02 -40.80 1.38
C LEU F 261 58.37 -41.50 1.38
N TYR F 262 59.03 -41.50 2.53
CA TYR F 262 60.35 -42.14 2.64
C TYR F 262 60.25 -43.65 2.49
N SER F 263 59.21 -44.26 3.08
CA SER F 263 59.05 -45.70 2.92
C SER F 263 58.62 -46.08 1.50
N GLN F 264 57.66 -45.32 0.94
CA GLN F 264 57.14 -45.61 -0.40
C GLN F 264 58.21 -45.47 -1.47
N GLY F 265 59.04 -44.43 -1.38
CA GLY F 265 60.12 -44.21 -2.33
C GLY F 265 61.31 -45.11 -2.08
N LYS F 266 62.47 -44.70 -2.64
CA LYS F 266 63.69 -45.42 -2.33
C LYS F 266 64.48 -44.79 -1.19
N GLN F 267 64.47 -43.48 -1.10
CA GLN F 267 65.27 -42.78 -0.12
C GLN F 267 64.79 -43.15 1.28
N GLN F 268 65.73 -43.16 2.22
CA GLN F 268 65.44 -43.48 3.61
C GLN F 268 65.52 -42.16 4.37
N MET F 269 64.94 -42.14 5.56
CA MET F 269 64.81 -40.90 6.30
C MET F 269 66.18 -40.29 6.62
N PRO F 270 66.27 -38.95 6.70
CA PRO F 270 67.57 -38.31 6.93
C PRO F 270 68.20 -38.65 8.28
N HIS F 271 67.41 -39.03 9.28
CA HIS F 271 67.90 -39.43 10.61
C HIS F 271 69.26 -38.86 11.02
N MET G 5 -19.16 -58.68 -17.33
CA MET G 5 -19.70 -57.46 -18.00
C MET G 5 -18.73 -56.86 -19.01
N SER G 6 -17.42 -57.04 -18.78
CA SER G 6 -16.39 -56.63 -19.72
C SER G 6 -15.51 -57.83 -20.06
N TYR G 7 -15.00 -57.85 -21.29
CA TYR G 7 -14.27 -59.01 -21.81
C TYR G 7 -12.95 -58.59 -22.46
N ASN G 8 -11.85 -59.16 -21.99
CA ASN G 8 -10.53 -58.78 -22.47
C ASN G 8 -9.59 -59.97 -22.56
N TYR G 9 -8.53 -59.79 -23.36
CA TYR G 9 -7.55 -60.82 -23.71
C TYR G 9 -6.17 -60.23 -23.48
N VAL G 10 -5.28 -60.97 -22.82
CA VAL G 10 -3.93 -60.51 -22.52
C VAL G 10 -2.92 -61.56 -22.95
N VAL G 11 -1.97 -61.16 -23.79
CA VAL G 11 -0.93 -62.04 -24.29
C VAL G 11 0.44 -61.42 -24.03
N THR G 12 1.45 -62.28 -23.95
CA THR G 12 2.83 -61.84 -23.91
C THR G 12 3.35 -61.71 -25.34
N ALA G 13 3.84 -60.54 -25.68
CA ALA G 13 4.49 -60.33 -26.97
C ALA G 13 5.99 -60.53 -26.85
N GLN G 14 6.56 -60.15 -25.71
CA GLN G 14 7.96 -60.36 -25.38
C GLN G 14 8.04 -60.88 -23.97
N LYS G 15 8.78 -61.97 -23.76
CA LYS G 15 8.89 -62.54 -22.43
C LYS G 15 9.76 -61.65 -21.55
N PRO G 16 9.68 -61.84 -20.23
CA PRO G 16 10.58 -61.12 -19.32
C PRO G 16 12.05 -61.33 -19.66
N THR G 17 12.80 -60.22 -19.69
CA THR G 17 14.21 -60.24 -20.06
C THR G 17 15.16 -59.99 -18.90
N ALA G 18 14.68 -59.38 -17.82
CA ALA G 18 15.53 -59.08 -16.68
C ALA G 18 15.79 -60.33 -15.86
N VAL G 19 17.03 -60.49 -15.42
CA VAL G 19 17.45 -61.66 -14.66
C VAL G 19 17.23 -61.37 -13.17
N ASN G 20 16.44 -62.21 -12.52
CA ASN G 20 16.15 -62.05 -11.10
C ASN G 20 17.02 -62.92 -10.21
N GLY G 21 17.56 -64.02 -10.71
CA GLY G 21 18.50 -64.84 -9.94
C GLY G 21 19.03 -65.95 -10.81
N CYS G 22 20.17 -66.50 -10.40
CA CYS G 22 20.78 -67.58 -11.16
C CYS G 22 21.61 -68.49 -10.27
N VAL G 23 21.57 -69.80 -10.56
CA VAL G 23 22.29 -70.81 -9.80
C VAL G 23 23.07 -71.70 -10.75
N THR G 24 24.07 -72.38 -10.20
CA THR G 24 24.83 -73.39 -10.92
C THR G 24 24.75 -74.71 -10.15
N GLY G 25 24.95 -75.81 -10.88
CA GLY G 25 24.92 -77.11 -10.25
C GLY G 25 24.82 -78.20 -11.30
N HIS G 26 24.33 -79.35 -10.86
CA HIS G 26 24.31 -80.56 -11.67
C HIS G 26 22.88 -81.10 -11.69
N PHE G 27 22.01 -80.38 -12.40
CA PHE G 27 20.57 -80.61 -12.40
C PHE G 27 20.14 -81.56 -13.51
N THR G 28 20.64 -81.38 -14.73
CA THR G 28 20.20 -82.26 -15.82
C THR G 28 20.90 -83.62 -15.79
N SER G 29 22.15 -83.67 -15.34
CA SER G 29 22.89 -84.92 -15.20
C SER G 29 23.97 -84.72 -14.15
N ALA G 30 24.36 -85.81 -13.49
CA ALA G 30 25.41 -85.69 -12.48
C ALA G 30 26.75 -85.25 -13.07
N GLU G 31 26.92 -85.32 -14.39
CA GLU G 31 28.18 -84.96 -15.04
C GLU G 31 28.18 -83.54 -15.61
N ASP G 32 27.09 -83.12 -16.25
CA ASP G 32 27.05 -81.80 -16.87
C ASP G 32 27.03 -80.71 -15.81
N LEU G 33 27.60 -79.56 -16.16
CA LEU G 33 27.49 -78.35 -15.34
C LEU G 33 26.39 -77.47 -15.92
N ASN G 34 25.38 -77.19 -15.11
CA ASN G 34 24.21 -76.44 -15.56
C ASN G 34 24.26 -75.01 -15.07
N LEU G 35 23.60 -74.13 -15.82
CA LEU G 35 23.31 -72.77 -15.36
C LEU G 35 21.79 -72.59 -15.47
N LEU G 36 21.15 -72.41 -14.32
CA LEU G 36 19.72 -72.12 -14.27
C LEU G 36 19.53 -70.62 -14.04
N ILE G 37 18.83 -69.98 -14.97
CA ILE G 37 18.52 -68.57 -14.89
C ILE G 37 17.03 -68.41 -14.70
N ALA G 38 16.64 -67.58 -13.74
CA ALA G 38 15.24 -67.28 -13.48
C ALA G 38 14.98 -65.86 -13.94
N LYS G 39 14.19 -65.71 -14.99
CA LYS G 39 13.56 -64.44 -15.31
C LYS G 39 12.13 -64.58 -14.80
N ASN G 40 11.50 -63.45 -14.53
CA ASN G 40 10.23 -63.51 -13.79
C ASN G 40 9.28 -64.52 -14.42
N THR G 41 9.00 -65.62 -13.73
CA THR G 41 8.10 -66.70 -14.11
C THR G 41 8.72 -67.65 -15.14
N ARG G 42 9.93 -67.38 -15.63
CA ARG G 42 10.53 -68.21 -16.67
C ARG G 42 11.76 -68.85 -16.07
N LEU G 43 11.89 -70.17 -16.25
CA LEU G 43 13.09 -70.88 -15.82
C LEU G 43 13.81 -71.32 -17.09
N GLU G 44 15.05 -70.91 -17.23
CA GLU G 44 15.88 -71.24 -18.38
C GLU G 44 16.99 -72.16 -17.89
N ILE G 45 17.14 -73.30 -18.57
CA ILE G 45 18.16 -74.30 -18.22
C ILE G 45 19.17 -74.36 -19.35
N TYR G 46 20.44 -74.20 -19.00
CA TYR G 46 21.55 -74.26 -19.94
C TYR G 46 22.54 -75.33 -19.48
N VAL G 47 23.41 -75.72 -20.40
CA VAL G 47 24.55 -76.57 -20.06
C VAL G 47 25.81 -75.80 -20.39
N VAL G 48 26.74 -75.77 -19.44
CA VAL G 48 27.95 -74.99 -19.57
C VAL G 48 28.91 -75.77 -20.46
N THR G 49 29.33 -75.16 -21.55
CA THR G 49 30.31 -75.74 -22.45
C THR G 49 31.60 -74.92 -22.33
N ALA G 50 32.62 -75.32 -23.08
CA ALA G 50 33.82 -74.51 -23.14
C ALA G 50 33.69 -73.36 -24.12
N GLU G 51 32.57 -73.29 -24.84
CA GLU G 51 32.32 -72.25 -25.84
C GLU G 51 31.39 -71.17 -25.34
N GLY G 52 30.49 -71.51 -24.43
CA GLY G 52 29.46 -70.59 -23.95
C GLY G 52 28.38 -71.37 -23.25
N LEU G 53 27.13 -71.03 -23.51
CA LEU G 53 25.98 -71.70 -22.91
C LEU G 53 25.18 -72.40 -24.01
N ARG G 54 24.82 -73.65 -23.75
CA ARG G 54 23.97 -74.44 -24.63
C ARG G 54 22.58 -74.57 -24.03
N PRO G 55 21.53 -74.02 -24.64
CA PRO G 55 20.18 -74.16 -24.06
C PRO G 55 19.68 -75.59 -24.09
N VAL G 56 18.86 -75.94 -23.09
CA VAL G 56 18.36 -77.29 -22.91
C VAL G 56 16.84 -77.34 -22.88
N LYS G 57 16.22 -76.46 -22.09
CA LYS G 57 14.78 -76.46 -21.87
C LYS G 57 14.42 -75.14 -21.24
N GLU G 58 13.23 -74.64 -21.59
CA GLU G 58 12.67 -73.49 -20.91
C GLU G 58 11.23 -73.84 -20.55
N VAL G 59 10.88 -73.59 -19.30
CA VAL G 59 9.52 -73.82 -18.83
C VAL G 59 9.03 -72.50 -18.25
N GLY G 60 7.73 -72.33 -18.27
CA GLY G 60 7.08 -71.27 -17.54
C GLY G 60 6.50 -71.84 -16.26
N MET G 61 6.35 -70.98 -15.26
CA MET G 61 5.71 -71.35 -14.02
C MET G 61 4.55 -70.40 -13.76
N TYR G 62 3.52 -70.92 -13.10
CA TYR G 62 2.34 -70.13 -12.73
C TYR G 62 2.60 -69.42 -11.40
N GLY G 63 3.59 -68.52 -11.42
CA GLY G 63 4.02 -67.81 -10.23
C GLY G 63 5.29 -67.01 -10.46
N LYS G 64 5.52 -65.96 -9.66
CA LYS G 64 6.78 -65.23 -9.75
C LYS G 64 7.84 -66.01 -8.95
N ILE G 65 8.99 -66.27 -9.56
CA ILE G 65 10.01 -67.10 -8.91
C ILE G 65 10.73 -66.26 -7.86
N ALA G 66 10.51 -66.58 -6.59
CA ALA G 66 11.11 -65.85 -5.47
C ALA G 66 12.37 -66.51 -4.93
N VAL G 67 12.34 -67.83 -4.75
CA VAL G 67 13.50 -68.59 -4.32
C VAL G 67 13.83 -69.60 -5.40
N MET G 68 15.11 -69.73 -5.72
CA MET G 68 15.57 -70.75 -6.65
C MET G 68 16.89 -71.27 -6.11
N GLU G 69 16.93 -72.55 -5.80
CA GLU G 69 18.08 -73.16 -5.14
C GLU G 69 18.20 -74.61 -5.61
N LEU G 70 19.44 -75.06 -5.80
CA LEU G 70 19.73 -76.43 -6.15
C LEU G 70 20.31 -77.17 -4.95
N PHE G 71 19.92 -78.43 -4.80
CA PHE G 71 20.39 -79.26 -3.70
C PHE G 71 20.41 -80.72 -4.13
N ARG G 72 21.16 -81.52 -3.38
CA ARG G 72 21.34 -82.95 -3.67
C ARG G 72 21.25 -83.78 -2.41
N PRO G 73 20.07 -84.33 -2.11
CA PRO G 73 19.95 -85.15 -0.89
C PRO G 73 20.62 -86.50 -1.08
N LYS G 74 21.10 -87.06 0.04
CA LYS G 74 21.77 -88.35 0.01
C LYS G 74 20.93 -89.40 -0.69
N GLY G 75 21.52 -90.08 -1.66
CA GLY G 75 20.84 -91.10 -2.42
C GLY G 75 20.43 -90.66 -3.81
N GLU G 76 20.44 -89.36 -4.11
CA GLU G 76 20.08 -88.89 -5.43
C GLU G 76 21.30 -88.94 -6.32
N SER G 77 21.09 -89.30 -7.58
CA SER G 77 22.19 -89.34 -8.54
C SER G 77 22.61 -87.94 -8.95
N LYS G 78 21.69 -86.98 -8.89
CA LYS G 78 21.93 -85.64 -9.39
C LYS G 78 21.10 -84.64 -8.59
N ASP G 79 21.33 -83.36 -8.87
CA ASP G 79 20.70 -82.29 -8.11
C ASP G 79 19.21 -82.18 -8.39
N LEU G 80 18.48 -81.79 -7.36
CA LEU G 80 17.08 -81.41 -7.43
C LEU G 80 16.96 -79.89 -7.31
N LEU G 81 15.82 -79.36 -7.74
CA LEU G 81 15.58 -77.93 -7.77
C LEU G 81 14.45 -77.57 -6.81
N PHE G 82 14.70 -76.60 -5.94
CA PHE G 82 13.67 -76.03 -5.07
C PHE G 82 13.28 -74.65 -5.58
N ILE G 83 11.97 -74.43 -5.68
CA ILE G 83 11.44 -73.12 -6.08
C ILE G 83 10.27 -72.76 -5.16
N LEU G 84 10.24 -71.49 -4.77
CA LEU G 84 9.14 -70.91 -4.02
C LEU G 84 8.68 -69.68 -4.78
N THR G 85 7.38 -69.57 -5.04
CA THR G 85 6.89 -68.42 -5.78
C THR G 85 6.52 -67.29 -4.82
N ALA G 86 6.27 -66.11 -5.40
CA ALA G 86 5.92 -64.94 -4.59
C ALA G 86 4.57 -65.09 -3.91
N LYS G 87 3.72 -66.00 -4.39
CA LYS G 87 2.48 -66.35 -3.73
C LYS G 87 2.65 -67.54 -2.78
N TYR G 88 3.89 -67.93 -2.50
CA TYR G 88 4.22 -68.99 -1.54
C TYR G 88 3.90 -70.39 -2.07
N ASN G 89 4.03 -70.61 -3.37
CA ASN G 89 3.94 -71.94 -3.94
C ASN G 89 5.31 -72.58 -3.90
N ALA G 90 5.44 -73.68 -3.18
CA ALA G 90 6.71 -74.38 -3.06
C ALA G 90 6.66 -75.66 -3.90
N CYS G 91 7.82 -76.07 -4.39
CA CYS G 91 7.90 -77.33 -5.10
C CYS G 91 9.36 -77.73 -5.22
N ILE G 92 9.58 -79.04 -5.32
CA ILE G 92 10.88 -79.61 -5.60
C ILE G 92 10.79 -80.29 -6.95
N LEU G 93 11.69 -79.92 -7.85
CA LEU G 93 11.59 -80.33 -9.24
C LEU G 93 12.77 -81.22 -9.57
N GLU G 94 12.51 -82.14 -10.49
CA GLU G 94 13.52 -83.05 -11.00
C GLU G 94 13.49 -82.92 -12.51
N TYR G 95 14.66 -82.82 -13.10
CA TYR G 95 14.78 -82.86 -14.54
C TYR G 95 14.76 -84.32 -14.97
N LYS G 96 13.89 -84.65 -15.92
CA LYS G 96 13.84 -86.01 -16.42
C LYS G 96 13.65 -85.98 -17.92
N GLN G 97 14.56 -86.66 -18.63
CA GLN G 97 14.57 -86.69 -20.09
C GLN G 97 14.77 -88.12 -20.57
N SER G 98 13.93 -88.55 -21.49
CA SER G 98 14.02 -89.88 -22.11
C SER G 98 13.98 -89.71 -23.63
N GLY G 99 15.14 -89.80 -24.26
CA GLY G 99 15.26 -89.53 -25.69
C GLY G 99 15.11 -88.03 -25.96
N GLU G 100 14.19 -87.67 -26.87
CA GLU G 100 13.98 -86.27 -27.18
C GLU G 100 12.96 -85.60 -26.26
N SER G 101 12.28 -86.38 -25.42
CA SER G 101 11.20 -85.89 -24.57
C SER G 101 11.75 -85.39 -23.23
N ILE G 102 11.59 -84.09 -22.98
CA ILE G 102 12.08 -83.48 -21.76
C ILE G 102 10.89 -83.12 -20.88
N ASP G 103 10.98 -83.50 -19.61
CA ASP G 103 9.97 -83.20 -18.62
C ASP G 103 10.65 -82.61 -17.40
N ILE G 104 9.90 -81.84 -16.61
CA ILE G 104 10.35 -81.41 -15.31
C ILE G 104 9.35 -81.96 -14.32
N ILE G 105 9.79 -82.92 -13.53
CA ILE G 105 8.91 -83.68 -12.68
C ILE G 105 8.80 -82.95 -11.35
N THR G 106 7.59 -82.82 -10.85
CA THR G 106 7.33 -82.23 -9.56
C THR G 106 7.32 -83.35 -8.53
N ARG G 107 8.38 -83.46 -7.74
CA ARG G 107 8.47 -84.53 -6.76
C ARG G 107 7.73 -84.19 -5.48
N ALA G 108 7.66 -82.92 -5.14
CA ALA G 108 6.95 -82.45 -3.96
C ALA G 108 6.39 -81.07 -4.27
N HIS G 109 5.26 -80.75 -3.67
CA HIS G 109 4.67 -79.44 -3.90
C HIS G 109 3.74 -79.10 -2.75
N GLY G 110 3.57 -77.81 -2.52
CA GLY G 110 2.69 -77.31 -1.50
C GLY G 110 2.84 -75.82 -1.34
N ASN G 111 1.90 -75.24 -0.62
CA ASN G 111 1.86 -73.81 -0.36
C ASN G 111 2.20 -73.55 1.10
N VAL G 112 3.19 -72.69 1.35
CA VAL G 112 3.72 -72.52 2.70
C VAL G 112 3.21 -71.26 3.38
N GLN G 113 2.15 -70.65 2.86
CA GLN G 113 1.65 -69.41 3.45
C GLN G 113 1.09 -69.68 4.83
N ASP G 114 1.35 -68.75 5.75
CA ASP G 114 0.81 -68.82 7.10
C ASP G 114 -0.43 -67.94 7.20
N ARG G 115 -1.43 -68.41 7.92
CA ARG G 115 -2.65 -67.63 8.09
C ARG G 115 -2.35 -66.28 8.70
N ILE G 116 -1.44 -66.24 9.67
CA ILE G 116 -1.09 -65.02 10.37
C ILE G 116 0.42 -64.83 10.30
N GLY G 117 0.86 -63.65 9.88
CA GLY G 117 2.26 -63.32 9.82
C GLY G 117 2.49 -61.98 9.15
N ARG G 118 3.58 -61.31 9.51
CA ARG G 118 3.92 -60.02 8.91
C ARG G 118 5.00 -60.25 7.87
N PRO G 119 4.75 -59.97 6.59
CA PRO G 119 5.81 -60.11 5.58
C PRO G 119 7.04 -59.27 5.94
N SER G 120 8.21 -59.88 5.79
CA SER G 120 9.44 -59.25 6.22
C SER G 120 9.89 -58.15 5.25
N GLU G 121 10.62 -57.19 5.79
CA GLU G 121 11.05 -56.03 5.02
C GLU G 121 12.04 -56.43 3.92
N THR G 122 13.02 -57.28 4.23
CA THR G 122 14.01 -57.64 3.23
C THR G 122 13.58 -58.83 2.35
N GLY G 123 12.30 -59.21 2.41
CA GLY G 123 11.74 -60.18 1.49
C GLY G 123 11.94 -61.64 1.83
N ILE G 124 11.36 -62.49 0.97
CA ILE G 124 11.46 -63.94 1.14
C ILE G 124 12.92 -64.35 1.07
N ILE G 125 13.36 -65.17 2.01
CA ILE G 125 14.68 -65.77 1.97
C ILE G 125 14.54 -67.28 2.02
N GLY G 126 15.24 -67.97 1.12
CA GLY G 126 15.25 -69.40 1.14
C GLY G 126 16.67 -69.94 1.15
N ILE G 127 16.95 -70.84 2.09
CA ILE G 127 18.27 -71.44 2.27
C ILE G 127 18.06 -72.92 2.52
N ILE G 128 19.10 -73.70 2.23
CA ILE G 128 19.04 -75.16 2.38
C ILE G 128 20.29 -75.61 3.14
N ASP G 129 20.09 -76.57 4.04
CA ASP G 129 21.16 -77.08 4.88
C ASP G 129 22.25 -77.72 4.02
N PRO G 130 23.52 -77.61 4.45
CA PRO G 130 24.59 -78.29 3.69
C PRO G 130 24.39 -79.80 3.61
N GLU G 131 23.76 -80.39 4.61
CA GLU G 131 23.46 -81.81 4.63
C GLU G 131 22.14 -82.13 3.95
N CYS G 132 21.50 -81.15 3.30
CA CYS G 132 20.19 -81.35 2.69
C CYS G 132 19.25 -82.01 3.68
N ARG G 133 19.34 -81.57 4.94
CA ARG G 133 18.44 -82.03 5.98
C ARG G 133 17.14 -81.25 6.00
N MET G 134 17.16 -79.99 5.60
CA MET G 134 15.98 -79.16 5.69
C MET G 134 16.11 -77.96 4.75
N ILE G 135 14.97 -77.35 4.48
CA ILE G 135 14.87 -76.07 3.79
C ILE G 135 14.45 -75.03 4.82
N GLY G 136 15.22 -73.95 4.92
CA GLY G 136 14.86 -72.83 5.77
C GLY G 136 14.22 -71.72 4.94
N LEU G 137 13.13 -71.17 5.47
CA LEU G 137 12.46 -70.04 4.82
C LEU G 137 12.29 -68.93 5.85
N ARG G 138 12.66 -67.72 5.47
CA ARG G 138 12.37 -66.53 6.26
C ARG G 138 11.27 -65.79 5.49
N LEU G 139 10.02 -66.05 5.87
CA LEU G 139 8.88 -65.45 5.20
C LEU G 139 8.29 -64.27 5.97
N TYR G 140 8.25 -64.35 7.29
CA TYR G 140 7.59 -63.34 8.12
C TYR G 140 8.52 -62.92 9.25
N ASP G 141 8.31 -61.68 9.71
CA ASP G 141 9.07 -61.17 10.84
C ASP G 141 8.81 -62.04 12.06
N GLY G 142 9.86 -62.39 12.78
CA GLY G 142 9.71 -63.11 14.02
C GLY G 142 9.44 -64.57 13.87
N LEU G 143 9.52 -65.11 12.66
CA LEU G 143 9.31 -66.52 12.43
C LEU G 143 10.32 -67.10 11.46
N PHE G 144 10.70 -68.34 11.72
CA PHE G 144 11.58 -69.14 10.89
C PHE G 144 10.82 -70.43 10.56
N LYS G 145 10.62 -70.68 9.27
CA LYS G 145 9.86 -71.85 8.82
C LYS G 145 10.84 -72.94 8.38
N VAL G 146 10.59 -74.17 8.79
CA VAL G 146 11.43 -75.30 8.43
C VAL G 146 10.58 -76.32 7.68
N ILE G 147 10.98 -76.65 6.45
CA ILE G 147 10.46 -77.80 5.73
C ILE G 147 11.51 -78.93 5.88
N PRO G 148 11.21 -79.97 6.64
CA PRO G 148 12.20 -81.07 6.74
C PRO G 148 12.25 -81.86 5.45
N LEU G 149 13.47 -82.20 5.03
CA LEU G 149 13.68 -82.90 3.75
C LEU G 149 13.67 -84.41 3.98
N ASP G 150 12.49 -84.92 4.33
CA ASP G 150 12.23 -86.34 4.39
C ASP G 150 11.83 -86.81 3.00
N ARG G 151 12.13 -88.07 2.69
CA ARG G 151 11.77 -88.60 1.37
C ARG G 151 10.26 -88.61 1.17
N ASP G 152 9.50 -88.81 2.25
CA ASP G 152 8.05 -88.93 2.17
C ASP G 152 7.32 -87.58 2.20
N ASN G 153 8.03 -86.47 2.45
CA ASN G 153 7.39 -85.17 2.62
C ASN G 153 7.02 -84.56 1.26
N LYS G 154 6.16 -85.28 0.53
CA LYS G 154 5.77 -84.85 -0.81
C LYS G 154 4.78 -83.68 -0.79
N GLU G 155 4.16 -83.38 0.35
CA GLU G 155 3.30 -82.21 0.49
C GLU G 155 4.04 -81.01 1.09
N LEU G 156 5.33 -81.14 1.37
CA LEU G 156 6.15 -80.06 1.92
C LEU G 156 5.52 -79.48 3.18
N LYS G 157 5.10 -80.36 4.09
CA LYS G 157 4.59 -79.89 5.38
C LYS G 157 5.74 -79.28 6.17
N ALA G 158 5.40 -78.26 6.97
CA ALA G 158 6.44 -77.50 7.65
C ALA G 158 5.92 -77.02 9.00
N PHE G 159 6.84 -76.60 9.85
CA PHE G 159 6.55 -76.04 11.15
C PHE G 159 7.33 -74.75 11.31
N ASN G 160 6.85 -73.89 12.21
CA ASN G 160 7.48 -72.59 12.47
C ASN G 160 8.18 -72.61 13.82
N ILE G 161 9.37 -72.04 13.85
CA ILE G 161 10.12 -71.81 15.08
C ILE G 161 10.07 -70.33 15.41
N ARG G 162 9.65 -70.02 16.63
CA ARG G 162 9.60 -68.61 17.02
C ARG G 162 11.01 -68.03 16.94
N LEU G 163 11.09 -66.82 16.42
CA LEU G 163 12.34 -66.11 16.22
C LEU G 163 12.27 -64.87 17.09
N GLU G 164 13.24 -64.72 17.98
CA GLU G 164 13.21 -63.61 18.93
C GLU G 164 13.55 -62.30 18.24
N GLU G 165 14.39 -62.35 17.23
CA GLU G 165 14.85 -61.17 16.50
C GLU G 165 13.88 -60.84 15.38
N LEU G 166 13.05 -59.82 15.59
CA LEU G 166 11.95 -59.61 14.66
C LEU G 166 12.42 -59.07 13.32
N HIS G 167 13.50 -58.30 13.28
CA HIS G 167 13.97 -57.65 12.05
C HIS G 167 15.27 -58.28 11.58
N VAL G 168 15.13 -59.31 10.74
CA VAL G 168 16.26 -60.07 10.22
C VAL G 168 16.62 -59.55 8.82
N ILE G 169 17.89 -59.27 8.62
CA ILE G 169 18.39 -58.74 7.34
C ILE G 169 18.72 -59.86 6.35
N ASP G 170 19.56 -60.82 6.74
CA ASP G 170 19.95 -61.90 5.83
C ASP G 170 20.34 -63.12 6.66
N VAL G 171 20.16 -64.30 6.08
CA VAL G 171 20.43 -65.55 6.79
C VAL G 171 20.95 -66.61 5.82
N LYS G 172 21.84 -67.45 6.33
CA LYS G 172 22.42 -68.59 5.62
C LYS G 172 22.56 -69.77 6.59
N PHE G 173 22.57 -70.98 6.03
CA PHE G 173 22.94 -72.16 6.80
C PHE G 173 24.46 -72.24 6.83
N LEU G 174 25.04 -72.45 8.00
CA LEU G 174 26.50 -72.42 8.09
C LEU G 174 27.07 -73.81 7.76
N TYR G 175 28.35 -73.81 7.39
CA TYR G 175 29.09 -74.99 7.00
C TYR G 175 30.02 -75.39 8.14
N GLY G 176 30.27 -76.69 8.27
CA GLY G 176 31.25 -77.14 9.23
C GLY G 176 30.74 -77.29 10.63
N CYS G 177 29.46 -77.60 10.80
CA CYS G 177 28.83 -77.56 12.10
C CYS G 177 28.36 -78.93 12.55
N GLN G 178 28.48 -79.13 13.87
CA GLN G 178 28.13 -80.41 14.48
C GLN G 178 26.65 -80.69 14.30
N ALA G 179 25.84 -79.65 14.21
CA ALA G 179 24.41 -79.71 13.95
C ALA G 179 24.06 -78.68 12.88
N PRO G 180 22.90 -78.84 12.22
CA PRO G 180 22.43 -77.80 11.29
C PRO G 180 22.35 -76.44 11.96
N THR G 181 23.05 -75.42 11.44
CA THR G 181 23.16 -74.11 12.08
C THR G 181 22.90 -72.97 11.11
N ILE G 182 22.22 -71.92 11.60
CA ILE G 182 21.95 -70.72 10.82
C ILE G 182 22.74 -69.54 11.39
N CYS G 183 23.18 -68.65 10.50
CA CYS G 183 23.79 -67.37 10.86
C CYS G 183 23.01 -66.24 10.23
N PHE G 184 22.61 -65.25 11.04
CA PHE G 184 21.81 -64.15 10.54
C PHE G 184 22.29 -62.83 11.11
N VAL G 185 22.23 -61.78 10.28
CA VAL G 185 22.37 -60.41 10.74
C VAL G 185 20.96 -59.87 10.96
N TYR G 186 20.75 -59.24 12.10
CA TYR G 186 19.45 -58.70 12.46
C TYR G 186 19.64 -57.28 12.97
N GLN G 187 18.56 -56.52 13.00
CA GLN G 187 18.59 -55.14 13.43
C GLN G 187 17.59 -54.90 14.55
N ASP G 188 18.06 -54.28 15.61
CA ASP G 188 17.24 -53.85 16.74
C ASP G 188 17.66 -52.44 17.07
N PRO G 189 17.07 -51.82 18.09
CA PRO G 189 17.39 -50.40 18.37
C PRO G 189 18.85 -50.17 18.73
N GLN G 190 19.59 -51.21 19.12
CA GLN G 190 20.96 -51.06 19.58
C GLN G 190 21.98 -51.14 18.43
N GLY G 191 21.51 -51.21 17.19
CA GLY G 191 22.39 -51.37 16.04
C GLY G 191 22.12 -52.67 15.31
N ARG G 192 23.07 -53.13 14.50
CA ARG G 192 22.94 -54.43 13.87
C ARG G 192 23.89 -55.43 14.50
N HIS G 193 23.51 -56.69 14.45
CA HIS G 193 24.25 -57.75 15.11
C HIS G 193 24.17 -59.02 14.27
N VAL G 194 25.11 -59.92 14.51
CA VAL G 194 25.13 -61.25 13.91
C VAL G 194 25.00 -62.27 15.03
N LYS G 195 24.18 -63.30 14.80
CA LYS G 195 23.88 -64.31 15.81
C LYS G 195 23.77 -65.67 15.14
N THR G 196 23.94 -66.72 15.94
CA THR G 196 23.83 -68.09 15.48
C THR G 196 22.83 -68.85 16.33
N TYR G 197 22.10 -69.76 15.69
CA TYR G 197 21.18 -70.66 16.35
C TYR G 197 21.37 -72.05 15.74
N GLU G 198 21.10 -73.08 16.55
CA GLU G 198 21.07 -74.43 16.02
C GLU G 198 19.60 -74.83 15.85
N VAL G 199 19.35 -75.64 14.83
CA VAL G 199 17.99 -76.04 14.46
C VAL G 199 17.81 -77.52 14.78
N SER G 200 16.85 -77.81 15.65
CA SER G 200 16.54 -79.18 16.07
C SER G 200 15.24 -79.60 15.40
N LEU G 201 15.35 -80.48 14.39
CA LEU G 201 14.16 -81.02 13.74
C LEU G 201 13.34 -81.85 14.73
N ARG G 202 14.01 -82.54 15.65
CA ARG G 202 13.32 -83.40 16.60
C ARG G 202 12.52 -82.60 17.62
N GLU G 203 13.13 -81.56 18.20
CA GLU G 203 12.48 -80.73 19.18
C GLU G 203 11.65 -79.61 18.56
N LYS G 204 11.86 -79.33 17.28
CA LYS G 204 11.17 -78.24 16.57
C LYS G 204 11.38 -76.90 17.27
N GLU G 205 12.64 -76.60 17.60
CA GLU G 205 12.97 -75.32 18.23
C GLU G 205 14.45 -75.04 18.02
N PHE G 206 14.84 -73.80 18.33
CA PHE G 206 16.24 -73.38 18.26
C PHE G 206 16.94 -73.72 19.58
N ASN G 207 18.22 -74.06 19.49
CA ASN G 207 19.10 -74.20 20.64
C ASN G 207 20.21 -73.17 20.50
N LYS G 208 20.89 -72.87 21.61
CA LYS G 208 21.92 -71.84 21.54
C LYS G 208 22.96 -72.24 20.50
N GLY G 209 23.37 -71.28 19.69
CA GLY G 209 24.21 -71.52 18.54
C GLY G 209 25.69 -71.54 18.86
N PRO G 210 26.49 -71.94 17.86
CA PRO G 210 27.93 -72.14 18.12
C PRO G 210 28.68 -70.92 18.63
N TRP G 211 28.55 -69.74 18.02
CA TRP G 211 29.35 -68.63 18.47
C TRP G 211 28.54 -67.41 18.93
N LYS G 212 29.20 -66.60 19.76
CA LYS G 212 28.56 -65.47 20.40
C LYS G 212 28.19 -64.40 19.39
N GLN G 213 27.19 -63.59 19.74
CA GLN G 213 26.83 -62.48 18.88
C GLN G 213 27.97 -61.46 18.88
N GLU G 214 28.10 -60.73 17.79
CA GLU G 214 29.01 -59.59 17.70
C GLU G 214 28.25 -58.43 17.07
N ASN G 215 28.67 -57.22 17.41
CA ASN G 215 28.14 -56.03 16.76
C ASN G 215 28.76 -55.84 15.39
N VAL G 216 27.91 -55.54 14.40
CA VAL G 216 28.35 -55.43 13.02
C VAL G 216 28.05 -54.02 12.52
N GLU G 217 28.52 -53.76 11.31
CA GLU G 217 28.31 -52.48 10.65
C GLU G 217 26.83 -52.12 10.62
N ALA G 218 26.55 -50.82 10.75
CA ALA G 218 25.16 -50.36 10.78
C ALA G 218 24.41 -50.70 9.50
N GLU G 219 25.13 -50.83 8.38
CA GLU G 219 24.52 -51.22 7.13
C GLU G 219 24.96 -52.61 6.66
N ALA G 220 25.26 -53.50 7.60
CA ALA G 220 25.56 -54.90 7.25
C ALA G 220 24.41 -55.47 6.41
N SER G 221 24.74 -55.88 5.19
CA SER G 221 23.73 -56.22 4.18
C SER G 221 23.60 -57.71 3.88
N MET G 222 24.69 -58.46 3.82
CA MET G 222 24.63 -59.82 3.28
C MET G 222 25.46 -60.77 4.11
N VAL G 223 25.02 -62.04 4.16
CA VAL G 223 25.75 -63.09 4.85
C VAL G 223 26.25 -64.13 3.85
N ILE G 224 27.53 -64.45 3.95
CA ILE G 224 28.18 -65.46 3.13
C ILE G 224 28.61 -66.59 4.07
N ALA G 225 28.19 -67.82 3.77
CA ALA G 225 28.58 -68.99 4.56
C ALA G 225 29.86 -69.56 3.95
N VAL G 226 30.99 -69.33 4.61
CA VAL G 226 32.27 -69.77 4.05
C VAL G 226 32.35 -71.29 4.14
N PRO G 227 32.82 -71.99 3.11
CA PRO G 227 32.73 -73.45 3.08
C PRO G 227 33.81 -74.08 3.94
N GLU G 228 33.85 -75.41 3.91
CA GLU G 228 34.42 -76.18 5.02
C GLU G 228 35.87 -75.89 5.36
N PRO G 229 36.81 -75.71 4.41
CA PRO G 229 38.21 -75.49 4.84
C PRO G 229 38.36 -74.36 5.83
N PHE G 230 37.57 -73.30 5.68
CA PHE G 230 37.58 -72.14 6.55
C PHE G 230 36.46 -72.18 7.59
N GLY G 231 35.23 -72.46 7.14
CA GLY G 231 34.12 -72.43 8.06
C GLY G 231 33.80 -71.01 8.46
N GLY G 232 32.58 -70.76 8.91
CA GLY G 232 32.22 -69.46 9.40
C GLY G 232 31.35 -68.71 8.41
N ALA G 233 31.36 -67.38 8.55
CA ALA G 233 30.57 -66.50 7.71
C ALA G 233 31.32 -65.21 7.41
N ILE G 234 31.01 -64.62 6.25
CA ILE G 234 31.52 -63.31 5.84
C ILE G 234 30.34 -62.36 5.72
N ILE G 235 30.42 -61.21 6.41
CA ILE G 235 29.34 -60.22 6.43
C ILE G 235 29.77 -58.96 5.68
N ILE G 236 29.03 -58.65 4.62
CA ILE G 236 29.34 -57.55 3.71
C ILE G 236 28.51 -56.34 4.10
N GLY G 237 29.14 -55.18 4.22
CA GLY G 237 28.44 -53.95 4.50
C GLY G 237 28.66 -52.89 3.43
N GLN G 238 28.49 -51.63 3.80
CA GLN G 238 28.80 -50.50 2.93
C GLN G 238 30.27 -50.08 3.04
N GLU G 239 30.82 -50.11 4.24
CA GLU G 239 32.19 -49.66 4.47
C GLU G 239 33.17 -50.77 4.80
N SER G 240 32.70 -51.90 5.36
CA SER G 240 33.60 -52.92 5.87
C SER G 240 33.12 -54.32 5.51
N ILE G 241 34.07 -55.25 5.44
CA ILE G 241 33.81 -56.67 5.26
C ILE G 241 34.44 -57.42 6.42
N THR G 242 33.65 -58.26 7.08
CA THR G 242 34.05 -58.91 8.32
C THR G 242 33.87 -60.41 8.21
N TYR G 243 34.86 -61.15 8.71
CA TYR G 243 34.78 -62.60 8.84
C TYR G 243 34.52 -62.91 10.30
N HIS G 244 33.49 -63.71 10.57
CA HIS G 244 33.14 -64.11 11.93
C HIS G 244 33.06 -65.62 12.02
N ASN G 245 33.90 -66.20 12.87
CA ASN G 245 33.77 -67.59 13.26
C ASN G 245 34.35 -67.79 14.66
N GLY G 246 33.64 -68.58 15.47
CA GLY G 246 34.12 -68.92 16.79
C GLY G 246 34.69 -67.74 17.55
N ASP G 247 35.99 -67.80 17.85
CA ASP G 247 36.69 -66.72 18.53
C ASP G 247 37.45 -65.83 17.54
N LYS G 248 37.29 -66.07 16.25
CA LYS G 248 38.00 -65.36 15.19
C LYS G 248 37.14 -64.24 14.61
N TYR G 249 37.72 -63.04 14.55
CA TYR G 249 37.11 -61.85 13.95
C TYR G 249 38.14 -61.15 13.10
N LEU G 250 37.78 -60.87 11.85
CA LEU G 250 38.60 -60.11 10.93
C LEU G 250 37.71 -59.07 10.26
N ALA G 251 38.20 -57.84 10.17
CA ALA G 251 37.44 -56.78 9.50
C ALA G 251 38.41 -55.97 8.66
N ILE G 252 38.21 -56.01 7.34
CA ILE G 252 38.93 -55.18 6.38
C ILE G 252 37.93 -54.14 5.90
N ALA G 253 38.37 -52.89 5.82
CA ALA G 253 37.50 -51.76 5.45
C ALA G 253 38.20 -50.92 4.40
N PRO G 254 38.33 -51.45 3.18
CA PRO G 254 39.02 -50.71 2.11
C PRO G 254 38.19 -49.54 1.63
N PRO G 255 38.82 -48.39 1.37
CA PRO G 255 38.02 -47.20 1.01
C PRO G 255 37.28 -47.35 -0.30
N ILE G 256 37.65 -48.33 -1.13
CA ILE G 256 37.11 -48.39 -2.48
C ILE G 256 35.67 -48.90 -2.48
N ILE G 257 35.31 -49.81 -1.59
CA ILE G 257 33.96 -50.34 -1.61
C ILE G 257 32.95 -49.33 -1.09
N LYS G 258 33.39 -48.36 -0.29
CA LYS G 258 32.50 -47.31 0.22
C LYS G 258 31.88 -46.49 -0.91
N GLN G 259 32.51 -46.45 -2.08
CA GLN G 259 32.06 -45.56 -3.17
C GLN G 259 30.74 -46.01 -3.77
N SER G 260 30.51 -47.32 -3.86
CA SER G 260 29.23 -47.81 -4.38
C SER G 260 28.89 -49.10 -3.66
N THR G 261 27.61 -49.26 -3.36
CA THR G 261 27.10 -50.33 -2.54
C THR G 261 27.33 -51.70 -3.17
N ILE G 262 27.84 -52.64 -2.39
CA ILE G 262 27.97 -54.00 -2.88
C ILE G 262 26.60 -54.66 -2.79
N VAL G 263 26.19 -55.35 -3.86
CA VAL G 263 24.81 -55.83 -3.97
C VAL G 263 24.72 -57.31 -4.25
N CYS G 264 25.75 -57.95 -4.78
CA CYS G 264 25.71 -59.38 -5.06
C CYS G 264 27.08 -59.96 -4.77
N HIS G 265 27.10 -61.27 -4.51
CA HIS G 265 28.32 -62.01 -4.26
C HIS G 265 28.17 -63.40 -4.88
N ASN G 266 29.31 -64.02 -5.14
CA ASN G 266 29.30 -65.42 -5.58
C ASN G 266 30.64 -66.06 -5.22
N ARG G 267 30.58 -67.36 -4.91
CA ARG G 267 31.77 -68.12 -4.54
C ARG G 267 32.45 -68.62 -5.81
N VAL G 268 33.76 -68.37 -5.92
CA VAL G 268 34.54 -68.84 -7.07
C VAL G 268 35.22 -70.15 -6.71
N ASP G 269 36.10 -70.12 -5.71
CA ASP G 269 36.85 -71.32 -5.35
C ASP G 269 36.04 -72.15 -4.36
N PRO G 270 35.75 -73.41 -4.68
CA PRO G 270 34.88 -74.20 -3.80
C PRO G 270 35.43 -74.36 -2.40
N ASN G 271 36.74 -74.16 -2.20
CA ASN G 271 37.33 -74.20 -0.87
C ASN G 271 37.15 -72.90 -0.10
N GLY G 272 36.49 -71.90 -0.69
CA GLY G 272 36.24 -70.65 -0.01
C GLY G 272 37.34 -69.63 -0.15
N SER G 273 38.35 -69.90 -0.98
CA SER G 273 39.49 -69.01 -1.08
C SER G 273 39.14 -67.70 -1.77
N ARG G 274 38.24 -67.74 -2.77
CA ARG G 274 38.00 -66.56 -3.60
C ARG G 274 36.51 -66.40 -3.91
N TYR G 275 36.02 -65.17 -3.76
CA TYR G 275 34.62 -64.83 -4.01
C TYR G 275 34.56 -63.62 -4.95
N LEU G 276 33.44 -63.46 -5.68
CA LEU G 276 33.20 -62.29 -6.51
C LEU G 276 32.20 -61.36 -5.82
N LEU G 277 32.41 -60.05 -5.96
CA LEU G 277 31.49 -59.04 -5.41
C LEU G 277 31.09 -58.06 -6.52
N GLY G 278 29.83 -57.61 -6.49
CA GLY G 278 29.32 -56.65 -7.46
C GLY G 278 28.76 -55.42 -6.78
N ASP G 279 28.82 -54.30 -7.50
CA ASP G 279 28.43 -52.99 -6.97
C ASP G 279 27.51 -52.27 -7.95
N MET G 280 26.91 -51.17 -7.48
CA MET G 280 25.84 -50.54 -8.24
C MET G 280 26.35 -49.60 -9.33
N GLU G 281 27.65 -49.35 -9.41
CA GLU G 281 28.23 -48.60 -10.52
C GLU G 281 28.87 -49.53 -11.53
N GLY G 282 28.56 -50.83 -11.45
CA GLY G 282 29.05 -51.84 -12.38
C GLY G 282 30.36 -52.48 -12.02
N ARG G 283 30.97 -52.11 -10.90
CA ARG G 283 32.29 -52.61 -10.55
C ARG G 283 32.22 -54.04 -10.04
N LEU G 284 33.20 -54.84 -10.45
CA LEU G 284 33.32 -56.23 -10.05
C LEU G 284 34.60 -56.41 -9.25
N PHE G 285 34.47 -56.93 -8.04
CA PHE G 285 35.59 -57.15 -7.15
C PHE G 285 35.82 -58.63 -6.92
N MET G 286 37.04 -58.96 -6.51
CA MET G 286 37.40 -60.28 -6.03
C MET G 286 37.71 -60.17 -4.54
N LEU G 287 37.04 -61.00 -3.73
CA LEU G 287 37.30 -61.10 -2.30
C LEU G 287 38.15 -62.33 -2.06
N LEU G 288 39.38 -62.14 -1.58
CA LEU G 288 40.32 -63.23 -1.41
C LEU G 288 40.61 -63.48 0.06
N LEU G 289 40.49 -64.73 0.47
CA LEU G 289 40.72 -65.17 1.84
C LEU G 289 42.11 -65.80 1.92
N GLU G 290 43.01 -65.14 2.66
CA GLU G 290 44.39 -65.60 2.76
C GLU G 290 44.47 -66.76 3.74
N LYS G 291 44.96 -67.91 3.28
CA LYS G 291 44.98 -69.08 4.14
C LYS G 291 46.20 -68.97 5.05
N GLU G 292 46.07 -69.46 6.27
CA GLU G 292 47.17 -69.51 7.23
C GLU G 292 47.76 -70.91 7.24
N GLU G 293 49.09 -70.97 7.20
CA GLU G 293 49.79 -72.24 7.15
C GLU G 293 49.65 -73.01 8.46
N GLN G 294 49.31 -74.29 8.34
CA GLN G 294 49.29 -75.23 9.45
C GLN G 294 49.94 -76.49 8.89
N MET G 295 50.94 -77.03 9.57
CA MET G 295 51.60 -78.24 9.09
C MET G 295 50.69 -79.44 9.18
N ASP G 296 49.67 -79.43 10.05
CA ASP G 296 48.65 -80.45 9.98
C ASP G 296 47.68 -80.19 8.85
N GLY G 297 47.25 -78.93 8.74
CA GLY G 297 46.10 -78.63 7.92
C GLY G 297 44.89 -77.98 8.59
N THR G 298 44.92 -77.65 9.88
CA THR G 298 43.79 -76.97 10.51
C THR G 298 44.01 -75.48 10.24
N VAL G 299 43.33 -74.94 9.20
CA VAL G 299 43.59 -73.61 8.68
C VAL G 299 42.82 -72.57 9.48
N THR G 300 43.43 -71.38 9.57
CA THR G 300 42.84 -70.20 10.18
C THR G 300 42.98 -69.06 9.17
N LEU G 301 42.18 -68.02 9.30
CA LEU G 301 42.17 -66.93 8.32
C LEU G 301 43.20 -65.87 8.71
N LYS G 302 44.12 -65.59 7.79
CA LYS G 302 45.23 -64.67 8.02
C LYS G 302 44.78 -63.24 7.76
N ASP G 303 44.15 -62.98 6.63
CA ASP G 303 43.63 -61.66 6.30
C ASP G 303 42.70 -61.80 5.11
N LEU G 304 41.96 -60.73 4.85
CA LEU G 304 41.02 -60.61 3.76
C LEU G 304 41.49 -59.52 2.81
N ARG G 305 41.24 -59.72 1.51
CA ARG G 305 41.69 -58.77 0.50
C ARG G 305 40.57 -58.55 -0.49
N VAL G 306 40.48 -57.33 -1.00
CA VAL G 306 39.52 -56.97 -2.03
C VAL G 306 40.28 -56.34 -3.18
N GLU G 307 40.04 -56.83 -4.40
CA GLU G 307 40.73 -56.35 -5.58
C GLU G 307 39.72 -56.03 -6.67
N LEU G 308 39.85 -54.84 -7.26
CA LEU G 308 38.96 -54.44 -8.34
C LEU G 308 39.37 -55.13 -9.63
N LEU G 309 38.41 -55.79 -10.27
CA LEU G 309 38.68 -56.47 -11.53
C LEU G 309 38.34 -55.59 -12.75
N GLY G 310 37.20 -54.91 -12.72
CA GLY G 310 36.76 -54.08 -13.86
C GLY G 310 35.29 -53.70 -13.68
N GLU G 311 34.61 -53.60 -14.82
CA GLU G 311 33.20 -53.26 -14.84
C GLU G 311 32.38 -54.30 -15.61
N THR G 312 31.18 -54.59 -15.13
CA THR G 312 30.19 -55.41 -15.82
C THR G 312 28.91 -54.59 -15.91
N SER G 313 27.83 -55.16 -16.43
CA SER G 313 26.56 -54.46 -16.30
C SER G 313 26.19 -54.45 -14.82
N ILE G 314 25.46 -53.41 -14.41
CA ILE G 314 25.01 -53.33 -13.03
C ILE G 314 24.30 -54.65 -12.75
N ALA G 315 24.86 -55.46 -11.84
CA ALA G 315 24.49 -56.87 -11.75
C ALA G 315 23.57 -57.13 -10.57
N GLU G 316 22.46 -57.83 -10.83
CA GLU G 316 21.62 -58.34 -9.75
C GLU G 316 22.28 -59.55 -9.09
N CYS G 317 22.87 -60.44 -9.90
CA CYS G 317 23.52 -61.63 -9.39
C CYS G 317 24.68 -62.02 -10.28
N LEU G 318 25.67 -62.65 -9.67
CA LEU G 318 26.84 -63.20 -10.31
C LEU G 318 26.82 -64.70 -10.11
N THR G 319 27.32 -65.45 -11.09
CA THR G 319 27.54 -66.88 -10.88
C THR G 319 28.74 -67.25 -11.72
N TYR G 320 29.73 -67.87 -11.08
CA TYR G 320 30.97 -68.25 -11.77
C TYR G 320 30.80 -69.63 -12.41
N LEU G 321 31.00 -69.68 -13.71
CA LEU G 321 31.03 -70.90 -14.51
C LEU G 321 32.51 -71.26 -14.61
N ASP G 322 32.83 -72.54 -14.73
CA ASP G 322 34.24 -72.89 -14.78
C ASP G 322 34.91 -72.36 -16.06
N ASN G 323 36.24 -72.36 -16.01
CA ASN G 323 37.17 -71.85 -17.04
C ASN G 323 37.19 -70.33 -17.14
N GLY G 324 36.92 -69.64 -16.02
CA GLY G 324 37.06 -68.21 -15.98
C GLY G 324 35.92 -67.40 -16.54
N VAL G 325 34.81 -68.05 -16.89
CA VAL G 325 33.67 -67.39 -17.52
C VAL G 325 32.68 -67.10 -16.40
N VAL G 326 32.20 -65.86 -16.32
CA VAL G 326 31.27 -65.46 -15.27
C VAL G 326 30.02 -64.94 -15.94
N PHE G 327 28.87 -65.46 -15.50
CA PHE G 327 27.60 -64.99 -16.00
C PHE G 327 27.08 -63.87 -15.10
N VAL G 328 26.82 -62.72 -15.69
CA VAL G 328 26.36 -61.53 -14.99
C VAL G 328 24.88 -61.38 -15.27
N GLY G 329 24.06 -61.61 -14.25
CA GLY G 329 22.63 -61.46 -14.39
C GLY G 329 22.19 -60.07 -14.00
N SER G 330 21.72 -59.29 -14.96
CA SER G 330 21.34 -57.89 -14.74
C SER G 330 19.84 -57.71 -14.87
N ARG G 331 19.30 -56.82 -14.02
CA ARG G 331 17.89 -56.45 -14.03
C ARG G 331 17.70 -55.01 -14.47
N LEU G 332 18.78 -54.22 -14.53
CA LEU G 332 18.79 -52.83 -14.94
C LEU G 332 19.49 -52.59 -16.26
N GLY G 333 20.23 -53.57 -16.77
CA GLY G 333 20.92 -53.44 -18.05
C GLY G 333 21.02 -54.79 -18.74
N ASP G 334 21.76 -54.85 -19.84
CA ASP G 334 21.92 -56.14 -20.52
C ASP G 334 22.66 -57.13 -19.61
N SER G 335 22.25 -58.40 -19.66
CA SER G 335 22.99 -59.46 -19.02
C SER G 335 24.13 -59.91 -19.93
N GLN G 336 25.11 -60.60 -19.35
CA GLN G 336 26.29 -60.92 -20.15
C GLN G 336 27.04 -62.12 -19.59
N LEU G 337 27.86 -62.70 -20.46
CA LEU G 337 28.99 -63.54 -20.08
C LEU G 337 30.27 -62.73 -20.22
N VAL G 338 31.15 -62.81 -19.23
CA VAL G 338 32.42 -62.09 -19.26
C VAL G 338 33.58 -63.06 -19.01
N LYS G 339 34.74 -62.69 -19.54
CA LYS G 339 35.97 -63.43 -19.35
C LYS G 339 36.75 -62.73 -18.25
N LEU G 340 37.13 -63.48 -17.22
CA LEU G 340 38.02 -62.98 -16.19
C LEU G 340 39.42 -63.41 -16.59
N ASN G 341 40.31 -62.43 -16.79
CA ASN G 341 41.65 -62.72 -17.22
C ASN G 341 42.65 -62.50 -16.09
N VAL G 342 43.74 -63.27 -16.16
CA VAL G 342 44.88 -63.04 -15.28
C VAL G 342 45.58 -61.77 -15.71
N ASP G 343 45.53 -61.46 -17.01
CA ASP G 343 46.16 -60.29 -17.58
C ASP G 343 45.20 -59.11 -17.62
N SER G 344 45.68 -57.95 -17.20
CA SER G 344 44.94 -56.71 -17.34
C SER G 344 45.03 -56.24 -18.80
N ASN G 345 44.01 -55.51 -19.24
CA ASN G 345 44.02 -54.97 -20.59
C ASN G 345 44.66 -53.58 -20.61
N GLU G 346 44.51 -52.90 -21.74
CA GLU G 346 45.18 -51.63 -21.98
C GLU G 346 44.65 -50.53 -21.05
N GLN G 347 43.47 -50.72 -20.48
CA GLN G 347 42.87 -49.77 -19.55
C GLN G 347 43.10 -50.16 -18.08
N GLY G 348 43.72 -51.30 -17.82
CA GLY G 348 43.89 -51.80 -16.48
C GLY G 348 42.86 -52.80 -16.01
N SER G 349 41.94 -53.21 -16.88
CA SER G 349 40.84 -54.09 -16.51
C SER G 349 41.16 -55.55 -16.79
N TYR G 350 40.69 -56.42 -15.89
CA TYR G 350 40.81 -57.86 -16.05
C TYR G 350 39.54 -58.50 -16.60
N VAL G 351 38.55 -57.71 -17.00
CA VAL G 351 37.24 -58.18 -17.39
C VAL G 351 37.03 -57.88 -18.88
N VAL G 352 36.62 -58.89 -19.63
CA VAL G 352 36.35 -58.75 -21.06
C VAL G 352 35.02 -59.42 -21.40
N ALA G 353 34.15 -58.68 -22.07
CA ALA G 353 32.84 -59.20 -22.45
C ALA G 353 32.98 -60.27 -23.53
N MET G 354 32.25 -61.37 -23.35
CA MET G 354 32.14 -62.42 -24.37
C MET G 354 30.83 -62.27 -25.15
N GLU G 355 29.70 -62.31 -24.44
CA GLU G 355 28.39 -62.24 -25.04
C GLU G 355 27.54 -61.22 -24.30
N THR G 356 26.59 -60.65 -25.02
CA THR G 356 25.66 -59.68 -24.46
C THR G 356 24.25 -60.16 -24.74
N PHE G 357 23.47 -60.35 -23.69
CA PHE G 357 22.11 -60.85 -23.81
C PHE G 357 21.17 -59.66 -23.66
N THR G 358 20.33 -59.43 -24.66
CA THR G 358 19.46 -58.27 -24.63
C THR G 358 18.57 -58.33 -23.40
N ASN G 359 18.57 -57.24 -22.63
CA ASN G 359 17.63 -57.06 -21.52
C ASN G 359 16.92 -55.75 -21.81
N LEU G 360 15.62 -55.82 -22.10
CA LEU G 360 14.86 -54.60 -22.27
C LEU G 360 14.76 -53.79 -20.98
N GLY G 361 15.38 -54.27 -19.90
CA GLY G 361 15.55 -53.53 -18.68
C GLY G 361 14.22 -52.99 -18.19
N PRO G 362 14.24 -52.15 -17.15
CA PRO G 362 13.00 -51.44 -16.81
C PRO G 362 12.55 -50.62 -18.00
N ILE G 363 11.31 -50.84 -18.42
CA ILE G 363 10.70 -50.06 -19.47
C ILE G 363 9.95 -48.94 -18.74
N VAL G 364 10.60 -47.79 -18.62
CA VAL G 364 10.05 -46.66 -17.88
C VAL G 364 9.06 -45.88 -18.73
N ASP G 365 9.18 -45.94 -20.05
CA ASP G 365 8.26 -45.28 -20.96
C ASP G 365 8.41 -45.92 -22.33
N MET G 366 7.48 -45.61 -23.24
CA MET G 366 7.60 -46.07 -24.62
C MET G 366 6.60 -45.33 -25.49
N CYS G 367 6.87 -45.31 -26.80
CA CYS G 367 5.93 -44.77 -27.78
C CYS G 367 6.01 -45.59 -29.07
N VAL G 368 4.92 -45.57 -29.83
CA VAL G 368 4.81 -46.27 -31.10
C VAL G 368 4.88 -45.25 -32.23
N VAL G 369 5.79 -45.49 -33.18
CA VAL G 369 6.04 -44.61 -34.32
C VAL G 369 6.23 -45.51 -35.53
N ASP G 370 5.88 -45.01 -36.71
CA ASP G 370 6.05 -45.76 -37.95
C ASP G 370 7.02 -45.03 -38.89
N LEU G 371 8.32 -45.29 -38.71
CA LEU G 371 9.34 -44.57 -39.47
C LEU G 371 9.31 -44.93 -40.95
N GLU G 372 9.15 -46.22 -41.26
CA GLU G 372 9.07 -46.61 -42.66
C GLU G 372 7.75 -46.23 -43.27
N ARG G 373 6.80 -45.79 -42.44
CA ARG G 373 5.43 -45.54 -42.87
C ARG G 373 4.83 -46.77 -43.51
N GLN G 374 5.35 -47.94 -43.13
CA GLN G 374 4.90 -49.19 -43.72
C GLN G 374 3.60 -49.66 -43.08
N GLY G 375 3.03 -48.84 -42.20
CA GLY G 375 1.82 -49.30 -41.57
C GLY G 375 2.03 -50.41 -40.57
N GLN G 376 3.27 -50.79 -40.29
CA GLN G 376 3.54 -51.86 -39.33
C GLN G 376 3.78 -51.31 -37.93
N GLY G 377 4.52 -50.21 -37.82
CA GLY G 377 4.83 -49.59 -36.54
C GLY G 377 5.99 -50.18 -35.77
N GLN G 378 6.80 -49.30 -35.16
CA GLN G 378 7.95 -49.67 -34.36
C GLN G 378 7.76 -49.14 -32.94
N LEU G 379 8.26 -49.89 -31.96
CA LEU G 379 8.14 -49.53 -30.55
C LEU G 379 9.48 -49.00 -30.02
N VAL G 380 9.48 -47.74 -29.60
CA VAL G 380 10.67 -47.08 -29.05
C VAL G 380 10.50 -46.94 -27.55
N THR G 381 11.41 -47.52 -26.78
CA THR G 381 11.31 -47.59 -25.33
C THR G 381 12.41 -46.79 -24.65
N CYS G 382 12.13 -46.34 -23.42
CA CYS G 382 13.14 -45.85 -22.49
C CYS G 382 13.51 -47.00 -21.55
N SER G 383 14.70 -47.58 -21.75
CA SER G 383 15.03 -48.83 -21.07
C SER G 383 16.31 -48.71 -20.25
N GLY G 384 16.29 -49.34 -19.07
CA GLY G 384 17.45 -49.39 -18.21
C GLY G 384 17.53 -48.20 -17.27
N ALA G 385 18.57 -48.22 -16.45
CA ALA G 385 18.83 -47.10 -15.54
C ALA G 385 20.33 -46.89 -15.37
N PHE G 386 20.69 -45.65 -15.07
CA PHE G 386 22.06 -45.24 -14.76
C PHE G 386 22.93 -45.54 -15.98
N LYS G 387 24.11 -46.15 -15.82
CA LYS G 387 25.01 -46.32 -16.95
C LYS G 387 24.42 -47.26 -17.99
N GLU G 388 23.39 -48.04 -17.61
CA GLU G 388 22.75 -49.00 -18.49
C GLU G 388 21.56 -48.40 -19.24
N GLY G 389 21.30 -47.10 -19.05
CA GLY G 389 20.18 -46.49 -19.74
C GLY G 389 20.35 -46.57 -21.25
N SER G 390 19.23 -46.71 -21.94
CA SER G 390 19.24 -46.90 -23.39
C SER G 390 17.85 -46.59 -23.94
N LEU G 391 17.81 -46.33 -25.24
CA LEU G 391 16.58 -46.43 -26.01
C LEU G 391 16.61 -47.75 -26.76
N ARG G 392 15.44 -48.38 -26.91
CA ARG G 392 15.36 -49.61 -27.70
C ARG G 392 14.30 -49.46 -28.79
N ILE G 393 14.64 -49.88 -30.01
CA ILE G 393 13.75 -49.84 -31.15
C ILE G 393 13.33 -51.27 -31.47
N ILE G 394 12.04 -51.57 -31.36
CA ILE G 394 11.52 -52.93 -31.49
C ILE G 394 10.52 -53.02 -32.65
N ARG G 395 10.75 -53.99 -33.55
CA ARG G 395 9.89 -54.26 -34.69
C ARG G 395 9.75 -55.77 -34.93
N ASN G 396 8.66 -56.13 -35.60
CA ASN G 396 8.42 -57.53 -35.95
C ASN G 396 9.18 -57.88 -37.23
N GLY G 397 9.78 -59.07 -37.26
CA GLY G 397 10.51 -59.52 -38.42
C GLY G 397 9.55 -60.21 -39.38
N ILE G 398 9.56 -59.73 -40.63
CA ILE G 398 8.57 -60.15 -41.62
C ILE G 398 9.24 -60.68 -42.89
N LYS G 409 10.30 -63.86 -34.55
CA LYS G 409 11.02 -63.14 -33.51
C LYS G 409 11.07 -61.64 -33.76
N LEU G 410 11.51 -60.91 -32.74
CA LEU G 410 11.60 -59.45 -32.79
C LEU G 410 13.01 -58.98 -33.09
N HIS G 411 13.11 -57.93 -33.90
CA HIS G 411 14.38 -57.28 -34.18
C HIS G 411 14.51 -56.08 -33.24
N ILE G 412 15.60 -56.04 -32.47
CA ILE G 412 15.79 -55.02 -31.45
C ILE G 412 17.10 -54.29 -31.69
N ARG G 413 17.00 -52.98 -31.93
CA ARG G 413 18.15 -52.09 -32.05
C ARG G 413 18.35 -51.35 -30.73
N THR G 414 19.59 -51.26 -30.26
CA THR G 414 19.93 -50.67 -28.98
C THR G 414 20.67 -49.35 -29.17
N VAL G 415 20.21 -48.31 -28.49
CA VAL G 415 20.83 -46.98 -28.52
C VAL G 415 21.28 -46.60 -27.11
N PRO G 416 22.54 -46.84 -26.74
CA PRO G 416 22.98 -46.54 -25.37
C PRO G 416 22.99 -45.06 -25.04
N LEU G 417 22.58 -44.75 -23.79
CA LEU G 417 22.58 -43.39 -23.29
C LEU G 417 23.52 -43.15 -22.11
N TYR G 418 23.88 -44.19 -21.36
CA TYR G 418 24.79 -44.07 -20.22
C TYR G 418 24.22 -43.17 -19.13
N GLU G 419 22.94 -42.85 -19.21
CA GLU G 419 22.20 -42.18 -18.15
C GLU G 419 20.78 -42.71 -18.20
N SER G 420 19.97 -42.32 -17.23
CA SER G 420 18.65 -42.90 -17.11
C SER G 420 17.67 -42.21 -18.04
N PRO G 421 17.05 -42.92 -18.99
CA PRO G 421 15.95 -42.32 -19.75
C PRO G 421 14.67 -42.46 -18.94
N ARG G 422 13.86 -41.42 -18.98
CA ARG G 422 12.67 -41.28 -18.13
C ARG G 422 11.39 -41.20 -18.93
N LYS G 423 11.35 -40.40 -19.98
CA LYS G 423 10.18 -40.24 -20.82
C LYS G 423 10.62 -40.04 -22.27
N ILE G 424 9.79 -40.49 -23.20
CA ILE G 424 10.07 -40.33 -24.62
C ILE G 424 8.82 -39.86 -25.34
N CYS G 425 9.02 -39.03 -26.36
CA CYS G 425 7.93 -38.48 -27.13
C CYS G 425 8.45 -38.26 -28.55
N TYR G 426 7.65 -38.61 -29.54
CA TYR G 426 8.05 -38.53 -30.94
C TYR G 426 7.44 -37.30 -31.60
N GLN G 427 8.26 -36.54 -32.32
CA GLN G 427 7.84 -35.32 -33.00
C GLN G 427 8.15 -35.48 -34.50
N GLU G 428 7.11 -35.78 -35.29
CA GLU G 428 7.32 -36.00 -36.72
C GLU G 428 7.82 -34.74 -37.41
N VAL G 429 7.25 -33.59 -37.05
CA VAL G 429 7.63 -32.33 -37.68
C VAL G 429 9.14 -32.16 -37.70
N SER G 430 9.81 -32.62 -36.66
CA SER G 430 11.25 -32.44 -36.52
C SER G 430 12.04 -33.71 -36.79
N GLN G 431 11.40 -34.79 -37.22
CA GLN G 431 12.08 -36.04 -37.49
C GLN G 431 13.00 -36.44 -36.34
N CYS G 432 12.47 -36.35 -35.12
CA CYS G 432 13.28 -36.66 -33.95
C CYS G 432 12.39 -37.01 -32.78
N PHE G 433 13.00 -37.62 -31.77
CA PHE G 433 12.34 -37.92 -30.51
C PHE G 433 12.78 -36.92 -29.44
N GLY G 434 11.88 -36.65 -28.50
CA GLY G 434 12.25 -35.97 -27.29
C GLY G 434 12.34 -37.00 -26.18
N VAL G 435 13.42 -36.92 -25.40
CA VAL G 435 13.64 -37.85 -24.31
C VAL G 435 14.07 -37.07 -23.08
N LEU G 436 13.34 -37.27 -21.98
CA LEU G 436 13.76 -36.75 -20.69
C LEU G 436 14.73 -37.74 -20.06
N SER G 437 15.80 -37.23 -19.46
CA SER G 437 16.78 -38.13 -18.86
C SER G 437 17.38 -37.48 -17.61
N SER G 438 17.97 -38.33 -16.77
CA SER G 438 18.69 -37.84 -15.60
C SER G 438 19.97 -38.64 -15.40
N ARG G 439 21.04 -37.93 -15.06
CA ARG G 439 22.35 -38.49 -14.80
C ARG G 439 22.77 -38.11 -13.39
N ILE G 440 23.54 -38.98 -12.73
CA ILE G 440 23.96 -38.77 -11.36
C ILE G 440 25.35 -38.14 -11.34
N GLU G 441 25.45 -36.96 -10.71
CA GLU G 441 26.70 -36.32 -10.37
C GLU G 441 26.86 -36.35 -8.85
N VAL G 442 28.08 -36.11 -8.39
CA VAL G 442 28.40 -36.18 -6.97
C VAL G 442 29.02 -34.86 -6.53
N GLN G 443 28.65 -34.43 -5.33
CA GLN G 443 29.17 -33.19 -4.77
C GLN G 443 30.67 -33.29 -4.58
N ASP G 444 31.41 -32.33 -5.13
CA ASP G 444 32.86 -32.41 -5.10
C ASP G 444 33.46 -31.24 -4.33
N THR G 445 34.80 -31.29 -4.22
CA THR G 445 35.57 -30.37 -3.38
C THR G 445 35.58 -28.95 -3.90
N SER G 446 35.19 -28.73 -5.16
CA SER G 446 35.08 -27.36 -5.67
C SER G 446 33.85 -26.63 -5.15
N GLY G 447 32.88 -27.37 -4.58
CA GLY G 447 31.59 -26.84 -4.26
C GLY G 447 30.55 -27.21 -5.29
N GLY G 448 30.98 -27.41 -6.54
CA GLY G 448 30.09 -27.87 -7.59
C GLY G 448 29.94 -29.37 -7.56
N THR G 449 29.66 -29.95 -8.72
CA THR G 449 29.50 -31.40 -8.82
C THR G 449 30.27 -31.94 -10.01
N THR G 450 30.51 -33.25 -9.98
CA THR G 450 31.30 -33.93 -10.98
C THR G 450 30.59 -35.20 -11.41
N ALA G 451 30.43 -35.35 -12.72
CA ALA G 451 29.78 -36.53 -13.29
C ALA G 451 30.75 -37.71 -13.25
N LEU G 452 30.21 -38.89 -12.98
CA LEU G 452 31.03 -40.09 -12.83
C LEU G 452 31.50 -40.65 -14.16
N ARG G 453 30.81 -40.31 -15.25
CA ARG G 453 31.13 -40.78 -16.59
C ARG G 453 30.41 -39.85 -17.56
N PRO G 454 30.91 -39.71 -18.80
CA PRO G 454 30.15 -38.93 -19.79
C PRO G 454 28.92 -39.69 -20.26
N SER G 455 27.87 -38.94 -20.61
CA SER G 455 26.63 -39.57 -21.04
C SER G 455 25.89 -38.63 -21.99
N ALA G 456 24.73 -39.08 -22.44
CA ALA G 456 24.04 -38.42 -23.55
C ALA G 456 23.88 -36.92 -23.32
N SER G 457 23.53 -36.52 -22.10
CA SER G 457 23.23 -35.10 -21.89
C SER G 457 24.48 -34.22 -21.96
N THR G 458 25.67 -34.82 -21.88
CA THR G 458 26.92 -34.08 -21.99
C THR G 458 27.61 -34.26 -23.34
N GLN G 459 27.22 -35.26 -24.11
CA GLN G 459 27.85 -35.58 -25.39
C GLN G 459 26.99 -35.22 -26.59
N ALA G 460 26.10 -34.24 -26.43
CA ALA G 460 25.27 -33.76 -27.51
C ALA G 460 26.06 -32.84 -28.44
N LEU G 461 25.60 -32.78 -29.69
CA LEU G 461 26.21 -31.85 -30.64
C LEU G 461 26.06 -30.42 -30.15
N SER G 462 24.84 -30.03 -29.82
CA SER G 462 24.53 -28.76 -29.20
C SER G 462 23.97 -28.98 -27.80
N SER G 463 24.24 -28.04 -26.90
CA SER G 463 23.77 -28.15 -25.53
C SER G 463 23.36 -26.77 -25.04
N SER G 464 22.44 -26.75 -24.08
CA SER G 464 21.96 -25.50 -23.50
C SER G 464 21.59 -25.77 -22.05
N VAL G 465 21.62 -24.72 -21.23
CA VAL G 465 21.32 -24.82 -19.82
C VAL G 465 20.26 -23.78 -19.47
N SER G 466 19.33 -24.18 -18.60
CA SER G 466 18.23 -23.30 -18.23
C SER G 466 18.76 -22.06 -17.51
N SER G 467 18.23 -20.91 -17.89
CA SER G 467 18.57 -19.63 -17.28
C SER G 467 17.40 -19.05 -16.52
N SER G 468 16.37 -19.83 -16.27
CA SER G 468 15.17 -19.31 -15.64
C SER G 468 15.48 -18.79 -14.25
N LYS G 469 14.87 -17.65 -13.93
CA LYS G 469 14.94 -17.04 -12.61
C LYS G 469 13.58 -17.10 -11.92
N LEU G 470 12.69 -17.97 -12.39
CA LEU G 470 11.32 -18.02 -11.88
C LEU G 470 11.29 -18.30 -10.38
N PHE G 471 12.12 -19.22 -9.91
CA PHE G 471 12.24 -19.46 -8.49
C PHE G 471 13.26 -18.55 -7.84
N SER G 472 14.02 -17.83 -8.66
CA SER G 472 14.83 -16.66 -8.31
C SER G 472 15.54 -16.89 -6.99
N SER G 473 15.39 -16.01 -6.00
CA SER G 473 16.12 -16.17 -4.77
C SER G 473 15.62 -17.34 -3.97
N SER G 474 14.32 -17.64 -4.04
CA SER G 474 13.74 -18.74 -3.30
C SER G 474 13.88 -18.50 -1.79
N THR G 475 15.04 -17.97 -1.38
CA THR G 475 15.39 -17.77 0.02
C THR G 475 15.17 -19.06 0.82
N ALA G 476 15.69 -20.15 0.28
CA ALA G 476 15.66 -21.46 0.92
C ALA G 476 17.01 -22.09 0.67
N PRO G 477 18.03 -21.68 1.43
CA PRO G 477 19.37 -22.23 1.20
C PRO G 477 19.42 -23.68 1.68
N HIS G 478 19.99 -24.55 0.85
CA HIS G 478 20.12 -25.96 1.18
C HIS G 478 21.59 -26.34 1.28
N GLU G 479 21.92 -27.08 2.34
CA GLU G 479 23.29 -27.47 2.61
C GLU G 479 23.70 -28.62 1.71
N THR G 480 24.92 -28.54 1.20
CA THR G 480 25.48 -29.54 0.30
C THR G 480 26.71 -30.11 0.97
N SER G 481 26.78 -31.43 1.08
CA SER G 481 27.88 -32.13 1.71
C SER G 481 28.65 -32.95 0.69
N PHE G 482 29.98 -32.96 0.83
CA PHE G 482 30.82 -33.69 -0.10
C PHE G 482 30.47 -35.17 -0.09
N GLY G 483 30.36 -35.76 -1.28
CA GLY G 483 30.06 -37.17 -1.43
C GLY G 483 28.61 -37.48 -1.68
N GLU G 484 27.72 -36.51 -1.48
CA GLU G 484 26.30 -36.73 -1.74
C GLU G 484 26.05 -36.78 -3.24
N GLU G 485 25.04 -37.56 -3.64
CA GLU G 485 24.63 -37.64 -5.02
C GLU G 485 23.56 -36.58 -5.30
N VAL G 486 23.49 -36.15 -6.56
CA VAL G 486 22.40 -35.31 -7.04
C VAL G 486 22.04 -35.80 -8.43
N GLU G 487 20.79 -35.60 -8.82
CA GLU G 487 20.35 -35.90 -10.18
C GLU G 487 20.34 -34.62 -11.00
N VAL G 488 20.79 -34.73 -12.24
CA VAL G 488 20.70 -33.65 -13.21
C VAL G 488 19.81 -34.09 -14.35
N HIS G 489 18.79 -33.30 -14.65
CA HIS G 489 17.76 -33.68 -15.60
C HIS G 489 17.92 -32.90 -16.90
N ASN G 490 17.61 -33.55 -18.02
CA ASN G 490 17.81 -32.96 -19.33
C ASN G 490 16.72 -33.40 -20.28
N LEU G 491 16.53 -32.62 -21.34
CA LEU G 491 15.72 -33.03 -22.49
C LEU G 491 16.67 -33.30 -23.63
N LEU G 492 16.60 -34.50 -24.19
CA LEU G 492 17.45 -34.92 -25.29
C LEU G 492 16.62 -34.93 -26.56
N ILE G 493 17.11 -34.28 -27.60
CA ILE G 493 16.51 -34.34 -28.93
C ILE G 493 17.34 -35.31 -29.76
N ILE G 494 16.70 -36.33 -30.32
CA ILE G 494 17.40 -37.48 -30.88
C ILE G 494 16.84 -37.79 -32.26
N ASP G 495 17.74 -37.85 -33.25
CA ASP G 495 17.34 -38.06 -34.64
C ASP G 495 16.72 -39.43 -34.83
N GLN G 496 15.68 -39.51 -35.65
CA GLN G 496 14.92 -40.74 -35.80
C GLN G 496 15.63 -41.78 -36.67
N HIS G 497 16.68 -41.41 -37.40
CA HIS G 497 17.39 -42.36 -38.26
C HIS G 497 18.71 -42.81 -37.65
N THR G 498 19.52 -41.87 -37.17
CA THR G 498 20.79 -42.18 -36.54
C THR G 498 20.69 -42.33 -35.03
N PHE G 499 19.65 -41.75 -34.39
CA PHE G 499 19.52 -41.77 -32.94
C PHE G 499 20.74 -41.14 -32.30
N GLU G 500 21.07 -39.95 -32.77
CA GLU G 500 22.13 -39.10 -32.27
C GLU G 500 21.57 -37.99 -31.41
N VAL G 501 22.30 -37.63 -30.36
CA VAL G 501 21.82 -36.57 -29.48
C VAL G 501 22.11 -35.24 -30.18
N LEU G 502 21.09 -34.67 -30.83
CA LEU G 502 21.26 -33.45 -31.61
C LEU G 502 21.31 -32.24 -30.71
N HIS G 503 20.56 -32.24 -29.61
CA HIS G 503 20.58 -31.18 -28.63
C HIS G 503 20.35 -31.80 -27.26
N ALA G 504 20.81 -31.11 -26.21
CA ALA G 504 20.50 -31.51 -24.85
C ALA G 504 20.33 -30.27 -24.00
N HIS G 505 19.18 -30.17 -23.31
CA HIS G 505 18.88 -29.04 -22.46
C HIS G 505 18.92 -29.48 -21.01
N GLN G 506 19.75 -28.82 -20.21
CA GLN G 506 19.86 -29.13 -18.79
C GLN G 506 18.90 -28.24 -17.99
N PHE G 507 18.12 -28.88 -17.12
CA PHE G 507 17.15 -28.17 -16.31
C PHE G 507 17.81 -27.58 -15.08
N LEU G 508 17.03 -26.83 -14.31
CA LEU G 508 17.57 -26.08 -13.20
C LEU G 508 18.17 -27.00 -12.14
N GLN G 509 19.05 -26.41 -11.33
CA GLN G 509 19.62 -27.14 -10.21
C GLN G 509 18.52 -27.63 -9.29
N ASN G 510 18.53 -28.93 -9.00
CA ASN G 510 17.54 -29.60 -8.18
C ASN G 510 16.17 -29.69 -8.82
N GLU G 511 16.06 -29.50 -10.13
CA GLU G 511 14.79 -29.60 -10.83
C GLU G 511 14.66 -30.96 -11.54
N TYR G 512 13.55 -31.65 -11.28
CA TYR G 512 13.23 -32.91 -11.93
C TYR G 512 12.25 -32.71 -13.07
N ALA G 513 12.53 -33.35 -14.22
CA ALA G 513 11.61 -33.41 -15.34
C ALA G 513 10.76 -34.67 -15.19
N LEU G 514 9.43 -34.49 -15.13
CA LEU G 514 8.52 -35.60 -14.90
C LEU G 514 7.64 -35.95 -16.08
N SER G 515 7.34 -35.02 -16.96
CA SER G 515 6.35 -35.24 -18.00
C SER G 515 6.75 -34.54 -19.29
N LEU G 516 6.37 -35.15 -20.41
CA LEU G 516 6.79 -34.70 -21.72
C LEU G 516 5.70 -34.97 -22.74
N VAL G 517 5.40 -33.95 -23.56
CA VAL G 517 4.49 -34.09 -24.68
C VAL G 517 5.07 -33.36 -25.89
N SER G 518 4.62 -33.77 -27.07
CA SER G 518 4.89 -33.11 -28.33
C SER G 518 3.54 -32.82 -28.97
N CYS G 519 3.28 -31.54 -29.27
CA CYS G 519 1.97 -31.18 -29.80
C CYS G 519 1.93 -29.74 -30.29
N LYS G 520 0.86 -29.42 -31.02
CA LYS G 520 0.46 -28.06 -31.35
C LYS G 520 -0.63 -27.62 -30.38
N LEU G 521 -0.65 -26.33 -30.03
CA LEU G 521 -1.66 -25.81 -29.12
C LEU G 521 -2.37 -24.60 -29.74
N GLY G 522 -3.62 -24.41 -29.33
CA GLY G 522 -4.39 -23.25 -29.78
C GLY G 522 -4.43 -23.20 -31.28
N LYS G 523 -4.27 -22.00 -31.84
CA LYS G 523 -4.13 -21.82 -33.28
C LYS G 523 -2.67 -21.64 -33.69
N ASP G 524 -1.74 -22.01 -32.82
CA ASP G 524 -0.32 -21.83 -33.09
C ASP G 524 0.18 -22.98 -33.95
N PRO G 525 0.66 -22.73 -35.17
CA PRO G 525 1.01 -23.84 -36.07
C PRO G 525 2.31 -24.54 -35.70
N ASN G 526 3.11 -23.96 -34.81
CA ASN G 526 4.38 -24.56 -34.44
C ASN G 526 4.15 -25.75 -33.53
N THR G 527 4.95 -26.80 -33.74
CA THR G 527 4.88 -27.99 -32.90
C THR G 527 5.94 -27.85 -31.80
N TYR G 528 5.52 -27.96 -30.55
CA TYR G 528 6.38 -27.71 -29.42
C TYR G 528 6.67 -29.00 -28.65
N PHE G 529 7.79 -28.98 -27.93
CA PHE G 529 8.06 -29.92 -26.83
C PHE G 529 7.72 -29.21 -25.52
N ILE G 530 6.87 -29.82 -24.71
CA ILE G 530 6.47 -29.24 -23.43
C ILE G 530 6.88 -30.20 -22.32
N VAL G 531 7.52 -29.68 -21.28
CA VAL G 531 8.07 -30.48 -20.20
C VAL G 531 7.46 -30.03 -18.87
N GLY G 532 7.10 -31.00 -18.04
CA GLY G 532 6.60 -30.74 -16.70
C GLY G 532 7.64 -31.12 -15.65
N THR G 533 7.90 -30.21 -14.73
CA THR G 533 8.99 -30.36 -13.78
C THR G 533 8.52 -30.17 -12.36
N ALA G 534 9.41 -30.50 -11.43
CA ALA G 534 9.19 -30.35 -10.00
C ALA G 534 10.49 -29.95 -9.32
N MET G 535 10.42 -29.00 -8.39
CA MET G 535 11.60 -28.62 -7.60
C MET G 535 11.68 -29.56 -6.40
N VAL G 536 12.73 -30.37 -6.38
CA VAL G 536 12.89 -31.50 -5.46
C VAL G 536 14.00 -31.19 -4.46
N TYR G 537 13.62 -31.07 -3.19
CA TYR G 537 14.55 -30.97 -2.07
C TYR G 537 14.28 -32.09 -1.09
N PRO G 538 15.31 -32.72 -0.51
CA PRO G 538 15.03 -33.78 0.47
C PRO G 538 14.11 -33.33 1.59
N GLU G 539 14.12 -32.03 1.91
CA GLU G 539 13.37 -31.52 3.05
C GLU G 539 11.86 -31.58 2.83
N GLU G 540 11.40 -31.50 1.58
CA GLU G 540 9.97 -31.44 1.30
C GLU G 540 9.42 -32.85 1.16
N ALA G 541 8.32 -33.13 1.86
CA ALA G 541 7.66 -34.43 1.68
C ALA G 541 7.00 -34.50 0.31
N GLU G 542 6.59 -33.35 -0.22
CA GLU G 542 5.90 -33.28 -1.46
C GLU G 542 6.34 -31.97 -2.09
N PRO G 543 6.74 -31.97 -3.36
CA PRO G 543 7.21 -30.72 -3.97
C PRO G 543 6.14 -29.64 -3.92
N LYS G 544 6.59 -28.41 -3.70
CA LYS G 544 5.71 -27.26 -3.61
C LYS G 544 5.94 -26.24 -4.73
N GLN G 545 6.88 -26.49 -5.64
CA GLN G 545 7.14 -25.58 -6.74
C GLN G 545 7.36 -26.40 -8.01
N GLY G 546 7.07 -25.80 -9.16
CA GLY G 546 7.24 -26.51 -10.42
C GLY G 546 7.07 -25.60 -11.62
N ARG G 547 7.35 -26.17 -12.79
CA ARG G 547 7.23 -25.44 -14.04
C ARG G 547 6.57 -26.29 -15.11
N ILE G 548 5.88 -25.60 -16.02
CA ILE G 548 5.49 -26.14 -17.32
C ILE G 548 6.22 -25.27 -18.34
N VAL G 549 7.18 -25.85 -19.07
CA VAL G 549 8.14 -25.14 -19.97
C VAL G 549 7.70 -25.52 -21.39
N VAL G 550 7.67 -24.57 -22.33
CA VAL G 550 7.38 -24.85 -23.74
C VAL G 550 8.67 -24.67 -24.56
N PHE G 551 9.05 -25.71 -25.33
CA PHE G 551 10.24 -25.64 -26.16
C PHE G 551 9.90 -25.82 -27.63
N GLN G 552 10.73 -25.21 -28.51
CA GLN G 552 10.69 -25.43 -29.95
C GLN G 552 12.06 -25.82 -30.46
N TYR G 553 12.13 -26.92 -31.20
CA TYR G 553 13.36 -27.34 -31.85
C TYR G 553 13.43 -26.76 -33.25
N SER G 554 14.39 -25.86 -33.48
CA SER G 554 14.59 -25.22 -34.76
C SER G 554 16.07 -25.07 -35.00
N ASP G 555 16.54 -25.52 -36.16
CA ASP G 555 17.93 -25.38 -36.58
C ASP G 555 18.89 -25.92 -35.51
N GLY G 556 18.63 -27.15 -35.08
CA GLY G 556 19.56 -27.81 -34.18
C GLY G 556 19.63 -27.25 -32.78
N LYS G 557 18.77 -26.30 -32.44
CA LYS G 557 18.72 -25.69 -31.13
C LYS G 557 17.29 -25.64 -30.60
N LEU G 558 17.14 -25.96 -29.32
CA LEU G 558 15.87 -25.90 -28.62
C LEU G 558 15.69 -24.50 -28.04
N GLN G 559 14.55 -23.88 -28.34
CA GLN G 559 14.25 -22.53 -27.89
C GLN G 559 13.16 -22.56 -26.83
N THR G 560 13.28 -21.67 -25.84
CA THR G 560 12.28 -21.58 -24.79
C THR G 560 11.21 -20.58 -25.21
N VAL G 561 10.00 -21.08 -25.46
CA VAL G 561 8.95 -20.22 -25.98
C VAL G 561 8.20 -19.54 -24.84
N ALA G 562 7.99 -20.26 -23.74
CA ALA G 562 7.25 -19.72 -22.61
C ALA G 562 7.43 -20.65 -21.42
N GLU G 563 7.24 -20.07 -20.23
CA GLU G 563 7.37 -20.75 -18.95
C GLU G 563 6.21 -20.42 -18.04
N LYS G 564 5.68 -21.44 -17.37
CA LYS G 564 4.55 -21.27 -16.46
C LYS G 564 4.88 -21.87 -15.10
N GLU G 565 4.76 -21.06 -14.05
CA GLU G 565 5.04 -21.51 -12.70
C GLU G 565 3.85 -22.25 -12.11
N VAL G 566 4.12 -23.34 -11.38
CA VAL G 566 3.08 -24.07 -10.66
C VAL G 566 3.56 -24.37 -9.24
N LYS G 567 2.61 -24.68 -8.36
CA LYS G 567 2.90 -24.89 -6.95
C LYS G 567 2.92 -26.37 -6.59
N GLY G 568 3.68 -27.15 -7.35
CA GLY G 568 3.74 -28.57 -7.10
C GLY G 568 4.41 -29.26 -8.27
N ALA G 569 4.33 -30.59 -8.27
CA ALA G 569 4.95 -31.39 -9.30
C ALA G 569 3.98 -31.62 -10.46
N VAL G 570 4.47 -31.38 -11.67
CA VAL G 570 3.66 -31.61 -12.89
C VAL G 570 3.89 -33.07 -13.26
N TYR G 571 3.14 -33.96 -12.60
CA TYR G 571 3.36 -35.38 -12.79
C TYR G 571 3.00 -35.84 -14.20
N SER G 572 1.98 -35.23 -14.81
CA SER G 572 1.50 -35.72 -16.10
C SER G 572 0.96 -34.58 -16.97
N MET G 573 1.15 -34.71 -18.29
CA MET G 573 0.56 -33.80 -19.27
C MET G 573 0.04 -34.58 -20.46
N VAL G 574 -0.95 -34.00 -21.14
CA VAL G 574 -1.52 -34.61 -22.34
C VAL G 574 -2.18 -33.53 -23.18
N GLU G 575 -2.05 -33.66 -24.50
CA GLU G 575 -2.72 -32.72 -25.40
C GLU G 575 -4.22 -32.96 -25.31
N PHE G 576 -5.00 -31.88 -25.25
CA PHE G 576 -6.45 -31.99 -25.04
C PHE G 576 -7.15 -30.95 -25.91
N ASN G 577 -7.49 -31.36 -27.13
CA ASN G 577 -8.31 -30.54 -28.02
C ASN G 577 -7.76 -29.12 -28.16
N GLY G 578 -6.46 -29.04 -28.44
CA GLY G 578 -5.80 -27.76 -28.59
C GLY G 578 -5.46 -27.06 -27.30
N LYS G 579 -5.71 -27.69 -26.16
CA LYS G 579 -5.39 -27.15 -24.84
C LYS G 579 -4.44 -28.13 -24.16
N LEU G 580 -3.77 -27.65 -23.12
CA LEU G 580 -2.82 -28.47 -22.37
C LEU G 580 -3.44 -28.92 -21.05
N LEU G 581 -3.59 -30.23 -20.89
CA LEU G 581 -4.10 -30.83 -19.67
C LEU G 581 -2.93 -31.32 -18.84
N ALA G 582 -2.80 -30.80 -17.62
CA ALA G 582 -1.67 -31.11 -16.75
C ALA G 582 -2.16 -31.37 -15.34
N SER G 583 -1.49 -32.29 -14.66
CA SER G 583 -1.75 -32.63 -13.28
C SER G 583 -0.63 -32.05 -12.42
N ILE G 584 -1.01 -31.21 -11.46
CA ILE G 584 -0.06 -30.60 -10.52
C ILE G 584 -0.46 -31.06 -9.13
N ASN G 585 0.28 -32.02 -8.58
CA ASN G 585 0.05 -32.61 -7.25
C ASN G 585 -1.38 -33.17 -7.21
N SER G 586 -2.26 -32.67 -6.32
CA SER G 586 -3.65 -33.10 -6.26
C SER G 586 -4.51 -32.50 -7.36
N THR G 587 -4.07 -31.41 -7.96
CA THR G 587 -4.87 -30.67 -8.93
C THR G 587 -4.71 -31.24 -10.34
N VAL G 588 -5.82 -31.27 -11.08
CA VAL G 588 -5.87 -31.53 -12.51
C VAL G 588 -6.32 -30.24 -13.18
N ARG G 589 -5.48 -29.69 -14.05
CA ARG G 589 -5.69 -28.37 -14.63
C ARG G 589 -5.70 -28.41 -16.16
N LEU G 590 -6.55 -27.57 -16.75
CA LEU G 590 -6.60 -27.37 -18.20
C LEU G 590 -6.14 -25.96 -18.56
N TYR G 591 -5.07 -25.88 -19.35
CA TYR G 591 -4.45 -24.64 -19.77
C TYR G 591 -4.80 -24.34 -21.23
N GLU G 592 -5.03 -23.07 -21.53
CA GLU G 592 -5.25 -22.60 -22.89
C GLU G 592 -3.96 -21.94 -23.40
N TRP G 593 -3.74 -22.01 -24.71
CA TRP G 593 -2.54 -21.46 -25.33
C TRP G 593 -2.92 -20.17 -26.03
N THR G 594 -2.52 -19.03 -25.46
CA THR G 594 -3.02 -17.76 -25.94
C THR G 594 -2.34 -17.32 -27.22
N THR G 595 -2.90 -16.26 -27.82
CA THR G 595 -2.30 -15.62 -28.97
C THR G 595 -0.98 -14.96 -28.60
N GLU G 596 -0.71 -14.79 -27.32
CA GLU G 596 0.52 -14.23 -26.80
C GLU G 596 1.59 -15.29 -26.53
N LYS G 597 1.36 -16.53 -26.95
CA LYS G 597 2.30 -17.62 -26.72
C LYS G 597 2.60 -17.77 -25.22
N GLU G 598 1.54 -17.82 -24.42
CA GLU G 598 1.66 -18.15 -23.00
C GLU G 598 0.46 -18.97 -22.58
N LEU G 599 0.65 -19.77 -21.54
CA LEU G 599 -0.39 -20.65 -21.04
C LEU G 599 -1.30 -19.90 -20.06
N ARG G 600 -2.60 -20.15 -20.19
CA ARG G 600 -3.61 -19.51 -19.35
C ARG G 600 -4.56 -20.58 -18.85
N THR G 601 -4.79 -20.58 -17.54
CA THR G 601 -5.57 -21.63 -16.90
C THR G 601 -7.03 -21.42 -17.24
N GLU G 602 -7.72 -22.50 -17.58
CA GLU G 602 -9.15 -22.40 -17.84
C GLU G 602 -10.00 -22.98 -16.70
N CYS G 603 -9.74 -24.21 -16.27
CA CYS G 603 -10.55 -24.83 -15.23
C CYS G 603 -9.71 -25.87 -14.48
N ASN G 604 -10.13 -26.17 -13.25
CA ASN G 604 -9.41 -27.06 -12.35
C ASN G 604 -10.31 -28.13 -11.76
N HIS G 605 -9.70 -29.26 -11.41
CA HIS G 605 -10.33 -30.31 -10.60
C HIS G 605 -9.39 -30.68 -9.47
N TYR G 606 -9.89 -30.65 -8.22
CA TYR G 606 -9.02 -30.82 -7.07
C TYR G 606 -9.20 -32.11 -6.32
N ASN G 607 -10.23 -32.89 -6.62
CA ASN G 607 -10.58 -34.04 -5.79
C ASN G 607 -9.68 -35.23 -6.12
N ASN G 608 -8.43 -35.12 -5.67
CA ASN G 608 -7.46 -36.18 -5.83
C ASN G 608 -6.54 -36.19 -4.61
N ILE G 609 -5.79 -37.27 -4.47
CA ILE G 609 -4.71 -37.35 -3.49
C ILE G 609 -3.37 -37.04 -4.11
N MET G 610 -3.11 -37.63 -5.27
CA MET G 610 -1.94 -37.29 -6.08
C MET G 610 -2.28 -37.73 -7.49
N ALA G 611 -2.42 -36.77 -8.41
CA ALA G 611 -2.89 -37.02 -9.77
C ALA G 611 -1.71 -37.44 -10.65
N LEU G 612 -1.37 -38.73 -10.55
CA LEU G 612 -0.14 -39.23 -11.16
C LEU G 612 -0.24 -39.44 -12.66
N TYR G 613 -1.39 -39.86 -13.17
CA TYR G 613 -1.51 -40.30 -14.55
C TYR G 613 -2.75 -39.70 -15.21
N LEU G 614 -2.61 -39.34 -16.49
CA LEU G 614 -3.69 -38.77 -17.26
C LEU G 614 -3.76 -39.43 -18.63
N LYS G 615 -4.98 -39.73 -19.08
CA LYS G 615 -5.24 -40.15 -20.44
C LYS G 615 -6.55 -39.49 -20.87
N THR G 616 -6.72 -39.24 -22.17
CA THR G 616 -7.92 -38.58 -22.64
C THR G 616 -8.51 -39.29 -23.86
N LYS G 617 -9.80 -39.02 -24.09
CA LYS G 617 -10.50 -39.50 -25.29
C LYS G 617 -11.69 -38.57 -25.50
N GLY G 618 -11.64 -37.74 -26.54
CA GLY G 618 -12.71 -36.76 -26.74
C GLY G 618 -12.64 -35.72 -25.64
N ASP G 619 -13.78 -35.42 -25.02
CA ASP G 619 -13.81 -34.55 -23.86
C ASP G 619 -13.74 -35.32 -22.56
N PHE G 620 -13.37 -36.60 -22.60
CA PHE G 620 -13.27 -37.45 -21.43
C PHE G 620 -11.82 -37.55 -20.98
N ILE G 621 -11.62 -37.57 -19.66
CA ILE G 621 -10.30 -37.62 -19.04
C ILE G 621 -10.28 -38.77 -18.05
N LEU G 622 -9.27 -39.63 -18.15
CA LEU G 622 -9.05 -40.68 -17.17
C LEU G 622 -7.89 -40.28 -16.26
N VAL G 623 -8.14 -40.26 -14.94
CA VAL G 623 -7.13 -39.86 -13.97
C VAL G 623 -6.77 -41.05 -13.11
N GLY G 624 -5.43 -41.37 -13.07
CA GLY G 624 -4.92 -42.37 -12.19
C GLY G 624 -4.30 -41.75 -10.96
N ASP G 625 -4.83 -42.13 -9.80
CA ASP G 625 -4.42 -41.52 -8.54
C ASP G 625 -3.38 -42.37 -7.82
N LEU G 626 -2.69 -41.74 -6.87
CA LEU G 626 -1.69 -42.48 -6.12
C LEU G 626 -2.33 -43.62 -5.34
N MET G 627 -3.44 -43.34 -4.64
CA MET G 627 -4.09 -44.35 -3.82
C MET G 627 -5.57 -44.53 -4.10
N ARG G 628 -6.21 -43.60 -4.80
CA ARG G 628 -7.66 -43.63 -5.01
C ARG G 628 -8.01 -44.17 -6.39
N SER G 629 -7.28 -45.17 -6.86
CA SER G 629 -7.61 -45.93 -8.06
C SER G 629 -7.81 -44.93 -9.19
N VAL G 630 -8.90 -44.99 -9.95
CA VAL G 630 -9.06 -44.20 -11.15
C VAL G 630 -10.38 -43.45 -11.13
N LEU G 631 -10.36 -42.22 -11.65
CA LEU G 631 -11.52 -41.35 -11.75
C LEU G 631 -11.78 -41.00 -13.21
N LEU G 632 -13.05 -40.87 -13.58
CA LEU G 632 -13.44 -40.45 -14.92
C LEU G 632 -13.99 -39.03 -14.86
N LEU G 633 -13.25 -38.10 -15.45
CA LEU G 633 -13.66 -36.72 -15.55
C LEU G 633 -14.25 -36.43 -16.93
N ALA G 634 -14.96 -35.32 -17.03
CA ALA G 634 -15.47 -34.85 -18.31
C ALA G 634 -15.29 -33.34 -18.39
N TYR G 635 -14.88 -32.88 -19.56
CA TYR G 635 -14.82 -31.47 -19.85
C TYR G 635 -16.21 -31.03 -20.28
N LYS G 636 -16.81 -30.09 -19.56
CA LYS G 636 -18.12 -29.61 -19.98
C LYS G 636 -17.89 -28.39 -20.85
N PRO G 637 -17.90 -28.56 -22.17
CA PRO G 637 -17.49 -27.45 -23.06
C PRO G 637 -18.42 -26.26 -22.96
N MET G 638 -19.71 -26.51 -22.74
CA MET G 638 -20.70 -25.45 -22.66
C MET G 638 -20.45 -24.48 -21.52
N GLU G 639 -19.99 -25.00 -20.39
CA GLU G 639 -19.79 -24.23 -19.19
C GLU G 639 -18.33 -23.91 -18.94
N GLY G 640 -17.41 -24.69 -19.49
CA GLY G 640 -16.01 -24.41 -19.30
C GLY G 640 -15.46 -24.88 -17.98
N ASN G 641 -15.92 -26.03 -17.49
CA ASN G 641 -15.55 -26.58 -16.19
C ASN G 641 -15.40 -28.09 -16.36
N PHE G 642 -14.92 -28.75 -15.31
CA PHE G 642 -14.84 -30.20 -15.30
C PHE G 642 -16.07 -30.74 -14.57
N GLU G 643 -16.46 -31.97 -14.90
CA GLU G 643 -17.51 -32.67 -14.17
C GLU G 643 -17.03 -34.06 -13.83
N GLU G 644 -17.26 -34.47 -12.58
CA GLU G 644 -16.90 -35.81 -12.16
C GLU G 644 -18.00 -36.73 -12.69
N ILE G 645 -17.62 -37.71 -13.50
CA ILE G 645 -18.60 -38.62 -14.06
C ILE G 645 -18.75 -39.86 -13.19
N ALA G 646 -17.65 -40.55 -12.93
CA ALA G 646 -17.70 -41.78 -12.16
C ALA G 646 -16.31 -42.06 -11.58
N ARG G 647 -16.30 -42.64 -10.39
CA ARG G 647 -15.08 -42.96 -9.68
C ARG G 647 -15.07 -44.41 -9.24
N ASP G 648 -13.90 -45.03 -9.33
CA ASP G 648 -13.67 -46.34 -8.71
C ASP G 648 -13.38 -46.11 -7.23
N PHE G 649 -14.31 -46.47 -6.36
CA PHE G 649 -14.09 -46.22 -4.95
C PHE G 649 -13.21 -47.27 -4.28
N ASN G 650 -12.88 -48.36 -4.97
CA ASN G 650 -11.88 -49.28 -4.41
C ASN G 650 -10.52 -48.58 -4.38
N PRO G 651 -9.79 -48.62 -3.26
CA PRO G 651 -8.45 -48.01 -3.24
C PRO G 651 -7.45 -48.94 -3.92
N ASN G 652 -6.67 -48.38 -4.82
CA ASN G 652 -5.62 -49.12 -5.50
C ASN G 652 -4.42 -48.19 -5.64
N TRP G 653 -3.22 -48.74 -5.55
CA TRP G 653 -2.00 -47.97 -5.81
C TRP G 653 -1.69 -48.11 -7.29
N MET G 654 -1.88 -47.04 -8.04
CA MET G 654 -1.82 -47.12 -9.50
C MET G 654 -0.37 -47.04 -9.97
N SER G 655 -0.05 -47.86 -10.98
CA SER G 655 1.21 -47.78 -11.69
C SER G 655 1.07 -47.22 -13.11
N ALA G 656 -0.11 -47.32 -13.72
CA ALA G 656 -0.39 -46.78 -15.05
C ALA G 656 -1.86 -47.01 -15.33
N VAL G 657 -2.41 -46.19 -16.24
CA VAL G 657 -3.80 -46.30 -16.65
C VAL G 657 -3.89 -46.22 -18.17
N GLU G 658 -5.06 -46.55 -18.68
CA GLU G 658 -5.34 -46.43 -20.11
C GLU G 658 -6.84 -46.48 -20.32
N ILE G 659 -7.28 -45.79 -21.37
CA ILE G 659 -8.66 -45.80 -21.80
C ILE G 659 -8.77 -46.84 -22.92
N LEU G 660 -9.68 -47.80 -22.76
CA LEU G 660 -9.90 -48.78 -23.82
C LEU G 660 -10.96 -48.29 -24.82
N ASP G 661 -12.09 -47.82 -24.33
CA ASP G 661 -13.16 -47.28 -25.14
C ASP G 661 -13.99 -46.34 -24.25
N ASP G 662 -15.09 -45.82 -24.79
CA ASP G 662 -15.85 -44.80 -24.07
C ASP G 662 -16.41 -45.31 -22.75
N ASP G 663 -16.51 -46.63 -22.55
CA ASP G 663 -17.07 -47.20 -21.34
C ASP G 663 -16.10 -48.05 -20.52
N ASN G 664 -15.03 -48.58 -21.11
CA ASN G 664 -14.08 -49.45 -20.40
C ASN G 664 -12.75 -48.75 -20.13
N PHE G 665 -12.23 -48.94 -18.91
CA PHE G 665 -10.98 -48.34 -18.47
C PHE G 665 -10.07 -49.37 -17.82
N LEU G 666 -8.79 -49.35 -18.20
CA LEU G 666 -7.80 -50.34 -17.79
C LEU G 666 -6.82 -49.75 -16.79
N GLY G 667 -6.48 -50.53 -15.78
CA GLY G 667 -5.54 -50.07 -14.76
C GLY G 667 -4.57 -51.15 -14.33
N ALA G 668 -3.38 -50.70 -13.90
CA ALA G 668 -2.31 -51.55 -13.39
C ALA G 668 -1.87 -51.00 -12.05
N GLU G 669 -1.73 -51.87 -11.06
CA GLU G 669 -1.43 -51.48 -9.68
C GLU G 669 -0.11 -52.08 -9.20
N ASN G 670 0.36 -51.55 -8.07
CA ASN G 670 1.63 -52.00 -7.50
C ASN G 670 1.61 -53.43 -7.00
N ALA G 671 0.47 -54.12 -7.01
CA ALA G 671 0.40 -55.51 -6.59
C ALA G 671 0.58 -56.47 -7.77
N PHE G 672 0.91 -55.93 -8.95
CA PHE G 672 1.06 -56.70 -10.17
C PHE G 672 -0.28 -57.14 -10.75
N ASN G 673 -1.34 -56.37 -10.50
CA ASN G 673 -2.67 -56.74 -10.97
C ASN G 673 -3.17 -55.77 -12.03
N LEU G 674 -3.96 -56.30 -12.95
CA LEU G 674 -4.67 -55.52 -13.93
C LEU G 674 -6.14 -55.53 -13.52
N PHE G 675 -6.85 -54.45 -13.82
CA PHE G 675 -8.28 -54.44 -13.60
C PHE G 675 -8.92 -53.52 -14.62
N VAL G 676 -10.23 -53.70 -14.83
CA VAL G 676 -10.98 -52.89 -15.77
C VAL G 676 -12.21 -52.34 -15.05
N CYS G 677 -12.45 -51.04 -15.18
CA CYS G 677 -13.64 -50.41 -14.64
C CYS G 677 -14.58 -50.08 -15.78
N GLN G 678 -15.88 -50.06 -15.49
CA GLN G 678 -16.90 -49.75 -16.49
C GLN G 678 -17.93 -48.83 -15.88
N LYS G 679 -18.33 -47.81 -16.65
CA LYS G 679 -19.44 -46.96 -16.23
C LYS G 679 -20.71 -47.81 -16.11
N ASP G 680 -21.51 -47.55 -15.08
CA ASP G 680 -22.73 -48.34 -14.90
C ASP G 680 -23.74 -48.00 -15.99
N SER G 681 -23.34 -48.17 -17.25
CA SER G 681 -24.18 -47.92 -18.44
C SER G 681 -24.74 -46.50 -18.36
N ALA G 682 -26.06 -46.32 -18.49
CA ALA G 682 -26.73 -45.02 -18.37
C ALA G 682 -27.89 -45.21 -17.39
N ALA G 683 -27.57 -45.44 -16.12
CA ALA G 683 -28.58 -45.80 -15.13
C ALA G 683 -29.44 -44.59 -14.79
N THR G 684 -30.62 -44.88 -14.24
CA THR G 684 -31.56 -43.84 -13.80
C THR G 684 -31.21 -43.28 -12.43
N THR G 685 -30.21 -43.84 -11.76
CA THR G 685 -29.81 -43.41 -10.43
C THR G 685 -28.47 -42.71 -10.56
N ASP G 686 -28.39 -41.49 -10.03
CA ASP G 686 -27.14 -40.74 -10.10
C ASP G 686 -26.04 -41.44 -9.32
N GLU G 687 -26.41 -42.13 -8.23
CA GLU G 687 -25.41 -42.86 -7.46
C GLU G 687 -24.84 -44.03 -8.26
N GLU G 688 -25.67 -44.70 -9.06
CA GLU G 688 -25.14 -45.75 -9.93
C GLU G 688 -24.24 -45.16 -11.02
N ARG G 689 -24.60 -44.00 -11.56
CA ARG G 689 -23.80 -43.46 -12.67
C ARG G 689 -22.43 -42.98 -12.19
N GLN G 690 -22.34 -42.46 -10.97
CA GLN G 690 -21.10 -41.95 -10.40
C GLN G 690 -20.23 -43.05 -9.80
N HIS G 691 -20.57 -44.30 -10.07
CA HIS G 691 -19.85 -45.48 -9.58
C HIS G 691 -19.21 -46.21 -10.73
N LEU G 692 -17.89 -46.37 -10.65
CA LEU G 692 -17.14 -47.20 -11.59
C LEU G 692 -17.01 -48.61 -11.04
N GLN G 693 -17.46 -49.57 -11.82
CA GLN G 693 -17.50 -50.97 -11.43
C GLN G 693 -16.26 -51.68 -11.93
N GLU G 694 -15.49 -52.27 -10.99
CA GLU G 694 -14.36 -53.11 -11.37
C GLU G 694 -14.93 -54.40 -11.95
N VAL G 695 -14.94 -54.47 -13.29
CA VAL G 695 -15.56 -55.60 -13.97
C VAL G 695 -14.56 -56.64 -14.44
N GLY G 696 -13.29 -56.29 -14.56
CA GLY G 696 -12.26 -57.22 -14.95
C GLY G 696 -11.13 -57.25 -13.94
N LEU G 697 -10.70 -58.43 -13.54
CA LEU G 697 -9.63 -58.60 -12.58
C LEU G 697 -8.68 -59.68 -13.06
N PHE G 698 -7.38 -59.40 -13.00
CA PHE G 698 -6.40 -60.34 -13.53
C PHE G 698 -5.07 -60.07 -12.84
N HIS G 699 -4.40 -61.13 -12.40
CA HIS G 699 -3.07 -61.01 -11.82
C HIS G 699 -2.07 -61.19 -12.96
N LEU G 700 -1.43 -60.09 -13.36
CA LEU G 700 -0.45 -60.15 -14.44
C LEU G 700 0.85 -60.78 -14.00
N GLY G 701 1.31 -60.48 -12.79
CA GLY G 701 2.60 -60.93 -12.35
C GLY G 701 3.74 -60.01 -12.76
N GLU G 702 3.43 -58.90 -13.42
CA GLU G 702 4.42 -57.93 -13.83
C GLU G 702 3.99 -56.54 -13.38
N PHE G 703 4.96 -55.64 -13.36
CA PHE G 703 4.75 -54.25 -12.93
C PHE G 703 4.70 -53.36 -14.17
N VAL G 704 3.53 -52.80 -14.46
CA VAL G 704 3.30 -52.06 -15.68
C VAL G 704 3.63 -50.59 -15.45
N ASN G 705 4.59 -50.07 -16.21
CA ASN G 705 4.91 -48.64 -16.13
C ASN G 705 4.17 -47.81 -17.16
N VAL G 706 3.82 -48.37 -18.32
CA VAL G 706 3.30 -47.58 -19.43
C VAL G 706 2.28 -48.38 -20.23
N PHE G 707 1.12 -47.78 -20.47
CA PHE G 707 0.13 -48.27 -21.43
C PHE G 707 0.18 -47.41 -22.68
N CYS G 708 0.04 -48.05 -23.84
CA CYS G 708 0.21 -47.35 -25.11
C CYS G 708 -0.60 -48.01 -26.21
N HIS G 709 -1.48 -47.23 -26.86
CA HIS G 709 -2.26 -47.74 -27.98
C HIS G 709 -1.39 -47.93 -29.21
N GLY G 710 -1.55 -49.08 -29.87
CA GLY G 710 -0.81 -49.37 -31.08
C GLY G 710 -0.55 -50.86 -31.21
N SER G 711 0.07 -51.24 -32.32
CA SER G 711 0.46 -52.63 -32.51
C SER G 711 1.70 -52.72 -33.38
N LEU G 712 2.46 -53.80 -33.20
CA LEU G 712 3.64 -54.05 -34.01
C LEU G 712 3.35 -54.85 -35.27
N VAL G 713 2.16 -55.43 -35.39
CA VAL G 713 1.76 -56.19 -36.57
C VAL G 713 1.25 -55.25 -37.66
N MET G 714 1.21 -55.76 -38.88
CA MET G 714 0.86 -54.94 -40.03
C MET G 714 -0.64 -54.64 -39.96
N GLN G 715 -1.00 -53.43 -40.39
CA GLN G 715 -2.35 -52.88 -40.26
C GLN G 715 -2.97 -52.89 -41.65
N ASN G 716 -4.10 -53.57 -41.82
CA ASN G 716 -4.78 -53.58 -43.11
C ASN G 716 -5.88 -52.52 -43.19
N LEU G 717 -5.86 -51.71 -44.26
CA LEU G 717 -6.92 -50.72 -44.48
C LEU G 717 -8.26 -51.41 -44.69
N GLY G 718 -8.27 -52.57 -45.35
CA GLY G 718 -9.47 -53.34 -45.52
C GLY G 718 -10.05 -53.85 -44.22
N GLU G 719 -11.35 -53.68 -44.04
CA GLU G 719 -12.02 -54.12 -42.82
C GLU G 719 -12.24 -55.62 -42.80
N THR G 720 -11.72 -56.28 -41.77
CA THR G 720 -11.92 -57.69 -41.51
C THR G 720 -12.51 -57.82 -40.11
N SER G 721 -13.49 -58.70 -39.94
CA SER G 721 -14.12 -58.86 -38.63
C SER G 721 -13.23 -59.76 -37.77
N THR G 722 -12.21 -59.16 -37.18
CA THR G 722 -11.29 -59.91 -36.34
C THR G 722 -11.96 -60.22 -34.99
N PRO G 723 -11.56 -61.31 -34.33
CA PRO G 723 -12.13 -61.56 -33.00
C PRO G 723 -11.74 -60.55 -31.95
N THR G 724 -10.53 -60.03 -32.04
CA THR G 724 -10.01 -59.03 -31.13
C THR G 724 -10.34 -57.65 -31.67
N GLN G 725 -10.70 -56.74 -30.77
CA GLN G 725 -10.93 -55.34 -31.10
C GLN G 725 -10.03 -54.48 -30.22
N GLY G 726 -9.28 -53.57 -30.84
CA GLY G 726 -8.39 -52.70 -30.11
C GLY G 726 -7.00 -53.29 -29.93
N SER G 727 -6.06 -52.42 -29.53
CA SER G 727 -4.69 -52.87 -29.30
C SER G 727 -3.97 -51.93 -28.35
N VAL G 728 -3.68 -52.41 -27.13
CA VAL G 728 -2.90 -51.66 -26.15
C VAL G 728 -1.65 -52.47 -25.79
N LEU G 729 -0.49 -51.86 -26.02
CA LEU G 729 0.79 -52.42 -25.63
C LEU G 729 1.19 -51.86 -24.27
N PHE G 730 1.83 -52.69 -23.45
CA PHE G 730 2.32 -52.19 -22.17
C PHE G 730 3.71 -52.74 -21.87
N GLY G 731 4.53 -51.89 -21.26
CA GLY G 731 5.89 -52.24 -20.88
C GLY G 731 6.00 -52.33 -19.38
N THR G 732 6.87 -53.22 -18.90
CA THR G 732 6.94 -53.56 -17.49
C THR G 732 8.38 -53.45 -16.98
N VAL G 733 8.52 -53.63 -15.66
CA VAL G 733 9.81 -53.45 -15.01
C VAL G 733 10.80 -54.54 -15.37
N ASN G 734 10.32 -55.75 -15.67
CA ASN G 734 11.20 -56.86 -16.00
C ASN G 734 11.52 -56.96 -17.49
N GLY G 735 11.05 -56.00 -18.30
CA GLY G 735 11.26 -56.04 -19.73
C GLY G 735 10.16 -56.70 -20.52
N MET G 736 9.24 -57.39 -19.86
CA MET G 736 8.12 -58.04 -20.54
C MET G 736 7.27 -56.98 -21.23
N ILE G 737 6.95 -57.23 -22.50
CA ILE G 737 6.01 -56.40 -23.25
C ILE G 737 4.75 -57.24 -23.50
N GLY G 738 3.59 -56.69 -23.11
CA GLY G 738 2.33 -57.38 -23.26
C GLY G 738 1.35 -56.62 -24.13
N LEU G 739 0.20 -57.25 -24.34
CA LEU G 739 -0.85 -56.74 -25.20
C LEU G 739 -2.19 -56.99 -24.57
N VAL G 740 -3.04 -55.97 -24.56
CA VAL G 740 -4.41 -56.07 -24.08
C VAL G 740 -5.34 -55.75 -25.24
N THR G 741 -6.40 -56.55 -25.38
CA THR G 741 -7.39 -56.32 -26.41
C THR G 741 -8.75 -56.78 -25.88
N SER G 742 -9.81 -56.34 -26.55
CA SER G 742 -11.18 -56.66 -26.17
C SER G 742 -11.75 -57.78 -27.02
N LEU G 743 -12.78 -58.44 -26.49
CA LEU G 743 -13.46 -59.54 -27.16
C LEU G 743 -14.97 -59.31 -27.15
N SER G 744 -15.66 -59.96 -28.08
CA SER G 744 -17.12 -60.04 -28.02
C SER G 744 -17.53 -61.07 -26.97
N GLU G 745 -18.77 -60.95 -26.47
CA GLU G 745 -19.21 -61.89 -25.45
C GLU G 745 -19.07 -63.33 -25.92
N SER G 746 -19.43 -63.60 -27.18
CA SER G 746 -19.32 -64.95 -27.71
C SER G 746 -17.88 -65.45 -27.65
N TRP G 747 -16.94 -64.59 -28.05
CA TRP G 747 -15.54 -65.00 -28.11
C TRP G 747 -14.97 -65.25 -26.72
N TYR G 748 -15.34 -64.44 -25.74
CA TYR G 748 -14.89 -64.66 -24.37
C TYR G 748 -15.32 -66.03 -23.87
N ASN G 749 -16.62 -66.29 -23.87
CA ASN G 749 -17.13 -67.54 -23.33
C ASN G 749 -16.46 -68.73 -24.00
N LEU G 750 -16.20 -68.63 -25.30
CA LEU G 750 -15.54 -69.72 -26.00
C LEU G 750 -14.14 -69.96 -25.44
N LEU G 751 -13.32 -68.91 -25.37
CA LEU G 751 -11.95 -69.06 -24.92
C LEU G 751 -11.89 -69.38 -23.44
N LEU G 752 -12.83 -68.85 -22.65
CA LEU G 752 -12.88 -69.20 -21.24
C LEU G 752 -13.20 -70.68 -21.08
N ASP G 753 -14.18 -71.17 -21.83
CA ASP G 753 -14.47 -72.59 -21.82
C ASP G 753 -13.24 -73.41 -22.19
N MET G 754 -12.47 -72.94 -23.18
CA MET G 754 -11.29 -73.68 -23.60
C MET G 754 -10.23 -73.67 -22.50
N GLN G 755 -10.09 -72.55 -21.78
CA GLN G 755 -9.11 -72.47 -20.71
C GLN G 755 -9.39 -73.49 -19.62
N ASN G 756 -10.58 -73.42 -19.02
CA ASN G 756 -10.94 -74.35 -17.97
C ASN G 756 -10.78 -75.79 -18.46
N ARG G 757 -10.93 -76.00 -19.77
CA ARG G 757 -10.60 -77.29 -20.36
C ARG G 757 -9.09 -77.47 -20.48
N LEU G 758 -8.38 -76.43 -20.92
CA LEU G 758 -6.93 -76.56 -21.08
C LEU G 758 -6.26 -76.83 -19.75
N ASN G 759 -6.76 -76.23 -18.67
CA ASN G 759 -6.12 -76.39 -17.36
C ASN G 759 -6.22 -77.83 -16.85
N LYS G 760 -7.27 -78.55 -17.22
CA LYS G 760 -7.38 -79.95 -16.81
C LYS G 760 -6.35 -80.80 -17.55
N VAL G 761 -5.90 -80.36 -18.72
CA VAL G 761 -5.02 -81.13 -19.59
C VAL G 761 -3.54 -80.83 -19.33
N ILE G 762 -3.20 -79.56 -19.14
CA ILE G 762 -1.81 -79.11 -19.14
C ILE G 762 -1.20 -79.25 -17.76
N LYS G 763 0.00 -79.83 -17.69
CA LYS G 763 0.74 -79.96 -16.44
C LYS G 763 1.66 -78.75 -16.25
N SER G 764 1.52 -78.06 -15.12
CA SER G 764 2.33 -76.91 -14.79
C SER G 764 3.51 -77.33 -13.92
N VAL G 765 4.62 -76.61 -14.02
CA VAL G 765 5.75 -76.88 -13.15
C VAL G 765 5.38 -76.49 -11.72
N GLY G 766 5.62 -77.39 -10.78
CA GLY G 766 5.23 -77.21 -9.40
C GLY G 766 3.78 -77.53 -9.08
N LYS G 767 3.03 -78.06 -10.04
CA LYS G 767 1.62 -78.42 -9.82
C LYS G 767 0.85 -77.23 -9.22
N ILE G 768 1.04 -76.06 -9.82
CA ILE G 768 0.37 -74.84 -9.40
C ILE G 768 -0.91 -74.64 -10.21
N GLU G 769 -2.04 -74.52 -9.53
CA GLU G 769 -3.32 -74.28 -10.19
C GLU G 769 -3.30 -72.95 -10.94
N HIS G 770 -3.66 -72.98 -12.22
CA HIS G 770 -3.71 -71.76 -13.02
C HIS G 770 -4.66 -70.74 -12.43
N SER G 771 -5.85 -71.19 -12.02
CA SER G 771 -6.83 -70.27 -11.45
C SER G 771 -6.27 -69.53 -10.25
N PHE G 772 -5.38 -70.17 -9.49
CA PHE G 772 -4.72 -69.53 -8.35
C PHE G 772 -3.73 -68.47 -8.81
N TRP G 773 -2.84 -68.83 -9.73
CA TRP G 773 -1.80 -67.91 -10.18
C TRP G 773 -2.41 -66.62 -10.71
N ARG G 774 -3.42 -66.73 -11.56
CA ARG G 774 -4.01 -65.53 -12.15
C ARG G 774 -5.06 -64.87 -11.26
N SER G 775 -5.29 -65.38 -10.06
CA SER G 775 -6.21 -64.69 -9.16
C SER G 775 -5.61 -63.36 -8.71
N PHE G 776 -6.47 -62.34 -8.67
CA PHE G 776 -6.10 -61.03 -8.16
C PHE G 776 -5.54 -61.15 -6.76
N HIS G 777 -4.41 -60.49 -6.51
CA HIS G 777 -3.75 -60.71 -5.22
C HIS G 777 -3.02 -59.48 -4.72
N THR G 778 -3.42 -59.04 -3.53
CA THR G 778 -2.68 -58.10 -2.70
C THR G 778 -2.42 -58.79 -1.37
N GLU G 779 -1.58 -58.18 -0.52
CA GLU G 779 -1.36 -58.79 0.79
C GLU G 779 -2.65 -58.88 1.60
N ARG G 780 -3.65 -58.05 1.30
CA ARG G 780 -4.88 -58.03 2.09
C ARG G 780 -6.05 -58.75 1.45
N LYS G 781 -6.11 -58.87 0.12
CA LYS G 781 -7.24 -59.56 -0.49
C LYS G 781 -6.77 -60.43 -1.65
N THR G 782 -7.57 -61.46 -1.92
CA THR G 782 -7.36 -62.36 -3.05
C THR G 782 -8.71 -62.73 -3.64
N GLU G 783 -8.91 -62.44 -4.93
CA GLU G 783 -10.13 -62.75 -5.64
C GLU G 783 -9.82 -63.47 -6.94
N PRO G 784 -10.70 -64.34 -7.39
CA PRO G 784 -10.48 -65.02 -8.68
C PRO G 784 -10.57 -64.06 -9.86
N ALA G 785 -9.73 -64.31 -10.87
CA ALA G 785 -9.71 -63.47 -12.05
C ALA G 785 -11.08 -63.46 -12.73
N THR G 786 -11.38 -62.37 -13.41
CA THR G 786 -12.64 -62.26 -14.14
C THR G 786 -12.48 -61.26 -15.28
N GLY G 787 -13.15 -61.54 -16.39
CA GLY G 787 -13.14 -60.63 -17.51
C GLY G 787 -11.87 -60.62 -18.31
N PHE G 788 -10.97 -61.57 -18.07
CA PHE G 788 -9.67 -61.64 -18.71
C PHE G 788 -9.36 -63.05 -19.18
N ILE G 789 -8.90 -63.18 -20.43
CA ILE G 789 -8.45 -64.44 -20.98
C ILE G 789 -6.92 -64.45 -20.98
N ASP G 790 -6.33 -65.47 -20.35
CA ASP G 790 -4.88 -65.61 -20.33
C ASP G 790 -4.40 -66.03 -21.71
N GLY G 791 -4.08 -65.04 -22.55
CA GLY G 791 -3.74 -65.36 -23.94
C GLY G 791 -2.59 -66.32 -24.09
N ASP G 792 -1.66 -66.33 -23.12
CA ASP G 792 -0.55 -67.28 -23.17
C ASP G 792 -1.05 -68.70 -22.94
N LEU G 793 -2.17 -68.86 -22.21
CA LEU G 793 -2.76 -70.19 -22.06
C LEU G 793 -3.46 -70.62 -23.34
N ILE G 794 -4.27 -69.72 -23.92
CA ILE G 794 -4.96 -70.04 -25.18
C ILE G 794 -3.94 -70.38 -26.26
N GLU G 795 -2.88 -69.57 -26.38
CA GLU G 795 -1.89 -69.83 -27.42
C GLU G 795 -1.07 -71.09 -27.18
N SER G 796 -1.21 -71.71 -26.01
CA SER G 796 -0.50 -72.96 -25.73
C SER G 796 -1.22 -74.18 -26.27
N PHE G 797 -2.47 -74.03 -26.74
CA PHE G 797 -3.21 -75.11 -27.38
C PHE G 797 -2.52 -75.63 -28.63
N LEU G 798 -1.87 -74.75 -29.40
CA LEU G 798 -1.23 -75.19 -30.64
C LEU G 798 0.01 -76.04 -30.39
N ASP G 799 0.42 -76.20 -29.14
CA ASP G 799 1.58 -76.98 -28.75
C ASP G 799 1.22 -78.28 -28.05
N ILE G 800 -0.07 -78.53 -27.77
CA ILE G 800 -0.44 -79.73 -27.02
C ILE G 800 -0.58 -80.92 -27.96
N SER G 801 -0.43 -82.12 -27.39
CA SER G 801 -0.47 -83.34 -28.19
C SER G 801 -1.85 -83.53 -28.80
N ARG G 802 -1.91 -84.29 -29.89
CA ARG G 802 -3.18 -84.49 -30.58
C ARG G 802 -4.24 -85.16 -29.70
N PRO G 803 -3.93 -86.21 -28.91
CA PRO G 803 -4.95 -86.78 -28.03
C PRO G 803 -5.59 -85.74 -27.12
N LYS G 804 -4.74 -84.89 -26.56
CA LYS G 804 -5.21 -83.84 -25.66
C LYS G 804 -6.02 -82.81 -26.43
N MET G 805 -5.62 -82.53 -27.69
CA MET G 805 -6.43 -81.62 -28.50
C MET G 805 -7.87 -82.12 -28.55
N GLN G 806 -8.06 -83.44 -28.56
CA GLN G 806 -9.41 -83.99 -28.56
C GLN G 806 -10.07 -83.86 -27.19
N GLU G 807 -9.31 -84.07 -26.11
CA GLU G 807 -9.92 -83.95 -24.80
C GLU G 807 -10.44 -82.53 -24.59
N VAL G 808 -9.81 -81.56 -25.26
CA VAL G 808 -10.17 -80.16 -25.11
C VAL G 808 -11.35 -79.77 -26.01
N VAL G 809 -11.39 -80.27 -27.25
CA VAL G 809 -12.44 -79.87 -28.19
C VAL G 809 -13.68 -80.74 -28.04
N ALA G 810 -13.64 -81.75 -27.20
CA ALA G 810 -14.77 -82.64 -26.93
C ALA G 810 -15.90 -81.90 -26.25
N ASN G 811 -17.13 -82.32 -26.55
CA ASN G 811 -18.31 -81.81 -25.87
C ASN G 811 -18.43 -80.30 -26.03
N LEU G 812 -17.97 -79.76 -27.14
CA LEU G 812 -17.86 -78.31 -27.32
C LEU G 812 -18.74 -77.77 -28.42
N GLN G 813 -19.33 -76.60 -28.17
CA GLN G 813 -20.19 -75.93 -29.14
C GLN G 813 -19.61 -74.56 -29.50
N TYR G 814 -19.40 -74.34 -30.79
CA TYR G 814 -18.92 -73.08 -31.36
C TYR G 814 -19.95 -72.55 -32.35
N ASP G 815 -20.10 -71.24 -32.39
CA ASP G 815 -21.07 -70.63 -33.31
C ASP G 815 -20.36 -70.29 -34.62
N ASP G 816 -19.85 -71.34 -35.25
CA ASP G 816 -19.16 -71.21 -36.53
C ASP G 816 -20.18 -70.71 -37.55
N GLY G 817 -19.80 -69.72 -38.33
CA GLY G 817 -20.80 -69.02 -39.11
C GLY G 817 -21.70 -68.30 -38.12
N SER G 818 -23.01 -68.43 -38.27
CA SER G 818 -23.96 -67.92 -37.29
C SER G 818 -25.29 -68.67 -37.46
N GLY G 819 -25.98 -68.87 -36.36
CA GLY G 819 -27.28 -69.53 -36.35
C GLY G 819 -27.22 -71.03 -36.27
N MET G 820 -26.30 -71.65 -37.01
CA MET G 820 -26.10 -73.10 -36.97
C MET G 820 -24.97 -73.36 -35.98
N LYS G 821 -25.31 -73.53 -34.70
CA LYS G 821 -24.32 -73.94 -33.70
C LYS G 821 -23.59 -75.18 -34.18
N ARG G 822 -22.26 -75.16 -34.10
CA ARG G 822 -21.46 -76.27 -34.61
C ARG G 822 -20.65 -76.87 -33.48
N GLU G 823 -20.67 -78.19 -33.39
CA GLU G 823 -19.78 -78.87 -32.46
C GLU G 823 -18.36 -78.58 -32.93
N ALA G 824 -17.45 -78.40 -31.98
CA ALA G 824 -16.11 -77.97 -32.34
C ALA G 824 -15.27 -79.16 -32.74
N THR G 825 -14.35 -78.92 -33.67
CA THR G 825 -13.35 -79.89 -34.05
C THR G 825 -11.98 -79.31 -33.68
N ALA G 826 -11.00 -80.19 -33.51
CA ALA G 826 -9.66 -79.71 -33.24
C ALA G 826 -9.22 -78.73 -34.32
N ASP G 827 -9.55 -79.03 -35.58
CA ASP G 827 -9.15 -78.14 -36.67
C ASP G 827 -9.85 -76.79 -36.57
N ASP G 828 -11.07 -76.75 -36.02
CA ASP G 828 -11.74 -75.47 -35.79
C ASP G 828 -10.93 -74.59 -34.83
N LEU G 829 -10.53 -75.16 -33.70
CA LEU G 829 -9.82 -74.40 -32.68
C LEU G 829 -8.41 -74.03 -33.13
N ILE G 830 -7.74 -74.92 -33.85
CA ILE G 830 -6.42 -74.59 -34.38
C ILE G 830 -6.50 -73.36 -35.26
N LYS G 831 -7.61 -73.24 -36.01
CA LYS G 831 -7.84 -72.05 -36.83
C LYS G 831 -8.11 -70.83 -35.96
N VAL G 832 -8.92 -71.00 -34.91
CA VAL G 832 -9.23 -69.90 -34.01
C VAL G 832 -7.98 -69.44 -33.28
N VAL G 833 -7.24 -70.38 -32.69
CA VAL G 833 -6.06 -70.01 -31.90
C VAL G 833 -5.02 -69.34 -32.80
N GLU G 834 -4.83 -69.85 -34.01
CA GLU G 834 -3.84 -69.27 -34.90
C GLU G 834 -4.24 -67.88 -35.38
N GLU G 835 -5.54 -67.60 -35.52
CA GLU G 835 -5.93 -66.22 -35.83
C GLU G 835 -5.58 -65.29 -34.67
N LEU G 836 -5.73 -65.77 -33.44
CA LEU G 836 -5.41 -64.96 -32.27
C LEU G 836 -3.92 -64.73 -32.10
N THR G 837 -3.07 -65.59 -32.67
CA THR G 837 -1.63 -65.37 -32.58
C THR G 837 -1.15 -64.28 -33.52
N ARG G 838 -2.03 -63.75 -34.37
CA ARG G 838 -1.67 -62.72 -35.35
C ARG G 838 -1.81 -61.31 -34.80
N ILE G 839 -2.27 -61.15 -33.56
CA ILE G 839 -2.38 -59.82 -32.98
C ILE G 839 -1.06 -59.28 -32.49
N HIS G 840 0.01 -60.06 -32.57
CA HIS G 840 1.33 -59.63 -32.13
C HIS G 840 2.41 -60.39 -32.90
N THR H 7 -27.81 -17.70 14.74
CA THR H 7 -26.89 -18.05 15.81
C THR H 7 -26.14 -19.33 15.50
N GLU H 8 -25.21 -19.70 16.38
CA GLU H 8 -24.42 -20.90 16.20
C GLU H 8 -25.25 -22.18 16.27
N SER H 9 -26.45 -22.12 16.85
CA SER H 9 -27.25 -23.30 17.11
C SER H 9 -28.34 -23.58 16.10
N ASP H 10 -28.67 -22.61 15.24
CA ASP H 10 -29.83 -22.70 14.35
C ASP H 10 -29.44 -23.52 13.12
N TRP H 11 -29.38 -24.83 13.31
CA TRP H 11 -29.00 -25.75 12.26
C TRP H 11 -30.16 -25.98 11.29
N GLY H 12 -29.81 -26.44 10.09
CA GLY H 12 -30.80 -26.79 9.10
C GLY H 12 -31.27 -25.63 8.25
N LYS H 13 -30.87 -24.41 8.57
CA LYS H 13 -31.34 -23.23 7.87
C LYS H 13 -30.35 -22.74 6.81
N ARG H 14 -29.06 -22.66 7.17
CA ARG H 14 -28.05 -22.19 6.22
C ARG H 14 -27.97 -23.11 5.01
N CYS H 15 -27.72 -22.51 3.85
CA CYS H 15 -27.72 -23.21 2.58
C CYS H 15 -26.35 -23.78 2.24
N VAL H 16 -26.35 -24.89 1.52
CA VAL H 16 -25.10 -25.49 1.05
C VAL H 16 -24.41 -24.65 0.00
N ASP H 17 -25.06 -23.59 -0.48
CA ASP H 17 -24.37 -22.65 -1.36
C ASP H 17 -23.10 -22.10 -0.73
N LYS H 18 -23.01 -22.11 0.59
CA LYS H 18 -21.86 -21.58 1.33
C LYS H 18 -20.64 -22.48 1.23
N PHE H 19 -20.73 -23.61 0.54
CA PHE H 19 -19.61 -24.51 0.30
C PHE H 19 -19.36 -24.68 -1.19
N ASP H 20 -18.08 -24.67 -1.58
CA ASP H 20 -17.67 -25.09 -2.92
C ASP H 20 -17.44 -26.60 -2.94
N ILE H 21 -18.22 -27.33 -3.72
CA ILE H 21 -18.07 -28.77 -3.75
C ILE H 21 -16.82 -29.12 -4.54
N ILE H 22 -15.94 -29.92 -3.93
CA ILE H 22 -14.69 -30.29 -4.57
C ILE H 22 -14.81 -31.60 -5.33
N GLY H 23 -15.61 -32.52 -4.81
CA GLY H 23 -15.83 -33.78 -5.49
C GLY H 23 -16.41 -34.80 -4.54
N ILE H 24 -16.72 -35.95 -5.11
CA ILE H 24 -17.30 -37.06 -4.38
C ILE H 24 -16.16 -37.92 -3.83
N ILE H 25 -16.20 -38.19 -2.53
CA ILE H 25 -15.16 -38.99 -1.88
C ILE H 25 -15.65 -40.34 -1.41
N GLY H 26 -16.95 -40.59 -1.47
CA GLY H 26 -17.43 -41.90 -1.10
C GLY H 26 -18.90 -42.05 -1.37
N GLU H 27 -19.29 -43.30 -1.55
CA GLU H 27 -20.70 -43.70 -1.55
C GLU H 27 -21.06 -43.93 -0.10
N GLY H 28 -22.08 -43.22 0.37
CA GLY H 28 -22.49 -43.31 1.75
C GLY H 28 -23.54 -44.37 1.94
N THR H 29 -24.20 -44.31 3.09
CA THR H 29 -25.32 -45.18 3.40
C THR H 29 -26.64 -44.52 3.04
N TYR H 30 -26.83 -43.28 3.47
CA TYR H 30 -28.05 -42.52 3.23
C TYR H 30 -27.89 -41.47 2.15
N GLY H 31 -26.74 -41.41 1.49
CA GLY H 31 -26.47 -40.42 0.46
C GLY H 31 -25.01 -40.50 0.10
N GLN H 32 -24.60 -39.60 -0.79
CA GLN H 32 -23.20 -39.53 -1.18
C GLN H 32 -22.43 -38.63 -0.21
N VAL H 33 -21.13 -38.86 -0.12
CA VAL H 33 -20.27 -38.06 0.75
C VAL H 33 -19.33 -37.26 -0.14
N TYR H 34 -19.31 -35.94 0.09
CA TYR H 34 -18.56 -35.02 -0.74
C TYR H 34 -17.50 -34.31 0.09
N LYS H 35 -16.36 -34.02 -0.54
CA LYS H 35 -15.37 -33.09 -0.03
C LYS H 35 -15.75 -31.70 -0.50
N ALA H 36 -15.52 -30.71 0.35
CA ALA H 36 -15.93 -29.34 0.01
C ALA H 36 -15.08 -28.34 0.77
N LYS H 37 -15.12 -27.10 0.30
CA LYS H 37 -14.43 -25.98 0.93
C LYS H 37 -15.45 -24.93 1.35
N ASP H 38 -15.31 -24.44 2.58
CA ASP H 38 -16.15 -23.36 3.08
C ASP H 38 -15.75 -22.05 2.42
N LYS H 39 -16.72 -21.35 1.85
CA LYS H 39 -16.43 -20.12 1.11
C LYS H 39 -15.96 -18.99 2.04
N ASP H 40 -16.45 -18.94 3.28
CA ASP H 40 -16.11 -17.83 4.16
C ASP H 40 -14.82 -18.06 4.93
N THR H 41 -14.61 -19.30 5.40
CA THR H 41 -13.50 -19.62 6.26
C THR H 41 -12.37 -20.37 5.57
N GLY H 42 -12.64 -21.03 4.45
CA GLY H 42 -11.64 -21.81 3.76
C GLY H 42 -11.41 -23.19 4.33
N GLU H 43 -12.13 -23.58 5.38
CA GLU H 43 -11.92 -24.88 6.00
C GLU H 43 -12.39 -25.98 5.05
N LEU H 44 -11.68 -27.10 5.06
CA LEU H 44 -12.14 -28.25 4.30
C LEU H 44 -13.12 -29.06 5.15
N VAL H 45 -14.23 -29.46 4.52
CA VAL H 45 -15.28 -30.22 5.19
C VAL H 45 -15.63 -31.42 4.33
N ALA H 46 -16.35 -32.35 4.94
CA ALA H 46 -17.00 -33.46 4.24
C ALA H 46 -18.50 -33.33 4.45
N LEU H 47 -19.26 -33.49 3.37
CA LEU H 47 -20.70 -33.33 3.41
C LEU H 47 -21.35 -34.70 3.21
N LYS H 48 -22.09 -35.16 4.21
CA LYS H 48 -22.89 -36.36 4.08
C LYS H 48 -24.28 -35.93 3.62
N LYS H 49 -24.69 -36.36 2.43
CA LYS H 49 -25.95 -35.90 1.88
C LYS H 49 -27.04 -36.85 2.40
N VAL H 50 -28.12 -36.26 2.91
CA VAL H 50 -29.29 -37.01 3.32
C VAL H 50 -30.31 -36.70 2.25
N ARG H 51 -30.68 -37.68 1.45
CA ARG H 51 -31.61 -37.48 0.36
C ARG H 51 -32.94 -38.00 0.88
N LEU H 52 -33.88 -37.08 1.05
CA LEU H 52 -35.24 -37.40 1.46
C LEU H 52 -36.13 -37.60 0.26
N ASP H 53 -35.55 -37.57 -0.95
CA ASP H 53 -36.31 -37.81 -2.17
C ASP H 53 -36.81 -39.24 -2.26
N ASN H 54 -36.09 -40.22 -1.70
CA ASN H 54 -36.65 -41.57 -1.70
C ASN H 54 -37.96 -41.58 -0.91
N GLU H 55 -37.99 -40.87 0.22
CA GLU H 55 -39.21 -40.58 0.98
C GLU H 55 -40.01 -41.84 1.26
N LYS H 56 -39.33 -42.99 1.29
CA LYS H 56 -39.99 -44.22 1.70
C LYS H 56 -40.52 -44.10 3.13
N GLU H 57 -39.64 -43.75 4.06
CA GLU H 57 -40.00 -43.49 5.44
C GLU H 57 -39.48 -42.12 5.87
N GLY H 58 -39.27 -41.22 4.93
CA GLY H 58 -38.83 -39.88 5.27
C GLY H 58 -37.34 -39.85 5.62
N PHE H 59 -37.00 -38.95 6.53
CA PHE H 59 -35.61 -38.79 6.95
C PHE H 59 -35.06 -40.11 7.46
N PRO H 60 -33.92 -40.59 6.94
CA PRO H 60 -33.44 -41.91 7.33
C PRO H 60 -33.02 -41.97 8.79
N ILE H 61 -33.30 -43.09 9.43
CA ILE H 61 -32.92 -43.22 10.84
C ILE H 61 -31.40 -43.25 10.98
N THR H 62 -30.71 -43.90 10.04
CA THR H 62 -29.25 -43.94 10.08
C THR H 62 -28.68 -42.54 10.32
N ALA H 63 -29.24 -41.53 9.64
CA ALA H 63 -28.80 -40.16 9.84
C ALA H 63 -29.32 -39.59 11.17
N ILE H 64 -30.56 -39.93 11.53
CA ILE H 64 -31.11 -39.43 12.80
C ILE H 64 -30.22 -39.88 13.95
N ARG H 65 -29.76 -41.13 13.92
CA ARG H 65 -28.85 -41.58 14.97
C ARG H 65 -27.59 -40.74 14.99
N GLU H 66 -27.00 -40.49 13.82
CA GLU H 66 -25.75 -39.76 13.78
C GLU H 66 -25.91 -38.31 14.23
N ILE H 67 -27.08 -37.72 13.99
CA ILE H 67 -27.35 -36.37 14.47
C ILE H 67 -27.63 -36.37 15.97
N LYS H 68 -28.48 -37.30 16.40
CA LYS H 68 -28.86 -37.40 17.79
C LYS H 68 -27.65 -37.69 18.67
N ILE H 69 -26.79 -38.59 18.21
CA ILE H 69 -25.69 -39.04 19.05
C ILE H 69 -24.51 -38.09 18.98
N LEU H 70 -24.12 -37.65 17.79
CA LEU H 70 -22.91 -36.86 17.69
C LEU H 70 -23.08 -35.42 18.18
N ARG H 71 -24.31 -34.94 18.37
CA ARG H 71 -24.47 -33.66 19.07
C ARG H 71 -24.38 -33.82 20.58
N GLN H 72 -24.32 -35.06 21.07
CA GLN H 72 -24.08 -35.33 22.48
C GLN H 72 -22.62 -35.57 22.79
N LEU H 73 -21.88 -36.16 21.86
CA LEU H 73 -20.51 -36.57 22.09
C LEU H 73 -19.53 -35.47 21.72
N ILE H 74 -18.66 -35.12 22.67
CA ILE H 74 -17.58 -34.19 22.43
C ILE H 74 -16.30 -34.92 22.82
N HIS H 75 -15.52 -35.35 21.84
CA HIS H 75 -14.25 -35.98 22.14
C HIS H 75 -13.26 -35.73 21.01
N ARG H 76 -11.98 -35.68 21.36
CA ARG H 76 -10.92 -35.41 20.40
C ARG H 76 -10.75 -36.53 19.40
N SER H 77 -11.22 -37.73 19.74
CA SER H 77 -11.10 -38.90 18.89
C SER H 77 -12.46 -39.41 18.42
N VAL H 78 -13.49 -38.60 18.53
CA VAL H 78 -14.81 -38.93 18.01
C VAL H 78 -15.19 -37.86 17.01
N VAL H 79 -15.56 -38.29 15.80
CA VAL H 79 -15.80 -37.36 14.71
C VAL H 79 -16.86 -36.33 15.08
N ASN H 80 -16.62 -35.09 14.68
CA ASN H 80 -17.40 -33.94 15.12
C ASN H 80 -18.29 -33.44 13.99
N MET H 81 -19.59 -33.34 14.26
CA MET H 81 -20.55 -32.75 13.33
C MET H 81 -20.64 -31.26 13.59
N LYS H 82 -20.35 -30.47 12.57
CA LYS H 82 -20.23 -29.02 12.69
C LYS H 82 -21.56 -28.31 12.49
N GLU H 83 -22.32 -28.68 11.48
CA GLU H 83 -23.64 -28.10 11.27
C GLU H 83 -24.37 -28.94 10.23
N ILE H 84 -25.62 -28.57 9.98
CA ILE H 84 -26.46 -29.17 8.96
C ILE H 84 -26.97 -28.05 8.06
N VAL H 85 -26.83 -28.24 6.75
CA VAL H 85 -27.21 -27.27 5.74
C VAL H 85 -28.17 -27.95 4.77
N THR H 86 -28.85 -27.14 3.96
CA THR H 86 -29.91 -27.62 3.11
C THR H 86 -29.71 -27.16 1.68
N ASP H 87 -30.27 -27.93 0.73
CA ASP H 87 -30.36 -27.46 -0.65
C ASP H 87 -31.23 -26.21 -0.71
N LYS H 88 -31.01 -25.40 -1.74
CA LYS H 88 -31.76 -24.17 -1.89
C LYS H 88 -33.25 -24.47 -1.95
N GLN H 89 -34.02 -23.86 -1.04
CA GLN H 89 -35.45 -24.07 -1.01
C GLN H 89 -36.12 -23.17 -2.05
N ASP H 90 -35.77 -23.44 -3.32
CA ASP H 90 -36.28 -22.62 -4.42
C ASP H 90 -37.78 -22.79 -4.58
N ALA H 91 -38.32 -23.94 -4.18
CA ALA H 91 -39.74 -24.20 -4.37
C ALA H 91 -40.56 -23.24 -3.52
N LEU H 92 -41.53 -22.57 -4.15
CA LEU H 92 -42.34 -21.62 -3.41
C LEU H 92 -43.08 -22.27 -2.25
N ASP H 93 -43.52 -23.51 -2.44
CA ASP H 93 -44.29 -24.27 -1.47
C ASP H 93 -43.40 -25.32 -0.83
N PHE H 94 -43.49 -25.44 0.50
CA PHE H 94 -42.67 -26.43 1.19
C PHE H 94 -43.02 -27.85 0.76
N LYS H 95 -44.25 -28.08 0.32
CA LYS H 95 -44.63 -29.40 -0.17
C LYS H 95 -43.86 -29.78 -1.43
N LYS H 96 -43.62 -28.81 -2.31
CA LYS H 96 -42.88 -29.08 -3.54
C LYS H 96 -41.42 -29.43 -3.25
N ASP H 97 -40.84 -28.81 -2.22
CA ASP H 97 -39.43 -28.95 -1.88
C ASP H 97 -38.99 -30.41 -1.77
N LYS H 98 -38.16 -30.85 -2.72
CA LYS H 98 -37.58 -32.19 -2.72
C LYS H 98 -36.09 -32.15 -2.41
N GLY H 99 -35.62 -31.03 -1.85
CA GLY H 99 -34.20 -30.87 -1.58
C GLY H 99 -33.67 -31.77 -0.47
N ALA H 100 -32.35 -31.90 -0.47
CA ALA H 100 -31.64 -32.75 0.48
C ALA H 100 -31.09 -31.92 1.64
N PHE H 101 -30.66 -32.62 2.68
CA PHE H 101 -29.94 -32.02 3.81
C PHE H 101 -28.52 -32.54 3.75
N TYR H 102 -27.57 -31.77 4.29
CA TYR H 102 -26.17 -32.15 4.29
C TYR H 102 -25.60 -32.05 5.69
N LEU H 103 -24.99 -33.13 6.17
CA LEU H 103 -24.34 -33.12 7.48
C LEU H 103 -22.88 -32.72 7.31
N VAL H 104 -22.50 -31.60 7.90
CA VAL H 104 -21.18 -31.00 7.70
C VAL H 104 -20.21 -31.53 8.75
N PHE H 105 -19.08 -32.07 8.30
CA PHE H 105 -18.06 -32.56 9.19
C PHE H 105 -16.72 -31.93 8.86
N GLU H 106 -15.79 -32.02 9.80
CA GLU H 106 -14.38 -31.72 9.51
C GLU H 106 -13.86 -32.72 8.48
N TYR H 107 -13.01 -32.25 7.57
CA TYR H 107 -12.42 -33.13 6.58
C TYR H 107 -11.16 -33.77 7.14
N MET H 108 -11.09 -35.10 7.09
CA MET H 108 -9.91 -35.85 7.53
C MET H 108 -9.12 -36.30 6.31
N ASP H 109 -7.79 -36.30 6.43
CA ASP H 109 -6.96 -36.53 5.26
C ASP H 109 -7.13 -37.94 4.69
N HIS H 110 -7.31 -38.94 5.55
CA HIS H 110 -7.31 -40.33 5.07
C HIS H 110 -8.30 -41.17 5.86
N ASP H 111 -8.57 -42.39 5.35
CA ASP H 111 -9.22 -43.44 6.13
C ASP H 111 -8.29 -44.64 6.19
N LEU H 112 -8.36 -45.38 7.30
CA LEU H 112 -7.39 -46.44 7.53
C LEU H 112 -7.47 -47.52 6.46
N MET H 113 -8.68 -47.86 6.01
CA MET H 113 -8.79 -48.88 4.95
C MET H 113 -8.08 -48.41 3.69
N GLY H 114 -8.39 -47.19 3.23
CA GLY H 114 -7.74 -46.70 2.03
C GLY H 114 -6.23 -46.72 2.11
N LEU H 115 -5.69 -46.37 3.28
CA LEU H 115 -4.24 -46.36 3.45
C LEU H 115 -3.68 -47.78 3.52
N LEU H 116 -4.40 -48.68 4.16
CA LEU H 116 -3.90 -50.04 4.33
C LEU H 116 -4.10 -50.86 3.06
N GLU H 117 -5.25 -50.67 2.40
CA GLU H 117 -5.55 -51.39 1.18
C GLU H 117 -4.60 -51.01 0.05
N SER H 118 -4.27 -49.72 -0.06
CA SER H 118 -3.34 -49.26 -1.07
C SER H 118 -1.90 -49.66 -0.78
N GLY H 119 -1.63 -50.19 0.41
CA GLY H 119 -0.29 -50.59 0.78
C GLY H 119 0.62 -49.44 1.14
N LEU H 120 0.03 -48.28 1.42
CA LEU H 120 0.74 -47.01 1.50
C LEU H 120 0.96 -46.53 2.92
N VAL H 121 0.82 -47.40 3.92
CA VAL H 121 1.08 -46.99 5.30
C VAL H 121 1.90 -48.05 6.02
N HIS H 122 2.73 -47.60 6.96
CA HIS H 122 3.49 -48.47 7.85
C HIS H 122 3.36 -47.98 9.29
N PHE H 123 3.09 -48.91 10.20
CA PHE H 123 2.90 -48.61 11.61
C PHE H 123 3.99 -49.30 12.43
N SER H 124 4.76 -48.50 13.17
CA SER H 124 5.70 -49.00 14.15
C SER H 124 4.97 -49.22 15.47
N GLU H 125 5.64 -49.88 16.43
CA GLU H 125 4.99 -50.08 17.72
C GLU H 125 4.56 -48.75 18.33
N ASP H 126 5.45 -47.77 18.36
CA ASP H 126 5.06 -46.48 18.92
C ASP H 126 4.03 -45.77 18.06
N HIS H 127 3.93 -46.10 16.78
CA HIS H 127 2.81 -45.59 15.98
C HIS H 127 1.52 -46.29 16.36
N ILE H 128 1.60 -47.59 16.66
CA ILE H 128 0.42 -48.32 17.07
C ILE H 128 0.00 -47.87 18.46
N LYS H 129 0.96 -47.49 19.31
CA LYS H 129 0.60 -46.99 20.63
C LYS H 129 -0.23 -45.71 20.51
N SER H 130 0.22 -44.77 19.67
CA SER H 130 -0.54 -43.53 19.49
C SER H 130 -1.94 -43.83 18.95
N PHE H 131 -2.03 -44.77 18.01
CA PHE H 131 -3.31 -45.12 17.41
C PHE H 131 -4.27 -45.66 18.46
N MET H 132 -3.83 -46.69 19.19
CA MET H 132 -4.75 -47.39 20.07
C MET H 132 -5.16 -46.53 21.25
N LYS H 133 -4.26 -45.71 21.79
CA LYS H 133 -4.69 -44.86 22.89
C LYS H 133 -5.81 -43.93 22.43
N GLN H 134 -5.69 -43.37 21.22
CA GLN H 134 -6.76 -42.51 20.73
C GLN H 134 -8.03 -43.31 20.47
N LEU H 135 -7.92 -44.44 19.78
CA LEU H 135 -9.12 -45.23 19.49
C LEU H 135 -9.80 -45.65 20.78
N MET H 136 -9.03 -46.19 21.71
CA MET H 136 -9.59 -46.69 22.97
C MET H 136 -10.05 -45.56 23.87
N GLU H 137 -9.35 -44.43 23.87
CA GLU H 137 -9.88 -43.28 24.60
C GLU H 137 -11.20 -42.82 23.98
N GLY H 138 -11.30 -42.83 22.66
CA GLY H 138 -12.55 -42.45 22.02
C GLY H 138 -13.66 -43.43 22.31
N LEU H 139 -13.36 -44.73 22.27
CA LEU H 139 -14.39 -45.71 22.55
C LEU H 139 -14.84 -45.64 24.01
N GLU H 140 -13.89 -45.50 24.94
CA GLU H 140 -14.28 -45.46 26.35
C GLU H 140 -15.21 -44.28 26.60
N TYR H 141 -14.94 -43.14 25.96
CA TYR H 141 -15.85 -42.00 26.06
C TYR H 141 -17.25 -42.38 25.63
N CYS H 142 -17.38 -43.03 24.48
CA CYS H 142 -18.69 -43.43 23.98
C CYS H 142 -19.36 -44.44 24.91
N HIS H 143 -18.60 -45.42 25.38
CA HIS H 143 -19.20 -46.41 26.27
C HIS H 143 -19.57 -45.78 27.60
N LYS H 144 -18.80 -44.80 28.08
CA LYS H 144 -19.17 -44.11 29.30
C LYS H 144 -20.46 -43.33 29.14
N LYS H 145 -20.70 -42.78 27.93
CA LYS H 145 -21.99 -42.16 27.63
C LYS H 145 -23.04 -43.19 27.22
N ASN H 146 -22.72 -44.48 27.33
CA ASN H 146 -23.65 -45.59 27.09
C ASN H 146 -24.07 -45.73 25.64
N PHE H 147 -23.13 -45.59 24.73
CA PHE H 147 -23.39 -45.80 23.31
C PHE H 147 -22.59 -46.97 22.76
N LEU H 148 -23.23 -47.75 21.90
CA LEU H 148 -22.62 -48.87 21.22
C LEU H 148 -22.32 -48.41 19.80
N HIS H 149 -21.12 -48.70 19.32
CA HIS H 149 -20.82 -48.27 17.96
C HIS H 149 -21.47 -49.18 16.91
N ARG H 150 -21.21 -50.48 17.01
CA ARG H 150 -21.87 -51.51 16.21
C ARG H 150 -21.44 -51.52 14.75
N ASP H 151 -20.45 -50.70 14.39
CA ASP H 151 -19.93 -50.73 13.04
C ASP H 151 -18.47 -50.30 12.97
N ILE H 152 -17.61 -50.98 13.73
CA ILE H 152 -16.21 -50.62 13.79
C ILE H 152 -15.46 -51.46 12.75
N LYS H 153 -15.00 -50.79 11.70
CA LYS H 153 -14.15 -51.35 10.67
C LYS H 153 -13.03 -50.35 10.43
N CYS H 154 -11.99 -50.78 9.73
CA CYS H 154 -10.91 -49.85 9.40
C CYS H 154 -11.43 -48.65 8.64
N SER H 155 -12.43 -48.85 7.77
CA SER H 155 -12.90 -47.76 6.94
C SER H 155 -13.63 -46.68 7.75
N ASN H 156 -14.07 -46.99 8.98
CA ASN H 156 -14.71 -46.00 9.83
C ASN H 156 -13.77 -45.42 10.89
N ILE H 157 -12.46 -45.54 10.68
CA ILE H 157 -11.46 -44.85 11.51
C ILE H 157 -10.73 -43.86 10.60
N LEU H 158 -10.91 -42.56 10.88
CA LEU H 158 -10.30 -41.52 10.09
C LEU H 158 -8.98 -41.07 10.71
N LEU H 159 -8.05 -40.71 9.84
CA LEU H 159 -6.69 -40.37 10.20
C LEU H 159 -6.27 -39.18 9.37
N ASN H 160 -5.88 -38.09 10.02
CA ASN H 160 -5.32 -36.95 9.30
C ASN H 160 -3.82 -36.93 9.58
N ASN H 161 -3.10 -36.15 8.78
CA ASN H 161 -1.66 -36.37 8.65
C ASN H 161 -0.86 -36.09 9.92
N SER H 162 -1.43 -35.40 10.90
CA SER H 162 -0.68 -35.20 12.12
C SER H 162 -0.59 -36.47 12.95
N GLY H 163 -1.39 -37.47 12.61
CA GLY H 163 -1.53 -38.65 13.42
C GLY H 163 -2.81 -38.72 14.23
N GLN H 164 -3.68 -37.71 14.15
CA GLN H 164 -4.89 -37.74 14.95
C GLN H 164 -5.88 -38.74 14.36
N ILE H 165 -6.46 -39.55 15.22
CA ILE H 165 -7.48 -40.54 14.88
C ILE H 165 -8.83 -40.03 15.37
N LYS H 166 -9.88 -40.28 14.59
CA LYS H 166 -11.26 -39.96 14.94
C LYS H 166 -12.14 -41.10 14.45
N LEU H 167 -13.09 -41.52 15.28
CA LEU H 167 -14.06 -42.57 14.94
C LEU H 167 -15.23 -41.96 14.17
N ALA H 168 -15.82 -42.74 13.14
CA ALA H 168 -16.56 -41.93 12.16
C ALA H 168 -18.01 -42.25 11.83
N ASP H 169 -18.40 -43.52 11.74
CA ASP H 169 -19.75 -43.81 11.26
C ASP H 169 -20.66 -44.24 12.43
N PHE H 170 -21.34 -43.26 13.02
CA PHE H 170 -22.30 -43.51 14.09
C PHE H 170 -23.72 -43.73 13.60
N GLY H 171 -23.88 -44.28 12.39
CA GLY H 171 -25.20 -44.53 11.84
C GLY H 171 -25.88 -45.77 12.39
N LEU H 172 -25.14 -46.61 13.11
CA LEU H 172 -25.72 -47.78 13.77
C LEU H 172 -25.59 -47.70 15.27
N ALA H 173 -25.24 -46.54 15.80
CA ALA H 173 -25.02 -46.39 17.23
C ALA H 173 -26.33 -46.43 17.99
N ARG H 174 -26.34 -47.15 19.10
CA ARG H 174 -27.53 -47.24 19.93
C ARG H 174 -27.12 -47.15 21.38
N LEU H 175 -28.04 -46.62 22.20
CA LEU H 175 -27.81 -46.53 23.63
C LEU H 175 -27.93 -47.92 24.25
N TYR H 176 -27.05 -48.21 25.22
CA TYR H 176 -27.02 -49.49 25.92
C TYR H 176 -27.43 -49.33 27.37
N ASN H 177 -28.42 -50.12 27.80
CA ASN H 177 -28.82 -50.20 29.20
C ASN H 177 -28.54 -51.60 29.71
N SER H 178 -27.74 -51.70 30.77
CA SER H 178 -27.49 -52.99 31.39
C SER H 178 -28.70 -53.48 32.19
N GLU H 179 -29.33 -52.57 32.94
CA GLU H 179 -30.44 -52.95 33.81
C GLU H 179 -31.65 -53.43 33.01
N GLU H 180 -31.98 -52.75 31.92
CA GLU H 180 -33.11 -53.10 31.04
C GLU H 180 -32.55 -53.62 29.71
N SER H 181 -32.51 -54.94 29.57
CA SER H 181 -32.07 -55.54 28.31
C SER H 181 -33.19 -55.56 27.27
N ARG H 182 -32.91 -55.02 26.09
CA ARG H 182 -33.86 -54.97 24.98
C ARG H 182 -33.26 -55.74 23.81
N PRO H 183 -34.05 -56.52 23.07
CA PRO H 183 -33.47 -57.32 21.97
C PRO H 183 -32.93 -56.40 20.87
N TYR H 184 -31.62 -56.48 20.66
CA TYR H 184 -31.02 -55.65 19.60
C TYR H 184 -30.92 -56.51 18.33
N ASN H 186 -29.29 -58.77 15.55
CA ASN H 186 -28.23 -59.78 15.68
C ASN H 186 -26.99 -59.52 14.83
N LYS H 187 -27.16 -59.07 13.60
CA LYS H 187 -26.06 -58.86 12.65
C LYS H 187 -25.72 -57.37 12.51
N VAL H 188 -24.75 -56.88 13.30
CA VAL H 188 -24.46 -55.45 13.33
C VAL H 188 -23.06 -55.11 12.81
N ILE H 189 -22.03 -55.87 13.17
CA ILE H 189 -20.69 -55.44 12.78
C ILE H 189 -20.25 -56.26 11.56
N THR H 190 -19.35 -55.68 10.74
CA THR H 190 -18.89 -56.37 9.55
C THR H 190 -18.27 -57.71 9.91
N LEU H 191 -18.48 -58.70 9.04
CA LEU H 191 -18.13 -60.07 9.40
C LEU H 191 -16.69 -60.17 9.90
N TRP H 192 -15.76 -59.48 9.25
CA TRP H 192 -14.35 -59.60 9.62
C TRP H 192 -14.12 -59.10 11.04
N TYR H 193 -14.83 -58.06 11.44
CA TYR H 193 -14.70 -57.47 12.77
C TYR H 193 -15.85 -57.82 13.68
N ARG H 194 -16.67 -58.83 13.33
CA ARG H 194 -17.80 -59.16 14.18
C ARG H 194 -17.35 -60.10 15.29
N PRO H 195 -17.83 -59.91 16.51
CA PRO H 195 -17.43 -60.77 17.65
C PRO H 195 -18.15 -62.12 17.63
N PRO H 196 -17.59 -63.11 18.33
CA PRO H 196 -18.21 -64.46 18.29
C PRO H 196 -19.60 -64.54 18.91
N GLU H 197 -19.90 -63.76 19.93
CA GLU H 197 -21.23 -63.79 20.51
C GLU H 197 -22.28 -63.43 19.47
N LEU H 198 -21.95 -62.54 18.54
CA LEU H 198 -22.91 -62.18 17.52
C LEU H 198 -22.97 -63.21 16.43
N LEU H 199 -21.90 -63.96 16.23
CA LEU H 199 -21.97 -65.08 15.29
C LEU H 199 -22.83 -66.20 15.84
N LEU H 200 -22.88 -66.35 17.15
CA LEU H 200 -23.67 -67.38 17.83
C LEU H 200 -25.07 -66.90 18.17
N GLY H 201 -25.49 -65.77 17.62
CA GLY H 201 -26.86 -65.31 17.65
C GLY H 201 -27.29 -64.54 18.88
N GLU H 202 -26.36 -63.91 19.58
CA GLU H 202 -26.72 -63.09 20.72
C GLU H 202 -27.47 -61.85 20.24
N GLU H 203 -28.66 -61.62 20.79
CA GLU H 203 -29.45 -60.46 20.44
C GLU H 203 -29.46 -59.41 21.54
N ARG H 204 -28.93 -59.72 22.71
CA ARG H 204 -28.74 -58.74 23.77
C ARG H 204 -27.23 -58.66 24.07
N TYR H 205 -26.52 -57.78 23.36
CA TYR H 205 -25.08 -57.70 23.49
C TYR H 205 -24.67 -56.50 24.32
N THR H 206 -23.40 -56.48 24.67
CA THR H 206 -22.76 -55.46 25.47
C THR H 206 -21.78 -54.66 24.65
N PRO H 207 -21.26 -53.55 25.20
CA PRO H 207 -20.18 -52.82 24.52
C PRO H 207 -18.97 -53.69 24.21
N ALA H 208 -18.92 -54.93 24.70
CA ALA H 208 -17.79 -55.78 24.40
C ALA H 208 -17.68 -56.07 22.91
N ILE H 209 -18.77 -55.90 22.16
CA ILE H 209 -18.71 -56.09 20.72
C ILE H 209 -17.72 -55.11 20.10
N ASP H 210 -17.76 -53.85 20.53
CA ASP H 210 -16.86 -52.85 19.99
C ASP H 210 -15.42 -53.16 20.36
N VAL H 211 -15.19 -53.66 21.58
CA VAL H 211 -13.82 -53.99 21.97
C VAL H 211 -13.27 -55.07 21.04
N TRP H 212 -14.07 -56.10 20.76
CA TRP H 212 -13.61 -57.17 19.86
C TRP H 212 -13.20 -56.59 18.51
N SER H 213 -14.04 -55.73 17.93
CA SER H 213 -13.70 -55.11 16.67
C SER H 213 -12.35 -54.42 16.76
N CYS H 214 -12.15 -53.62 17.80
CA CYS H 214 -10.89 -52.90 17.93
C CYS H 214 -9.74 -53.86 18.16
N GLY H 215 -9.99 -54.96 18.87
CA GLY H 215 -8.97 -55.98 19.00
C GLY H 215 -8.57 -56.54 17.65
N CYS H 216 -9.54 -56.70 16.74
CA CYS H 216 -9.19 -57.15 15.40
C CYS H 216 -8.28 -56.13 14.71
N ILE H 217 -8.54 -54.84 14.91
CA ILE H 217 -7.70 -53.82 14.31
C ILE H 217 -6.31 -53.83 14.93
N LEU H 218 -6.20 -54.03 16.23
CA LEU H 218 -4.88 -54.05 16.85
C LEU H 218 -4.01 -55.11 16.20
N GLY H 219 -4.55 -56.31 16.03
CA GLY H 219 -3.81 -57.34 15.32
C GLY H 219 -3.46 -56.93 13.91
N GLU H 220 -4.43 -56.36 13.19
CA GLU H 220 -4.21 -56.00 11.79
C GLU H 220 -3.06 -55.00 11.65
N LEU H 221 -2.90 -54.09 12.61
CA LEU H 221 -1.80 -53.13 12.51
C LEU H 221 -0.44 -53.80 12.63
N PHE H 222 -0.37 -54.97 13.28
CA PHE H 222 0.89 -55.69 13.39
C PHE H 222 1.12 -56.63 12.21
N THR H 223 0.09 -56.93 11.42
CA THR H 223 0.25 -57.73 10.22
C THR H 223 -0.05 -56.99 8.93
N LYS H 224 -0.81 -55.89 8.98
CA LYS H 224 -1.23 -55.13 7.81
C LYS H 224 -2.27 -55.88 7.00
N LYS H 225 -2.77 -57.00 7.51
CA LYS H 225 -3.82 -57.82 6.93
C LYS H 225 -4.85 -58.19 7.98
N PRO H 226 -6.15 -58.12 7.67
CA PRO H 226 -7.16 -58.50 8.67
C PRO H 226 -6.91 -59.91 9.19
N ILE H 227 -7.35 -60.14 10.43
CA ILE H 227 -7.01 -61.39 11.11
C ILE H 227 -7.93 -62.52 10.67
N PHE H 228 -9.22 -62.24 10.56
CA PHE H 228 -10.25 -63.22 10.29
C PHE H 228 -10.97 -62.82 9.01
N GLN H 229 -10.54 -63.36 7.88
CA GLN H 229 -11.17 -63.04 6.60
C GLN H 229 -11.94 -64.24 6.07
N ALA H 230 -13.25 -64.15 6.11
CA ALA H 230 -14.14 -65.19 5.58
C ALA H 230 -15.34 -64.46 5.00
N ASN H 231 -16.14 -65.21 4.25
CA ASN H 231 -17.32 -64.66 3.60
C ASN H 231 -18.62 -65.06 4.27
N LEU H 232 -18.60 -66.12 5.07
CA LEU H 232 -19.80 -66.61 5.71
C LEU H 232 -19.62 -66.69 7.22
N GLU H 233 -20.74 -66.55 7.92
CA GLU H 233 -20.71 -66.46 9.37
C GLU H 233 -20.14 -67.73 9.98
N LEU H 234 -20.46 -68.89 9.42
CA LEU H 234 -19.88 -70.12 9.96
C LEU H 234 -18.38 -70.16 9.68
N ALA H 235 -17.98 -69.86 8.44
CA ALA H 235 -16.56 -69.83 8.12
C ALA H 235 -15.81 -68.85 9.02
N GLN H 236 -16.47 -67.74 9.38
CA GLN H 236 -15.85 -66.77 10.27
C GLN H 236 -15.61 -67.36 11.65
N LEU H 237 -16.65 -67.99 12.23
CA LEU H 237 -16.50 -68.61 13.55
C LEU H 237 -15.38 -69.64 13.56
N GLU H 238 -15.21 -70.38 12.45
CA GLU H 238 -14.14 -71.36 12.36
C GLU H 238 -12.77 -70.68 12.44
N LEU H 239 -12.59 -69.59 11.71
CA LEU H 239 -11.32 -68.88 11.74
C LEU H 239 -11.04 -68.36 13.13
N ILE H 240 -12.04 -67.74 13.76
CA ILE H 240 -11.91 -67.29 15.14
C ILE H 240 -11.54 -68.45 16.05
N SER H 241 -12.18 -69.61 15.86
CA SER H 241 -11.95 -70.74 16.75
C SER H 241 -10.53 -71.30 16.62
N ARG H 242 -9.98 -71.33 15.40
CA ARG H 242 -8.63 -71.86 15.22
C ARG H 242 -7.60 -71.08 16.01
N LEU H 243 -7.85 -69.80 16.22
CA LEU H 243 -6.92 -68.90 16.87
C LEU H 243 -7.23 -68.72 18.35
N CYS H 244 -8.49 -68.42 18.66
CA CYS H 244 -8.89 -68.08 20.01
C CYS H 244 -9.28 -69.28 20.84
N GLY H 245 -9.46 -70.44 20.22
CA GLY H 245 -10.08 -71.56 20.89
C GLY H 245 -11.55 -71.64 20.53
N SER H 246 -12.09 -72.84 20.59
CA SER H 246 -13.51 -72.97 20.23
C SER H 246 -14.39 -72.46 21.37
N PRO H 247 -15.50 -71.80 21.04
CA PRO H 247 -16.49 -71.50 22.10
C PRO H 247 -16.96 -72.78 22.76
N CYS H 248 -16.85 -72.82 24.09
CA CYS H 248 -17.27 -73.98 24.86
C CYS H 248 -17.50 -73.54 26.29
N PRO H 249 -18.38 -74.24 27.03
CA PRO H 249 -18.66 -73.80 28.41
C PRO H 249 -17.41 -73.72 29.29
N ALA H 250 -16.37 -74.50 28.98
CA ALA H 250 -15.17 -74.50 29.83
C ALA H 250 -14.57 -73.10 29.94
N VAL H 251 -14.63 -72.31 28.88
CA VAL H 251 -14.02 -70.99 28.85
C VAL H 251 -15.05 -69.89 28.71
N TRP H 252 -16.32 -70.23 28.53
CA TRP H 252 -17.39 -69.27 28.24
C TRP H 252 -18.66 -69.87 28.83
N PRO H 253 -18.76 -69.90 30.17
CA PRO H 253 -19.81 -70.71 30.80
C PRO H 253 -21.20 -70.50 30.24
N ASP H 254 -21.53 -69.30 29.78
CA ASP H 254 -22.88 -68.98 29.34
C ASP H 254 -23.10 -69.19 27.85
N VAL H 255 -22.15 -69.79 27.15
CA VAL H 255 -22.32 -69.96 25.71
C VAL H 255 -23.49 -70.88 25.41
N ILE H 256 -23.82 -71.79 26.33
CA ILE H 256 -24.91 -72.73 26.13
C ILE H 256 -26.27 -72.08 26.04
N ARG H 257 -26.37 -70.80 26.43
CA ARG H 257 -27.60 -70.05 26.26
C ARG H 257 -27.76 -69.49 24.86
N LEU H 258 -26.75 -69.56 24.04
CA LEU H 258 -26.84 -68.83 22.78
C LEU H 258 -27.61 -69.65 21.75
N PRO H 259 -28.46 -68.99 20.96
CA PRO H 259 -29.31 -69.72 20.00
C PRO H 259 -28.56 -70.77 19.20
N TYR H 260 -27.42 -70.40 18.62
CA TYR H 260 -26.74 -71.21 17.63
C TYR H 260 -25.56 -71.94 18.21
N PHE H 261 -25.47 -72.05 19.54
CA PHE H 261 -24.33 -72.73 20.12
C PHE H 261 -24.25 -74.17 19.63
N ASN H 262 -25.39 -74.88 19.63
CA ASN H 262 -25.39 -76.25 19.11
C ASN H 262 -25.29 -76.25 17.59
N THR H 263 -25.90 -75.26 16.94
CA THR H 263 -25.99 -75.20 15.49
C THR H 263 -24.64 -74.93 14.83
N MET H 264 -23.96 -73.87 15.25
CA MET H 264 -22.74 -73.44 14.56
C MET H 264 -21.50 -74.03 15.25
N LYS H 265 -21.40 -75.31 15.20
CA LYS H 265 -20.20 -75.89 15.82
C LYS H 265 -19.01 -75.75 14.88
N PRO H 266 -17.82 -75.45 15.42
CA PRO H 266 -16.60 -75.47 14.60
C PRO H 266 -16.21 -76.90 14.23
N LYS H 267 -15.30 -77.00 13.25
CA LYS H 267 -14.83 -78.29 12.76
C LYS H 267 -14.36 -79.18 13.91
N LYS H 268 -13.61 -78.60 14.85
CA LYS H 268 -13.06 -79.29 16.00
C LYS H 268 -13.36 -78.47 17.26
N GLN H 269 -12.94 -78.99 18.40
CA GLN H 269 -12.82 -78.21 19.64
C GLN H 269 -11.37 -77.76 19.73
N TYR H 270 -11.07 -76.59 19.14
CA TYR H 270 -9.70 -76.12 19.04
C TYR H 270 -9.19 -75.57 20.38
N ARG H 271 -7.87 -75.61 20.54
CA ARG H 271 -7.22 -74.95 21.65
C ARG H 271 -6.81 -73.54 21.22
N ARG H 272 -6.65 -72.66 22.20
CA ARG H 272 -6.24 -71.30 21.91
C ARG H 272 -4.78 -71.28 21.48
N ARG H 273 -4.52 -70.59 20.36
CA ARG H 273 -3.17 -70.47 19.80
C ARG H 273 -2.77 -69.02 19.63
N LEU H 274 -3.54 -68.09 20.21
CA LEU H 274 -3.34 -66.67 19.93
C LEU H 274 -1.93 -66.22 20.29
N ARG H 275 -1.45 -66.57 21.49
CA ARG H 275 -0.09 -66.19 21.84
C ARG H 275 0.93 -66.90 20.97
N GLU H 276 0.60 -68.09 20.49
CA GLU H 276 1.52 -68.81 19.61
C GLU H 276 1.58 -68.11 18.25
N GLU H 277 0.43 -67.89 17.63
CA GLU H 277 0.39 -67.36 16.27
C GLU H 277 0.69 -65.86 16.21
N PHE H 278 0.63 -65.15 17.33
CA PHE H 278 1.03 -63.75 17.38
C PHE H 278 2.29 -63.56 18.23
N SER H 279 3.16 -64.56 18.27
CA SER H 279 4.35 -64.47 19.11
C SER H 279 5.34 -63.41 18.62
N PHE H 280 5.19 -62.90 17.40
CA PHE H 280 6.03 -61.84 16.89
C PHE H 280 5.62 -60.46 17.39
N ILE H 281 4.60 -60.39 18.23
CA ILE H 281 4.11 -59.12 18.78
C ILE H 281 4.75 -58.85 20.13
N PRO H 282 5.12 -57.60 20.40
CA PRO H 282 5.63 -57.24 21.73
C PRO H 282 4.73 -57.72 22.86
N SER H 283 5.34 -58.00 24.02
CA SER H 283 4.61 -58.60 25.14
C SER H 283 3.47 -57.71 25.60
N ALA H 284 3.76 -56.43 25.83
CA ALA H 284 2.70 -55.52 26.28
C ALA H 284 1.53 -55.54 25.31
N ALA H 285 1.83 -55.64 24.02
CA ALA H 285 0.77 -55.65 23.02
C ALA H 285 0.06 -57.00 22.96
N LEU H 286 0.81 -58.10 22.95
CA LEU H 286 0.19 -59.42 22.87
C LEU H 286 -0.80 -59.60 24.02
N ASP H 287 -0.46 -59.12 25.21
CA ASP H 287 -1.37 -59.21 26.34
C ASP H 287 -2.66 -58.45 26.07
N LEU H 288 -2.58 -57.29 25.38
CA LEU H 288 -3.80 -56.56 25.06
C LEU H 288 -4.65 -57.36 24.08
N LEU H 289 -4.01 -57.88 23.02
CA LEU H 289 -4.73 -58.62 21.98
C LEU H 289 -5.37 -59.89 22.54
N ASP H 290 -4.64 -60.63 23.37
CA ASP H 290 -5.16 -61.86 23.96
C ASP H 290 -6.45 -61.57 24.73
N HIS H 291 -6.48 -60.40 25.39
CA HIS H 291 -7.61 -60.01 26.22
C HIS H 291 -8.75 -59.38 25.43
N MET H 292 -8.44 -58.64 24.38
CA MET H 292 -9.49 -58.05 23.57
C MET H 292 -10.16 -59.10 22.70
N LEU H 293 -9.44 -60.15 22.34
CA LEU H 293 -9.97 -61.27 21.58
C LEU H 293 -10.29 -62.45 22.47
N THR H 294 -10.83 -62.15 23.66
CA THR H 294 -11.33 -63.17 24.56
C THR H 294 -12.76 -63.53 24.15
N LEU H 295 -13.05 -64.83 24.12
CA LEU H 295 -14.32 -65.29 23.56
C LEU H 295 -15.50 -64.80 24.39
N ASP H 296 -15.46 -64.99 25.69
CA ASP H 296 -16.60 -64.68 26.54
C ASP H 296 -16.71 -63.18 26.78
N PRO H 297 -17.73 -62.49 26.23
CA PRO H 297 -17.76 -61.02 26.36
C PRO H 297 -17.74 -60.54 27.81
N SER H 298 -18.17 -61.36 28.76
CA SER H 298 -18.11 -60.96 30.15
C SER H 298 -16.72 -61.13 30.74
N LYS H 299 -15.81 -61.78 30.01
CA LYS H 299 -14.41 -61.87 30.37
C LYS H 299 -13.54 -60.99 29.49
N ARG H 300 -14.08 -60.46 28.39
CA ARG H 300 -13.34 -59.56 27.53
C ARG H 300 -13.14 -58.22 28.22
N CYS H 301 -11.90 -57.71 28.17
CA CYS H 301 -11.59 -56.46 28.82
C CYS H 301 -12.41 -55.31 28.23
N THR H 302 -12.55 -54.25 29.04
CA THR H 302 -13.28 -53.06 28.69
C THR H 302 -12.38 -52.04 28.01
N ALA H 303 -12.98 -50.98 27.47
CA ALA H 303 -12.15 -49.91 26.92
C ALA H 303 -11.27 -49.30 28.01
N GLU H 304 -11.87 -48.99 29.16
CA GLU H 304 -11.09 -48.43 30.26
C GLU H 304 -9.91 -49.32 30.60
N GLN H 305 -10.13 -50.62 30.64
CA GLN H 305 -9.06 -51.53 31.04
C GLN H 305 -7.91 -51.51 30.05
N THR H 306 -8.20 -51.35 28.76
CA THR H 306 -7.11 -51.26 27.79
C THR H 306 -6.29 -50.01 28.01
N LEU H 307 -6.94 -48.91 28.38
CA LEU H 307 -6.23 -47.68 28.71
C LEU H 307 -5.43 -47.83 29.98
N GLN H 308 -5.76 -48.84 30.80
CA GLN H 308 -4.98 -49.19 31.97
C GLN H 308 -4.21 -50.47 31.68
N SER H 309 -3.56 -50.55 30.52
CA SER H 309 -2.74 -51.69 30.16
C SER H 309 -1.29 -51.24 30.07
N ASP H 310 -0.37 -52.18 30.28
CA ASP H 310 1.04 -51.81 30.16
C ASP H 310 1.34 -51.21 28.79
N PHE H 311 0.58 -51.59 27.77
CA PHE H 311 0.88 -51.14 26.42
C PHE H 311 0.52 -49.67 26.25
N LEU H 312 -0.64 -49.26 26.77
CA LEU H 312 -1.16 -47.91 26.57
C LEU H 312 -1.15 -47.05 27.81
N LYS H 313 -0.92 -47.63 28.98
CA LYS H 313 -1.07 -46.90 30.24
C LYS H 313 -0.25 -45.62 30.23
N ASP H 314 0.99 -45.72 29.77
CA ASP H 314 1.97 -44.65 29.88
C ASP H 314 2.25 -43.95 28.55
N VAL H 315 1.41 -44.15 27.56
CA VAL H 315 1.54 -43.47 26.28
C VAL H 315 1.05 -42.04 26.40
N GLU H 316 1.85 -41.10 25.91
CA GLU H 316 1.54 -39.67 25.94
C GLU H 316 1.15 -39.22 24.54
N LEU H 317 -0.07 -38.70 24.41
CA LEU H 317 -0.57 -38.30 23.09
C LEU H 317 -0.05 -36.96 22.62
N SER H 318 0.57 -36.19 23.52
CA SER H 318 1.28 -34.98 23.14
C SER H 318 2.48 -35.27 22.26
N LYS H 319 3.01 -36.50 22.35
CA LYS H 319 4.09 -36.97 21.52
C LYS H 319 3.57 -37.74 20.31
N MET H 320 2.40 -37.33 19.80
CA MET H 320 1.73 -38.05 18.73
C MET H 320 2.72 -38.32 17.61
N ALA H 321 2.78 -39.57 17.18
CA ALA H 321 3.72 -40.02 16.17
C ALA H 321 2.98 -40.24 14.85
N PRO H 322 3.11 -39.35 13.88
CA PRO H 322 2.40 -39.56 12.62
C PRO H 322 2.89 -40.83 11.96
N PRO H 323 1.99 -41.69 11.50
CA PRO H 323 2.42 -42.94 10.86
C PRO H 323 3.17 -42.65 9.57
N ASP H 324 3.89 -43.66 9.09
CA ASP H 324 4.70 -43.49 7.89
C ASP H 324 3.79 -43.58 6.67
N LEU H 325 3.09 -42.49 6.38
CA LEU H 325 2.29 -42.38 5.16
C LEU H 325 3.21 -41.77 4.11
N PRO H 326 3.83 -42.56 3.24
CA PRO H 326 4.83 -41.99 2.32
C PRO H 326 4.17 -41.10 1.27
N HIS H 327 4.91 -40.08 0.85
CA HIS H 327 4.42 -39.15 -0.15
C HIS H 327 5.36 -38.91 -1.33
N TRP H 328 6.67 -39.11 -1.19
CA TRP H 328 7.60 -38.98 -2.30
C TRP H 328 8.49 -40.22 -2.44
N GLN H 329 8.95 -40.46 -3.67
CA GLN H 329 9.71 -41.63 -4.15
C GLN H 329 8.79 -42.83 -4.29
N ASP H 330 7.49 -42.67 -3.96
CA ASP H 330 6.46 -43.65 -4.33
C ASP H 330 5.97 -43.47 -5.77
N CYS H 331 6.07 -42.27 -6.33
CA CYS H 331 5.71 -42.07 -7.72
C CYS H 331 6.53 -42.98 -8.65
N HIS H 332 7.83 -43.07 -8.41
CA HIS H 332 8.76 -43.88 -9.17
C HIS H 332 9.53 -44.74 -8.16
N GLU H 333 10.04 -45.88 -8.64
CA GLU H 333 10.69 -46.86 -7.76
C GLU H 333 12.21 -46.67 -7.78
N LEU H 334 12.79 -46.41 -6.61
CA LEU H 334 14.24 -46.42 -6.50
C LEU H 334 14.76 -47.81 -6.86
N TRP H 335 15.81 -47.84 -7.66
CA TRP H 335 16.24 -49.10 -8.26
C TRP H 335 17.15 -49.90 -7.36
N THR I 24 -23.46 -23.29 20.95
CA THR I 24 -23.32 -24.73 20.73
C THR I 24 -24.68 -25.33 20.41
N LYS I 25 -25.49 -25.58 21.46
CA LYS I 25 -26.85 -26.12 21.36
C LYS I 25 -27.87 -25.07 21.78
N PRO I 26 -29.05 -25.08 21.19
CA PRO I 26 -30.00 -23.97 21.37
C PRO I 26 -30.74 -23.99 22.71
N CYS I 27 -31.33 -22.83 23.00
CA CYS I 27 -32.16 -22.63 24.18
C CYS I 27 -33.63 -22.87 23.86
N TRP I 28 -34.26 -23.78 24.61
CA TRP I 28 -35.63 -24.19 24.35
C TRP I 28 -36.61 -23.79 25.45
N TYR I 29 -36.33 -22.73 26.20
CA TYR I 29 -37.20 -22.33 27.30
C TYR I 29 -37.55 -20.85 27.23
N TRP I 30 -38.81 -20.56 27.50
CA TRP I 30 -39.36 -19.21 27.41
C TRP I 30 -40.02 -18.85 28.74
N ASP I 31 -40.29 -17.57 28.94
CA ASP I 31 -41.05 -17.12 30.10
C ASP I 31 -42.53 -17.07 29.77
N LYS I 32 -43.37 -17.38 30.76
CA LYS I 32 -44.82 -17.37 30.57
C LYS I 32 -45.26 -16.14 29.80
N LYS I 33 -44.73 -14.98 30.18
CA LYS I 33 -45.13 -13.73 29.53
C LYS I 33 -44.95 -13.80 28.02
N ASP I 34 -44.00 -14.62 27.56
CA ASP I 34 -43.66 -14.65 26.14
C ASP I 34 -44.70 -15.38 25.32
N LEU I 35 -45.53 -16.21 25.95
CA LEU I 35 -46.53 -16.95 25.19
C LEU I 35 -47.62 -16.05 24.67
N ALA I 36 -47.64 -14.78 25.07
CA ALA I 36 -48.57 -13.81 24.53
C ALA I 36 -48.18 -13.39 23.13
N HIS I 37 -47.02 -13.81 22.64
CA HIS I 37 -46.45 -13.34 21.39
C HIS I 37 -46.04 -14.50 20.50
N THR I 38 -46.73 -15.63 20.61
CA THR I 38 -46.49 -16.70 19.67
C THR I 38 -47.03 -16.30 18.30
N PRO I 39 -46.54 -16.92 17.23
CA PRO I 39 -47.14 -16.64 15.92
C PRO I 39 -48.65 -16.75 15.94
N SER I 40 -49.18 -17.74 16.66
CA SER I 40 -50.62 -17.92 16.71
C SER I 40 -51.30 -16.71 17.33
N GLN I 41 -50.79 -16.22 18.46
CA GLN I 41 -51.40 -15.07 19.09
C GLN I 41 -51.39 -13.88 18.14
N LEU I 42 -50.28 -13.66 17.46
CA LEU I 42 -50.12 -12.51 16.59
C LEU I 42 -50.87 -12.63 15.28
N GLU I 43 -51.42 -13.80 14.97
CA GLU I 43 -52.30 -13.94 13.83
C GLU I 43 -53.76 -13.87 14.24
N GLY I 44 -54.06 -13.49 15.47
CA GLY I 44 -55.42 -13.23 15.91
C GLY I 44 -56.04 -14.33 16.74
N LEU I 45 -55.30 -15.41 17.00
CA LEU I 45 -55.80 -16.44 17.87
C LEU I 45 -55.73 -15.95 19.31
N ASP I 46 -56.76 -16.25 20.09
CA ASP I 46 -56.75 -15.76 21.45
C ASP I 46 -56.12 -16.78 22.39
N PRO I 47 -55.72 -16.36 23.59
CA PRO I 47 -54.99 -17.29 24.47
C PRO I 47 -55.75 -18.57 24.77
N ALA I 48 -57.07 -18.49 25.02
CA ALA I 48 -57.82 -19.69 25.34
C ALA I 48 -57.75 -20.68 24.19
N THR I 49 -57.91 -20.19 22.95
CA THR I 49 -57.92 -21.08 21.79
C THR I 49 -56.56 -21.75 21.62
N GLU I 50 -55.47 -20.99 21.72
CA GLU I 50 -54.17 -21.63 21.51
C GLU I 50 -53.93 -22.68 22.59
N ALA I 51 -54.32 -22.39 23.83
CA ALA I 51 -54.16 -23.40 24.89
C ALA I 51 -54.96 -24.65 24.56
N ARG I 52 -56.18 -24.46 24.04
CA ARG I 52 -57.02 -25.60 23.65
C ARG I 52 -56.38 -26.41 22.54
N TYR I 53 -55.88 -25.75 21.51
CA TYR I 53 -55.22 -26.48 20.42
C TYR I 53 -54.03 -27.28 20.92
N ARG I 54 -53.28 -26.74 21.88
CA ARG I 54 -52.13 -27.45 22.43
C ARG I 54 -52.58 -28.71 23.17
N ARG I 55 -53.64 -28.60 23.97
CA ARG I 55 -54.17 -29.79 24.64
C ARG I 55 -54.67 -30.80 23.63
N GLU I 56 -55.45 -30.33 22.66
CA GLU I 56 -56.01 -31.24 21.67
C GLU I 56 -54.89 -31.91 20.87
N GLY I 57 -53.88 -31.13 20.50
CA GLY I 57 -52.75 -31.72 19.81
C GLY I 57 -51.98 -32.68 20.69
N ALA I 58 -51.64 -32.24 21.91
CA ALA I 58 -50.89 -33.09 22.82
C ALA I 58 -51.62 -34.41 23.09
N ARG I 59 -52.93 -34.33 23.40
CA ARG I 59 -53.66 -35.55 23.68
C ARG I 59 -53.80 -36.42 22.42
N PHE I 60 -53.97 -35.80 21.25
CA PHE I 60 -53.98 -36.57 20.01
C PHE I 60 -52.70 -37.40 19.89
N ILE I 61 -51.55 -36.75 20.07
CA ILE I 61 -50.29 -37.49 20.02
C ILE I 61 -50.29 -38.61 21.06
N PHE I 62 -50.72 -38.29 22.29
CA PHE I 62 -50.73 -39.29 23.36
C PHE I 62 -51.62 -40.47 22.98
N ASP I 63 -52.82 -40.18 22.50
CA ASP I 63 -53.78 -41.25 22.21
C ASP I 63 -53.31 -42.10 21.03
N VAL I 64 -52.90 -41.46 19.95
CA VAL I 64 -52.45 -42.21 18.77
C VAL I 64 -51.31 -43.13 19.15
N GLY I 65 -50.31 -42.58 19.83
CA GLY I 65 -49.13 -43.37 20.17
C GLY I 65 -49.43 -44.47 21.17
N THR I 66 -50.37 -44.24 22.08
CA THR I 66 -50.75 -45.28 23.03
C THR I 66 -51.39 -46.47 22.31
N ARG I 67 -52.28 -46.20 21.35
CA ARG I 67 -52.86 -47.29 20.59
C ARG I 67 -51.79 -48.12 19.88
N LEU I 68 -50.72 -47.46 19.42
CA LEU I 68 -49.65 -48.17 18.73
C LEU I 68 -48.72 -48.89 19.68
N GLY I 69 -48.95 -48.79 20.98
CA GLY I 69 -48.12 -49.48 21.96
C GLY I 69 -46.80 -48.81 22.22
N LEU I 70 -46.70 -47.51 22.02
CA LEU I 70 -45.42 -46.82 22.05
C LEU I 70 -44.98 -46.53 23.48
N HIS I 71 -43.67 -46.62 23.70
CA HIS I 71 -43.07 -46.27 24.97
C HIS I 71 -43.47 -44.85 25.37
N TYR I 72 -43.49 -44.59 26.68
CA TYR I 72 -43.97 -43.29 27.15
C TYR I 72 -43.01 -42.18 26.73
N ASP I 73 -41.70 -42.48 26.66
CA ASP I 73 -40.76 -41.45 26.20
C ASP I 73 -41.07 -41.03 24.78
N THR I 74 -41.43 -41.98 23.93
CA THR I 74 -41.71 -41.65 22.53
C THR I 74 -42.86 -40.67 22.43
N LEU I 75 -43.92 -40.88 23.23
CA LEU I 75 -45.04 -39.95 23.22
C LEU I 75 -44.60 -38.56 23.65
N ALA I 76 -43.88 -38.47 24.76
CA ALA I 76 -43.49 -37.17 25.27
C ALA I 76 -42.59 -36.45 24.27
N THR I 77 -41.67 -37.18 23.66
CA THR I 77 -40.79 -36.57 22.67
C THR I 77 -41.60 -35.93 21.55
N GLY I 78 -42.54 -36.68 20.99
CA GLY I 78 -43.39 -36.10 19.96
C GLY I 78 -44.11 -34.87 20.44
N ILE I 79 -44.63 -34.92 21.67
CA ILE I 79 -45.39 -33.80 22.19
C ILE I 79 -44.50 -32.57 22.38
N ILE I 80 -43.26 -32.77 22.83
CA ILE I 80 -42.39 -31.60 22.99
C ILE I 80 -42.01 -31.04 21.62
N TYR I 81 -41.72 -31.91 20.65
CA TYR I 81 -41.56 -31.44 19.27
C TYR I 81 -42.79 -30.61 18.86
N PHE I 82 -43.98 -31.11 19.17
CA PHE I 82 -45.21 -30.41 18.84
C PHE I 82 -45.27 -29.03 19.51
N HIS I 83 -45.04 -28.98 20.83
CA HIS I 83 -45.14 -27.71 21.53
C HIS I 83 -44.13 -26.71 20.98
N ARG I 84 -42.91 -27.14 20.76
CA ARG I 84 -41.89 -26.25 20.23
C ARG I 84 -42.26 -25.75 18.84
N PHE I 85 -42.80 -26.64 18.01
CA PHE I 85 -43.18 -26.25 16.66
C PHE I 85 -44.03 -24.98 16.67
N TYR I 86 -45.01 -24.90 17.56
CA TYR I 86 -45.93 -23.78 17.56
C TYR I 86 -45.45 -22.59 18.36
N MET I 87 -44.19 -22.62 18.80
CA MET I 87 -43.46 -21.42 19.17
C MET I 87 -42.79 -20.78 17.96
N PHE I 88 -42.80 -21.47 16.82
CA PHE I 88 -42.21 -21.00 15.57
C PHE I 88 -43.19 -20.91 14.43
N HIS I 89 -44.42 -21.39 14.60
CA HIS I 89 -45.42 -21.36 13.54
C HIS I 89 -46.77 -21.04 14.15
N SER I 90 -47.70 -20.68 13.28
CA SER I 90 -49.05 -20.35 13.70
C SER I 90 -49.95 -21.57 13.50
N PHE I 91 -50.84 -21.81 14.46
CA PHE I 91 -51.82 -22.86 14.28
C PHE I 91 -52.68 -22.62 13.06
N LYS I 92 -52.83 -21.36 12.64
CA LYS I 92 -53.65 -21.06 11.49
C LYS I 92 -52.99 -21.47 10.19
N GLN I 93 -51.67 -21.68 10.17
CA GLN I 93 -50.99 -22.06 8.95
C GLN I 93 -50.65 -23.55 8.91
N PHE I 94 -50.63 -24.23 10.05
CA PHE I 94 -50.32 -25.65 10.13
C PHE I 94 -51.40 -26.36 10.93
N PRO I 95 -52.30 -27.10 10.27
CA PRO I 95 -53.34 -27.83 11.03
C PRO I 95 -52.70 -28.74 12.06
N ARG I 96 -53.24 -28.68 13.28
CA ARG I 96 -52.52 -29.19 14.45
C ARG I 96 -52.39 -30.71 14.44
N TYR I 97 -53.39 -31.44 13.96
CA TYR I 97 -53.30 -32.89 14.02
C TYR I 97 -52.29 -33.42 13.01
N VAL I 98 -52.16 -32.78 11.85
CA VAL I 98 -51.12 -33.18 10.91
C VAL I 98 -49.76 -32.97 11.53
N THR I 99 -49.56 -31.81 12.15
CA THR I 99 -48.32 -31.56 12.87
C THR I 99 -48.09 -32.61 13.94
N GLY I 100 -49.13 -32.92 14.72
CA GLY I 100 -49.01 -33.94 15.73
C GLY I 100 -48.56 -35.27 15.16
N ALA I 101 -49.23 -35.73 14.10
CA ALA I 101 -48.85 -36.99 13.47
C ALA I 101 -47.40 -36.95 13.01
N CYS I 102 -46.98 -35.84 12.43
CA CYS I 102 -45.61 -35.72 11.96
C CYS I 102 -44.63 -35.78 13.13
N CYS I 103 -44.95 -35.09 14.22
CA CYS I 103 -44.08 -35.12 15.40
C CYS I 103 -43.90 -36.54 15.92
N LEU I 104 -45.01 -37.28 16.06
CA LEU I 104 -44.90 -38.65 16.55
C LEU I 104 -44.10 -39.50 15.59
N PHE I 105 -44.33 -39.33 14.28
CA PHE I 105 -43.58 -40.10 13.30
C PHE I 105 -42.09 -39.89 13.49
N LEU I 106 -41.68 -38.63 13.60
CA LEU I 106 -40.26 -38.35 13.78
C LEU I 106 -39.79 -38.84 15.14
N ALA I 107 -40.59 -38.61 16.18
CA ALA I 107 -40.24 -39.05 17.52
C ALA I 107 -39.92 -40.54 17.52
N GLY I 108 -40.74 -41.35 16.84
CA GLY I 108 -40.50 -42.77 16.81
C GLY I 108 -39.13 -43.16 16.28
N LYS I 109 -38.69 -42.49 15.22
CA LYS I 109 -37.35 -42.75 14.71
C LYS I 109 -36.31 -42.26 15.70
N VAL I 110 -36.55 -41.08 16.28
CA VAL I 110 -35.59 -40.51 17.22
C VAL I 110 -35.41 -41.44 18.43
N GLU I 111 -36.52 -41.94 18.98
CA GLU I 111 -36.48 -42.74 20.20
C GLU I 111 -36.31 -44.24 19.93
N GLU I 112 -36.04 -44.63 18.68
CA GLU I 112 -35.84 -46.05 18.34
C GLU I 112 -37.09 -46.87 18.66
N THR I 113 -38.26 -46.29 18.45
CA THR I 113 -39.52 -47.02 18.47
C THR I 113 -40.28 -46.70 17.18
N PRO I 114 -39.70 -46.99 16.02
CA PRO I 114 -40.27 -46.47 14.77
C PRO I 114 -41.61 -47.11 14.43
N LYS I 115 -42.43 -46.31 13.74
CA LYS I 115 -43.70 -46.76 13.18
C LYS I 115 -43.81 -46.21 11.77
N LYS I 116 -44.50 -46.96 10.92
CA LYS I 116 -44.68 -46.55 9.53
C LYS I 116 -45.66 -45.39 9.46
N CYS I 117 -45.40 -44.44 8.57
CA CYS I 117 -46.33 -43.32 8.47
C CYS I 117 -47.72 -43.86 8.18
N LYS I 118 -47.80 -44.94 7.41
CA LYS I 118 -49.08 -45.57 7.07
C LYS I 118 -49.85 -45.97 8.33
N ASP I 119 -49.16 -46.50 9.33
CA ASP I 119 -49.85 -46.94 10.55
C ASP I 119 -50.32 -45.77 11.40
N ILE I 120 -49.56 -44.68 11.43
CA ILE I 120 -49.97 -43.50 12.18
C ILE I 120 -51.23 -42.88 11.58
N ILE I 121 -51.29 -42.79 10.24
CA ILE I 121 -52.48 -42.23 9.62
C ILE I 121 -53.69 -43.10 9.94
N LYS I 122 -53.55 -44.41 9.79
CA LYS I 122 -54.66 -45.32 10.04
C LYS I 122 -55.18 -45.14 11.46
N THR I 123 -54.27 -45.06 12.44
CA THR I 123 -54.69 -44.84 13.82
C THR I 123 -55.34 -43.47 13.98
N ALA I 124 -54.77 -42.45 13.33
CA ALA I 124 -55.35 -41.11 13.41
C ALA I 124 -56.76 -41.11 12.84
N ARG I 125 -57.02 -41.94 11.83
CA ARG I 125 -58.37 -42.03 11.29
C ARG I 125 -59.33 -42.63 12.31
N SER I 126 -58.88 -43.60 13.11
CA SER I 126 -59.75 -44.20 14.12
C SER I 126 -60.19 -43.18 15.17
N LEU I 127 -59.28 -42.30 15.58
CA LEU I 127 -59.55 -41.43 16.71
C LEU I 127 -60.14 -40.10 16.32
N LEU I 128 -60.02 -39.70 15.07
CA LEU I 128 -60.49 -38.40 14.61
C LEU I 128 -61.79 -38.59 13.85
N ASN I 129 -62.73 -37.67 14.03
CA ASN I 129 -63.97 -37.67 13.29
C ASN I 129 -63.71 -37.16 11.88
N ASP I 130 -64.79 -37.04 11.10
CA ASP I 130 -64.62 -36.68 9.68
C ASP I 130 -64.13 -35.24 9.54
N VAL I 131 -64.69 -34.33 10.35
CA VAL I 131 -64.28 -32.94 10.31
C VAL I 131 -62.80 -32.80 10.65
N GLN I 132 -62.39 -33.46 11.73
CA GLN I 132 -61.01 -33.37 12.19
C GLN I 132 -60.05 -33.93 11.15
N PHE I 133 -60.35 -35.11 10.63
CA PHE I 133 -59.48 -35.74 9.66
C PHE I 133 -59.42 -34.98 8.35
N GLY I 134 -60.31 -34.00 8.16
CA GLY I 134 -60.22 -33.17 6.96
C GLY I 134 -58.90 -32.43 6.87
N GLN I 135 -58.25 -32.19 8.01
CA GLN I 135 -56.95 -31.53 7.99
C GLN I 135 -55.95 -32.30 7.14
N PHE I 136 -56.06 -33.62 7.09
CA PHE I 136 -55.10 -34.41 6.34
C PHE I 136 -55.33 -34.35 4.84
N GLY I 137 -56.43 -33.77 4.39
CA GLY I 137 -56.53 -33.54 2.97
C GLY I 137 -56.69 -34.81 2.16
N ASP I 138 -56.30 -34.70 0.89
CA ASP I 138 -56.50 -35.77 -0.08
C ASP I 138 -55.49 -36.90 0.06
N ASP I 139 -54.30 -36.62 0.56
CA ASP I 139 -53.24 -37.62 0.74
C ASP I 139 -52.69 -37.45 2.14
N PRO I 140 -53.27 -38.13 3.14
CA PRO I 140 -52.77 -37.94 4.51
C PRO I 140 -51.28 -38.22 4.67
N LYS I 141 -50.79 -39.33 4.13
CA LYS I 141 -49.38 -39.66 4.31
C LYS I 141 -48.47 -38.56 3.77
N GLU I 142 -48.75 -38.05 2.57
CA GLU I 142 -47.90 -37.02 1.99
C GLU I 142 -47.93 -35.76 2.84
N GLU I 143 -49.12 -35.35 3.29
CA GLU I 143 -49.21 -34.16 4.13
C GLU I 143 -48.27 -34.26 5.32
N VAL I 144 -48.14 -35.46 5.88
CA VAL I 144 -47.24 -35.66 7.02
C VAL I 144 -45.79 -35.70 6.55
N MET I 145 -45.48 -36.52 5.55
CA MET I 145 -44.08 -36.67 5.13
C MET I 145 -43.48 -35.34 4.70
N VAL I 146 -44.26 -34.53 4.00
CA VAL I 146 -43.79 -33.23 3.52
C VAL I 146 -43.45 -32.31 4.68
N LEU I 147 -44.16 -32.44 5.80
CA LEU I 147 -43.93 -31.58 6.94
C LEU I 147 -42.65 -31.91 7.68
N GLU I 148 -42.15 -33.14 7.56
CA GLU I 148 -40.97 -33.55 8.32
C GLU I 148 -39.79 -32.61 8.08
N ARG I 149 -39.61 -32.19 6.83
CA ARG I 149 -38.53 -31.24 6.54
C ARG I 149 -38.67 -29.99 7.38
N ILE I 150 -39.88 -29.45 7.45
CA ILE I 150 -40.12 -28.25 8.22
C ILE I 150 -40.00 -28.54 9.71
N LEU I 151 -40.50 -29.69 10.16
CA LEU I 151 -40.34 -30.06 11.56
C LEU I 151 -38.87 -30.10 11.96
N LEU I 152 -38.06 -30.83 11.18
CA LEU I 152 -36.64 -30.95 11.47
C LEU I 152 -35.95 -29.59 11.46
N GLN I 153 -36.25 -28.75 10.48
CA GLN I 153 -35.68 -27.41 10.47
C GLN I 153 -36.16 -26.58 11.65
N THR I 154 -37.43 -26.77 12.04
CA THR I 154 -38.00 -25.97 13.12
C THR I 154 -37.33 -26.26 14.45
N ILE I 155 -37.17 -27.54 14.79
CA ILE I 155 -36.55 -27.94 16.04
C ILE I 155 -35.04 -27.91 15.89
N LYS I 156 -34.55 -27.30 14.83
CA LYS I 156 -33.13 -27.01 14.65
C LYS I 156 -32.26 -28.27 14.74
N PHE I 157 -32.82 -29.40 14.33
CA PHE I 157 -32.11 -30.68 14.34
C PHE I 157 -31.51 -30.99 15.71
N ASP I 158 -32.02 -30.36 16.76
CA ASP I 158 -31.66 -30.71 18.14
C ASP I 158 -32.65 -31.78 18.57
N LEU I 159 -32.34 -33.03 18.26
CA LEU I 159 -33.32 -34.09 18.40
C LEU I 159 -33.34 -34.73 19.78
N GLN I 160 -32.26 -34.65 20.53
CA GLN I 160 -32.20 -35.27 21.86
C GLN I 160 -33.03 -34.47 22.84
N VAL I 161 -33.94 -35.15 23.53
CA VAL I 161 -34.85 -34.55 24.50
C VAL I 161 -34.92 -35.41 25.75
N GLU I 162 -34.93 -34.77 26.92
CA GLU I 162 -35.09 -35.42 28.20
C GLU I 162 -36.48 -35.12 28.75
N HIS I 163 -37.03 -36.01 29.56
CA HIS I 163 -38.39 -35.85 30.07
C HIS I 163 -38.45 -36.02 31.57
N PRO I 164 -39.45 -35.43 32.22
CA PRO I 164 -39.55 -35.54 33.69
C PRO I 164 -39.58 -36.96 34.20
N TYR I 165 -40.02 -37.94 33.40
CA TYR I 165 -40.20 -39.29 33.92
C TYR I 165 -38.91 -39.84 34.50
N GLN I 166 -37.82 -39.78 33.73
CA GLN I 166 -36.59 -40.40 34.17
C GLN I 166 -36.08 -39.79 35.46
N PHE I 167 -36.32 -38.49 35.67
CA PHE I 167 -35.88 -37.85 36.89
C PHE I 167 -36.81 -38.20 38.04
N LEU I 168 -38.10 -38.29 37.76
CA LEU I 168 -39.03 -38.77 38.77
C LEU I 168 -38.57 -40.11 39.32
N LEU I 169 -38.06 -40.98 38.44
CA LEU I 169 -37.57 -42.28 38.91
C LEU I 169 -36.21 -42.15 39.58
N LYS I 170 -35.29 -41.39 38.98
CA LYS I 170 -33.95 -41.24 39.57
C LYS I 170 -34.02 -40.69 40.98
N TYR I 171 -34.86 -39.68 41.19
CA TYR I 171 -34.96 -39.03 42.49
C TYR I 171 -35.71 -39.90 43.51
N ALA I 172 -36.77 -40.57 43.09
CA ALA I 172 -37.51 -41.41 44.04
C ALA I 172 -36.71 -42.62 44.46
N LYS I 173 -35.75 -43.06 43.63
CA LYS I 173 -34.88 -44.19 43.95
C LYS I 173 -33.96 -43.90 45.13
N GLN I 174 -33.71 -42.64 45.42
CA GLN I 174 -32.89 -42.25 46.56
C GLN I 174 -33.71 -42.03 47.81
N LEU I 175 -35.03 -42.22 47.72
CA LEU I 175 -35.92 -42.13 48.86
C LEU I 175 -36.00 -43.52 49.51
N LYS I 176 -35.90 -43.55 50.84
CA LYS I 176 -36.00 -44.78 51.62
C LYS I 176 -37.06 -44.60 52.70
N GLY I 177 -37.95 -45.58 52.82
CA GLY I 177 -39.00 -45.51 53.81
C GLY I 177 -40.10 -46.50 53.46
N ASP I 178 -41.31 -46.22 53.99
CA ASP I 178 -42.47 -47.06 53.69
C ASP I 178 -42.60 -47.18 52.18
N LYS I 179 -42.32 -48.36 51.63
CA LYS I 179 -42.32 -48.51 50.18
C LYS I 179 -43.65 -48.10 49.56
N ASN I 180 -44.76 -48.41 50.25
CA ASN I 180 -46.07 -48.18 49.64
C ASN I 180 -46.40 -46.70 49.58
N LYS I 181 -45.95 -45.91 50.57
CA LYS I 181 -46.15 -44.47 50.48
C LYS I 181 -45.31 -43.87 49.35
N ILE I 182 -44.07 -44.33 49.21
CA ILE I 182 -43.20 -43.81 48.15
C ILE I 182 -43.76 -44.15 46.78
N GLN I 183 -44.30 -45.37 46.64
CA GLN I 183 -44.91 -45.75 45.37
C GLN I 183 -46.13 -44.90 45.03
N LYS I 184 -46.97 -44.60 46.03
CA LYS I 184 -48.13 -43.75 45.78
C LYS I 184 -47.69 -42.37 45.30
N LEU I 185 -46.61 -41.86 45.89
CA LEU I 185 -46.04 -40.59 45.44
C LEU I 185 -45.65 -40.66 43.98
N VAL I 186 -44.88 -41.70 43.62
CA VAL I 186 -44.39 -41.82 42.26
C VAL I 186 -45.55 -41.90 41.28
N GLN I 187 -46.53 -42.75 41.58
CA GLN I 187 -47.68 -42.91 40.69
C GLN I 187 -48.42 -41.61 40.50
N MET I 188 -48.67 -40.90 41.61
CA MET I 188 -49.39 -39.64 41.51
C MET I 188 -48.57 -38.63 40.71
N ALA I 189 -47.25 -38.61 40.94
CA ALA I 189 -46.39 -37.71 40.18
C ALA I 189 -46.38 -38.10 38.71
N TRP I 190 -46.31 -39.40 38.43
CA TRP I 190 -46.35 -39.87 37.05
C TRP I 190 -47.61 -39.39 36.35
N THR I 191 -48.75 -39.48 37.04
CA THR I 191 -49.99 -38.98 36.46
C THR I 191 -49.89 -37.48 36.22
N PHE I 192 -49.29 -36.73 37.15
CA PHE I 192 -49.15 -35.30 36.95
C PHE I 192 -48.23 -34.98 35.78
N VAL I 193 -47.19 -35.79 35.57
CA VAL I 193 -46.32 -35.57 34.42
C VAL I 193 -47.12 -35.75 33.12
N ASN I 194 -47.91 -36.81 33.06
CA ASN I 194 -48.76 -37.06 31.89
C ASN I 194 -49.68 -35.88 31.63
N ASP I 195 -50.17 -35.24 32.70
CA ASP I 195 -51.07 -34.10 32.56
C ASP I 195 -50.35 -32.82 32.15
N SER I 196 -49.11 -32.64 32.59
CA SER I 196 -48.36 -31.44 32.25
C SER I 196 -47.99 -31.39 30.79
N LEU I 197 -48.05 -32.53 30.10
CA LEU I 197 -47.74 -32.55 28.68
C LEU I 197 -48.78 -31.81 27.86
N CYS I 198 -49.99 -31.62 28.38
CA CYS I 198 -50.99 -30.84 27.68
C CYS I 198 -50.74 -29.34 27.79
N THR I 199 -49.75 -28.95 28.57
CA THR I 199 -49.47 -27.57 28.89
C THR I 199 -48.12 -27.16 28.32
N THR I 200 -47.86 -25.86 28.40
CA THR I 200 -46.60 -25.30 27.94
C THR I 200 -45.51 -25.35 29.01
N LEU I 201 -45.75 -26.06 30.11
CA LEU I 201 -44.69 -26.25 31.08
C LEU I 201 -43.46 -26.86 30.41
N SER I 202 -43.67 -27.73 29.41
CA SER I 202 -42.54 -28.31 28.70
C SER I 202 -41.63 -27.23 28.15
N LEU I 203 -42.19 -26.05 27.89
CA LEU I 203 -41.46 -24.94 27.26
C LEU I 203 -40.98 -23.92 28.26
N GLN I 204 -41.31 -24.06 29.53
CA GLN I 204 -40.97 -23.05 30.51
C GLN I 204 -39.88 -23.46 31.48
N TRP I 205 -39.86 -24.73 31.87
CA TRP I 205 -38.97 -25.20 32.92
C TRP I 205 -38.31 -26.51 32.49
N GLU I 206 -37.09 -26.74 32.97
CA GLU I 206 -36.37 -27.94 32.60
C GLU I 206 -37.04 -29.18 33.20
N PRO I 207 -36.86 -30.34 32.55
CA PRO I 207 -37.60 -31.54 33.03
C PRO I 207 -37.27 -31.86 34.47
N GLU I 208 -36.01 -31.68 34.87
CA GLU I 208 -35.62 -31.93 36.24
C GLU I 208 -36.45 -31.09 37.21
N ILE I 209 -36.75 -29.86 36.84
CA ILE I 209 -37.57 -28.99 37.69
C ILE I 209 -39.01 -29.47 37.71
N ILE I 210 -39.49 -30.04 36.61
CA ILE I 210 -40.86 -30.53 36.55
C ILE I 210 -41.01 -31.80 37.37
N ALA I 211 -40.00 -32.68 37.31
CA ALA I 211 -40.02 -33.89 38.11
C ALA I 211 -40.09 -33.56 39.59
N VAL I 212 -39.34 -32.56 40.04
CA VAL I 212 -39.43 -32.16 41.44
C VAL I 212 -40.81 -31.58 41.74
N ALA I 213 -41.32 -30.72 40.85
CA ALA I 213 -42.61 -30.09 41.11
C ALA I 213 -43.71 -31.13 41.31
N VAL I 214 -43.73 -32.17 40.48
CA VAL I 214 -44.79 -33.15 40.62
C VAL I 214 -44.61 -33.98 41.89
N MET I 215 -43.37 -34.29 42.27
CA MET I 215 -43.16 -34.90 43.58
C MET I 215 -43.64 -33.96 44.68
N TYR I 216 -43.30 -32.68 44.57
CA TYR I 216 -43.73 -31.67 45.53
C TYR I 216 -45.25 -31.63 45.63
N LEU I 217 -45.94 -31.65 44.49
CA LEU I 217 -47.39 -31.63 44.52
C LEU I 217 -47.96 -32.90 45.13
N ALA I 218 -47.52 -34.07 44.64
CA ALA I 218 -48.02 -35.32 45.20
C ALA I 218 -47.78 -35.38 46.70
N GLY I 219 -46.63 -34.89 47.16
CA GLY I 219 -46.34 -34.85 48.58
C GLY I 219 -47.36 -34.02 49.34
N ARG I 220 -47.67 -32.83 48.82
CA ARG I 220 -48.67 -32.00 49.46
C ARG I 220 -50.01 -32.73 49.54
N LEU I 221 -50.44 -33.31 48.42
CA LEU I 221 -51.75 -33.94 48.39
C LEU I 221 -51.81 -35.18 49.28
N CYS I 222 -50.72 -35.95 49.34
CA CYS I 222 -50.65 -37.15 50.17
C CYS I 222 -50.24 -36.88 51.61
N LYS I 223 -50.01 -35.63 51.99
CA LYS I 223 -49.61 -35.27 53.35
C LYS I 223 -48.37 -36.06 53.76
N PHE I 224 -47.37 -36.07 52.88
CA PHE I 224 -46.09 -36.73 53.12
C PHE I 224 -45.00 -35.70 53.39
N GLU I 225 -44.07 -36.02 54.27
CA GLU I 225 -42.90 -35.18 54.54
C GLU I 225 -41.72 -35.84 53.83
N ILE I 226 -41.53 -35.47 52.56
CA ILE I 226 -40.59 -36.19 51.71
C ILE I 226 -39.20 -36.10 52.29
N GLN I 227 -38.92 -35.03 53.04
CA GLN I 227 -37.57 -34.85 53.56
C GLN I 227 -37.12 -36.07 54.37
N GLU I 228 -38.05 -36.73 55.05
CA GLU I 228 -37.68 -37.80 55.98
C GLU I 228 -37.21 -39.06 55.26
N TRP I 229 -37.54 -39.23 53.99
CA TRP I 229 -37.08 -40.37 53.21
C TRP I 229 -35.71 -40.12 52.59
N THR I 230 -35.21 -38.89 52.64
CA THR I 230 -33.95 -38.52 52.00
C THR I 230 -32.77 -38.85 52.91
N SER I 231 -31.57 -38.74 52.33
CA SER I 231 -30.34 -38.95 53.10
C SER I 231 -30.13 -37.84 54.12
N LYS I 232 -30.82 -36.71 53.98
CA LYS I 232 -30.76 -35.56 54.87
C LYS I 232 -32.15 -35.31 55.43
N PRO I 233 -32.54 -36.04 56.47
CA PRO I 233 -33.93 -35.97 56.93
C PRO I 233 -34.34 -34.67 57.63
N MET I 234 -33.41 -33.84 58.09
CA MET I 234 -33.76 -32.58 58.74
C MET I 234 -33.46 -31.37 57.86
N TYR I 235 -33.23 -31.62 56.58
CA TYR I 235 -33.13 -30.61 55.51
C TYR I 235 -34.50 -30.46 54.89
N ARG I 236 -35.22 -29.40 55.27
CA ARG I 236 -36.63 -29.31 54.90
C ARG I 236 -36.81 -29.01 53.41
N ARG I 237 -35.81 -28.40 52.77
CA ARG I 237 -35.87 -28.11 51.33
C ARG I 237 -35.33 -29.32 50.56
N TRP I 238 -36.14 -30.39 50.55
CA TRP I 238 -35.61 -31.68 50.11
C TRP I 238 -35.15 -31.67 48.65
N TRP I 239 -35.79 -30.86 47.80
CA TRP I 239 -35.46 -30.91 46.38
C TRP I 239 -34.06 -30.38 46.07
N GLU I 240 -33.51 -29.52 46.93
CA GLU I 240 -32.23 -28.89 46.63
C GLU I 240 -31.10 -29.90 46.44
N GLN I 241 -31.21 -31.07 47.07
CA GLN I 241 -30.20 -32.11 46.88
C GLN I 241 -30.39 -32.89 45.58
N PHE I 242 -31.44 -32.59 44.82
CA PHE I 242 -31.72 -33.18 43.52
C PHE I 242 -31.58 -32.16 42.40
N VAL I 243 -32.14 -30.97 42.62
CA VAL I 243 -32.12 -29.88 41.65
C VAL I 243 -31.65 -28.64 42.37
N GLN I 244 -30.46 -28.15 42.02
CA GLN I 244 -29.92 -26.97 42.68
C GLN I 244 -30.59 -25.73 42.11
N ASP I 245 -30.74 -24.72 42.97
CA ASP I 245 -31.16 -23.39 42.54
C ASP I 245 -32.62 -23.30 42.12
N VAL I 246 -33.51 -24.09 42.71
CA VAL I 246 -34.93 -24.01 42.38
C VAL I 246 -35.64 -23.28 43.50
N PRO I 247 -36.26 -22.13 43.24
CA PRO I 247 -37.06 -21.45 44.26
C PRO I 247 -38.38 -22.15 44.49
N VAL I 248 -38.96 -21.93 45.68
CA VAL I 248 -40.25 -22.53 45.97
C VAL I 248 -41.33 -21.92 45.09
N ASP I 249 -41.20 -20.62 44.76
CA ASP I 249 -42.17 -19.97 43.87
C ASP I 249 -42.30 -20.75 42.56
N VAL I 250 -41.18 -21.16 42.01
CA VAL I 250 -41.19 -21.89 40.74
C VAL I 250 -42.01 -23.16 40.88
N LEU I 251 -41.72 -23.95 41.92
CA LEU I 251 -42.48 -25.18 42.16
C LEU I 251 -43.95 -24.88 42.40
N GLU I 252 -44.25 -23.72 42.99
CA GLU I 252 -45.65 -23.42 43.24
C GLU I 252 -46.37 -22.95 41.97
N ASP I 253 -45.69 -22.22 41.09
CA ASP I 253 -46.30 -21.93 39.79
C ASP I 253 -46.52 -23.20 38.99
N ILE I 254 -45.54 -24.10 38.96
CA ILE I 254 -45.68 -25.33 38.20
C ILE I 254 -46.83 -26.17 38.75
N CYS I 255 -46.96 -26.24 40.08
CA CYS I 255 -48.07 -26.97 40.68
C CYS I 255 -49.40 -26.33 40.34
N HIS I 256 -49.45 -25.00 40.45
CA HIS I 256 -50.68 -24.27 40.19
C HIS I 256 -51.22 -24.58 38.80
N GLN I 257 -50.34 -24.66 37.80
CA GLN I 257 -50.83 -24.90 36.45
C GLN I 257 -51.49 -26.28 36.33
N ILE I 258 -50.94 -27.28 37.01
CA ILE I 258 -51.53 -28.61 36.93
C ILE I 258 -52.87 -28.62 37.65
N LEU I 259 -52.92 -27.97 38.82
CA LEU I 259 -54.16 -27.94 39.57
C LEU I 259 -55.23 -27.17 38.82
N ASP I 260 -54.82 -26.16 38.03
CA ASP I 260 -55.80 -25.42 37.23
C ASP I 260 -56.43 -26.29 36.16
N LEU I 261 -55.65 -27.16 35.52
CA LEU I 261 -56.22 -28.05 34.51
C LEU I 261 -57.32 -28.92 35.10
N TYR I 262 -57.07 -29.47 36.30
CA TYR I 262 -58.03 -30.38 36.91
C TYR I 262 -59.31 -29.65 37.34
N SER I 263 -59.18 -28.47 37.94
CA SER I 263 -60.36 -27.73 38.39
C SER I 263 -61.17 -27.20 37.21
N GLN I 264 -60.48 -26.72 36.17
CA GLN I 264 -61.14 -26.19 34.99
C GLN I 264 -62.06 -27.21 34.33
N GLY I 265 -61.56 -28.43 34.14
CA GLY I 265 -62.30 -29.48 33.49
C GLY I 265 -63.32 -30.09 34.41
N LYS I 266 -63.73 -31.31 34.07
CA LYS I 266 -64.56 -32.12 34.96
C LYS I 266 -63.75 -33.11 35.79
N GLN I 267 -62.58 -33.53 35.30
CA GLN I 267 -61.74 -34.52 35.99
C GLN I 267 -61.22 -33.98 37.32
N GLN I 268 -60.96 -34.89 38.26
CA GLN I 268 -60.53 -34.55 39.62
C GLN I 268 -59.15 -35.08 39.97
N MET I 269 -58.59 -34.52 41.06
CA MET I 269 -57.23 -34.87 41.44
C MET I 269 -57.13 -36.37 41.74
N PRO I 270 -56.00 -37.02 41.43
CA PRO I 270 -55.92 -38.47 41.65
C PRO I 270 -55.99 -38.86 43.12
#